data_8DH4
#
_entry.id   8DH4
#
_cell.length_a   78.779
_cell.length_b   86.230
_cell.length_c   201.463
_cell.angle_alpha   89.850
_cell.angle_beta   85.390
_cell.angle_gamma   69.590
#
_symmetry.space_group_name_H-M   'P 1'
#
loop_
_entity.id
_entity.type
_entity.pdbx_description
1 polymer 'T7 RNA polymerase'
2 polymer 'Template strand DNA'
3 polymer RNA
4 polymer 'Non-template strand DNA'
5 non-polymer (7P)-3-{5-O-[(R)-hydroxy{[(S)-hydroxy(phosphonooxy)phosphoryl]oxy}phosphoryl]-beta-D-ribofuranosyl}-7-(thiophen-2-yl)-3H-imidazo[4,5-b]pyridine
6 non-polymer 'MAGNESIUM ION'
#
loop_
_entity_poly.entity_id
_entity_poly.type
_entity_poly.pdbx_seq_one_letter_code
_entity_poly.pdbx_strand_id
1 'polypeptide(L)'
;MNTINIAKNDFSDIELAAIPFNTLADHYGERLAREQLALEHESYEMGEARFRKMFERQLKAGEVADNAAAKPLITTLLPK
MIARINDWFEEVKAKRGKRPTAFQFLQEIKPEAVAYITIKTTLACLTSADNTTVQAVASAIGRAIEDEARFGRIRDLEAK
HFKKNVEEQLNKRVGHVYKKAFMQVVEADMLSKGLLGGEAWSSWHKEDSIHVGVRCIEMLIESTGMVSLHRQNAGVVGQD
SETIELAPEYAEAIATRAGALAGISPMFQPCVVPPKPWTGITGGGYWANGRRPLALVRTHSKKALMRYEDVYMPEVYKAI
NIAQNTAWKINKKVLAVANVITKWKHCPVEDIPAIEREELPMKPEDIDMNPEALTAWKRAAAAVYRKDKARKSRRISLEF
MLEQANKFANHKAIWFPYNMDWRGRVYAVSMFNPQGNDMTKGLLTLAKGKPIGKEGYYWLKIHGANCAGVDKVPFPERIK
FIEENHENIMACAKSPLENTWWAEQDSPFCFLAFCFEYAGVQHHGLSYNCSLPLAFDGSCSGIQHFSAMLRDEVGGRAVN
LLPSETVQDIYGIVAKKVNEILQADAINGTDNEVVTVTDENTGEISEKVKLGTKALAGQWLAYGVTRSVTKRSVMTLAYG
SKEFGFRQQVLEDTIQPAIDSGKGLMFTQPNQAAGYMAKLIWESVSVTVVAAVEAMNWLKSAAKLLAAEVKDKKTGEILR
KRCAVHWVTPDGFPVWQEYKKPIQTRLNLMFLGQFRLQPTINTNKDSEIDAHKQESGIAPNFVHSQDGSHLRKTVVWAHE
KYGIESFALIHDSFGTIPADAANLFKAVRETMVDTYESCDVLADFYDQFADQLHESQLDKMPALPAKGNLNLRDILESDF
AFA
;
B,E,I,M
2 'polydeoxyribonucleotide' (DG)(DG)(DG)(DA)(DA)(DT)(DC)(DG)(DA)(S8U)(DA)(DT)(DC)(DG)(DC)(DC)(DG)(DC) A,F,J,N
3 'polyribonucleotide' AACUGCGGCGAU C,G,K,O
4 'polydeoxyribonucleotide' (DT)(DC)(DG)(DA)(DT)(DT)(DC)(DC)(DC) D,H,L,P
#
# COMPACT_ATOMS: atom_id res chain seq x y z
N MET A 1 -32.61 21.97 34.90
CA MET A 1 -32.67 22.97 33.85
C MET A 1 -31.61 24.05 34.06
N ASN A 2 -31.35 24.39 35.32
CA ASN A 2 -30.35 25.39 35.69
C ASN A 2 -29.27 24.72 36.52
N THR A 3 -28.05 24.71 36.00
CA THR A 3 -26.93 24.02 36.62
C THR A 3 -25.97 25.03 37.23
N ILE A 4 -25.48 24.71 38.43
CA ILE A 4 -24.50 25.56 39.11
C ILE A 4 -23.20 25.54 38.32
N ASN A 5 -22.46 26.65 38.39
CA ASN A 5 -21.12 26.68 37.85
C ASN A 5 -20.15 26.14 38.89
N ILE A 6 -19.38 25.13 38.49
CA ILE A 6 -18.42 24.52 39.40
C ILE A 6 -17.26 25.47 39.67
N ALA A 7 -16.86 26.26 38.66
CA ALA A 7 -15.60 26.99 38.69
C ALA A 7 -15.53 28.07 39.76
N LYS A 8 -16.67 28.59 40.24
CA LYS A 8 -16.64 29.79 41.08
C LYS A 8 -16.00 29.52 42.44
N ASN A 9 -16.31 28.38 43.06
CA ASN A 9 -15.79 28.07 44.39
C ASN A 9 -15.06 26.74 44.45
N ASP A 10 -15.02 25.99 43.35
CA ASP A 10 -14.50 24.62 43.40
C ASP A 10 -13.29 24.41 42.51
N PHE A 11 -13.31 24.91 41.27
CA PHE A 11 -12.12 24.84 40.43
C PHE A 11 -11.00 25.73 40.96
N SER A 12 -11.34 26.73 41.79
CA SER A 12 -10.34 27.58 42.42
C SER A 12 -9.48 26.84 43.43
N ASP A 13 -9.91 25.65 43.87
CA ASP A 13 -9.18 24.92 44.91
C ASP A 13 -7.84 24.41 44.40
N ILE A 14 -7.78 23.95 43.15
CA ILE A 14 -6.57 23.28 42.66
C ILE A 14 -5.42 24.24 42.48
N GLU A 15 -5.71 25.54 42.27
CA GLU A 15 -4.63 26.51 42.17
C GLU A 15 -4.14 26.97 43.55
N LEU A 16 -5.03 27.01 44.55
CA LEU A 16 -4.68 27.56 45.85
C LEU A 16 -4.18 26.52 46.85
N ALA A 17 -4.43 25.24 46.60
CA ALA A 17 -4.12 24.21 47.58
C ALA A 17 -2.62 24.10 47.80
N ALA A 18 -2.20 24.17 49.07
CA ALA A 18 -0.79 24.34 49.40
C ALA A 18 0.01 23.07 49.12
N ILE A 19 -0.52 21.92 49.51
CA ILE A 19 0.20 20.64 49.40
C ILE A 19 0.47 20.25 47.95
N PRO A 20 -0.50 20.34 47.00
CA PRO A 20 -0.11 20.12 45.59
C PRO A 20 0.85 21.16 45.04
N PHE A 21 0.73 22.42 45.49
CA PHE A 21 1.65 23.45 45.04
C PHE A 21 3.06 23.19 45.54
N ASN A 22 3.20 22.91 46.85
CA ASN A 22 4.51 22.80 47.47
C ASN A 22 5.28 21.59 46.96
N THR A 23 4.60 20.45 46.85
CA THR A 23 5.26 19.22 46.41
C THR A 23 5.78 19.35 44.98
N LEU A 24 5.14 20.19 44.18
CA LEU A 24 5.58 20.40 42.81
C LEU A 24 6.49 21.62 42.70
N ALA A 25 6.31 22.63 43.56
CA ALA A 25 7.27 23.74 43.60
C ALA A 25 8.62 23.28 44.15
N ASP A 26 8.62 22.28 45.04
CA ASP A 26 9.88 21.74 45.54
C ASP A 26 10.69 21.08 44.43
N HIS A 27 10.00 20.45 43.47
CA HIS A 27 10.71 19.74 42.41
C HIS A 27 11.16 20.68 41.29
N TYR A 28 10.32 21.66 40.92
CA TYR A 28 10.58 22.44 39.71
C TYR A 28 10.42 23.95 39.86
N GLY A 29 10.11 24.46 41.03
CA GLY A 29 10.07 25.90 41.22
C GLY A 29 8.64 26.42 41.33
N GLU A 30 8.54 27.62 41.91
CA GLU A 30 7.24 28.23 42.19
C GLU A 30 6.59 28.80 40.92
N ARG A 31 7.39 29.34 40.00
CA ARG A 31 6.80 29.96 38.81
C ARG A 31 6.20 28.91 37.88
N LEU A 32 6.93 27.82 37.64
CA LEU A 32 6.36 26.71 36.87
C LEU A 32 5.18 26.07 37.59
N ALA A 33 5.15 26.19 38.93
CA ALA A 33 4.02 25.66 39.68
C ALA A 33 2.74 26.41 39.35
N ARG A 34 2.80 27.74 39.27
CA ARG A 34 1.60 28.50 38.95
C ARG A 34 1.18 28.30 37.50
N GLU A 35 2.13 28.04 36.61
CA GLU A 35 1.78 27.80 35.21
C GLU A 35 1.15 26.42 35.03
N GLN A 36 1.74 25.39 35.64
CA GLN A 36 1.21 24.02 35.49
C GLN A 36 -0.17 23.89 36.11
N LEU A 37 -0.37 24.46 37.30
CA LEU A 37 -1.65 24.33 37.98
C LEU A 37 -2.74 25.18 37.32
N ALA A 38 -2.37 26.31 36.71
CA ALA A 38 -3.33 27.05 35.90
C ALA A 38 -3.70 26.29 34.63
N LEU A 39 -2.74 25.55 34.06
CA LEU A 39 -3.03 24.71 32.90
C LEU A 39 -4.01 23.61 33.25
N GLU A 40 -3.83 22.96 34.40
CA GLU A 40 -4.79 21.98 34.86
C GLU A 40 -6.11 22.64 35.27
N HIS A 41 -6.05 23.88 35.77
CA HIS A 41 -7.27 24.63 36.01
C HIS A 41 -8.02 24.89 34.71
N GLU A 42 -7.29 25.23 33.64
CA GLU A 42 -7.92 25.35 32.33
C GLU A 42 -8.46 24.01 31.86
N SER A 43 -7.75 22.91 32.15
CA SER A 43 -8.16 21.59 31.72
C SER A 43 -9.56 21.24 32.21
N TYR A 44 -9.83 21.51 33.49
CA TYR A 44 -11.18 21.33 34.01
C TYR A 44 -12.14 22.40 33.48
N GLU A 45 -11.62 23.58 33.14
CA GLU A 45 -12.48 24.66 32.66
C GLU A 45 -13.03 24.38 31.27
N MET A 46 -12.17 23.93 30.34
CA MET A 46 -12.68 23.55 29.01
C MET A 46 -13.55 22.31 29.07
N GLY A 47 -13.25 21.38 29.98
CA GLY A 47 -14.09 20.20 30.13
C GLY A 47 -15.48 20.53 30.66
N GLU A 48 -15.56 21.49 31.58
CA GLU A 48 -16.85 21.97 32.05
C GLU A 48 -17.64 22.62 30.92
N ALA A 49 -16.95 23.37 30.04
CA ALA A 49 -17.62 24.00 28.91
C ALA A 49 -18.12 22.98 27.90
N ARG A 50 -17.41 21.86 27.75
CA ARG A 50 -17.85 20.80 26.83
C ARG A 50 -19.18 20.20 27.29
N PHE A 51 -19.30 19.93 28.58
CA PHE A 51 -20.53 19.35 29.11
C PHE A 51 -21.70 20.31 28.98
N ARG A 52 -21.47 21.60 29.24
CA ARG A 52 -22.55 22.57 29.18
C ARG A 52 -23.04 22.80 27.75
N LYS A 53 -22.11 22.81 26.78
CA LYS A 53 -22.50 22.96 25.39
C LYS A 53 -23.28 21.75 24.89
N MET A 54 -22.84 20.55 25.28
CA MET A 54 -23.57 19.33 24.91
C MET A 54 -24.93 19.28 25.57
N PHE A 55 -25.01 19.66 26.86
CA PHE A 55 -26.29 19.65 27.57
C PHE A 55 -27.27 20.67 26.99
N GLU A 56 -26.77 21.85 26.62
CA GLU A 56 -27.63 22.89 26.04
C GLU A 56 -28.20 22.44 24.70
N ARG A 57 -27.37 21.84 23.85
CA ARG A 57 -27.85 21.34 22.57
C ARG A 57 -28.77 20.14 22.74
N GLN A 58 -28.48 19.27 23.72
CA GLN A 58 -29.36 18.16 24.02
C GLN A 58 -30.70 18.65 24.59
N LEU A 59 -30.65 19.73 25.38
CA LEU A 59 -31.88 20.32 25.89
C LEU A 59 -32.75 20.85 24.76
N LYS A 60 -32.13 21.50 23.77
CA LYS A 60 -32.88 22.05 22.64
C LYS A 60 -33.47 20.94 21.78
N ALA A 61 -32.73 19.85 21.57
CA ALA A 61 -33.16 18.78 20.69
C ALA A 61 -34.10 17.79 21.37
N GLY A 62 -34.37 17.94 22.66
CA GLY A 62 -35.23 17.02 23.36
C GLY A 62 -34.57 15.73 23.80
N GLU A 63 -33.24 15.63 23.69
CA GLU A 63 -32.50 14.44 24.06
C GLU A 63 -31.92 14.54 25.47
N VAL A 64 -32.61 15.23 26.37
CA VAL A 64 -32.14 15.39 27.75
C VAL A 64 -32.15 14.04 28.47
N ALA A 65 -33.13 13.19 28.16
CA ALA A 65 -33.16 11.84 28.74
C ALA A 65 -32.01 10.97 28.25
N ASP A 66 -31.40 11.32 27.11
CA ASP A 66 -30.20 10.62 26.66
C ASP A 66 -28.95 11.07 27.41
N ASN A 67 -29.01 12.21 28.10
CA ASN A 67 -27.88 12.68 28.88
C ASN A 67 -27.75 11.88 30.16
N ALA A 68 -26.50 11.73 30.62
CA ALA A 68 -26.21 10.88 31.77
C ALA A 68 -26.74 11.45 33.09
N ALA A 69 -27.07 12.74 33.13
CA ALA A 69 -27.59 13.32 34.36
C ALA A 69 -29.02 12.89 34.64
N ALA A 70 -29.77 12.55 33.59
CA ALA A 70 -31.14 12.07 33.73
C ALA A 70 -31.24 10.56 33.87
N LYS A 71 -30.16 9.83 33.58
CA LYS A 71 -30.20 8.37 33.62
C LYS A 71 -30.51 7.75 34.98
N PRO A 72 -29.87 8.13 36.10
CA PRO A 72 -30.26 7.50 37.38
C PRO A 72 -31.67 7.89 37.81
N LEU A 73 -32.17 9.02 37.32
CA LEU A 73 -33.56 9.38 37.52
C LEU A 73 -34.49 8.39 36.82
N ILE A 74 -34.14 8.01 35.59
CA ILE A 74 -34.98 7.09 34.82
C ILE A 74 -34.97 5.70 35.45
N THR A 75 -33.84 5.30 36.03
CA THR A 75 -33.70 3.95 36.58
C THR A 75 -34.65 3.71 37.76
N THR A 76 -34.90 4.73 38.57
CA THR A 76 -35.77 4.56 39.73
C THR A 76 -37.26 4.73 39.38
N LEU A 77 -37.59 5.67 38.51
CA LEU A 77 -39.00 6.02 38.28
C LEU A 77 -39.74 4.99 37.45
N LEU A 78 -39.05 4.38 36.54
CA LEU A 78 -39.60 3.56 35.49
C LEU A 78 -40.12 2.17 35.90
N PRO A 79 -39.51 1.48 36.90
CA PRO A 79 -40.22 0.30 37.45
C PRO A 79 -41.58 0.65 38.03
N LYS A 80 -41.72 1.84 38.62
CA LYS A 80 -43.02 2.29 39.11
C LYS A 80 -44.00 2.49 37.96
N MET A 81 -43.51 2.94 36.80
CA MET A 81 -44.40 3.19 35.68
C MET A 81 -44.90 1.89 35.06
N ILE A 82 -44.04 0.88 34.92
CA ILE A 82 -44.45 -0.38 34.31
C ILE A 82 -45.48 -1.08 35.18
N ALA A 83 -45.36 -0.98 36.51
CA ALA A 83 -46.32 -1.61 37.39
C ALA A 83 -47.67 -0.89 37.34
N ARG A 84 -47.63 0.44 37.22
CA ARG A 84 -48.85 1.21 37.17
C ARG A 84 -49.58 1.05 35.84
N ILE A 85 -48.85 0.89 34.73
CA ILE A 85 -49.53 0.57 33.48
C ILE A 85 -50.03 -0.87 33.49
N ASN A 86 -49.31 -1.78 34.12
CA ASN A 86 -49.75 -3.17 34.17
C ASN A 86 -50.94 -3.33 35.12
N ASP A 87 -50.98 -2.55 36.19
CA ASP A 87 -52.13 -2.61 37.10
C ASP A 87 -53.38 -2.02 36.46
N TRP A 88 -53.22 -0.96 35.66
CA TRP A 88 -54.39 -0.36 35.02
C TRP A 88 -54.99 -1.25 33.95
N PHE A 89 -54.15 -2.07 33.29
CA PHE A 89 -54.66 -3.01 32.31
C PHE A 89 -55.60 -4.02 32.96
N GLU A 90 -55.23 -4.51 34.14
CA GLU A 90 -56.08 -5.47 34.84
C GLU A 90 -57.31 -4.81 35.45
N GLU A 91 -57.22 -3.50 35.74
CA GLU A 91 -58.36 -2.78 36.27
C GLU A 91 -59.47 -2.65 35.24
N VAL A 92 -59.11 -2.35 33.99
CA VAL A 92 -60.10 -2.16 32.94
C VAL A 92 -60.74 -3.50 32.57
N LYS A 93 -59.93 -4.57 32.51
CA LYS A 93 -60.46 -5.89 32.20
C LYS A 93 -61.44 -6.38 33.26
N ALA A 94 -61.23 -5.97 34.51
CA ALA A 94 -62.18 -6.31 35.57
C ALA A 94 -63.45 -5.46 35.51
N LYS A 95 -63.35 -4.23 35.00
CA LYS A 95 -64.50 -3.34 34.93
C LYS A 95 -65.40 -3.70 33.76
N ARG A 96 -66.70 -3.70 34.01
CA ARG A 96 -67.69 -3.93 32.97
C ARG A 96 -67.93 -2.65 32.17
N GLY A 97 -68.58 -2.81 31.02
CA GLY A 97 -68.83 -1.68 30.15
C GLY A 97 -67.72 -1.48 29.13
N LYS A 98 -67.92 -0.45 28.30
CA LYS A 98 -67.02 -0.18 27.19
C LYS A 98 -65.61 0.16 27.66
N ARG A 99 -64.62 -0.32 26.91
CA ARG A 99 -63.23 -0.05 27.24
C ARG A 99 -62.90 1.43 26.97
N PRO A 100 -61.91 1.97 27.68
CA PRO A 100 -61.41 3.30 27.32
C PRO A 100 -60.71 3.27 25.97
N THR A 101 -60.60 4.46 25.36
CA THR A 101 -60.03 4.57 24.02
C THR A 101 -58.56 4.18 24.02
N ALA A 102 -57.82 4.55 25.06
CA ALA A 102 -56.39 4.29 25.11
C ALA A 102 -56.03 2.84 25.40
N PHE A 103 -56.98 2.04 25.87
CA PHE A 103 -56.67 0.68 26.32
C PHE A 103 -56.21 -0.20 25.17
N GLN A 104 -56.91 -0.15 24.04
CA GLN A 104 -56.56 -1.02 22.91
C GLN A 104 -55.24 -0.61 22.28
N PHE A 105 -54.95 0.70 22.25
CA PHE A 105 -53.69 1.17 21.68
C PHE A 105 -52.50 0.78 22.54
N LEU A 106 -52.68 0.70 23.87
CA LEU A 106 -51.57 0.47 24.77
C LEU A 106 -51.04 -0.96 24.69
N GLN A 107 -51.91 -1.92 24.36
CA GLN A 107 -51.51 -3.32 24.38
C GLN A 107 -50.60 -3.70 23.21
N GLU A 108 -50.58 -2.89 22.14
CA GLU A 108 -49.78 -3.21 20.97
C GLU A 108 -48.29 -3.09 21.25
N ILE A 109 -47.92 -2.24 22.22
CA ILE A 109 -46.52 -1.97 22.55
C ILE A 109 -46.19 -2.65 23.86
N LYS A 110 -44.97 -3.18 23.97
CA LYS A 110 -44.52 -3.87 25.18
C LYS A 110 -44.61 -2.94 26.39
N PRO A 111 -44.99 -3.48 27.57
CA PRO A 111 -45.25 -2.63 28.74
C PRO A 111 -44.10 -1.71 29.14
N GLU A 112 -42.87 -2.18 29.07
CA GLU A 112 -41.73 -1.37 29.47
C GLU A 112 -41.42 -0.29 28.44
N ALA A 113 -41.79 -0.53 27.18
CA ALA A 113 -41.64 0.51 26.16
C ALA A 113 -42.63 1.64 26.38
N VAL A 114 -43.88 1.33 26.79
CA VAL A 114 -44.84 2.37 27.11
C VAL A 114 -44.29 3.26 28.21
N ALA A 115 -43.64 2.67 29.21
CA ALA A 115 -43.05 3.45 30.29
C ALA A 115 -42.02 4.44 29.76
N TYR A 116 -41.13 3.97 28.87
CA TYR A 116 -40.03 4.82 28.42
C TYR A 116 -40.53 6.00 27.58
N ILE A 117 -41.36 5.74 26.56
CA ILE A 117 -41.66 6.76 25.57
C ILE A 117 -42.43 7.92 26.20
N THR A 118 -43.20 7.66 27.25
CA THR A 118 -43.86 8.75 27.97
C THR A 118 -42.84 9.64 28.70
N ILE A 119 -41.92 9.03 29.44
CA ILE A 119 -41.00 9.81 30.28
C ILE A 119 -40.08 10.68 29.42
N LYS A 120 -39.50 10.10 28.36
CA LYS A 120 -38.56 10.84 27.53
C LYS A 120 -39.26 11.96 26.77
N THR A 121 -40.45 11.70 26.22
CA THR A 121 -41.15 12.74 25.47
C THR A 121 -41.74 13.79 26.40
N THR A 122 -42.09 13.42 27.64
CA THR A 122 -42.45 14.45 28.62
C THR A 122 -41.23 15.28 29.00
N LEU A 123 -40.07 14.65 29.13
CA LEU A 123 -38.83 15.39 29.35
C LEU A 123 -38.48 16.25 28.14
N ALA A 124 -38.67 15.72 26.93
CA ALA A 124 -38.35 16.47 25.72
C ALA A 124 -39.26 17.69 25.57
N CYS A 125 -40.55 17.52 25.87
CA CYS A 125 -41.50 18.62 25.71
C CYS A 125 -41.38 19.65 26.82
N LEU A 126 -40.94 19.24 28.02
CA LEU A 126 -40.84 20.17 29.13
C LEU A 126 -39.54 20.96 29.13
N THR A 127 -38.54 20.52 28.37
CA THR A 127 -37.24 21.19 28.35
C THR A 127 -36.98 21.97 27.08
N SER A 128 -37.72 21.72 26.01
CA SER A 128 -37.46 22.39 24.74
C SER A 128 -38.68 23.05 24.11
N ALA A 129 -39.85 22.41 24.20
CA ALA A 129 -40.96 22.73 23.31
C ALA A 129 -41.64 24.05 23.63
N ASP A 130 -41.43 24.61 24.82
CA ASP A 130 -42.01 25.86 25.32
C ASP A 130 -43.52 25.78 25.51
N ASN A 131 -44.15 24.66 25.15
CA ASN A 131 -45.57 24.43 25.37
C ASN A 131 -45.72 23.38 26.46
N THR A 132 -46.30 23.78 27.58
CA THR A 132 -46.54 22.88 28.70
C THR A 132 -47.98 22.39 28.73
N THR A 133 -48.67 22.40 27.59
CA THR A 133 -50.06 21.97 27.53
C THR A 133 -50.14 20.45 27.61
N VAL A 134 -51.20 19.96 28.26
CA VAL A 134 -51.43 18.53 28.36
C VAL A 134 -51.73 17.95 26.98
N GLN A 135 -52.52 18.66 26.17
CA GLN A 135 -52.92 18.17 24.87
C GLN A 135 -51.73 18.04 23.92
N ALA A 136 -50.82 19.02 23.94
CA ALA A 136 -49.69 19.00 23.01
C ALA A 136 -48.69 17.91 23.35
N VAL A 137 -48.49 17.63 24.64
CA VAL A 137 -47.53 16.59 25.01
C VAL A 137 -48.15 15.20 24.92
N ALA A 138 -49.48 15.10 25.03
CA ALA A 138 -50.13 13.80 24.87
C ALA A 138 -50.08 13.33 23.43
N SER A 139 -50.26 14.25 22.48
CA SER A 139 -50.13 13.90 21.07
C SER A 139 -48.70 13.54 20.70
N ALA A 140 -47.72 14.19 21.34
CA ALA A 140 -46.32 13.83 21.11
C ALA A 140 -46.01 12.43 21.64
N ILE A 141 -46.59 12.07 22.78
CA ILE A 141 -46.44 10.71 23.29
C ILE A 141 -47.09 9.71 22.34
N GLY A 142 -48.33 9.99 21.94
CA GLY A 142 -49.07 9.04 21.11
C GLY A 142 -48.50 8.87 19.72
N ARG A 143 -47.99 9.95 19.13
CA ARG A 143 -47.37 9.85 17.81
C ARG A 143 -46.08 9.03 17.88
N ALA A 144 -45.32 9.18 18.97
CA ALA A 144 -44.15 8.33 19.15
C ALA A 144 -44.55 6.92 19.56
N ILE A 145 -45.71 6.76 20.20
CA ILE A 145 -46.21 5.42 20.51
C ILE A 145 -46.65 4.72 19.23
N GLU A 146 -47.38 5.42 18.37
CA GLU A 146 -47.77 4.84 17.08
C GLU A 146 -46.56 4.50 16.22
N ASP A 147 -45.43 5.19 16.43
CA ASP A 147 -44.20 4.87 15.72
C ASP A 147 -43.65 3.52 16.11
N GLU A 148 -43.53 3.28 17.42
CA GLU A 148 -42.95 2.03 17.90
C GLU A 148 -43.91 0.86 17.66
N ALA A 149 -45.21 1.13 17.62
CA ALA A 149 -46.16 0.07 17.32
C ALA A 149 -46.16 -0.28 15.83
N ARG A 150 -46.11 0.73 14.95
CA ARG A 150 -46.22 0.47 13.52
C ARG A 150 -44.94 -0.14 12.96
N PHE A 151 -43.78 0.39 13.34
CA PHE A 151 -42.52 -0.08 12.79
C PHE A 151 -41.83 -1.11 13.67
N GLY A 152 -42.24 -1.23 14.94
CA GLY A 152 -41.71 -2.28 15.79
C GLY A 152 -42.23 -3.66 15.45
N ARG A 153 -43.38 -3.73 14.78
CA ARG A 153 -43.88 -5.03 14.31
C ARG A 153 -42.99 -5.62 13.22
N ILE A 154 -42.20 -4.80 12.53
CA ILE A 154 -41.18 -5.33 11.64
C ILE A 154 -40.11 -6.06 12.44
N ARG A 155 -39.66 -5.47 13.54
CA ARG A 155 -38.62 -6.09 14.36
C ARG A 155 -39.17 -7.30 15.12
N ASP A 156 -40.39 -7.21 15.63
CA ASP A 156 -40.92 -8.23 16.53
C ASP A 156 -41.46 -9.44 15.78
N LEU A 157 -42.27 -9.20 14.74
CA LEU A 157 -43.00 -10.27 14.06
C LEU A 157 -42.12 -11.05 13.11
N GLU A 158 -42.73 -11.77 12.16
CA GLU A 158 -42.08 -12.78 11.32
C GLU A 158 -40.99 -12.23 10.41
N ALA A 159 -40.65 -10.95 10.56
CA ALA A 159 -39.53 -10.32 9.87
C ALA A 159 -38.28 -10.21 10.73
N LYS A 160 -38.24 -10.86 11.89
CA LYS A 160 -37.12 -10.68 12.82
C LYS A 160 -35.81 -11.12 12.19
N HIS A 161 -35.81 -12.23 11.46
CA HIS A 161 -34.66 -12.62 10.66
C HIS A 161 -34.38 -11.62 9.55
N PHE A 162 -35.43 -11.17 8.86
CA PHE A 162 -35.26 -10.17 7.81
C PHE A 162 -34.91 -8.81 8.41
N LYS A 163 -35.35 -8.53 9.64
CA LYS A 163 -34.94 -7.30 10.32
C LYS A 163 -33.46 -7.31 10.61
N LYS A 164 -32.86 -8.49 10.81
CA LYS A 164 -31.42 -8.58 10.97
C LYS A 164 -30.68 -8.20 9.69
N ASN A 165 -31.38 -8.20 8.55
CA ASN A 165 -30.84 -7.64 7.31
C ASN A 165 -31.11 -6.16 7.13
N VAL A 166 -32.12 -5.61 7.82
CA VAL A 166 -32.44 -4.18 7.71
C VAL A 166 -31.96 -3.37 8.91
N GLU A 167 -31.48 -4.02 9.97
CA GLU A 167 -31.14 -3.31 11.20
C GLU A 167 -29.92 -2.41 11.03
N GLU A 168 -28.90 -2.88 10.29
CA GLU A 168 -27.65 -2.14 10.20
C GLU A 168 -27.82 -0.87 9.36
N GLN A 169 -28.58 -0.94 8.27
CA GLN A 169 -28.85 0.27 7.50
C GLN A 169 -29.78 1.22 8.25
N LEU A 170 -30.66 0.67 9.09
CA LEU A 170 -31.41 1.51 10.02
C LEU A 170 -30.48 2.21 11.00
N ASN A 171 -29.47 1.48 11.51
CA ASN A 171 -28.49 2.07 12.41
C ASN A 171 -27.60 3.08 11.67
N LYS A 172 -27.32 2.85 10.39
CA LYS A 172 -26.51 3.79 9.63
C LYS A 172 -27.25 5.10 9.34
N ARG A 173 -28.57 5.08 9.39
CA ARG A 173 -29.34 6.31 9.22
C ARG A 173 -29.17 7.21 10.45
N VAL A 174 -28.91 8.49 10.20
CA VAL A 174 -28.70 9.48 11.25
C VAL A 174 -29.91 10.40 11.30
N GLY A 175 -30.49 10.55 12.47
CA GLY A 175 -31.69 11.36 12.61
C GLY A 175 -32.95 10.52 12.58
N HIS A 176 -33.94 10.94 13.36
CA HIS A 176 -35.19 10.17 13.46
C HIS A 176 -35.99 10.22 12.16
N VAL A 177 -35.93 11.35 11.44
CA VAL A 177 -36.64 11.45 10.17
C VAL A 177 -36.01 10.55 9.11
N TYR A 178 -34.68 10.49 9.07
CA TYR A 178 -34.00 9.60 8.13
C TYR A 178 -34.25 8.14 8.49
N LYS A 179 -34.23 7.81 9.78
CA LYS A 179 -34.62 6.47 10.22
C LYS A 179 -36.08 6.19 9.91
N LYS A 180 -36.91 7.24 9.90
CA LYS A 180 -38.32 7.08 9.53
C LYS A 180 -38.49 6.77 8.06
N ALA A 181 -37.85 7.56 7.19
CA ALA A 181 -38.00 7.37 5.75
C ALA A 181 -37.48 6.02 5.31
N PHE A 182 -36.48 5.48 6.03
CA PHE A 182 -36.00 4.15 5.73
C PHE A 182 -36.99 3.07 6.17
N MET A 183 -37.65 3.28 7.31
CA MET A 183 -38.60 2.29 7.80
C MET A 183 -39.86 2.25 6.93
N GLN A 184 -40.22 3.38 6.31
CA GLN A 184 -41.38 3.41 5.44
C GLN A 184 -41.13 2.62 4.15
N VAL A 185 -39.96 2.81 3.53
CA VAL A 185 -39.66 2.09 2.30
C VAL A 185 -39.36 0.63 2.59
N VAL A 186 -38.86 0.32 3.80
CA VAL A 186 -38.70 -1.08 4.19
C VAL A 186 -40.06 -1.74 4.32
N GLU A 187 -40.99 -1.08 5.02
CA GLU A 187 -42.31 -1.67 5.29
C GLU A 187 -43.10 -1.92 4.02
N ALA A 188 -43.03 -0.99 3.06
CA ALA A 188 -43.71 -1.17 1.79
C ALA A 188 -43.06 -2.29 0.97
N ASP A 189 -41.74 -2.42 1.05
CA ASP A 189 -41.04 -3.49 0.34
C ASP A 189 -41.47 -4.86 0.85
N MET A 190 -41.59 -4.99 2.17
CA MET A 190 -41.97 -6.27 2.76
C MET A 190 -43.44 -6.61 2.50
N LEU A 191 -44.31 -5.61 2.47
CA LEU A 191 -45.72 -5.86 2.18
C LEU A 191 -45.90 -6.36 0.75
N SER A 192 -45.01 -5.96 -0.16
CA SER A 192 -45.02 -6.49 -1.52
C SER A 192 -44.67 -7.96 -1.55
N LYS A 193 -43.96 -8.48 -0.54
CA LYS A 193 -43.67 -9.90 -0.44
C LYS A 193 -44.63 -10.62 0.52
N GLY A 194 -45.61 -9.93 1.07
CA GLY A 194 -46.51 -10.54 2.03
C GLY A 194 -45.85 -10.91 3.34
N LEU A 195 -44.77 -10.22 3.70
CA LEU A 195 -43.95 -10.64 4.83
C LEU A 195 -44.58 -10.29 6.17
N LEU A 196 -45.31 -9.19 6.26
CA LEU A 196 -45.96 -8.78 7.50
C LEU A 196 -47.34 -9.40 7.67
N GLY A 197 -47.59 -10.54 7.02
CA GLY A 197 -48.93 -11.08 6.97
C GLY A 197 -49.87 -10.34 6.04
N GLY A 198 -49.35 -9.46 5.21
CA GLY A 198 -50.17 -8.67 4.30
C GLY A 198 -51.03 -7.62 4.98
N GLU A 199 -50.87 -7.41 6.27
CA GLU A 199 -51.69 -6.47 7.02
C GLU A 199 -51.02 -5.10 7.02
N ALA A 200 -51.57 -4.17 6.26
CA ALA A 200 -51.04 -2.82 6.22
C ALA A 200 -51.56 -1.99 7.39
N TRP A 201 -50.71 -1.11 7.91
CA TRP A 201 -51.06 -0.33 9.10
C TRP A 201 -52.13 0.69 8.78
N SER A 202 -53.14 0.77 9.65
CA SER A 202 -54.14 1.83 9.60
C SER A 202 -53.69 2.93 10.55
N SER A 203 -53.45 4.12 10.01
CA SER A 203 -52.86 5.20 10.79
C SER A 203 -53.84 5.70 11.85
N TRP A 204 -53.34 5.89 13.07
CA TRP A 204 -54.17 6.42 14.15
C TRP A 204 -54.54 7.86 13.83
N HIS A 205 -55.74 8.25 14.26
CA HIS A 205 -56.18 9.61 14.05
C HIS A 205 -55.74 10.50 15.21
N LYS A 206 -55.91 11.81 15.01
CA LYS A 206 -55.38 12.79 15.96
C LYS A 206 -56.08 12.72 17.31
N GLU A 207 -57.39 12.41 17.32
CA GLU A 207 -58.08 12.23 18.58
C GLU A 207 -57.61 10.99 19.33
N ASP A 208 -57.23 9.94 18.59
CA ASP A 208 -56.71 8.74 19.22
C ASP A 208 -55.31 8.95 19.78
N SER A 209 -54.50 9.79 19.13
CA SER A 209 -53.13 10.02 19.58
C SER A 209 -53.08 10.83 20.87
N ILE A 210 -54.09 11.67 21.12
CA ILE A 210 -54.15 12.42 22.37
C ILE A 210 -54.58 11.50 23.52
N HIS A 211 -55.53 10.58 23.25
CA HIS A 211 -56.09 9.76 24.31
C HIS A 211 -55.07 8.79 24.90
N VAL A 212 -54.21 8.21 24.06
CA VAL A 212 -53.13 7.36 24.56
C VAL A 212 -52.17 8.18 25.42
N GLY A 213 -51.82 9.39 24.96
CA GLY A 213 -50.90 10.23 25.74
C GLY A 213 -51.48 10.70 27.05
N VAL A 214 -52.76 11.13 27.05
CA VAL A 214 -53.39 11.65 28.26
C VAL A 214 -53.46 10.57 29.33
N ARG A 215 -53.88 9.37 28.95
CA ARG A 215 -53.87 8.24 29.87
C ARG A 215 -52.45 7.92 30.33
N CYS A 216 -51.46 8.15 29.47
CA CYS A 216 -50.07 7.87 29.81
C CYS A 216 -49.49 8.91 30.76
N ILE A 217 -49.85 10.19 30.60
CA ILE A 217 -49.33 11.22 31.49
C ILE A 217 -49.85 11.03 32.91
N GLU A 218 -51.17 10.84 33.05
CA GLU A 218 -51.76 10.66 34.36
C GLU A 218 -51.36 9.34 35.00
N MET A 219 -51.00 8.34 34.19
CA MET A 219 -50.49 7.10 34.74
C MET A 219 -49.07 7.27 35.25
N LEU A 220 -48.33 8.23 34.69
CA LEU A 220 -47.04 8.62 35.26
C LEU A 220 -47.22 9.41 36.54
N ILE A 221 -48.28 10.23 36.61
CA ILE A 221 -48.55 11.03 37.81
C ILE A 221 -48.98 10.13 38.97
N GLU A 222 -49.74 9.07 38.68
CA GLU A 222 -50.12 8.12 39.72
C GLU A 222 -48.90 7.37 40.26
N SER A 223 -48.06 6.86 39.37
CA SER A 223 -46.93 6.06 39.78
C SER A 223 -45.83 6.91 40.41
N THR A 224 -45.48 8.03 39.76
CA THR A 224 -44.36 8.87 40.17
C THR A 224 -44.85 10.29 40.38
N GLY A 225 -44.10 11.03 41.19
CA GLY A 225 -44.42 12.43 41.43
C GLY A 225 -43.58 13.36 40.57
N MET A 226 -43.05 12.82 39.47
CA MET A 226 -42.11 13.54 38.61
C MET A 226 -42.71 14.78 37.97
N VAL A 227 -44.02 14.80 37.82
CA VAL A 227 -44.69 15.61 36.82
C VAL A 227 -46.10 15.98 37.32
N SER A 228 -46.40 17.28 37.40
CA SER A 228 -47.51 17.77 38.23
C SER A 228 -48.58 18.52 37.44
N LEU A 229 -49.84 18.25 37.75
CA LEU A 229 -50.99 18.67 36.94
C LEU A 229 -51.58 19.98 37.45
N HIS A 230 -51.89 20.90 36.52
CA HIS A 230 -52.38 22.24 36.85
C HIS A 230 -53.43 22.68 35.84
N ARG A 231 -54.46 23.37 36.33
CA ARG A 231 -55.58 23.83 35.52
C ARG A 231 -55.66 25.35 35.55
N GLN A 232 -55.93 25.96 34.39
CA GLN A 232 -55.99 27.40 34.25
C GLN A 232 -57.34 27.81 33.69
N ASN A 233 -57.91 28.88 34.27
CA ASN A 233 -59.21 29.43 33.88
C ASN A 233 -60.30 28.37 33.90
N ALA A 234 -60.34 27.61 34.99
CA ALA A 234 -61.30 26.52 35.13
C ALA A 234 -62.72 27.07 35.25
N GLY A 235 -63.65 26.37 34.61
CA GLY A 235 -65.04 26.78 34.57
C GLY A 235 -65.42 27.66 33.40
N VAL A 236 -64.43 28.19 32.67
CA VAL A 236 -64.67 29.02 31.49
C VAL A 236 -64.49 28.13 30.28
N VAL A 237 -65.57 27.96 29.50
CA VAL A 237 -65.55 27.01 28.39
C VAL A 237 -64.60 27.46 27.28
N GLY A 238 -64.34 28.76 27.17
CA GLY A 238 -63.48 29.24 26.10
C GLY A 238 -62.00 29.21 26.43
N GLN A 239 -61.65 29.27 27.72
CA GLN A 239 -60.26 29.44 28.14
C GLN A 239 -59.76 28.30 29.03
N ASP A 240 -60.53 27.25 29.22
CA ASP A 240 -60.10 26.17 30.11
C ASP A 240 -59.02 25.34 29.44
N SER A 241 -57.82 25.34 30.03
CA SER A 241 -56.71 24.53 29.56
C SER A 241 -56.02 23.91 30.76
N GLU A 242 -55.31 22.82 30.51
CA GLU A 242 -54.55 22.12 31.55
C GLU A 242 -53.09 22.12 31.17
N THR A 243 -52.22 22.48 32.12
CA THR A 243 -50.79 22.53 31.87
C THR A 243 -50.06 21.50 32.73
N ILE A 244 -48.84 21.18 32.32
CA ILE A 244 -48.05 20.15 32.99
C ILE A 244 -46.70 20.76 33.36
N GLU A 245 -46.28 20.56 34.63
CA GLU A 245 -45.03 21.12 35.14
C GLU A 245 -44.17 20.01 35.72
N LEU A 246 -42.88 20.05 35.41
CA LEU A 246 -41.92 19.09 35.95
C LEU A 246 -41.68 19.40 37.43
N ALA A 247 -41.62 18.35 38.26
CA ALA A 247 -41.55 18.55 39.70
C ALA A 247 -40.19 19.12 40.09
N PRO A 248 -40.17 20.12 40.99
CA PRO A 248 -38.91 20.80 41.30
C PRO A 248 -37.86 19.92 41.96
N GLU A 249 -38.26 18.93 42.76
CA GLU A 249 -37.30 18.04 43.39
C GLU A 249 -36.52 17.26 42.34
N TYR A 250 -37.20 16.80 41.30
CA TYR A 250 -36.54 16.06 40.23
C TYR A 250 -35.74 16.99 39.31
N ALA A 251 -36.07 18.27 39.27
CA ALA A 251 -35.25 19.23 38.54
C ALA A 251 -33.88 19.40 39.19
N GLU A 252 -33.86 19.54 40.51
CA GLU A 252 -32.59 19.69 41.23
C GLU A 252 -31.76 18.42 41.19
N ALA A 253 -32.38 17.26 40.98
CA ALA A 253 -31.64 16.02 40.89
C ALA A 253 -30.78 15.97 39.62
N ILE A 254 -31.37 16.29 38.47
CA ILE A 254 -30.61 16.28 37.23
C ILE A 254 -29.63 17.45 37.20
N ALA A 255 -29.99 18.58 37.80
CA ALA A 255 -29.10 19.75 37.81
C ALA A 255 -27.87 19.50 38.67
N THR A 256 -28.06 18.88 39.84
CA THR A 256 -26.92 18.53 40.68
C THR A 256 -26.06 17.45 40.03
N ARG A 257 -26.69 16.48 39.36
CA ARG A 257 -25.93 15.45 38.67
C ARG A 257 -25.18 16.02 37.46
N ALA A 258 -25.82 16.93 36.72
CA ALA A 258 -25.15 17.54 35.58
C ALA A 258 -23.99 18.42 36.02
N GLY A 259 -24.14 19.13 37.13
CA GLY A 259 -23.02 19.86 37.70
C GLY A 259 -21.93 18.93 38.20
N ALA A 260 -22.32 17.83 38.84
CA ALA A 260 -21.33 16.86 39.32
C ALA A 260 -20.57 16.23 38.16
N LEU A 261 -21.27 15.92 37.07
CA LEU A 261 -20.61 15.31 35.91
C LEU A 261 -19.71 16.30 35.18
N ALA A 262 -20.06 17.59 35.20
CA ALA A 262 -19.29 18.58 34.45
C ALA A 262 -17.91 18.79 35.05
N GLY A 263 -17.79 18.72 36.39
CA GLY A 263 -16.50 18.81 37.03
C GLY A 263 -15.70 17.53 37.01
N ILE A 264 -16.29 16.43 36.53
CA ILE A 264 -15.62 15.13 36.54
C ILE A 264 -14.89 14.85 35.22
N SER A 265 -15.26 15.54 34.14
CA SER A 265 -14.64 15.30 32.83
C SER A 265 -13.81 16.50 32.38
N PRO A 266 -12.49 16.48 32.58
CA PRO A 266 -11.65 17.55 32.03
C PRO A 266 -11.04 17.18 30.68
N MET A 267 -10.70 18.20 29.91
CA MET A 267 -9.94 18.03 28.68
C MET A 267 -8.46 17.99 29.03
N PHE A 268 -7.82 16.84 28.84
CA PHE A 268 -6.45 16.64 29.29
C PHE A 268 -5.48 17.30 28.32
N GLN A 269 -4.67 18.22 28.82
CA GLN A 269 -3.66 18.95 28.09
C GLN A 269 -2.28 18.46 28.50
N PRO A 270 -1.25 18.70 27.67
CA PRO A 270 0.12 18.33 28.05
C PRO A 270 0.60 19.12 29.27
N CYS A 271 1.71 18.66 29.82
CA CYS A 271 2.30 19.25 31.03
C CYS A 271 3.50 20.10 30.65
N VAL A 272 3.59 21.30 31.25
CA VAL A 272 4.75 22.16 31.04
C VAL A 272 5.87 21.88 32.03
N VAL A 273 5.63 21.03 33.01
CA VAL A 273 6.66 20.49 33.89
C VAL A 273 6.66 18.97 33.70
N PRO A 274 7.72 18.27 34.08
CA PRO A 274 7.69 16.80 34.04
C PRO A 274 6.56 16.26 34.90
N PRO A 275 5.90 15.19 34.46
CA PRO A 275 4.68 14.73 35.15
C PRO A 275 4.99 14.13 36.51
N LYS A 276 3.96 14.04 37.33
CA LYS A 276 4.12 13.52 38.68
C LYS A 276 4.46 12.04 38.62
N PRO A 277 5.55 11.61 39.28
CA PRO A 277 5.88 10.18 39.28
C PRO A 277 4.81 9.36 39.97
N TRP A 278 4.56 8.16 39.43
CA TRP A 278 3.56 7.27 39.99
C TRP A 278 4.14 6.54 41.19
N THR A 279 3.57 6.77 42.37
CA THR A 279 3.89 5.99 43.56
C THR A 279 2.78 5.04 43.95
N GLY A 280 1.58 5.19 43.38
CA GLY A 280 0.47 4.32 43.70
C GLY A 280 -0.55 4.21 42.59
N ILE A 281 -1.78 3.84 42.95
CA ILE A 281 -2.84 3.67 41.97
C ILE A 281 -3.23 5.00 41.36
N THR A 282 -3.40 6.02 42.20
CA THR A 282 -4.05 7.26 41.80
C THR A 282 -3.13 8.45 42.09
N GLY A 283 -3.52 9.60 41.56
CA GLY A 283 -2.83 10.84 41.82
C GLY A 283 -1.57 11.07 41.00
N GLY A 284 -1.23 10.16 40.10
CA GLY A 284 -0.05 10.34 39.26
C GLY A 284 -0.34 11.23 38.07
N GLY A 285 0.69 11.38 37.23
CA GLY A 285 0.54 12.20 36.05
C GLY A 285 0.44 13.68 36.36
N TYR A 286 -0.77 14.22 36.28
CA TYR A 286 -1.02 15.60 36.66
C TYR A 286 -0.80 15.79 38.15
N TRP A 287 -0.44 17.01 38.53
CA TRP A 287 0.05 17.28 39.88
C TRP A 287 -1.06 17.72 40.84
N ALA A 288 -2.12 18.33 40.34
CA ALA A 288 -3.15 18.88 41.22
C ALA A 288 -4.04 17.78 41.77
N ASN A 289 -4.53 18.00 42.99
CA ASN A 289 -5.57 17.16 43.58
C ASN A 289 -6.89 17.58 42.93
N GLY A 290 -7.25 16.90 41.85
CA GLY A 290 -8.40 17.27 41.05
C GLY A 290 -9.64 16.46 41.39
N ARG A 291 -10.73 16.82 40.73
CA ARG A 291 -11.99 16.09 40.90
C ARG A 291 -11.91 14.71 40.29
N ARG A 292 -11.32 14.61 39.10
CA ARG A 292 -11.03 13.30 38.52
C ARG A 292 -9.55 13.03 38.68
N PRO A 293 -9.15 12.14 39.58
CA PRO A 293 -7.74 11.73 39.64
C PRO A 293 -7.44 10.69 38.59
N LEU A 294 -6.21 10.75 38.07
CA LEU A 294 -5.78 9.75 37.10
C LEU A 294 -5.58 8.40 37.78
N ALA A 295 -5.99 7.34 37.09
CA ALA A 295 -5.79 5.99 37.56
C ALA A 295 -4.61 5.37 36.82
N LEU A 296 -3.82 4.57 37.54
CA LEU A 296 -2.71 3.87 36.91
C LEU A 296 -3.21 2.88 35.86
N VAL A 297 -4.33 2.23 36.15
CA VAL A 297 -4.97 1.29 35.23
C VAL A 297 -6.37 1.81 34.92
N ARG A 298 -6.70 1.92 33.64
CA ARG A 298 -8.03 2.35 33.22
C ARG A 298 -8.97 1.15 33.28
N THR A 299 -9.78 1.09 34.34
CA THR A 299 -10.67 -0.02 34.58
C THR A 299 -12.12 0.44 34.50
N HIS A 300 -13.02 -0.48 34.14
CA HIS A 300 -14.44 -0.18 34.09
C HIS A 300 -15.06 -0.16 35.48
N SER A 301 -14.57 -0.98 36.40
CA SER A 301 -15.06 -1.03 37.77
C SER A 301 -14.00 -0.54 38.73
N LYS A 302 -14.45 0.10 39.82
CA LYS A 302 -13.51 0.50 40.87
C LYS A 302 -12.89 -0.71 41.55
N LYS A 303 -13.65 -1.80 41.70
CA LYS A 303 -13.12 -3.00 42.35
C LYS A 303 -11.95 -3.59 41.57
N ALA A 304 -12.02 -3.57 40.23
CA ALA A 304 -10.90 -4.01 39.42
C ALA A 304 -9.69 -3.11 39.59
N LEU A 305 -9.92 -1.82 39.87
CA LEU A 305 -8.80 -0.92 40.15
C LEU A 305 -8.19 -1.19 41.52
N MET A 306 -9.03 -1.36 42.55
CA MET A 306 -8.50 -1.58 43.90
C MET A 306 -7.81 -2.92 44.06
N ARG A 307 -7.95 -3.83 43.09
CA ARG A 307 -7.12 -5.03 43.07
C ARG A 307 -5.65 -4.70 42.87
N TYR A 308 -5.33 -3.52 42.33
CA TYR A 308 -3.97 -3.10 42.05
C TYR A 308 -3.30 -2.38 43.21
N GLU A 309 -4.00 -2.22 44.34
CA GLU A 309 -3.43 -1.48 45.46
C GLU A 309 -2.30 -2.24 46.13
N ASP A 310 -2.46 -3.55 46.28
CA ASP A 310 -1.52 -4.36 47.06
C ASP A 310 -0.39 -4.95 46.25
N VAL A 311 -0.52 -5.03 44.92
CA VAL A 311 0.44 -5.77 44.12
C VAL A 311 1.76 -5.00 44.05
N TYR A 312 2.85 -5.69 44.35
CA TYR A 312 4.19 -5.12 44.31
C TYR A 312 4.75 -5.35 42.92
N MET A 313 4.73 -4.31 42.09
CA MET A 313 5.25 -4.36 40.72
C MET A 313 6.17 -3.16 40.50
N PRO A 314 7.38 -3.18 41.10
CA PRO A 314 8.28 -2.03 40.98
C PRO A 314 8.75 -1.76 39.55
N GLU A 315 8.96 -2.82 38.75
CA GLU A 315 9.42 -2.61 37.38
C GLU A 315 8.34 -2.01 36.50
N VAL A 316 7.07 -2.26 36.82
CA VAL A 316 5.98 -1.61 36.10
C VAL A 316 5.95 -0.13 36.42
N TYR A 317 6.13 0.24 37.69
CA TYR A 317 6.11 1.65 38.09
C TYR A 317 7.29 2.41 37.50
N LYS A 318 8.46 1.78 37.44
CA LYS A 318 9.64 2.45 36.89
C LYS A 318 9.45 2.80 35.43
N ALA A 319 8.90 1.87 34.65
CA ALA A 319 8.81 2.05 33.20
C ALA A 319 7.83 3.17 32.83
N ILE A 320 6.71 3.28 33.56
CA ILE A 320 5.75 4.34 33.30
C ILE A 320 6.38 5.70 33.60
N ASN A 321 7.12 5.79 34.71
CA ASN A 321 7.73 7.07 35.09
C ASN A 321 8.86 7.48 34.15
N ILE A 322 9.59 6.51 33.59
CA ILE A 322 10.60 6.85 32.59
C ILE A 322 9.96 7.41 31.34
N ALA A 323 8.85 6.80 30.89
CA ALA A 323 8.15 7.27 29.70
C ALA A 323 7.55 8.66 29.93
N GLN A 324 7.08 8.93 31.15
CA GLN A 324 6.58 10.26 31.48
C GLN A 324 7.69 11.30 31.42
N ASN A 325 8.89 10.93 31.87
CA ASN A 325 10.01 11.86 31.94
C ASN A 325 10.54 12.26 30.57
N THR A 326 10.11 11.61 29.49
CA THR A 326 10.55 11.95 28.15
C THR A 326 10.09 13.36 27.78
N ALA A 327 11.06 14.23 27.51
CA ALA A 327 10.78 15.62 27.17
C ALA A 327 10.49 15.73 25.67
N TRP A 328 9.34 16.32 25.35
CA TRP A 328 8.92 16.54 23.98
C TRP A 328 8.86 18.03 23.69
N LYS A 329 8.93 18.38 22.42
CA LYS A 329 8.73 19.75 21.98
C LYS A 329 8.03 19.75 20.62
N ILE A 330 7.39 20.86 20.31
CA ILE A 330 6.67 20.99 19.04
C ILE A 330 7.69 21.26 17.93
N ASN A 331 7.59 20.49 16.85
CA ASN A 331 8.39 20.75 15.66
C ASN A 331 7.85 22.01 14.99
N LYS A 332 8.60 23.11 15.14
CA LYS A 332 8.16 24.39 14.59
C LYS A 332 8.17 24.38 13.07
N LYS A 333 9.13 23.68 12.46
CA LYS A 333 9.29 23.70 11.01
C LYS A 333 8.11 23.05 10.31
N VAL A 334 7.65 21.89 10.79
CA VAL A 334 6.48 21.27 10.18
C VAL A 334 5.19 21.98 10.60
N LEU A 335 5.20 22.69 11.74
CA LEU A 335 4.03 23.47 12.13
C LEU A 335 3.85 24.67 11.21
N ALA A 336 4.95 25.27 10.75
CA ALA A 336 4.86 26.36 9.77
C ALA A 336 4.25 25.86 8.47
N VAL A 337 4.60 24.64 8.06
CA VAL A 337 4.02 24.07 6.85
C VAL A 337 2.55 23.72 7.07
N ALA A 338 2.24 23.09 8.21
CA ALA A 338 0.88 22.63 8.46
C ALA A 338 -0.08 23.78 8.67
N ASN A 339 0.39 24.89 9.24
CA ASN A 339 -0.49 26.02 9.50
C ASN A 339 -0.99 26.68 8.21
N VAL A 340 -0.30 26.50 7.09
CA VAL A 340 -0.69 27.18 5.86
C VAL A 340 -1.43 26.22 4.92
N ILE A 341 -1.09 24.92 4.97
CA ILE A 341 -1.70 23.98 4.03
C ILE A 341 -3.13 23.67 4.43
N THR A 342 -3.38 23.52 5.74
CA THR A 342 -4.73 23.21 6.23
C THR A 342 -5.73 24.33 5.96
N LYS A 343 -5.25 25.56 5.75
CA LYS A 343 -6.15 26.63 5.34
C LYS A 343 -6.64 26.42 3.91
N TRP A 344 -5.86 25.73 3.08
CA TRP A 344 -6.18 25.58 1.66
C TRP A 344 -6.89 24.27 1.33
N LYS A 345 -6.60 23.19 2.04
CA LYS A 345 -7.22 21.91 1.79
C LYS A 345 -7.86 21.38 3.06
N HIS A 346 -8.98 20.67 2.90
CA HIS A 346 -9.64 20.07 4.05
C HIS A 346 -8.76 19.00 4.70
N CYS A 347 -8.10 18.18 3.88
CA CYS A 347 -7.02 17.34 4.33
C CYS A 347 -5.75 17.71 3.56
N PRO A 348 -4.63 17.92 4.25
CA PRO A 348 -3.41 18.39 3.56
C PRO A 348 -2.86 17.44 2.51
N VAL A 349 -3.18 16.15 2.60
CA VAL A 349 -2.49 15.11 1.85
C VAL A 349 -3.42 14.38 0.88
N GLU A 350 -4.73 14.61 0.98
CA GLU A 350 -5.69 13.74 0.31
C GLU A 350 -5.69 13.91 -1.21
N ASP A 351 -5.70 15.16 -1.69
CA ASP A 351 -5.78 15.43 -3.13
C ASP A 351 -4.62 16.31 -3.57
N ILE A 352 -3.60 15.70 -4.16
CA ILE A 352 -2.47 16.41 -4.76
C ILE A 352 -2.48 16.09 -6.26
N PRO A 353 -2.43 17.08 -7.14
CA PRO A 353 -2.29 16.80 -8.57
C PRO A 353 -0.97 16.10 -8.87
N ALA A 354 -1.06 14.91 -9.45
CA ALA A 354 0.11 14.12 -9.80
C ALA A 354 -0.11 13.49 -11.18
N ILE A 355 0.99 13.16 -11.83
CA ILE A 355 0.95 12.55 -13.15
C ILE A 355 0.52 11.09 -13.05
N GLU A 372 -28.37 -5.98 -10.54
CA GLU A 372 -27.66 -5.54 -9.36
C GLU A 372 -27.26 -4.07 -9.46
N ALA A 373 -27.64 -3.45 -10.59
CA ALA A 373 -27.43 -2.01 -10.74
C ALA A 373 -28.29 -1.22 -9.77
N LEU A 374 -29.45 -1.77 -9.39
CA LEU A 374 -30.24 -1.19 -8.32
C LEU A 374 -29.47 -1.19 -7.00
N THR A 375 -28.84 -2.33 -6.68
CA THR A 375 -28.13 -2.45 -5.40
C THR A 375 -26.78 -1.75 -5.42
N ALA A 376 -26.07 -1.81 -6.55
CA ALA A 376 -24.74 -1.19 -6.62
C ALA A 376 -24.84 0.33 -6.59
N TRP A 377 -25.95 0.89 -7.07
CA TRP A 377 -26.15 2.34 -6.98
C TRP A 377 -26.47 2.77 -5.56
N LYS A 378 -27.20 1.93 -4.80
CA LYS A 378 -27.39 2.19 -3.38
C LYS A 378 -26.07 2.13 -2.63
N ARG A 379 -25.22 1.16 -2.99
CA ARG A 379 -23.92 1.02 -2.33
C ARG A 379 -23.01 2.21 -2.63
N ALA A 380 -23.09 2.75 -3.85
CA ALA A 380 -22.33 3.94 -4.18
C ALA A 380 -22.85 5.16 -3.41
N ALA A 381 -24.17 5.25 -3.25
CA ALA A 381 -24.75 6.34 -2.47
C ALA A 381 -24.36 6.25 -1.00
N ALA A 382 -24.30 5.03 -0.46
CA ALA A 382 -23.88 4.84 0.93
C ALA A 382 -22.42 5.22 1.12
N ALA A 383 -21.59 5.02 0.10
CA ALA A 383 -20.19 5.41 0.20
C ALA A 383 -20.03 6.93 0.25
N VAL A 384 -20.80 7.66 -0.57
CA VAL A 384 -20.75 9.11 -0.56
C VAL A 384 -21.24 9.66 0.78
N TYR A 385 -22.33 9.07 1.30
CA TYR A 385 -22.84 9.45 2.62
C TYR A 385 -21.82 9.18 3.71
N ARG A 386 -21.14 8.02 3.65
CA ARG A 386 -20.11 7.71 4.64
C ARG A 386 -18.88 8.59 4.44
N LYS A 387 -18.52 8.89 3.19
CA LYS A 387 -17.38 9.76 2.94
C LYS A 387 -17.63 11.18 3.44
N ASP A 388 -18.87 11.66 3.34
CA ASP A 388 -19.19 13.03 3.77
C ASP A 388 -19.03 13.20 5.27
N LYS A 389 -19.54 12.25 6.07
CA LYS A 389 -19.37 12.33 7.50
C LYS A 389 -17.92 12.03 7.91
N ALA A 390 -17.22 11.20 7.12
CA ALA A 390 -15.82 10.94 7.37
C ALA A 390 -14.97 12.20 7.20
N ARG A 391 -15.33 13.03 6.22
CA ARG A 391 -14.61 14.27 5.97
C ARG A 391 -14.72 15.24 7.13
N LYS A 392 -15.94 15.48 7.60
CA LYS A 392 -16.15 16.42 8.69
C LYS A 392 -15.59 15.90 10.00
N SER A 393 -15.62 14.58 10.21
CA SER A 393 -15.06 14.01 11.43
C SER A 393 -13.53 14.03 11.41
N ARG A 394 -12.93 13.82 10.23
CA ARG A 394 -11.47 13.89 10.14
C ARG A 394 -10.97 15.31 10.33
N ARG A 395 -11.72 16.29 9.84
CA ARG A 395 -11.27 17.68 9.89
C ARG A 395 -11.27 18.23 11.31
N ILE A 396 -12.34 17.95 12.08
CA ILE A 396 -12.46 18.54 13.42
C ILE A 396 -11.37 18.02 14.34
N SER A 397 -10.92 16.77 14.14
CA SER A 397 -9.76 16.29 14.88
C SER A 397 -8.51 17.05 14.48
N LEU A 398 -8.37 17.39 13.19
CA LEU A 398 -7.19 18.12 12.72
C LEU A 398 -7.12 19.52 13.31
N GLU A 399 -8.25 20.23 13.36
CA GLU A 399 -8.24 21.59 13.89
C GLU A 399 -7.90 21.62 15.38
N PHE A 400 -8.27 20.58 16.12
CA PHE A 400 -7.93 20.54 17.54
C PHE A 400 -6.43 20.28 17.74
N MET A 401 -5.88 19.34 16.97
CA MET A 401 -4.46 19.03 17.08
C MET A 401 -3.59 20.22 16.69
N LEU A 402 -3.99 20.95 15.65
CA LEU A 402 -3.24 22.12 15.23
C LEU A 402 -3.28 23.23 16.27
N GLU A 403 -4.45 23.45 16.89
CA GLU A 403 -4.55 24.49 17.90
C GLU A 403 -3.80 24.10 19.18
N GLN A 404 -3.68 22.80 19.46
CA GLN A 404 -2.86 22.37 20.59
C GLN A 404 -1.38 22.52 20.29
N ALA A 405 -0.96 22.16 19.07
CA ALA A 405 0.43 22.31 18.68
C ALA A 405 0.83 23.77 18.61
N ASN A 406 -0.08 24.64 18.14
CA ASN A 406 0.19 26.07 18.14
C ASN A 406 0.24 26.62 19.56
N LYS A 407 -0.58 26.07 20.46
CA LYS A 407 -0.60 26.55 21.84
C LYS A 407 0.71 26.27 22.56
N PHE A 408 1.25 25.06 22.39
CA PHE A 408 2.47 24.65 23.08
C PHE A 408 3.71 24.79 22.22
N ALA A 409 3.62 25.53 21.11
CA ALA A 409 4.76 25.68 20.21
C ALA A 409 5.92 26.39 20.88
N ASN A 410 5.64 27.51 21.55
CA ASN A 410 6.70 28.36 22.09
C ASN A 410 7.36 27.79 23.33
N HIS A 411 6.82 26.72 23.92
CA HIS A 411 7.40 26.16 25.13
C HIS A 411 8.69 25.40 24.80
N LYS A 412 9.68 25.52 25.69
CA LYS A 412 10.96 24.86 25.47
C LYS A 412 10.84 23.34 25.58
N ALA A 413 9.87 22.85 26.35
CA ALA A 413 9.63 21.43 26.48
C ALA A 413 8.23 21.22 27.05
N ILE A 414 7.60 20.12 26.63
CA ILE A 414 6.33 19.69 27.17
C ILE A 414 6.45 18.21 27.52
N TRP A 415 5.53 17.74 28.35
CA TRP A 415 5.54 16.37 28.84
C TRP A 415 4.15 15.77 28.75
N PHE A 416 4.09 14.44 28.70
CA PHE A 416 2.84 13.71 28.61
C PHE A 416 2.75 12.70 29.75
N PRO A 417 1.70 12.73 30.55
CA PRO A 417 1.49 11.66 31.53
C PRO A 417 1.11 10.36 30.83
N TYR A 418 1.39 9.25 31.51
CA TYR A 418 1.10 7.92 30.97
C TYR A 418 0.41 7.07 32.02
N ASN A 419 -0.55 6.25 31.56
CA ASN A 419 -1.13 5.19 32.38
C ASN A 419 -1.33 3.98 31.48
N MET A 420 -2.10 3.00 31.97
CA MET A 420 -2.21 1.71 31.30
C MET A 420 -3.67 1.29 31.21
N ASP A 421 -3.98 0.47 30.19
CA ASP A 421 -5.27 -0.19 30.15
C ASP A 421 -5.23 -1.44 31.03
N TRP A 422 -6.36 -2.17 31.09
CA TRP A 422 -6.42 -3.32 31.98
C TRP A 422 -5.57 -4.49 31.50
N ARG A 423 -5.09 -4.47 30.26
CA ARG A 423 -4.13 -5.45 29.80
C ARG A 423 -2.69 -5.02 30.02
N GLY A 424 -2.44 -3.74 30.29
CA GLY A 424 -1.10 -3.27 30.57
C GLY A 424 -0.44 -2.48 29.46
N ARG A 425 -1.07 -2.35 28.30
CA ARG A 425 -0.56 -1.45 27.28
C ARG A 425 -0.59 -0.02 27.81
N VAL A 426 0.44 0.75 27.48
CA VAL A 426 0.62 2.08 28.06
C VAL A 426 0.19 3.12 27.03
N TYR A 427 -0.52 4.15 27.51
CA TYR A 427 -1.10 5.19 26.67
C TYR A 427 -0.80 6.54 27.29
N ALA A 428 -0.70 7.56 26.45
CA ALA A 428 -0.59 8.93 26.95
C ALA A 428 -1.98 9.49 27.27
N VAL A 429 -2.03 10.34 28.27
CA VAL A 429 -3.32 10.80 28.79
C VAL A 429 -3.83 12.04 28.09
N SER A 430 -2.95 12.94 27.65
CA SER A 430 -3.37 14.18 27.02
C SER A 430 -4.04 13.89 25.67
N MET A 431 -5.06 14.68 25.35
CA MET A 431 -5.81 14.46 24.12
C MET A 431 -4.96 14.71 22.88
N PHE A 432 -4.01 15.64 22.98
CA PHE A 432 -2.95 15.81 22.00
C PHE A 432 -1.72 15.10 22.55
N ASN A 433 -1.21 14.10 21.83
CA ASN A 433 -0.22 13.19 22.40
C ASN A 433 0.49 12.46 21.26
N PRO A 434 1.71 11.97 21.49
CA PRO A 434 2.51 11.42 20.37
C PRO A 434 2.04 10.07 19.85
N GLN A 435 1.01 9.45 20.42
CA GLN A 435 0.44 8.23 19.85
C GLN A 435 -0.73 8.52 18.91
N GLY A 436 -0.75 9.69 18.28
CA GLY A 436 -1.82 10.07 17.39
C GLY A 436 -1.52 9.73 15.95
N ASN A 437 -2.18 10.46 15.03
CA ASN A 437 -2.05 10.19 13.61
C ASN A 437 -0.74 10.80 13.08
N ASP A 438 -0.55 10.75 11.76
CA ASP A 438 0.72 11.12 11.15
C ASP A 438 1.03 12.60 11.34
N MET A 439 0.04 13.46 11.19
CA MET A 439 0.27 14.89 11.39
C MET A 439 0.62 15.20 12.84
N THR A 440 -0.08 14.59 13.79
CA THR A 440 0.22 14.81 15.20
C THR A 440 1.61 14.28 15.56
N LYS A 441 1.97 13.11 15.02
CA LYS A 441 3.31 12.58 15.21
C LYS A 441 4.34 13.49 14.56
N GLY A 442 4.03 14.03 13.38
CA GLY A 442 4.94 14.94 12.73
C GLY A 442 5.16 16.23 13.49
N LEU A 443 4.09 16.74 14.11
CA LEU A 443 4.18 17.97 14.90
C LEU A 443 4.96 17.80 16.18
N LEU A 444 5.27 16.57 16.59
CA LEU A 444 5.93 16.30 17.85
C LEU A 444 7.34 15.76 17.61
N THR A 445 8.27 16.25 18.42
CA THR A 445 9.64 15.75 18.40
C THR A 445 10.19 15.82 19.82
N LEU A 446 11.26 15.07 20.06
CA LEU A 446 11.88 15.07 21.38
C LEU A 446 12.60 16.39 21.62
N ALA A 447 12.77 16.73 22.89
CA ALA A 447 13.36 18.02 23.25
C ALA A 447 14.86 17.92 23.48
N LYS A 448 15.32 16.81 24.07
CA LYS A 448 16.72 16.66 24.47
C LYS A 448 17.43 15.80 23.43
N GLY A 449 18.12 16.44 22.50
CA GLY A 449 18.88 15.75 21.49
C GLY A 449 20.38 15.76 21.77
N LYS A 450 21.09 14.94 21.00
CA LYS A 450 22.52 14.78 21.09
C LYS A 450 23.11 14.92 19.68
N PRO A 451 24.41 15.18 19.55
CA PRO A 451 25.04 15.14 18.22
C PRO A 451 24.83 13.79 17.56
N ILE A 452 24.51 13.83 16.27
CA ILE A 452 23.92 12.68 15.60
C ILE A 452 24.95 11.57 15.39
N GLY A 453 26.18 11.91 15.04
CA GLY A 453 27.20 10.92 14.78
C GLY A 453 26.96 10.17 13.47
N LYS A 454 27.88 9.25 13.18
CA LYS A 454 27.76 8.43 11.98
C LYS A 454 26.61 7.43 12.11
N GLU A 455 26.50 6.78 13.27
CA GLU A 455 25.46 5.76 13.46
C GLU A 455 24.07 6.39 13.49
N GLY A 456 23.93 7.57 14.11
CA GLY A 456 22.64 8.23 14.13
C GLY A 456 22.21 8.69 12.75
N TYR A 457 23.15 9.14 11.93
CA TYR A 457 22.85 9.53 10.56
C TYR A 457 22.36 8.34 9.75
N TYR A 458 22.95 7.16 9.99
CA TYR A 458 22.51 5.94 9.32
C TYR A 458 21.06 5.61 9.66
N TRP A 459 20.70 5.67 10.94
CA TRP A 459 19.34 5.34 11.34
C TRP A 459 18.36 6.46 10.99
N LEU A 460 18.84 7.70 10.87
CA LEU A 460 17.98 8.78 10.41
C LEU A 460 17.52 8.54 8.98
N LYS A 461 18.42 8.03 8.13
CA LYS A 461 18.04 7.69 6.76
C LYS A 461 17.13 6.47 6.72
N ILE A 462 17.38 5.49 7.61
CA ILE A 462 16.51 4.32 7.69
C ILE A 462 15.10 4.73 8.11
N HIS A 463 15.00 5.61 9.10
CA HIS A 463 13.70 6.15 9.52
C HIS A 463 13.05 6.94 8.40
N GLY A 464 13.85 7.71 7.64
CA GLY A 464 13.30 8.42 6.49
C GLY A 464 12.79 7.49 5.42
N ALA A 465 13.49 6.37 5.19
CA ALA A 465 13.03 5.39 4.22
C ALA A 465 11.73 4.72 4.67
N ASN A 466 11.59 4.49 5.99
CA ASN A 466 10.37 3.86 6.49
C ASN A 466 9.17 4.80 6.35
N CYS A 467 9.40 6.11 6.51
CA CYS A 467 8.32 7.08 6.33
C CYS A 467 7.84 7.13 4.89
N ALA A 468 8.67 6.73 3.94
CA ALA A 468 8.31 6.74 2.52
C ALA A 468 7.61 5.47 2.07
N GLY A 469 7.54 4.44 2.92
CA GLY A 469 6.98 3.17 2.50
C GLY A 469 7.99 2.22 1.91
N VAL A 470 9.26 2.34 2.28
CA VAL A 470 10.33 1.51 1.74
C VAL A 470 10.78 0.58 2.86
N ASP A 471 9.82 0.17 3.68
CA ASP A 471 10.07 -0.72 4.81
C ASP A 471 10.17 -2.19 4.43
N LYS A 472 9.81 -2.56 3.20
CA LYS A 472 9.77 -3.95 2.77
C LYS A 472 11.09 -4.43 2.18
N VAL A 473 12.13 -3.61 2.23
CA VAL A 473 13.38 -3.87 1.52
C VAL A 473 14.50 -3.85 2.56
N PRO A 474 15.63 -4.53 2.35
CA PRO A 474 16.70 -4.53 3.37
C PRO A 474 17.28 -3.15 3.62
N PHE A 475 18.09 -3.08 4.68
CA PHE A 475 18.69 -1.81 5.11
C PHE A 475 19.56 -1.14 4.07
N PRO A 476 20.50 -1.82 3.36
CA PRO A 476 21.28 -1.10 2.34
C PRO A 476 20.44 -0.53 1.21
N GLU A 477 19.37 -1.21 0.82
CA GLU A 477 18.48 -0.66 -0.20
C GLU A 477 17.69 0.53 0.34
N ARG A 478 17.41 0.55 1.64
CA ARG A 478 16.79 1.73 2.25
C ARG A 478 17.74 2.93 2.22
N ILE A 479 19.02 2.70 2.50
CA ILE A 479 20.00 3.78 2.45
C ILE A 479 20.17 4.29 1.03
N LYS A 480 20.21 3.37 0.05
CA LYS A 480 20.34 3.77 -1.34
C LYS A 480 19.13 4.54 -1.83
N PHE A 481 17.94 4.24 -1.30
CA PHE A 481 16.74 5.00 -1.67
C PHE A 481 16.87 6.45 -1.21
N ILE A 482 17.41 6.67 -0.02
CA ILE A 482 17.56 8.02 0.50
C ILE A 482 18.60 8.80 -0.31
N GLU A 483 19.75 8.16 -0.58
CA GLU A 483 20.83 8.85 -1.28
C GLU A 483 20.49 9.11 -2.75
N GLU A 484 19.72 8.20 -3.38
CA GLU A 484 19.27 8.45 -4.74
C GLU A 484 18.34 9.66 -4.80
N ASN A 485 17.42 9.77 -3.83
CA ASN A 485 16.47 10.86 -3.76
C ASN A 485 17.00 12.03 -2.93
N HIS A 486 18.32 12.21 -2.88
CA HIS A 486 18.91 13.24 -2.03
C HIS A 486 18.46 14.64 -2.45
N GLU A 487 18.45 14.92 -3.76
CA GLU A 487 18.09 16.25 -4.25
C GLU A 487 16.62 16.57 -4.00
N ASN A 488 15.75 15.55 -4.03
CA ASN A 488 14.35 15.77 -3.74
C ASN A 488 14.13 16.10 -2.26
N ILE A 489 14.91 15.48 -1.38
CA ILE A 489 14.76 15.71 0.05
C ILE A 489 15.16 17.13 0.42
N MET A 490 16.29 17.61 -0.10
CA MET A 490 16.75 18.96 0.22
C MET A 490 15.86 20.03 -0.43
N ALA A 491 15.29 19.73 -1.61
CA ALA A 491 14.34 20.65 -2.22
C ALA A 491 13.09 20.79 -1.37
N CYS A 492 12.60 19.67 -0.81
CA CYS A 492 11.44 19.72 0.08
C CYS A 492 11.78 20.42 1.39
N ALA A 493 13.00 20.23 1.89
CA ALA A 493 13.39 20.88 3.14
C ALA A 493 13.53 22.39 2.96
N LYS A 494 14.12 22.82 1.84
CA LYS A 494 14.32 24.25 1.61
C LYS A 494 12.98 24.98 1.45
N SER A 495 12.08 24.42 0.66
CA SER A 495 10.74 25.00 0.49
C SER A 495 9.73 23.86 0.38
N PRO A 496 9.08 23.50 1.50
CA PRO A 496 8.07 22.43 1.45
C PRO A 496 6.85 22.78 0.62
N LEU A 497 6.49 24.05 0.53
CA LEU A 497 5.31 24.43 -0.24
C LEU A 497 5.57 24.38 -1.74
N GLU A 498 6.81 24.61 -2.16
CA GLU A 498 7.14 24.60 -3.58
C GLU A 498 7.28 23.19 -4.15
N ASN A 499 7.62 22.22 -3.32
CA ASN A 499 7.81 20.84 -3.78
C ASN A 499 6.91 19.93 -2.96
N THR A 500 5.85 19.43 -3.60
CA THR A 500 4.86 18.56 -2.97
C THR A 500 5.29 17.10 -2.93
N TRP A 501 6.58 16.81 -3.14
CA TRP A 501 7.03 15.43 -3.16
C TRP A 501 6.86 14.77 -1.80
N TRP A 502 7.16 15.50 -0.72
CA TRP A 502 7.06 14.92 0.63
C TRP A 502 5.62 14.56 0.99
N ALA A 503 4.64 15.27 0.43
CA ALA A 503 3.24 14.99 0.74
C ALA A 503 2.74 13.73 0.06
N GLU A 504 3.37 13.28 -1.02
CA GLU A 504 2.97 12.07 -1.72
C GLU A 504 3.42 10.81 -1.01
N GLN A 505 4.19 10.92 0.07
CA GLN A 505 4.78 9.78 0.74
C GLN A 505 3.77 9.09 1.67
N ASP A 506 4.18 7.92 2.18
CA ASP A 506 3.31 7.10 3.00
C ASP A 506 2.99 7.77 4.34
N SER A 507 4.00 8.38 4.97
CA SER A 507 3.86 9.11 6.22
C SER A 507 4.37 10.51 5.98
N PRO A 508 3.56 11.37 5.35
CA PRO A 508 4.08 12.61 4.75
C PRO A 508 4.63 13.64 5.73
N PHE A 509 3.89 13.96 6.78
CA PHE A 509 4.36 14.94 7.75
C PHE A 509 5.56 14.41 8.53
N CYS A 510 5.56 13.11 8.84
CA CYS A 510 6.73 12.50 9.46
C CYS A 510 7.90 12.43 8.50
N PHE A 511 7.63 12.22 7.20
CA PHE A 511 8.70 12.27 6.21
C PHE A 511 9.27 13.68 6.07
N LEU A 512 8.40 14.70 6.14
CA LEU A 512 8.86 16.08 6.08
C LEU A 512 9.73 16.42 7.28
N ALA A 513 9.40 15.87 8.45
CA ALA A 513 10.23 16.07 9.63
C ALA A 513 11.60 15.46 9.45
N PHE A 514 11.68 14.30 8.77
CA PHE A 514 12.98 13.73 8.45
C PHE A 514 13.76 14.61 7.48
N CYS A 515 13.06 15.24 6.53
CA CYS A 515 13.72 16.07 5.53
C CYS A 515 14.41 17.27 6.16
N PHE A 516 13.77 17.88 7.16
CA PHE A 516 14.40 19.00 7.87
C PHE A 516 15.64 18.53 8.63
N GLU A 517 15.57 17.37 9.27
CA GLU A 517 16.72 16.84 9.98
C GLU A 517 17.81 16.39 9.01
N TYR A 518 17.42 15.83 7.87
CA TYR A 518 18.39 15.42 6.85
C TYR A 518 19.14 16.63 6.30
N ALA A 519 18.43 17.75 6.08
CA ALA A 519 19.07 18.95 5.57
C ALA A 519 20.05 19.54 6.58
N GLY A 520 19.70 19.50 7.86
CA GLY A 520 20.58 20.05 8.88
C GLY A 520 21.89 19.30 9.01
N VAL A 521 21.85 17.98 8.82
CA VAL A 521 23.09 17.20 8.79
C VAL A 521 23.93 17.59 7.58
N GLN A 522 23.30 17.80 6.44
CA GLN A 522 24.02 18.25 5.25
C GLN A 522 24.62 19.63 5.44
N HIS A 523 23.94 20.49 6.20
CA HIS A 523 24.43 21.85 6.42
C HIS A 523 25.48 21.90 7.53
N HIS A 524 25.30 21.13 8.61
CA HIS A 524 26.11 21.28 9.80
C HIS A 524 26.97 20.06 10.11
N GLY A 525 27.01 19.07 9.22
CA GLY A 525 27.86 17.92 9.43
C GLY A 525 27.31 16.96 10.47
N LEU A 526 28.17 16.02 10.87
CA LEU A 526 27.78 14.98 11.81
C LEU A 526 27.74 15.45 13.26
N SER A 527 28.19 16.68 13.54
CA SER A 527 28.06 17.25 14.88
C SER A 527 26.68 17.86 15.12
N TYR A 528 25.80 17.79 14.13
CA TYR A 528 24.48 18.38 14.23
C TYR A 528 23.65 17.70 15.32
N ASN A 529 23.06 18.52 16.20
CA ASN A 529 22.22 18.01 17.27
C ASN A 529 20.85 17.67 16.69
N CYS A 530 20.46 16.41 16.78
CA CYS A 530 19.19 15.93 16.27
C CYS A 530 18.39 15.30 17.40
N SER A 531 17.10 15.64 17.46
CA SER A 531 16.20 15.11 18.49
C SER A 531 14.95 14.51 17.86
N LEU A 532 15.05 14.04 16.62
CA LEU A 532 13.93 13.39 15.97
C LEU A 532 13.72 12.00 16.58
N PRO A 533 12.47 11.58 16.79
CA PRO A 533 12.21 10.21 17.26
C PRO A 533 12.29 9.23 16.10
N LEU A 534 13.21 8.28 16.19
CA LEU A 534 13.41 7.27 15.16
C LEU A 534 12.71 5.99 15.59
N ALA A 535 11.60 5.67 14.93
CA ALA A 535 10.69 4.63 15.38
C ALA A 535 11.07 3.27 14.78
N PHE A 536 11.18 2.27 15.65
CA PHE A 536 11.31 0.87 15.25
C PHE A 536 10.00 0.17 15.58
N ASP A 537 9.32 -0.34 14.54
CA ASP A 537 7.99 -0.94 14.69
C ASP A 537 8.07 -2.43 14.37
N GLY A 538 7.63 -3.25 15.31
CA GLY A 538 7.57 -4.68 15.06
C GLY A 538 6.59 -5.02 13.95
N SER A 539 6.92 -6.07 13.20
CA SER A 539 6.16 -6.40 11.98
C SER A 539 4.75 -6.84 12.32
N CYS A 540 4.61 -7.96 13.04
CA CYS A 540 3.31 -8.46 13.51
C CYS A 540 3.57 -9.02 14.91
N SER A 541 3.38 -8.17 15.93
CA SER A 541 3.90 -8.48 17.25
C SER A 541 3.12 -9.61 17.92
N GLY A 542 1.81 -9.67 17.69
CA GLY A 542 1.01 -10.74 18.28
C GLY A 542 1.48 -12.11 17.84
N ILE A 543 1.73 -12.27 16.54
CA ILE A 543 2.35 -13.51 16.06
C ILE A 543 3.80 -13.61 16.52
N GLN A 544 4.51 -12.48 16.55
CA GLN A 544 5.90 -12.46 17.01
C GLN A 544 6.02 -12.96 18.44
N HIS A 545 5.15 -12.48 19.32
CA HIS A 545 5.15 -12.97 20.69
C HIS A 545 4.74 -14.43 20.76
N PHE A 546 3.68 -14.80 20.01
CA PHE A 546 3.16 -16.17 20.07
C PHE A 546 4.18 -17.18 19.56
N SER A 547 4.92 -16.83 18.51
CA SER A 547 5.96 -17.72 18.01
C SER A 547 7.13 -17.83 18.98
N ALA A 548 7.34 -16.79 19.80
CA ALA A 548 8.41 -16.85 20.80
C ALA A 548 8.05 -17.78 21.96
N MET A 549 6.77 -17.81 22.36
CA MET A 549 6.36 -18.66 23.47
C MET A 549 6.49 -20.14 23.15
N LEU A 550 6.11 -20.54 21.93
CA LEU A 550 6.10 -21.95 21.56
C LEU A 550 7.23 -22.31 20.60
N ARG A 551 8.17 -21.39 20.37
CA ARG A 551 9.42 -21.65 19.64
C ARG A 551 9.15 -22.06 18.18
N ASP A 552 8.33 -21.27 17.49
CA ASP A 552 7.97 -21.57 16.11
C ASP A 552 9.04 -21.02 15.17
N GLU A 553 9.79 -21.92 14.55
CA GLU A 553 10.81 -21.51 13.57
C GLU A 553 10.17 -20.91 12.32
N VAL A 554 9.19 -21.64 11.74
CA VAL A 554 8.57 -21.20 10.50
C VAL A 554 7.75 -19.95 10.72
N GLY A 555 6.98 -19.92 11.82
CA GLY A 555 6.20 -18.73 12.13
C GLY A 555 7.07 -17.53 12.46
N GLY A 556 8.16 -17.76 13.20
CA GLY A 556 9.04 -16.65 13.56
C GLY A 556 9.74 -16.04 12.36
N ARG A 557 10.14 -16.88 11.40
CA ARG A 557 10.78 -16.36 10.19
C ARG A 557 9.81 -15.51 9.38
N ALA A 558 8.53 -15.90 9.35
CA ALA A 558 7.54 -15.14 8.59
C ALA A 558 7.30 -13.76 9.17
N VAL A 559 7.48 -13.59 10.47
CA VAL A 559 7.34 -12.29 11.11
C VAL A 559 8.69 -11.65 11.43
N ASN A 560 9.75 -12.08 10.72
CA ASN A 560 11.09 -11.53 10.79
C ASN A 560 11.73 -11.67 12.18
N LEU A 561 11.29 -12.65 12.97
CA LEU A 561 11.97 -12.93 14.24
C LEU A 561 13.36 -13.50 14.00
N LEU A 562 13.57 -14.20 12.85
CA LEU A 562 14.82 -14.80 12.43
C LEU A 562 15.61 -13.85 11.54
N PRO A 563 16.93 -13.89 11.61
CA PRO A 563 17.73 -13.19 10.60
C PRO A 563 17.47 -13.80 9.22
N SER A 564 16.97 -12.97 8.31
CA SER A 564 16.42 -13.44 7.06
C SER A 564 17.12 -12.79 5.87
N GLU A 565 16.78 -13.29 4.68
CA GLU A 565 17.31 -12.79 3.41
C GLU A 565 16.92 -11.33 3.20
N THR A 566 15.62 -11.10 3.06
CA THR A 566 15.02 -9.78 2.94
C THR A 566 14.04 -9.60 4.10
N VAL A 567 13.27 -8.52 4.05
CA VAL A 567 12.14 -8.40 4.96
C VAL A 567 11.08 -9.40 4.55
N GLN A 568 10.62 -10.22 5.50
CA GLN A 568 9.65 -11.26 5.22
C GLN A 568 8.25 -10.66 5.32
N ASP A 569 7.50 -10.77 4.22
CA ASP A 569 6.13 -10.28 4.14
C ASP A 569 5.20 -11.46 4.38
N ILE A 570 4.60 -11.51 5.57
CA ILE A 570 3.69 -12.60 5.91
C ILE A 570 2.46 -12.59 5.00
N TYR A 571 2.02 -11.40 4.58
CA TYR A 571 0.92 -11.31 3.62
C TYR A 571 1.31 -11.91 2.29
N GLY A 572 2.53 -11.65 1.83
CA GLY A 572 3.00 -12.25 0.59
C GLY A 572 3.21 -13.75 0.69
N ILE A 573 3.65 -14.22 1.86
CA ILE A 573 3.86 -15.65 2.06
C ILE A 573 2.55 -16.42 2.00
N VAL A 574 1.50 -15.88 2.65
CA VAL A 574 0.19 -16.51 2.60
C VAL A 574 -0.38 -16.44 1.19
N ALA A 575 -0.20 -15.31 0.50
CA ALA A 575 -0.66 -15.20 -0.87
C ALA A 575 0.09 -16.14 -1.79
N LYS A 576 1.39 -16.34 -1.54
CA LYS A 576 2.14 -17.33 -2.29
C LYS A 576 1.60 -18.74 -2.04
N LYS A 577 1.30 -19.07 -0.79
CA LYS A 577 0.73 -20.38 -0.48
C LYS A 577 -0.66 -20.53 -1.06
N VAL A 578 -1.44 -19.44 -1.07
CA VAL A 578 -2.76 -19.46 -1.70
C VAL A 578 -2.65 -19.70 -3.19
N ASN A 579 -1.68 -19.07 -3.85
CA ASN A 579 -1.51 -19.27 -5.28
C ASN A 579 -1.01 -20.67 -5.62
N GLU A 580 -0.38 -21.37 -4.67
CA GLU A 580 0.01 -22.75 -4.90
C GLU A 580 -1.21 -23.67 -4.95
N ILE A 581 -2.12 -23.54 -3.99
CA ILE A 581 -3.32 -24.37 -3.99
C ILE A 581 -4.28 -23.92 -5.10
N LEU A 582 -4.25 -22.63 -5.44
CA LEU A 582 -5.05 -22.12 -6.55
C LEU A 582 -4.68 -22.78 -7.87
N GLN A 583 -3.37 -22.90 -8.14
CA GLN A 583 -2.93 -23.55 -9.37
C GLN A 583 -3.17 -25.06 -9.32
N ALA A 584 -3.07 -25.66 -8.12
CA ALA A 584 -3.37 -27.08 -7.99
C ALA A 584 -4.86 -27.35 -8.17
N ASP A 585 -5.72 -26.45 -7.68
CA ASP A 585 -7.15 -26.64 -7.82
C ASP A 585 -7.62 -26.37 -9.24
N ALA A 586 -6.92 -25.52 -9.99
CA ALA A 586 -7.29 -25.27 -11.38
C ALA A 586 -7.05 -26.49 -12.26
N ILE A 587 -6.26 -27.45 -11.80
CA ILE A 587 -5.97 -28.66 -12.56
C ILE A 587 -6.79 -29.85 -12.05
N ASN A 588 -6.82 -30.06 -10.74
CA ASN A 588 -7.43 -31.25 -10.15
C ASN A 588 -8.60 -30.91 -9.22
N GLY A 589 -9.26 -29.79 -9.46
CA GLY A 589 -10.35 -29.38 -8.58
C GLY A 589 -11.68 -30.01 -8.92
N THR A 590 -12.65 -29.78 -8.03
CA THR A 590 -13.99 -30.31 -8.21
C THR A 590 -14.71 -29.59 -9.34
N ASP A 591 -15.58 -30.32 -10.03
CA ASP A 591 -16.41 -29.73 -11.07
C ASP A 591 -17.65 -29.10 -10.46
N ASN A 592 -18.35 -28.30 -11.28
CA ASN A 592 -19.55 -27.63 -10.81
C ASN A 592 -20.69 -28.62 -10.67
N GLU A 593 -21.54 -28.40 -9.66
CA GLU A 593 -22.70 -29.23 -9.41
C GLU A 593 -23.89 -28.33 -9.09
N VAL A 594 -25.09 -28.87 -9.31
CA VAL A 594 -26.33 -28.15 -9.08
C VAL A 594 -26.90 -28.58 -7.73
N VAL A 595 -27.24 -27.61 -6.89
CA VAL A 595 -27.74 -27.86 -5.55
C VAL A 595 -29.08 -27.15 -5.39
N THR A 596 -29.92 -27.70 -4.51
CA THR A 596 -31.24 -27.14 -4.22
C THR A 596 -31.22 -26.50 -2.84
N VAL A 597 -31.64 -25.23 -2.77
CA VAL A 597 -31.69 -24.49 -1.51
C VAL A 597 -32.94 -23.62 -1.54
N THR A 598 -33.49 -23.34 -0.36
CA THR A 598 -34.69 -22.54 -0.24
C THR A 598 -34.49 -21.41 0.74
N ASP A 599 -34.97 -20.22 0.37
CA ASP A 599 -35.16 -19.16 1.35
C ASP A 599 -36.26 -19.60 2.31
N GLU A 600 -36.04 -19.37 3.60
CA GLU A 600 -37.04 -19.75 4.59
C GLU A 600 -38.29 -18.90 4.49
N ASN A 601 -38.12 -17.62 4.15
CA ASN A 601 -39.26 -16.71 4.06
C ASN A 601 -40.12 -17.02 2.84
N THR A 602 -39.50 -17.15 1.67
CA THR A 602 -40.25 -17.48 0.47
C THR A 602 -40.77 -18.91 0.51
N GLY A 603 -40.01 -19.81 1.14
CA GLY A 603 -40.45 -21.19 1.27
C GLY A 603 -40.46 -21.98 -0.01
N GLU A 604 -39.71 -21.55 -1.02
CA GLU A 604 -39.71 -22.19 -2.33
C GLU A 604 -38.33 -22.75 -2.61
N ILE A 605 -38.29 -24.03 -2.98
CA ILE A 605 -37.04 -24.70 -3.32
C ILE A 605 -36.61 -24.24 -4.71
N SER A 606 -35.38 -23.76 -4.81
CA SER A 606 -34.82 -23.29 -6.08
C SER A 606 -33.52 -24.02 -6.36
N GLU A 607 -33.15 -24.09 -7.64
CA GLU A 607 -31.96 -24.78 -8.09
C GLU A 607 -30.94 -23.76 -8.58
N LYS A 608 -29.75 -23.79 -7.98
CA LYS A 608 -28.65 -22.90 -8.35
C LYS A 608 -27.38 -23.73 -8.47
N VAL A 609 -26.45 -23.25 -9.29
CA VAL A 609 -25.20 -23.96 -9.54
C VAL A 609 -24.23 -23.66 -8.40
N LYS A 610 -23.71 -24.71 -7.77
CA LYS A 610 -22.62 -24.58 -6.80
C LYS A 610 -21.31 -24.81 -7.54
N LEU A 611 -20.49 -23.77 -7.62
CA LEU A 611 -19.25 -23.85 -8.40
C LEU A 611 -18.24 -24.75 -7.69
N GLY A 612 -17.64 -25.65 -8.46
CA GLY A 612 -16.58 -26.48 -7.94
C GLY A 612 -15.29 -25.68 -7.76
N THR A 613 -14.34 -26.31 -7.09
CA THR A 613 -13.07 -25.63 -6.78
C THR A 613 -12.24 -25.36 -8.02
N LYS A 614 -12.43 -26.13 -9.10
CA LYS A 614 -11.71 -25.85 -10.34
C LYS A 614 -12.20 -24.55 -10.98
N ALA A 615 -13.53 -24.34 -10.99
CA ALA A 615 -14.07 -23.10 -11.53
C ALA A 615 -13.69 -21.91 -10.65
N LEU A 616 -13.76 -22.06 -9.33
CA LEU A 616 -13.44 -20.97 -8.42
C LEU A 616 -11.96 -20.60 -8.48
N ALA A 617 -11.08 -21.59 -8.68
CA ALA A 617 -9.66 -21.29 -8.85
C ALA A 617 -9.42 -20.49 -10.13
N GLY A 618 -10.13 -20.82 -11.21
CA GLY A 618 -10.01 -20.06 -12.43
C GLY A 618 -10.50 -18.63 -12.29
N GLN A 619 -11.52 -18.40 -11.46
CA GLN A 619 -11.96 -17.03 -11.19
C GLN A 619 -10.88 -16.23 -10.48
N TRP A 620 -10.24 -16.84 -9.48
CA TRP A 620 -9.28 -16.09 -8.67
C TRP A 620 -7.96 -15.88 -9.38
N LEU A 621 -7.53 -16.85 -10.20
CA LEU A 621 -6.32 -16.66 -11.00
C LEU A 621 -6.53 -15.59 -12.07
N ALA A 622 -7.75 -15.48 -12.60
CA ALA A 622 -8.04 -14.43 -13.56
C ALA A 622 -8.00 -13.06 -12.92
N TYR A 623 -8.44 -12.95 -11.65
CA TYR A 623 -8.38 -11.67 -10.96
C TYR A 623 -6.95 -11.32 -10.58
N GLY A 624 -6.17 -12.30 -10.12
CA GLY A 624 -4.83 -12.05 -9.66
C GLY A 624 -4.76 -11.85 -8.16
N VAL A 625 -4.22 -12.82 -7.44
CA VAL A 625 -4.20 -12.80 -5.99
C VAL A 625 -2.83 -12.33 -5.52
N THR A 626 -2.80 -11.20 -4.82
CA THR A 626 -1.57 -10.63 -4.28
C THR A 626 -1.67 -10.57 -2.76
N ARG A 627 -0.71 -9.89 -2.15
CA ARG A 627 -0.72 -9.69 -0.70
C ARG A 627 -1.93 -8.87 -0.24
N SER A 628 -2.54 -8.09 -1.14
CA SER A 628 -3.69 -7.27 -0.77
C SER A 628 -4.90 -8.12 -0.40
N VAL A 629 -5.08 -9.25 -1.08
CA VAL A 629 -6.21 -10.13 -0.79
C VAL A 629 -6.04 -10.77 0.60
N THR A 630 -4.81 -11.09 0.98
CA THR A 630 -4.53 -11.80 2.22
C THR A 630 -4.17 -10.88 3.38
N LYS A 631 -4.09 -9.57 3.15
CA LYS A 631 -3.49 -8.65 4.13
C LYS A 631 -4.33 -8.56 5.40
N ARG A 632 -5.59 -8.15 5.26
CA ARG A 632 -6.44 -7.91 6.43
C ARG A 632 -6.72 -9.18 7.22
N SER A 633 -6.72 -10.34 6.55
CA SER A 633 -7.00 -11.60 7.22
C SER A 633 -5.87 -11.98 8.18
N VAL A 634 -4.63 -11.68 7.81
CA VAL A 634 -3.49 -12.02 8.66
C VAL A 634 -3.46 -11.13 9.91
N MET A 635 -3.75 -9.84 9.75
CA MET A 635 -3.75 -8.93 10.89
C MET A 635 -4.80 -9.30 11.93
N THR A 636 -6.00 -9.65 11.47
CA THR A 636 -7.10 -9.95 12.38
C THR A 636 -6.97 -11.33 13.03
N LEU A 637 -5.96 -12.12 12.65
CA LEU A 637 -5.76 -13.43 13.25
C LEU A 637 -5.47 -13.32 14.74
N ALA A 638 -4.65 -12.33 15.12
CA ALA A 638 -4.35 -12.11 16.53
C ALA A 638 -5.57 -11.65 17.31
N TYR A 639 -6.57 -11.10 16.64
CA TYR A 639 -7.81 -10.68 17.29
C TYR A 639 -8.86 -11.78 17.33
N GLY A 640 -8.54 -12.97 16.82
CA GLY A 640 -9.44 -14.11 16.88
C GLY A 640 -10.15 -14.46 15.59
N SER A 641 -9.80 -13.83 14.47
CA SER A 641 -10.48 -14.12 13.22
C SER A 641 -10.11 -15.51 12.71
N LYS A 642 -11.07 -16.12 12.02
CA LYS A 642 -10.92 -17.47 11.50
C LYS A 642 -11.54 -17.48 10.09
N GLU A 643 -11.86 -18.68 9.59
CA GLU A 643 -12.29 -18.80 8.20
C GLU A 643 -13.58 -18.04 7.93
N PHE A 644 -14.55 -18.09 8.85
CA PHE A 644 -15.81 -17.38 8.63
C PHE A 644 -15.60 -15.87 8.55
N GLY A 645 -14.75 -15.33 9.43
CA GLY A 645 -14.48 -13.90 9.41
C GLY A 645 -13.76 -13.44 8.15
N PHE A 646 -12.94 -14.32 7.56
CA PHE A 646 -12.22 -13.95 6.35
C PHE A 646 -13.16 -13.81 5.17
N ARG A 647 -14.26 -14.57 5.15
CA ARG A 647 -15.21 -14.52 4.04
C ARG A 647 -15.85 -13.15 3.92
N GLN A 648 -16.25 -12.55 5.04
CA GLN A 648 -16.77 -11.19 5.02
C GLN A 648 -15.69 -10.20 4.59
N GLN A 649 -14.45 -10.42 5.03
CA GLN A 649 -13.36 -9.51 4.73
C GLN A 649 -13.04 -9.47 3.25
N VAL A 650 -12.70 -10.62 2.66
CA VAL A 650 -12.32 -10.66 1.25
C VAL A 650 -13.47 -10.29 0.32
N LEU A 651 -14.72 -10.39 0.79
CA LEU A 651 -15.84 -9.89 0.01
C LEU A 651 -15.83 -8.37 -0.05
N GLU A 652 -15.67 -7.70 1.10
CA GLU A 652 -15.71 -6.25 1.14
C GLU A 652 -14.38 -5.60 0.81
N ASP A 653 -13.26 -6.30 1.01
CA ASP A 653 -11.96 -5.71 0.71
C ASP A 653 -11.61 -5.86 -0.77
N THR A 654 -11.93 -7.01 -1.38
CA THR A 654 -11.43 -7.33 -2.70
C THR A 654 -12.53 -7.53 -3.74
N ILE A 655 -13.55 -8.34 -3.45
CA ILE A 655 -14.50 -8.73 -4.48
C ILE A 655 -15.44 -7.57 -4.82
N GLN A 656 -16.09 -7.01 -3.80
CA GLN A 656 -16.99 -5.88 -4.04
C GLN A 656 -16.31 -4.64 -4.62
N PRO A 657 -15.14 -4.19 -4.14
CA PRO A 657 -14.47 -3.08 -4.86
C PRO A 657 -14.09 -3.42 -6.29
N ALA A 658 -13.74 -4.68 -6.58
CA ALA A 658 -13.47 -5.07 -7.96
C ALA A 658 -14.73 -4.96 -8.82
N ILE A 659 -15.87 -5.41 -8.28
CA ILE A 659 -17.11 -5.44 -9.05
C ILE A 659 -17.55 -4.03 -9.43
N ASP A 660 -17.47 -3.10 -8.48
CA ASP A 660 -17.90 -1.73 -8.75
C ASP A 660 -16.96 -1.02 -9.73
N SER A 661 -15.70 -1.41 -9.79
CA SER A 661 -14.72 -0.73 -10.61
C SER A 661 -14.68 -1.23 -12.05
N GLY A 662 -15.56 -2.16 -12.42
CA GLY A 662 -15.56 -2.76 -13.73
C GLY A 662 -14.90 -4.12 -13.79
N LYS A 663 -14.15 -4.51 -12.76
CA LYS A 663 -13.58 -5.84 -12.72
C LYS A 663 -14.57 -6.71 -11.92
N GLY A 664 -14.16 -7.88 -11.46
CA GLY A 664 -15.11 -8.74 -10.80
C GLY A 664 -16.04 -9.50 -11.74
N LEU A 665 -15.80 -9.42 -13.05
CA LEU A 665 -16.59 -10.21 -13.98
C LEU A 665 -16.33 -11.71 -13.81
N MET A 666 -15.17 -12.08 -13.28
CA MET A 666 -14.92 -13.48 -12.97
C MET A 666 -15.80 -13.97 -11.82
N PHE A 667 -16.09 -13.09 -10.86
CA PHE A 667 -16.85 -13.46 -9.66
C PHE A 667 -18.33 -13.46 -10.01
N THR A 668 -18.76 -14.53 -10.70
CA THR A 668 -20.16 -14.67 -11.07
C THR A 668 -21.04 -14.86 -9.85
N GLN A 669 -20.60 -15.69 -8.89
CA GLN A 669 -21.24 -15.80 -7.59
C GLN A 669 -20.24 -15.32 -6.54
N PRO A 670 -20.42 -14.11 -6.00
CA PRO A 670 -19.37 -13.53 -5.14
C PRO A 670 -19.23 -14.22 -3.79
N ASN A 671 -20.33 -14.71 -3.20
CA ASN A 671 -20.24 -15.34 -1.90
C ASN A 671 -19.51 -16.68 -1.96
N GLN A 672 -19.71 -17.43 -3.05
CA GLN A 672 -18.99 -18.69 -3.22
C GLN A 672 -17.50 -18.45 -3.46
N ALA A 673 -17.16 -17.37 -4.16
CA ALA A 673 -15.74 -17.02 -4.31
C ALA A 673 -15.14 -16.57 -3.00
N ALA A 674 -15.89 -15.82 -2.19
CA ALA A 674 -15.38 -15.34 -0.91
C ALA A 674 -15.19 -16.47 0.09
N GLY A 675 -16.14 -17.40 0.14
CA GLY A 675 -15.99 -18.55 1.02
C GLY A 675 -14.85 -19.46 0.60
N TYR A 676 -14.66 -19.64 -0.71
CA TYR A 676 -13.52 -20.38 -1.21
C TYR A 676 -12.21 -19.68 -0.89
N MET A 677 -12.19 -18.34 -1.02
CA MET A 677 -11.03 -17.56 -0.63
C MET A 677 -10.72 -17.71 0.85
N ALA A 678 -11.76 -17.68 1.68
CA ALA A 678 -11.58 -17.75 3.13
C ALA A 678 -11.03 -19.10 3.56
N LYS A 679 -11.47 -20.18 2.90
CA LYS A 679 -10.92 -21.50 3.19
C LYS A 679 -9.44 -21.58 2.85
N LEU A 680 -9.05 -21.00 1.71
CA LEU A 680 -7.66 -21.08 1.27
C LEU A 680 -6.75 -20.23 2.14
N ILE A 681 -7.24 -19.06 2.59
CA ILE A 681 -6.45 -18.23 3.48
C ILE A 681 -6.25 -18.92 4.83
N TRP A 682 -7.31 -19.52 5.37
CA TRP A 682 -7.21 -20.19 6.67
C TRP A 682 -6.26 -21.38 6.62
N GLU A 683 -6.31 -22.16 5.53
CA GLU A 683 -5.38 -23.27 5.38
C GLU A 683 -3.95 -22.76 5.26
N SER A 684 -3.76 -21.62 4.60
CA SER A 684 -2.42 -21.07 4.42
C SER A 684 -1.86 -20.51 5.71
N VAL A 685 -2.67 -19.74 6.46
CA VAL A 685 -2.17 -19.10 7.67
C VAL A 685 -1.93 -20.13 8.78
N SER A 686 -2.75 -21.17 8.83
CA SER A 686 -2.62 -22.16 9.91
C SER A 686 -1.33 -22.95 9.78
N VAL A 687 -0.92 -23.26 8.55
CA VAL A 687 0.34 -23.97 8.34
C VAL A 687 1.54 -23.04 8.28
N THR A 688 1.33 -21.74 8.12
CA THR A 688 2.44 -20.80 8.14
C THR A 688 2.87 -20.48 9.56
N VAL A 689 1.91 -20.09 10.39
CA VAL A 689 2.18 -19.72 11.78
C VAL A 689 1.40 -20.70 12.66
N VAL A 690 2.03 -21.83 12.99
CA VAL A 690 1.30 -22.88 13.68
C VAL A 690 1.21 -22.61 15.18
N ALA A 691 2.19 -21.91 15.76
CA ALA A 691 2.18 -21.67 17.19
C ALA A 691 1.18 -20.61 17.57
N ALA A 692 0.94 -19.64 16.67
CA ALA A 692 -0.11 -18.66 16.92
C ALA A 692 -1.47 -19.35 17.02
N VAL A 693 -1.83 -20.17 16.02
CA VAL A 693 -3.13 -20.82 16.01
C VAL A 693 -3.29 -21.76 17.20
N GLU A 694 -2.24 -22.52 17.53
CA GLU A 694 -2.31 -23.47 18.62
C GLU A 694 -2.45 -22.77 19.97
N ALA A 695 -1.77 -21.64 20.16
CA ALA A 695 -1.79 -20.97 21.46
C ALA A 695 -3.13 -20.31 21.74
N MET A 696 -3.73 -19.66 20.73
CA MET A 696 -5.05 -19.07 20.92
C MET A 696 -6.13 -20.12 21.13
N ASN A 697 -5.93 -21.34 20.62
CA ASN A 697 -6.87 -22.41 20.93
C ASN A 697 -6.74 -22.85 22.38
N TRP A 698 -5.51 -22.94 22.89
CA TRP A 698 -5.31 -23.38 24.26
C TRP A 698 -5.79 -22.35 25.27
N LEU A 699 -5.58 -21.06 24.97
CA LEU A 699 -6.11 -20.01 25.83
C LEU A 699 -7.63 -19.96 25.79
N LYS A 700 -8.22 -20.16 24.61
CA LYS A 700 -9.67 -20.14 24.47
C LYS A 700 -10.31 -21.30 25.23
N SER A 701 -9.68 -22.48 25.17
CA SER A 701 -10.19 -23.62 25.93
C SER A 701 -10.06 -23.41 27.43
N ALA A 702 -9.03 -22.69 27.86
CA ALA A 702 -8.88 -22.36 29.27
C ALA A 702 -10.01 -21.46 29.76
N ALA A 703 -10.26 -20.36 29.04
CA ALA A 703 -11.34 -19.46 29.40
C ALA A 703 -12.70 -20.13 29.24
N LYS A 704 -12.82 -21.11 28.34
CA LYS A 704 -14.03 -21.90 28.23
C LYS A 704 -14.34 -22.63 29.53
N LEU A 705 -13.35 -23.30 30.09
CA LEU A 705 -13.57 -24.14 31.26
C LEU A 705 -13.82 -23.30 32.51
N LEU A 706 -13.16 -22.15 32.62
CA LEU A 706 -13.36 -21.31 33.80
C LEU A 706 -14.70 -20.58 33.76
N ALA A 707 -15.13 -20.15 32.57
CA ALA A 707 -16.36 -19.37 32.45
C ALA A 707 -17.63 -20.20 32.53
N ALA A 708 -17.54 -21.53 32.56
CA ALA A 708 -18.74 -22.33 32.70
C ALA A 708 -19.13 -22.48 34.16
N GLU A 709 -20.43 -22.48 34.44
CA GLU A 709 -20.94 -22.86 35.74
C GLU A 709 -21.21 -24.36 35.70
N VAL A 710 -20.54 -25.10 36.58
CA VAL A 710 -20.58 -26.56 36.55
C VAL A 710 -21.68 -27.03 37.49
N LYS A 711 -22.71 -27.66 36.93
CA LYS A 711 -23.79 -28.25 37.70
C LYS A 711 -23.93 -29.72 37.34
N ASP A 712 -24.15 -30.55 38.35
CA ASP A 712 -24.64 -31.89 38.09
C ASP A 712 -26.07 -31.79 37.62
N LYS A 713 -26.41 -32.55 36.58
CA LYS A 713 -27.70 -32.39 35.91
C LYS A 713 -28.85 -32.81 36.81
N LYS A 714 -28.65 -33.85 37.63
CA LYS A 714 -29.73 -34.32 38.50
C LYS A 714 -30.04 -33.31 39.60
N THR A 715 -29.03 -32.80 40.29
CA THR A 715 -29.28 -31.85 41.36
C THR A 715 -29.63 -30.46 40.84
N GLY A 716 -29.18 -30.11 39.63
CA GLY A 716 -29.38 -28.77 39.11
C GLY A 716 -28.68 -27.69 39.90
N GLU A 717 -27.70 -28.07 40.72
CA GLU A 717 -27.02 -27.18 41.65
C GLU A 717 -25.58 -27.02 41.23
N ILE A 718 -25.05 -25.82 41.44
CA ILE A 718 -23.69 -25.51 41.01
C ILE A 718 -22.68 -26.32 41.82
N LEU A 719 -21.65 -26.80 41.15
CA LEU A 719 -20.47 -27.36 41.79
C LEU A 719 -19.26 -26.46 41.65
N ARG A 720 -19.35 -25.46 40.76
CA ARG A 720 -18.28 -24.50 40.54
C ARG A 720 -18.92 -23.29 39.87
N LYS A 721 -18.85 -22.13 40.52
CA LYS A 721 -19.43 -20.93 39.95
C LYS A 721 -18.61 -20.46 38.74
N ARG A 722 -19.16 -19.50 38.02
CA ARG A 722 -18.47 -18.86 36.91
C ARG A 722 -17.20 -18.19 37.42
N CYS A 723 -16.06 -18.49 36.80
CA CYS A 723 -14.76 -18.05 37.27
C CYS A 723 -14.10 -17.14 36.24
N ALA A 724 -13.53 -16.04 36.72
CA ALA A 724 -12.79 -15.12 35.87
C ALA A 724 -11.42 -15.71 35.53
N VAL A 725 -10.73 -15.05 34.59
CA VAL A 725 -9.42 -15.48 34.12
C VAL A 725 -8.39 -14.43 34.55
N HIS A 726 -7.34 -14.88 35.22
CA HIS A 726 -6.30 -14.00 35.73
C HIS A 726 -4.92 -14.56 35.40
N TRP A 727 -4.03 -13.67 34.97
CA TRP A 727 -2.63 -14.01 34.80
C TRP A 727 -1.78 -12.82 35.21
N VAL A 728 -0.49 -13.09 35.43
CA VAL A 728 0.49 -12.05 35.69
C VAL A 728 1.54 -12.12 34.59
N THR A 729 2.03 -10.97 34.20
CA THR A 729 2.93 -10.85 33.08
C THR A 729 4.37 -10.93 33.60
N PRO A 730 5.35 -11.20 32.72
CA PRO A 730 6.75 -11.20 33.18
C PRO A 730 7.21 -9.91 33.84
N ASP A 731 6.59 -8.77 33.52
CA ASP A 731 6.92 -7.53 34.22
C ASP A 731 6.45 -7.54 35.67
N GLY A 732 5.38 -8.28 35.98
CA GLY A 732 4.78 -8.25 37.29
C GLY A 732 3.47 -7.50 37.38
N PHE A 733 2.93 -7.05 36.26
CA PHE A 733 1.63 -6.38 36.23
C PHE A 733 0.52 -7.42 36.21
N PRO A 734 -0.32 -7.50 37.24
CA PRO A 734 -1.42 -8.45 37.20
C PRO A 734 -2.53 -7.98 36.28
N VAL A 735 -3.27 -8.93 35.72
CA VAL A 735 -4.40 -8.62 34.87
C VAL A 735 -5.47 -9.69 35.08
N TRP A 736 -6.69 -9.23 35.34
CA TRP A 736 -7.86 -10.08 35.43
C TRP A 736 -8.70 -9.88 34.17
N GLN A 737 -9.46 -10.90 33.79
CA GLN A 737 -10.43 -10.77 32.70
C GLN A 737 -11.82 -11.03 33.28
N GLU A 738 -12.69 -10.04 33.16
CA GLU A 738 -13.89 -9.94 33.99
C GLU A 738 -15.09 -9.48 33.16
N TYR A 739 -15.19 -9.96 31.92
CA TYR A 739 -16.28 -9.58 31.01
C TYR A 739 -17.64 -9.96 31.59
N LYS A 740 -18.43 -8.96 31.96
CA LYS A 740 -19.73 -9.17 32.57
C LYS A 740 -20.82 -8.56 31.70
N LYS A 741 -22.02 -9.15 31.77
CA LYS A 741 -23.13 -8.70 30.95
C LYS A 741 -24.32 -8.31 31.80
N PRO A 742 -25.06 -7.27 31.42
CA PRO A 742 -26.30 -6.94 32.13
C PRO A 742 -27.38 -7.97 31.84
N ILE A 743 -28.32 -8.08 32.79
CA ILE A 743 -29.37 -9.09 32.68
C ILE A 743 -30.39 -8.68 31.63
N GLN A 744 -30.89 -7.45 31.70
CA GLN A 744 -31.96 -6.99 30.84
C GLN A 744 -31.58 -5.69 30.15
N THR A 745 -31.94 -5.59 28.88
CA THR A 745 -31.72 -4.39 28.07
C THR A 745 -32.89 -4.24 27.12
N ARG A 746 -33.22 -2.99 26.82
CA ARG A 746 -34.41 -2.66 26.05
C ARG A 746 -34.02 -1.68 24.96
N LEU A 747 -34.53 -1.92 23.75
CA LEU A 747 -34.13 -1.17 22.57
C LEU A 747 -35.38 -0.75 21.82
N ASN A 748 -35.41 0.50 21.38
CA ASN A 748 -36.49 1.02 20.58
C ASN A 748 -35.97 1.37 19.19
N LEU A 749 -36.88 1.40 18.22
CA LEU A 749 -36.47 1.58 16.83
C LEU A 749 -36.05 3.02 16.55
N MET A 750 -36.88 3.98 16.93
CA MET A 750 -36.59 5.39 16.67
C MET A 750 -36.01 6.11 17.88
N PHE A 751 -36.15 5.55 19.08
CA PHE A 751 -35.62 6.15 20.28
C PHE A 751 -34.44 5.31 20.78
N LEU A 752 -33.53 5.99 21.48
CA LEU A 752 -32.32 5.35 21.96
C LEU A 752 -32.65 4.33 23.06
N GLY A 753 -31.94 3.21 23.04
CA GLY A 753 -32.14 2.20 24.06
C GLY A 753 -31.28 2.46 25.29
N GLN A 754 -31.85 2.16 26.46
CA GLN A 754 -31.10 2.20 27.71
C GLN A 754 -31.14 0.86 28.41
N ASP A 766 -24.78 -8.47 41.92
CA ASP A 766 -24.04 -8.02 40.74
C ASP A 766 -24.64 -8.60 39.47
N SER A 767 -23.77 -8.92 38.51
CA SER A 767 -24.18 -9.49 37.24
C SER A 767 -23.27 -10.66 36.88
N GLU A 768 -23.75 -11.50 35.98
CA GLU A 768 -23.02 -12.72 35.62
C GLU A 768 -21.88 -12.42 34.67
N ILE A 769 -20.99 -13.40 34.53
CA ILE A 769 -19.87 -13.31 33.61
C ILE A 769 -20.32 -13.68 32.20
N ASP A 770 -19.88 -12.90 31.22
CA ASP A 770 -20.17 -13.17 29.81
C ASP A 770 -19.17 -14.21 29.32
N ALA A 771 -19.63 -15.46 29.21
CA ALA A 771 -18.73 -16.55 28.82
C ALA A 771 -18.24 -16.40 27.38
N HIS A 772 -19.08 -15.90 26.49
CA HIS A 772 -18.68 -15.72 25.10
C HIS A 772 -17.59 -14.66 24.97
N LYS A 773 -17.74 -13.54 25.69
CA LYS A 773 -16.73 -12.48 25.63
C LYS A 773 -15.42 -12.91 26.28
N GLN A 774 -15.48 -13.83 27.25
CA GLN A 774 -14.26 -14.31 27.89
C GLN A 774 -13.38 -15.08 26.93
N GLU A 775 -13.97 -15.82 25.99
CA GLU A 775 -13.20 -16.59 25.01
C GLU A 775 -12.79 -15.75 23.81
N SER A 776 -13.68 -14.87 23.34
CA SER A 776 -13.35 -14.00 22.22
C SER A 776 -12.25 -13.02 22.58
N GLY A 777 -12.02 -12.77 23.86
CA GLY A 777 -11.04 -11.78 24.27
C GLY A 777 -9.78 -12.31 24.92
N ILE A 778 -9.75 -13.58 25.34
CA ILE A 778 -8.64 -14.07 26.16
C ILE A 778 -7.34 -14.07 25.38
N ALA A 779 -7.35 -14.64 24.17
CA ALA A 779 -6.13 -14.69 23.36
C ALA A 779 -5.65 -13.31 22.91
N PRO A 780 -6.50 -12.40 22.37
CA PRO A 780 -5.96 -11.07 22.04
C PRO A 780 -5.46 -10.28 23.24
N ASN A 781 -6.11 -10.41 24.40
CA ASN A 781 -5.68 -9.66 25.56
C ASN A 781 -4.41 -10.22 26.18
N PHE A 782 -4.26 -11.55 26.16
CA PHE A 782 -3.07 -12.18 26.72
C PHE A 782 -1.82 -11.76 25.96
N VAL A 783 -1.88 -11.76 24.62
CA VAL A 783 -0.72 -11.36 23.84
C VAL A 783 -0.54 -9.85 23.84
N HIS A 784 -1.62 -9.08 24.04
CA HIS A 784 -1.48 -7.64 24.21
C HIS A 784 -0.84 -7.33 25.55
N SER A 785 -1.16 -8.12 26.57
CA SER A 785 -0.45 -8.00 27.84
C SER A 785 1.02 -8.39 27.71
N GLN A 786 1.34 -9.26 26.75
CA GLN A 786 2.73 -9.65 26.56
C GLN A 786 3.54 -8.55 25.89
N ASP A 787 2.95 -7.85 24.92
CA ASP A 787 3.70 -6.78 24.26
C ASP A 787 3.85 -5.56 25.16
N GLY A 788 2.88 -5.32 26.05
CA GLY A 788 2.99 -4.22 26.98
C GLY A 788 4.12 -4.40 27.96
N SER A 789 4.30 -5.62 28.47
CA SER A 789 5.45 -5.91 29.32
C SER A 789 6.75 -5.77 28.57
N HIS A 790 6.80 -6.28 27.33
CA HIS A 790 8.00 -6.15 26.52
C HIS A 790 8.33 -4.69 26.25
N LEU A 791 7.30 -3.87 26.01
CA LEU A 791 7.51 -2.44 25.86
C LEU A 791 8.06 -1.82 27.15
N ARG A 792 7.49 -2.20 28.29
CA ARG A 792 7.95 -1.65 29.56
C ARG A 792 9.34 -2.16 29.92
N LYS A 793 9.60 -3.46 29.72
CA LYS A 793 10.91 -4.00 30.02
C LYS A 793 11.99 -3.46 29.08
N THR A 794 11.62 -3.16 27.83
CA THR A 794 12.53 -2.48 26.92
C THR A 794 12.89 -1.08 27.43
N VAL A 795 11.89 -0.37 27.96
CA VAL A 795 12.10 1.00 28.42
C VAL A 795 13.09 1.04 29.59
N VAL A 796 12.92 0.14 30.55
CA VAL A 796 13.83 0.12 31.70
C VAL A 796 15.22 -0.37 31.29
N TRP A 797 15.29 -1.40 30.43
CA TRP A 797 16.58 -1.91 30.00
C TRP A 797 17.34 -0.87 29.18
N ALA A 798 16.64 -0.15 28.31
CA ALA A 798 17.29 0.89 27.53
C ALA A 798 17.71 2.07 28.39
N HIS A 799 17.04 2.27 29.53
CA HIS A 799 17.37 3.38 30.41
C HIS A 799 18.48 3.07 31.41
N GLU A 800 18.63 1.80 31.80
CA GLU A 800 19.63 1.43 32.80
C GLU A 800 20.90 0.86 32.19
N LYS A 801 20.79 -0.12 31.28
CA LYS A 801 21.98 -0.66 30.63
C LYS A 801 22.60 0.37 29.70
N TYR A 802 21.79 1.08 28.94
CA TYR A 802 22.22 2.18 28.10
C TYR A 802 21.71 3.49 28.68
N GLY A 803 22.12 4.60 28.09
CA GLY A 803 21.84 5.88 28.69
C GLY A 803 20.58 6.57 28.21
N ILE A 804 19.65 5.81 27.63
CA ILE A 804 18.53 6.39 26.90
C ILE A 804 17.54 7.02 27.87
N GLU A 805 17.20 8.29 27.62
CA GLU A 805 16.26 9.05 28.45
C GLU A 805 15.02 9.50 27.71
N SER A 806 14.99 9.42 26.39
CA SER A 806 13.86 9.87 25.59
C SER A 806 13.25 8.67 24.88
N PHE A 807 11.95 8.47 25.05
CA PHE A 807 11.25 7.32 24.50
C PHE A 807 10.01 7.76 23.75
N ALA A 808 9.86 7.25 22.52
CA ALA A 808 8.62 7.36 21.77
C ALA A 808 8.04 5.96 21.65
N LEU A 809 6.89 5.74 22.29
CA LEU A 809 6.31 4.40 22.41
C LEU A 809 4.89 4.42 21.89
N ILE A 810 4.61 3.61 20.87
CA ILE A 810 3.24 3.28 20.47
C ILE A 810 3.17 1.76 20.39
N HIS A 811 2.88 1.11 21.54
CA HIS A 811 2.57 -0.31 21.65
C HIS A 811 3.61 -1.25 21.02
N ASP A 812 3.75 -1.18 19.70
CA ASP A 812 4.77 -1.94 18.99
C ASP A 812 5.94 -1.08 18.53
N SER A 813 5.79 0.24 18.58
CA SER A 813 6.80 1.15 18.06
C SER A 813 7.68 1.65 19.20
N PHE A 814 8.98 1.67 18.96
CA PHE A 814 9.97 2.12 19.95
C PHE A 814 10.82 3.19 19.28
N GLY A 815 10.72 4.42 19.79
CA GLY A 815 11.42 5.55 19.20
C GLY A 815 12.34 6.23 20.20
N THR A 816 13.46 6.73 19.70
CA THR A 816 14.39 7.53 20.48
C THR A 816 15.19 8.40 19.52
N ILE A 817 16.06 9.23 20.08
CA ILE A 817 16.90 10.15 19.31
C ILE A 817 17.90 9.33 18.48
N PRO A 818 18.41 9.86 17.35
CA PRO A 818 19.31 9.07 16.51
C PRO A 818 20.59 8.61 17.19
N ALA A 819 21.13 9.39 18.12
CA ALA A 819 22.34 8.98 18.83
C ALA A 819 22.09 7.76 19.72
N ASP A 820 20.86 7.58 20.18
CA ASP A 820 20.48 6.42 20.99
C ASP A 820 19.74 5.36 20.19
N ALA A 821 19.58 5.56 18.87
CA ALA A 821 18.78 4.63 18.06
C ALA A 821 19.42 3.25 18.00
N ALA A 822 20.74 3.18 17.86
CA ALA A 822 21.43 1.90 17.79
C ALA A 822 21.32 1.12 19.10
N ASN A 823 21.30 1.81 20.23
CA ASN A 823 21.17 1.12 21.51
C ASN A 823 19.75 0.61 21.74
N LEU A 824 18.74 1.42 21.39
CA LEU A 824 17.35 0.97 21.49
C LEU A 824 17.08 -0.20 20.54
N PHE A 825 17.79 -0.24 19.41
CA PHE A 825 17.76 -1.39 18.52
C PHE A 825 18.20 -2.66 19.24
N LYS A 826 19.26 -2.56 20.07
CA LYS A 826 19.72 -3.72 20.83
C LYS A 826 18.78 -4.05 21.99
N ALA A 827 18.30 -3.02 22.70
CA ALA A 827 17.56 -3.22 23.94
C ALA A 827 16.23 -3.93 23.70
N VAL A 828 15.54 -3.58 22.61
CA VAL A 828 14.26 -4.20 22.33
C VAL A 828 14.44 -5.67 21.93
N ARG A 829 15.57 -6.02 21.32
CA ARG A 829 15.85 -7.42 21.06
C ARG A 829 16.25 -8.14 22.34
N GLU A 830 17.11 -7.51 23.16
CA GLU A 830 17.67 -8.17 24.33
C GLU A 830 16.59 -8.51 25.35
N THR A 831 15.61 -7.63 25.51
CA THR A 831 14.54 -7.87 26.47
C THR A 831 13.67 -9.06 26.08
N MET A 832 13.32 -9.15 24.79
CA MET A 832 12.46 -10.24 24.34
C MET A 832 13.16 -11.60 24.45
N VAL A 833 14.46 -11.66 24.14
CA VAL A 833 15.20 -12.90 24.33
C VAL A 833 15.31 -13.24 25.81
N ASP A 834 15.58 -12.23 26.66
CA ASP A 834 15.72 -12.49 28.09
C ASP A 834 14.38 -12.88 28.71
N THR A 835 13.27 -12.36 28.19
CA THR A 835 11.96 -12.66 28.77
C THR A 835 11.57 -14.11 28.54
N TYR A 836 11.50 -14.54 27.27
CA TYR A 836 11.02 -15.87 26.96
C TYR A 836 12.04 -16.97 27.22
N GLU A 837 13.30 -16.62 27.46
CA GLU A 837 14.25 -17.60 27.99
C GLU A 837 14.05 -17.84 29.47
N SER A 838 13.48 -16.88 30.19
CA SER A 838 13.30 -16.98 31.63
C SER A 838 11.92 -17.46 32.03
N CYS A 839 10.88 -17.13 31.27
CA CYS A 839 9.51 -17.44 31.65
C CYS A 839 8.81 -18.24 30.56
N ASP A 840 8.07 -19.27 30.98
CA ASP A 840 7.11 -19.96 30.13
C ASP A 840 5.75 -19.42 30.54
N VAL A 841 5.32 -18.37 29.86
CA VAL A 841 4.12 -17.63 30.28
C VAL A 841 2.86 -18.48 30.16
N LEU A 842 2.83 -19.41 29.19
CA LEU A 842 1.72 -20.35 29.12
C LEU A 842 1.70 -21.30 30.29
N ALA A 843 2.87 -21.82 30.69
CA ALA A 843 2.96 -22.67 31.87
C ALA A 843 2.65 -21.88 33.14
N ASP A 844 3.11 -20.63 33.20
CA ASP A 844 2.75 -19.76 34.31
C ASP A 844 1.26 -19.47 34.31
N PHE A 845 0.68 -19.31 33.11
CA PHE A 845 -0.78 -19.16 32.98
C PHE A 845 -1.51 -20.37 33.52
N TYR A 846 -0.99 -21.57 33.21
CA TYR A 846 -1.62 -22.81 33.67
C TYR A 846 -1.66 -22.89 35.19
N ASP A 847 -0.56 -22.53 35.85
CA ASP A 847 -0.49 -22.61 37.30
C ASP A 847 -1.42 -21.62 37.99
N GLN A 848 -1.86 -20.57 37.28
CA GLN A 848 -2.81 -19.64 37.88
C GLN A 848 -4.20 -20.25 37.98
N PHE A 849 -4.67 -20.93 36.92
CA PHE A 849 -6.05 -21.39 36.86
C PHE A 849 -6.22 -22.89 37.08
N ALA A 850 -5.14 -23.63 37.32
CA ALA A 850 -5.26 -25.09 37.45
C ALA A 850 -6.03 -25.49 38.70
N ASP A 851 -5.89 -24.72 39.79
CA ASP A 851 -6.57 -25.07 41.03
C ASP A 851 -8.08 -24.83 40.94
N GLN A 852 -8.50 -23.83 40.17
CA GLN A 852 -9.92 -23.50 40.06
C GLN A 852 -10.67 -24.44 39.13
N LEU A 853 -9.99 -25.33 38.42
CA LEU A 853 -10.64 -26.21 37.47
C LEU A 853 -11.44 -27.27 38.21
N HIS A 854 -12.69 -27.49 37.78
CA HIS A 854 -13.50 -28.55 38.34
C HIS A 854 -12.97 -29.91 37.91
N GLU A 855 -13.30 -30.93 38.70
CA GLU A 855 -12.78 -32.27 38.47
C GLU A 855 -13.33 -32.88 37.18
N SER A 856 -14.58 -32.58 36.84
CA SER A 856 -15.13 -33.03 35.57
C SER A 856 -14.51 -32.31 34.38
N GLN A 857 -13.97 -31.10 34.58
CA GLN A 857 -13.35 -30.33 33.52
C GLN A 857 -11.90 -30.70 33.27
N LEU A 858 -11.29 -31.48 34.17
CA LEU A 858 -9.85 -31.74 34.08
C LEU A 858 -9.51 -32.60 32.86
N ASP A 859 -10.34 -33.59 32.55
CA ASP A 859 -10.07 -34.46 31.40
C ASP A 859 -10.27 -33.72 30.09
N LYS A 860 -11.10 -32.68 30.07
CA LYS A 860 -11.41 -31.97 28.84
C LYS A 860 -10.34 -30.95 28.45
N MET A 861 -9.44 -30.61 29.37
CA MET A 861 -8.46 -29.55 29.12
C MET A 861 -7.39 -30.04 28.14
N PRO A 862 -7.15 -29.33 27.04
CA PRO A 862 -5.99 -29.65 26.19
C PRO A 862 -4.68 -29.39 26.90
N ALA A 863 -3.67 -30.17 26.53
CA ALA A 863 -2.35 -30.03 27.11
C ALA A 863 -1.62 -28.82 26.51
N LEU A 864 -0.45 -28.52 27.07
CA LEU A 864 0.36 -27.44 26.57
C LEU A 864 0.80 -27.72 25.14
N PRO A 865 0.78 -26.73 24.25
CA PRO A 865 1.29 -26.94 22.90
C PRO A 865 2.79 -27.22 22.90
N ALA A 866 3.22 -28.03 21.93
CA ALA A 866 4.60 -28.48 21.91
C ALA A 866 5.54 -27.36 21.48
N LYS A 867 6.67 -27.26 22.18
CA LYS A 867 7.70 -26.30 21.83
C LYS A 867 8.46 -26.75 20.60
N GLY A 868 8.84 -25.78 19.76
CA GLY A 868 9.53 -26.07 18.51
C GLY A 868 11.04 -25.85 18.61
N ASN A 869 11.67 -25.81 17.45
CA ASN A 869 13.12 -25.83 17.32
C ASN A 869 13.74 -24.45 17.20
N LEU A 870 13.01 -23.40 17.58
CA LEU A 870 13.50 -22.03 17.42
C LEU A 870 14.51 -21.66 18.49
N ASN A 871 15.60 -21.01 18.07
CA ASN A 871 16.60 -20.45 18.97
C ASN A 871 16.33 -18.95 19.09
N LEU A 872 16.14 -18.48 20.34
CA LEU A 872 15.79 -17.09 20.58
C LEU A 872 16.99 -16.16 20.46
N ARG A 873 18.22 -16.68 20.58
CA ARG A 873 19.40 -15.83 20.45
C ARG A 873 19.56 -15.29 19.04
N ASP A 874 18.92 -15.91 18.05
CA ASP A 874 18.94 -15.39 16.68
C ASP A 874 18.14 -14.09 16.54
N ILE A 875 17.27 -13.78 17.50
CA ILE A 875 16.54 -12.52 17.47
C ILE A 875 17.51 -11.35 17.59
N LEU A 876 18.58 -11.53 18.37
CA LEU A 876 19.61 -10.50 18.52
C LEU A 876 20.29 -10.17 17.20
N GLU A 877 20.33 -11.13 16.27
CA GLU A 877 20.94 -10.93 14.96
C GLU A 877 19.92 -10.65 13.86
N SER A 878 18.64 -10.52 14.21
CA SER A 878 17.60 -10.29 13.21
C SER A 878 17.47 -8.80 12.94
N ASP A 879 17.62 -8.41 11.67
CA ASP A 879 17.58 -7.00 11.31
C ASP A 879 16.16 -6.45 11.27
N PHE A 880 15.18 -7.27 10.90
CA PHE A 880 13.87 -6.78 10.52
C PHE A 880 12.78 -7.10 11.55
N ALA A 881 13.16 -7.65 12.71
CA ALA A 881 12.19 -7.83 13.79
C ALA A 881 11.71 -6.48 14.32
N PHE A 882 12.65 -5.54 14.50
CA PHE A 882 12.45 -4.19 15.04
C PHE A 882 11.94 -4.20 16.47
N ALA A 883 11.79 -5.38 17.07
CA ALA A 883 11.12 -5.57 18.33
C ALA A 883 11.30 -7.01 18.80
N ILE E 4 2.88 8.64 -42.51
CA ILE E 4 2.78 10.02 -42.04
C ILE E 4 4.14 10.71 -42.20
N ASN E 5 4.10 11.99 -42.57
CA ASN E 5 5.31 12.78 -42.79
C ASN E 5 5.35 13.96 -41.82
N ILE E 6 6.56 14.37 -41.46
CA ILE E 6 6.74 15.43 -40.47
C ILE E 6 6.24 16.76 -41.00
N ALA E 7 6.42 17.00 -42.32
CA ALA E 7 6.11 18.29 -42.97
C ALA E 7 6.83 19.45 -42.30
N LYS E 8 8.06 19.21 -41.87
CA LYS E 8 8.86 20.24 -41.22
C LYS E 8 9.29 21.32 -42.21
N ASN E 9 9.44 20.96 -43.49
CA ASN E 9 9.95 21.90 -44.49
C ASN E 9 9.01 23.08 -44.67
N ASP E 10 7.71 22.85 -44.58
CA ASP E 10 6.76 23.96 -44.61
C ASP E 10 6.74 24.72 -43.29
N PHE E 11 7.09 24.09 -42.18
CA PHE E 11 7.24 24.90 -40.98
C PHE E 11 8.54 25.68 -41.02
N SER E 12 9.54 25.18 -41.75
CA SER E 12 10.82 25.87 -41.88
C SER E 12 10.73 27.05 -42.85
N ASP E 13 9.87 26.98 -43.86
CA ASP E 13 9.82 28.03 -44.87
C ASP E 13 9.30 29.34 -44.28
N ILE E 14 8.47 29.25 -43.24
CA ILE E 14 7.98 30.42 -42.52
C ILE E 14 9.14 31.16 -41.88
N GLU E 15 10.06 30.43 -41.24
CA GLU E 15 11.19 31.06 -40.57
C GLU E 15 12.21 31.59 -41.57
N LEU E 16 12.41 30.89 -42.69
CA LEU E 16 13.49 31.20 -43.61
C LEU E 16 13.24 32.45 -44.45
N ALA E 17 11.97 32.83 -44.64
CA ALA E 17 11.64 33.89 -45.60
C ALA E 17 12.21 35.23 -45.16
N ALA E 18 12.82 35.95 -46.10
CA ALA E 18 13.53 37.18 -45.79
C ALA E 18 12.58 38.35 -45.53
N ILE E 19 11.49 38.44 -46.30
CA ILE E 19 10.61 39.62 -46.21
C ILE E 19 9.96 39.81 -44.83
N PRO E 20 9.47 38.78 -44.11
CA PRO E 20 9.02 39.07 -42.73
C PRO E 20 10.15 39.45 -41.79
N PHE E 21 11.40 39.04 -42.08
CA PHE E 21 12.53 39.42 -41.25
C PHE E 21 12.83 40.91 -41.39
N ASN E 22 13.13 41.36 -42.61
CA ASN E 22 13.62 42.73 -42.80
C ASN E 22 12.57 43.76 -42.42
N THR E 23 11.28 43.45 -42.66
CA THR E 23 10.21 44.35 -42.25
C THR E 23 10.14 44.46 -40.73
N LEU E 24 10.28 43.34 -40.01
CA LEU E 24 10.18 43.38 -38.56
C LEU E 24 11.41 43.98 -37.91
N ALA E 25 12.58 43.82 -38.53
CA ALA E 25 13.82 44.30 -37.92
C ALA E 25 13.94 45.81 -37.97
N ASP E 26 13.44 46.45 -39.05
CA ASP E 26 13.58 47.90 -39.15
C ASP E 26 12.70 48.63 -38.13
N HIS E 27 11.62 47.98 -37.68
CA HIS E 27 10.67 48.57 -36.75
C HIS E 27 10.89 48.13 -35.31
N TYR E 28 11.28 46.88 -35.09
CA TYR E 28 11.35 46.32 -33.75
C TYR E 28 12.68 45.66 -33.40
N GLY E 29 13.61 45.53 -34.33
CA GLY E 29 14.92 45.00 -34.04
C GLY E 29 15.07 43.55 -34.47
N GLU E 30 16.33 43.11 -34.48
CA GLU E 30 16.66 41.76 -34.94
C GLU E 30 16.26 40.70 -33.92
N ARG E 31 16.48 40.97 -32.63
CA ARG E 31 16.25 39.96 -31.60
C ARG E 31 14.78 39.65 -31.44
N LEU E 32 13.93 40.68 -31.40
CA LEU E 32 12.49 40.46 -31.29
C LEU E 32 11.93 39.85 -32.56
N ALA E 33 12.56 40.10 -33.71
CA ALA E 33 12.10 39.50 -34.96
C ALA E 33 12.23 37.99 -34.90
N ARG E 34 13.43 37.49 -34.57
CA ARG E 34 13.69 36.05 -34.63
C ARG E 34 12.79 35.27 -33.68
N GLU E 35 12.50 35.84 -32.50
CA GLU E 35 11.71 35.12 -31.51
C GLU E 35 10.27 34.90 -31.96
N GLN E 36 9.62 35.93 -32.51
CA GLN E 36 8.22 35.74 -32.92
C GLN E 36 8.12 34.86 -34.15
N LEU E 37 9.01 35.06 -35.13
CA LEU E 37 9.11 34.13 -36.25
C LEU E 37 9.46 32.72 -35.79
N ALA E 38 10.14 32.57 -34.63
CA ALA E 38 10.35 31.25 -34.06
C ALA E 38 9.07 30.68 -33.43
N LEU E 39 8.36 31.48 -32.62
CA LEU E 39 7.18 30.94 -31.95
C LEU E 39 6.01 30.76 -32.91
N GLU E 40 6.00 31.46 -34.04
CA GLU E 40 5.08 31.12 -35.11
C GLU E 40 5.40 29.75 -35.68
N HIS E 41 6.69 29.47 -35.89
CA HIS E 41 7.11 28.14 -36.32
C HIS E 41 6.82 27.12 -35.23
N GLU E 42 6.95 27.51 -33.96
CA GLU E 42 6.58 26.64 -32.85
C GLU E 42 5.09 26.36 -32.84
N SER E 43 4.27 27.36 -33.18
CA SER E 43 2.81 27.21 -33.19
C SER E 43 2.38 26.13 -34.16
N TYR E 44 2.90 26.18 -35.39
CA TYR E 44 2.50 25.21 -36.41
C TYR E 44 3.06 23.82 -36.10
N GLU E 45 4.27 23.76 -35.56
CA GLU E 45 4.85 22.47 -35.18
C GLU E 45 4.08 21.81 -34.04
N MET E 46 3.65 22.61 -33.06
CA MET E 46 2.88 22.07 -31.94
C MET E 46 1.53 21.53 -32.41
N GLY E 47 0.88 22.24 -33.33
CA GLY E 47 -0.37 21.75 -33.90
C GLY E 47 -0.21 20.48 -34.70
N GLU E 48 0.93 20.33 -35.38
CA GLU E 48 1.23 19.07 -36.05
C GLU E 48 1.39 17.95 -35.05
N ALA E 49 2.03 18.23 -33.90
CA ALA E 49 2.19 17.22 -32.86
C ALA E 49 0.86 16.89 -32.19
N ARG E 50 -0.05 17.87 -32.09
CA ARG E 50 -1.36 17.60 -31.51
C ARG E 50 -2.17 16.63 -32.39
N PHE E 51 -2.04 16.75 -33.71
CA PHE E 51 -2.67 15.79 -34.60
C PHE E 51 -2.05 14.41 -34.42
N ARG E 52 -0.72 14.34 -34.34
CA ARG E 52 -0.03 13.04 -34.31
C ARG E 52 -0.43 12.22 -33.10
N LYS E 53 -0.59 12.88 -31.95
CA LYS E 53 -1.07 12.19 -30.76
C LYS E 53 -2.51 11.73 -30.93
N MET E 54 -3.35 12.55 -31.57
CA MET E 54 -4.75 12.17 -31.77
C MET E 54 -4.88 10.97 -32.70
N PHE E 55 -4.14 10.97 -33.82
CA PHE E 55 -4.29 9.94 -34.84
C PHE E 55 -3.95 8.57 -34.31
N GLU E 56 -2.89 8.47 -33.50
CA GLU E 56 -2.46 7.18 -32.98
C GLU E 56 -3.49 6.57 -32.04
N ARG E 57 -4.28 7.40 -31.35
CA ARG E 57 -5.30 6.85 -30.47
C ARG E 57 -6.51 6.34 -31.25
N GLN E 58 -6.96 7.08 -32.27
CA GLN E 58 -8.06 6.57 -33.10
C GLN E 58 -7.59 5.42 -33.99
N LEU E 59 -6.30 5.38 -34.33
CA LEU E 59 -5.75 4.21 -34.99
C LEU E 59 -5.82 3.00 -34.09
N LYS E 60 -5.50 3.16 -32.81
CA LYS E 60 -5.55 2.07 -31.86
C LYS E 60 -6.99 1.75 -31.45
N ALA E 61 -7.84 2.77 -31.34
CA ALA E 61 -9.24 2.54 -31.01
C ALA E 61 -10.07 2.09 -32.20
N GLY E 62 -9.54 2.21 -33.41
CA GLY E 62 -10.33 1.94 -34.60
C GLY E 62 -11.16 3.09 -35.09
N GLU E 63 -11.10 4.24 -34.43
CA GLU E 63 -11.83 5.44 -34.84
C GLU E 63 -11.13 6.20 -35.97
N VAL E 64 -10.19 5.56 -36.66
CA VAL E 64 -9.46 6.19 -37.75
C VAL E 64 -10.41 6.54 -38.90
N ALA E 65 -11.52 5.81 -39.04
CA ALA E 65 -12.50 6.13 -40.06
C ALA E 65 -13.28 7.40 -39.71
N ASP E 66 -13.41 7.72 -38.43
CA ASP E 66 -14.07 8.96 -38.02
C ASP E 66 -13.19 10.18 -38.28
N ASN E 67 -11.89 9.99 -38.54
CA ASN E 67 -11.00 11.10 -38.86
C ASN E 67 -11.39 11.67 -40.23
N ALA E 68 -11.15 12.97 -40.38
CA ALA E 68 -11.31 13.65 -41.66
C ALA E 68 -10.23 13.26 -42.66
N ALA E 69 -9.17 12.58 -42.23
CA ALA E 69 -8.17 12.09 -43.18
C ALA E 69 -8.71 10.93 -44.00
N ALA E 70 -9.44 10.01 -43.36
CA ALA E 70 -10.05 8.90 -44.08
C ALA E 70 -11.35 9.28 -44.75
N LYS E 71 -11.92 10.44 -44.41
CA LYS E 71 -13.26 10.81 -44.89
C LYS E 71 -13.39 10.97 -46.40
N PRO E 72 -12.55 11.74 -47.11
CA PRO E 72 -12.81 11.93 -48.54
C PRO E 72 -12.58 10.68 -49.38
N LEU E 73 -11.69 9.79 -48.94
CA LEU E 73 -11.54 8.51 -49.62
C LEU E 73 -12.75 7.63 -49.37
N ILE E 74 -13.28 7.66 -48.15
CA ILE E 74 -14.47 6.86 -47.81
C ILE E 74 -15.68 7.36 -48.59
N THR E 75 -15.77 8.68 -48.81
CA THR E 75 -16.88 9.25 -49.57
C THR E 75 -16.87 8.79 -51.02
N THR E 76 -15.67 8.65 -51.60
CA THR E 76 -15.58 8.24 -53.00
C THR E 76 -15.96 6.78 -53.19
N LEU E 77 -15.61 5.91 -52.23
CA LEU E 77 -15.83 4.47 -52.41
C LEU E 77 -17.18 3.98 -51.90
N LEU E 78 -17.82 4.73 -51.00
CA LEU E 78 -19.07 4.27 -50.40
C LEU E 78 -20.22 4.06 -51.39
N PRO E 79 -20.55 4.99 -52.31
CA PRO E 79 -21.67 4.71 -53.22
C PRO E 79 -21.40 3.57 -54.19
N LYS E 80 -20.14 3.32 -54.54
CA LYS E 80 -19.82 2.20 -55.41
C LYS E 80 -20.08 0.88 -54.69
N MET E 81 -19.83 0.84 -53.39
CA MET E 81 -20.18 -0.33 -52.58
C MET E 81 -21.70 -0.52 -52.54
N ILE E 82 -22.45 0.58 -52.40
CA ILE E 82 -23.90 0.51 -52.43
C ILE E 82 -24.40 0.12 -53.82
N ALA E 83 -23.62 0.41 -54.86
CA ALA E 83 -23.94 -0.12 -56.17
C ALA E 83 -23.71 -1.62 -56.23
N ARG E 84 -22.63 -2.10 -55.60
CA ARG E 84 -22.29 -3.52 -55.70
C ARG E 84 -23.23 -4.41 -54.88
N ILE E 85 -23.75 -3.90 -53.76
CA ILE E 85 -24.79 -4.64 -53.04
C ILE E 85 -26.07 -4.68 -53.88
N ASN E 86 -26.29 -3.67 -54.71
CA ASN E 86 -27.47 -3.67 -55.58
C ASN E 86 -27.35 -4.72 -56.68
N ASP E 87 -26.15 -4.94 -57.21
CA ASP E 87 -25.97 -5.99 -58.21
C ASP E 87 -26.11 -7.38 -57.61
N TRP E 88 -25.57 -7.59 -56.40
CA TRP E 88 -25.77 -8.86 -55.72
C TRP E 88 -27.22 -9.07 -55.33
N PHE E 89 -27.91 -7.99 -54.97
CA PHE E 89 -29.35 -8.06 -54.73
C PHE E 89 -30.10 -8.43 -56.00
N GLU E 90 -29.66 -7.88 -57.14
CA GLU E 90 -30.32 -8.16 -58.41
C GLU E 90 -30.08 -9.59 -58.88
N GLU E 91 -28.94 -10.18 -58.50
CA GLU E 91 -28.62 -11.54 -58.95
C GLU E 91 -29.58 -12.56 -58.35
N VAL E 92 -29.95 -12.40 -57.08
CA VAL E 92 -30.89 -13.31 -56.44
C VAL E 92 -32.20 -12.57 -56.17
N ALA E 102 -28.52 -15.34 -46.13
CA ALA E 102 -27.77 -14.10 -45.97
C ALA E 102 -28.46 -12.96 -46.69
N PHE E 103 -29.22 -13.30 -47.74
CA PHE E 103 -29.93 -12.29 -48.52
C PHE E 103 -31.01 -11.61 -47.70
N GLN E 104 -31.73 -12.37 -46.88
CA GLN E 104 -32.83 -11.79 -46.11
C GLN E 104 -32.33 -10.89 -45.00
N PHE E 105 -31.22 -11.26 -44.35
CA PHE E 105 -30.62 -10.39 -43.35
C PHE E 105 -30.13 -9.10 -43.97
N LEU E 106 -29.55 -9.17 -45.17
CA LEU E 106 -29.07 -7.98 -45.85
C LEU E 106 -30.21 -7.08 -46.29
N GLN E 107 -31.38 -7.66 -46.59
CA GLN E 107 -32.53 -6.85 -46.98
C GLN E 107 -33.14 -6.13 -45.79
N GLU E 108 -32.94 -6.65 -44.57
CA GLU E 108 -33.60 -6.11 -43.39
C GLU E 108 -33.16 -4.68 -43.10
N ILE E 109 -31.87 -4.41 -43.23
CA ILE E 109 -31.31 -3.08 -43.01
C ILE E 109 -30.95 -2.50 -44.37
N LYS E 110 -30.97 -1.17 -44.47
CA LYS E 110 -30.81 -0.49 -45.75
C LYS E 110 -29.46 -0.82 -46.37
N PRO E 111 -29.42 -1.07 -47.69
CA PRO E 111 -28.15 -1.43 -48.34
C PRO E 111 -27.09 -0.35 -48.27
N GLU E 112 -27.49 0.92 -48.28
CA GLU E 112 -26.52 2.00 -48.13
C GLU E 112 -25.94 2.03 -46.73
N ALA E 113 -26.70 1.59 -45.73
CA ALA E 113 -26.17 1.50 -44.37
C ALA E 113 -25.07 0.44 -44.28
N VAL E 114 -25.38 -0.79 -44.72
CA VAL E 114 -24.41 -1.88 -44.66
C VAL E 114 -23.23 -1.62 -45.59
N ALA E 115 -23.37 -0.69 -46.53
CA ALA E 115 -22.20 -0.20 -47.25
C ALA E 115 -21.23 0.51 -46.32
N TYR E 116 -21.75 1.20 -45.29
CA TYR E 116 -20.88 2.00 -44.43
C TYR E 116 -20.25 1.19 -43.30
N ILE E 117 -21.03 0.30 -42.66
CA ILE E 117 -20.51 -0.49 -41.53
C ILE E 117 -19.38 -1.39 -41.97
N THR E 118 -19.40 -1.83 -43.23
CA THR E 118 -18.30 -2.64 -43.77
C THR E 118 -16.98 -1.87 -43.74
N ILE E 119 -16.96 -0.65 -44.27
CA ILE E 119 -15.70 0.08 -44.44
C ILE E 119 -15.06 0.37 -43.11
N LYS E 120 -15.81 1.03 -42.20
CA LYS E 120 -15.26 1.47 -40.92
C LYS E 120 -14.74 0.29 -40.10
N THR E 121 -15.38 -0.87 -40.22
CA THR E 121 -14.88 -2.06 -39.54
C THR E 121 -13.55 -2.51 -40.11
N THR E 122 -13.42 -2.56 -41.44
CA THR E 122 -12.17 -3.00 -42.06
C THR E 122 -11.02 -2.05 -41.74
N LEU E 123 -11.26 -0.74 -41.76
CA LEU E 123 -10.19 0.17 -41.36
C LEU E 123 -9.88 0.05 -39.88
N ALA E 124 -10.87 -0.31 -39.06
CA ALA E 124 -10.66 -0.37 -37.61
C ALA E 124 -9.85 -1.59 -37.21
N CYS E 125 -10.40 -2.79 -37.43
CA CYS E 125 -9.80 -3.98 -36.83
C CYS E 125 -8.57 -4.47 -37.58
N LEU E 126 -8.33 -4.00 -38.81
CA LEU E 126 -7.04 -4.29 -39.46
C LEU E 126 -5.93 -3.46 -38.86
N THR E 127 -6.23 -2.25 -38.38
CA THR E 127 -5.24 -1.37 -37.79
C THR E 127 -5.11 -1.52 -36.28
N SER E 128 -6.14 -2.04 -35.60
CA SER E 128 -6.17 -2.08 -34.14
C SER E 128 -5.90 -3.47 -33.58
N ALA E 129 -6.55 -4.51 -34.11
CA ALA E 129 -6.47 -5.84 -33.53
C ALA E 129 -5.19 -6.58 -33.89
N ASP E 130 -4.43 -6.09 -34.87
CA ASP E 130 -3.22 -6.71 -35.43
C ASP E 130 -3.50 -8.07 -36.08
N ASN E 131 -4.76 -8.45 -36.24
CA ASN E 131 -5.16 -9.73 -36.83
C ASN E 131 -5.93 -9.43 -38.10
N THR E 132 -5.39 -9.86 -39.24
CA THR E 132 -5.92 -9.51 -40.54
C THR E 132 -6.75 -10.61 -41.18
N THR E 133 -7.05 -11.68 -40.45
CA THR E 133 -7.76 -12.81 -41.04
C THR E 133 -9.20 -12.41 -41.39
N VAL E 134 -9.73 -13.07 -42.42
CA VAL E 134 -11.00 -12.66 -43.00
C VAL E 134 -12.17 -12.93 -42.06
N GLN E 135 -12.09 -13.98 -41.26
CA GLN E 135 -13.20 -14.32 -40.36
C GLN E 135 -13.33 -13.30 -39.23
N ALA E 136 -12.21 -12.77 -38.75
CA ALA E 136 -12.26 -11.77 -37.67
C ALA E 136 -12.86 -10.45 -38.14
N VAL E 137 -12.77 -10.14 -39.43
CA VAL E 137 -13.46 -8.99 -39.97
C VAL E 137 -14.93 -9.31 -40.23
N ALA E 138 -15.17 -10.47 -40.86
CA ALA E 138 -16.52 -10.84 -41.27
C ALA E 138 -17.45 -11.05 -40.07
N SER E 139 -16.92 -11.66 -39.00
CA SER E 139 -17.71 -11.81 -37.78
C SER E 139 -18.02 -10.46 -37.15
N ALA E 140 -17.05 -9.53 -37.20
CA ALA E 140 -17.26 -8.19 -36.65
C ALA E 140 -18.31 -7.42 -37.44
N ILE E 141 -18.34 -7.60 -38.76
CA ILE E 141 -19.39 -7.00 -39.57
C ILE E 141 -20.76 -7.56 -39.15
N GLY E 142 -20.92 -8.88 -39.26
CA GLY E 142 -22.20 -9.51 -39.00
C GLY E 142 -22.69 -9.35 -37.57
N ARG E 143 -21.77 -9.29 -36.61
CA ARG E 143 -22.17 -8.93 -35.25
C ARG E 143 -22.67 -7.51 -35.18
N ALA E 144 -22.02 -6.59 -35.92
CA ALA E 144 -22.48 -5.20 -35.95
C ALA E 144 -23.82 -5.06 -36.64
N ILE E 145 -24.07 -5.84 -37.70
CA ILE E 145 -25.39 -5.82 -38.32
C ILE E 145 -26.43 -6.42 -37.39
N GLU E 146 -26.05 -7.41 -36.58
CA GLU E 146 -27.01 -8.08 -35.70
C GLU E 146 -27.58 -7.14 -34.65
N ASP E 147 -26.72 -6.35 -34.00
CA ASP E 147 -27.22 -5.41 -33.00
C ASP E 147 -27.87 -4.18 -33.64
N GLU E 148 -27.28 -3.67 -34.72
CA GLU E 148 -27.85 -2.50 -35.37
C GLU E 148 -29.19 -2.79 -36.02
N ALA E 149 -29.42 -4.05 -36.42
CA ALA E 149 -30.76 -4.43 -36.85
C ALA E 149 -31.75 -4.39 -35.69
N ARG E 150 -31.41 -5.04 -34.58
CA ARG E 150 -32.27 -5.05 -33.41
C ARG E 150 -32.45 -3.66 -32.84
N PHE E 151 -31.34 -2.92 -32.67
CA PHE E 151 -31.43 -1.60 -32.09
C PHE E 151 -31.82 -0.54 -33.11
N GLY E 152 -31.90 -0.91 -34.38
CA GLY E 152 -32.53 -0.06 -35.38
C GLY E 152 -34.02 -0.29 -35.54
N ARG E 153 -34.56 -1.36 -34.97
CA ARG E 153 -35.99 -1.63 -35.07
C ARG E 153 -36.83 -0.57 -34.35
N ILE E 154 -36.27 0.06 -33.31
CA ILE E 154 -37.03 1.05 -32.56
C ILE E 154 -37.20 2.34 -33.36
N ARG E 155 -36.23 2.69 -34.21
CA ARG E 155 -36.29 3.97 -34.90
C ARG E 155 -37.25 3.97 -36.08
N ASP E 156 -37.53 2.82 -36.68
CA ASP E 156 -38.30 2.78 -37.92
C ASP E 156 -39.68 2.13 -37.80
N LEU E 157 -39.88 1.23 -36.84
CA LEU E 157 -41.21 0.66 -36.59
C LEU E 157 -41.81 1.13 -35.28
N GLU E 158 -41.08 1.04 -34.18
CA GLU E 158 -41.51 1.64 -32.94
C GLU E 158 -41.56 3.15 -33.09
N ALA E 159 -42.38 3.79 -32.25
CA ALA E 159 -42.68 5.20 -32.41
C ALA E 159 -41.44 6.06 -32.22
N LYS E 160 -41.23 6.98 -33.17
CA LYS E 160 -40.03 7.81 -33.16
C LYS E 160 -40.01 8.76 -31.98
N HIS E 161 -41.17 9.22 -31.52
CA HIS E 161 -41.20 10.08 -30.34
C HIS E 161 -40.83 9.32 -29.08
N PHE E 162 -41.18 8.04 -29.00
CA PHE E 162 -40.62 7.19 -27.95
C PHE E 162 -39.12 7.01 -28.14
N LYS E 163 -38.68 6.85 -29.39
CA LYS E 163 -37.25 6.85 -29.68
C LYS E 163 -36.63 8.20 -29.34
N LYS E 164 -37.37 9.30 -29.58
CA LYS E 164 -36.86 10.64 -29.27
C LYS E 164 -36.65 10.82 -27.77
N ASN E 165 -37.55 10.28 -26.95
CA ASN E 165 -37.33 10.29 -25.51
C ASN E 165 -36.16 9.40 -25.12
N VAL E 166 -35.88 8.37 -25.91
CA VAL E 166 -34.72 7.52 -25.70
C VAL E 166 -33.47 8.14 -26.36
N GLU E 167 -33.66 8.97 -27.39
CA GLU E 167 -32.53 9.57 -28.12
C GLU E 167 -31.68 10.48 -27.24
N GLU E 168 -32.31 11.17 -26.28
CA GLU E 168 -31.57 12.06 -25.40
C GLU E 168 -30.53 11.30 -24.59
N GLN E 169 -30.91 10.14 -24.04
CA GLN E 169 -29.95 9.32 -23.32
C GLN E 169 -29.00 8.60 -24.27
N LEU E 170 -29.46 8.27 -25.47
CA LEU E 170 -28.60 7.60 -26.46
C LEU E 170 -27.44 8.50 -26.86
N ASN E 171 -27.70 9.79 -27.07
CA ASN E 171 -26.62 10.73 -27.34
C ASN E 171 -25.77 10.96 -26.11
N LYS E 172 -26.35 10.83 -24.92
CA LYS E 172 -25.58 10.99 -23.69
C LYS E 172 -24.60 9.84 -23.48
N ARG E 173 -24.93 8.65 -23.98
CA ARG E 173 -24.00 7.53 -23.92
C ARG E 173 -22.80 7.79 -24.80
N VAL E 174 -21.62 7.43 -24.31
CA VAL E 174 -20.37 7.61 -25.03
C VAL E 174 -19.73 6.23 -25.20
N GLY E 175 -19.32 5.92 -26.42
CA GLY E 175 -18.77 4.61 -26.73
C GLY E 175 -19.84 3.63 -27.17
N HIS E 176 -19.39 2.61 -27.90
CA HIS E 176 -20.32 1.64 -28.47
C HIS E 176 -20.81 0.63 -27.45
N VAL E 177 -19.99 0.33 -26.44
CA VAL E 177 -20.44 -0.61 -25.40
C VAL E 177 -21.54 0.02 -24.55
N TYR E 178 -21.39 1.31 -24.21
CA TYR E 178 -22.39 1.98 -23.40
C TYR E 178 -23.68 2.22 -24.17
N LYS E 179 -23.57 2.57 -25.46
CA LYS E 179 -24.75 2.73 -26.30
C LYS E 179 -25.47 1.39 -26.50
N LYS E 180 -24.71 0.30 -26.51
CA LYS E 180 -25.32 -1.03 -26.57
C LYS E 180 -25.96 -1.42 -25.25
N ALA E 181 -25.27 -1.13 -24.14
CA ALA E 181 -25.77 -1.52 -22.82
C ALA E 181 -27.02 -0.73 -22.44
N PHE E 182 -27.14 0.51 -22.90
CA PHE E 182 -28.38 1.25 -22.73
C PHE E 182 -29.48 0.70 -23.65
N MET E 183 -29.09 0.10 -24.77
CA MET E 183 -30.07 -0.36 -25.75
C MET E 183 -30.76 -1.65 -25.32
N GLN E 184 -30.06 -2.55 -24.62
CA GLN E 184 -30.71 -3.76 -24.12
C GLN E 184 -31.68 -3.45 -22.99
N VAL E 185 -31.39 -2.42 -22.19
CA VAL E 185 -32.29 -2.02 -21.12
C VAL E 185 -33.56 -1.38 -21.70
N VAL E 186 -33.40 -0.60 -22.78
CA VAL E 186 -34.56 0.05 -23.40
C VAL E 186 -35.45 -0.98 -24.06
N GLU E 187 -34.87 -2.04 -24.62
CA GLU E 187 -35.68 -3.13 -25.17
C GLU E 187 -36.42 -3.89 -24.08
N ALA E 188 -35.90 -3.90 -22.85
CA ALA E 188 -36.61 -4.53 -21.74
C ALA E 188 -37.85 -3.72 -21.35
N ASP E 189 -37.74 -2.39 -21.35
CA ASP E 189 -38.91 -1.55 -21.16
C ASP E 189 -39.89 -1.70 -22.31
N MET E 190 -39.35 -1.82 -23.54
CA MET E 190 -40.20 -2.01 -24.71
C MET E 190 -40.88 -3.36 -24.70
N LEU E 191 -40.22 -4.38 -24.16
CA LEU E 191 -40.85 -5.69 -23.99
C LEU E 191 -41.98 -5.62 -22.96
N SER E 192 -41.77 -4.89 -21.86
CA SER E 192 -42.80 -4.77 -20.84
C SER E 192 -43.98 -3.93 -21.34
N LYS E 193 -43.70 -2.81 -21.99
CA LYS E 193 -44.77 -1.96 -22.51
C LYS E 193 -45.37 -2.48 -23.81
N GLY E 194 -44.72 -3.43 -24.46
CA GLY E 194 -45.33 -4.09 -25.61
C GLY E 194 -45.28 -3.33 -26.92
N LEU E 195 -44.43 -2.29 -27.04
CA LEU E 195 -44.23 -1.67 -28.34
C LEU E 195 -43.59 -2.64 -29.32
N LEU E 196 -42.78 -3.58 -28.82
CA LEU E 196 -42.29 -4.66 -29.66
C LEU E 196 -43.41 -5.59 -30.07
N GLY E 197 -44.32 -5.89 -29.14
CA GLY E 197 -45.39 -6.84 -29.41
C GLY E 197 -45.06 -8.27 -29.06
N GLY E 198 -44.01 -8.49 -28.27
CA GLY E 198 -43.64 -9.83 -27.86
C GLY E 198 -42.74 -10.58 -28.81
N GLU E 199 -42.42 -10.01 -29.98
CA GLU E 199 -41.52 -10.65 -30.94
C GLU E 199 -40.09 -10.39 -30.48
N ALA E 200 -39.67 -11.14 -29.46
CA ALA E 200 -38.35 -10.98 -28.88
C ALA E 200 -37.28 -11.40 -29.88
N TRP E 201 -36.15 -10.70 -29.84
CA TRP E 201 -35.10 -10.89 -30.83
C TRP E 201 -34.37 -12.21 -30.60
N SER E 202 -34.12 -12.93 -31.68
CA SER E 202 -33.29 -14.12 -31.68
C SER E 202 -31.96 -13.77 -32.33
N SER E 203 -30.86 -14.07 -31.64
CA SER E 203 -29.54 -13.76 -32.16
C SER E 203 -29.24 -14.62 -33.39
N TRP E 204 -28.60 -14.01 -34.38
CA TRP E 204 -28.23 -14.75 -35.58
C TRP E 204 -27.14 -15.76 -35.26
N HIS E 205 -27.12 -16.85 -36.03
CA HIS E 205 -26.12 -17.89 -35.84
C HIS E 205 -24.73 -17.36 -36.13
N LYS E 206 -23.75 -17.85 -35.38
CA LYS E 206 -22.41 -17.27 -35.38
C LYS E 206 -21.73 -17.43 -36.73
N GLU E 207 -21.95 -18.58 -37.39
CA GLU E 207 -21.45 -18.75 -38.75
C GLU E 207 -22.29 -17.99 -39.77
N ASP E 208 -23.58 -17.79 -39.49
CA ASP E 208 -24.40 -16.96 -40.38
C ASP E 208 -23.99 -15.49 -40.30
N SER E 209 -23.57 -15.04 -39.13
CA SER E 209 -22.97 -13.71 -39.01
C SER E 209 -21.67 -13.64 -39.81
N ILE E 210 -20.89 -14.71 -39.78
CA ILE E 210 -19.71 -14.82 -40.64
C ILE E 210 -20.15 -14.83 -42.10
N HIS E 211 -21.24 -15.54 -42.41
CA HIS E 211 -21.72 -15.64 -43.79
C HIS E 211 -22.15 -14.28 -44.32
N VAL E 212 -22.80 -13.46 -43.49
CA VAL E 212 -23.13 -12.10 -43.89
C VAL E 212 -21.85 -11.29 -44.10
N GLY E 213 -20.87 -11.45 -43.21
CA GLY E 213 -19.63 -10.71 -43.34
C GLY E 213 -18.80 -11.11 -44.54
N VAL E 214 -18.65 -12.43 -44.79
CA VAL E 214 -17.86 -12.87 -45.93
C VAL E 214 -18.57 -12.51 -47.23
N ARG E 215 -19.90 -12.46 -47.23
CA ARG E 215 -20.61 -11.82 -48.32
C ARG E 215 -20.18 -10.35 -48.42
N CYS E 216 -20.38 -9.59 -47.34
CA CYS E 216 -20.15 -8.15 -47.32
C CYS E 216 -18.71 -7.78 -47.73
N ILE E 217 -17.76 -8.67 -47.47
CA ILE E 217 -16.39 -8.46 -47.97
C ILE E 217 -16.34 -8.65 -49.49
N GLU E 218 -17.17 -9.54 -50.06
CA GLU E 218 -17.08 -9.86 -51.48
C GLU E 218 -17.49 -8.68 -52.36
N MET E 219 -18.54 -7.93 -52.00
CA MET E 219 -18.80 -6.69 -52.73
C MET E 219 -17.73 -5.64 -52.45
N LEU E 220 -17.14 -5.66 -51.26
CA LEU E 220 -16.09 -4.70 -50.92
C LEU E 220 -14.86 -4.91 -51.79
N ILE E 221 -14.49 -6.17 -52.04
CA ILE E 221 -13.35 -6.47 -52.90
C ILE E 221 -13.65 -6.05 -54.34
N GLU E 222 -14.87 -6.32 -54.81
CA GLU E 222 -15.25 -5.91 -56.16
C GLU E 222 -15.29 -4.39 -56.29
N SER E 223 -15.79 -3.70 -55.26
CA SER E 223 -15.86 -2.24 -55.29
C SER E 223 -14.47 -1.61 -55.27
N THR E 224 -13.64 -2.04 -54.32
CA THR E 224 -12.33 -1.45 -54.13
C THR E 224 -11.23 -2.29 -54.76
N LEU E 246 -4.95 -4.12 -46.49
CA LEU E 246 -5.28 -2.76 -46.86
C LEU E 246 -4.40 -2.32 -48.03
N ALA E 247 -5.02 -1.70 -49.03
CA ALA E 247 -4.31 -1.33 -50.25
C ALA E 247 -3.30 -0.22 -49.96
N PRO E 248 -2.08 -0.29 -50.53
CA PRO E 248 -1.08 0.75 -50.24
C PRO E 248 -1.46 2.12 -50.79
N GLU E 249 -2.12 2.16 -51.95
CA GLU E 249 -2.56 3.43 -52.52
C GLU E 249 -3.55 4.14 -51.62
N TYR E 250 -4.45 3.37 -51.00
CA TYR E 250 -5.42 3.97 -50.09
C TYR E 250 -4.75 4.48 -48.82
N ALA E 251 -3.73 3.76 -48.34
CA ALA E 251 -3.05 4.16 -47.11
C ALA E 251 -2.27 5.46 -47.29
N GLU E 252 -1.71 5.66 -48.49
CA GLU E 252 -0.98 6.90 -48.76
C GLU E 252 -1.92 8.11 -48.72
N ALA E 253 -3.14 7.95 -49.23
CA ALA E 253 -4.06 9.07 -49.33
C ALA E 253 -4.51 9.56 -47.95
N ILE E 254 -4.74 8.64 -47.02
CA ILE E 254 -5.12 9.07 -45.67
C ILE E 254 -3.93 9.64 -44.92
N ALA E 255 -2.71 9.18 -45.23
CA ALA E 255 -1.53 9.68 -44.56
C ALA E 255 -1.11 11.05 -45.11
N THR E 256 -1.26 11.23 -46.43
CA THR E 256 -0.99 12.54 -47.03
C THR E 256 -1.96 13.59 -46.52
N ARG E 257 -3.25 13.23 -46.43
CA ARG E 257 -4.25 14.15 -45.90
C ARG E 257 -4.00 14.44 -44.43
N ALA E 258 -3.64 13.42 -43.65
CA ALA E 258 -3.35 13.64 -42.23
C ALA E 258 -2.16 14.56 -42.04
N GLY E 259 -1.12 14.41 -42.87
CA GLY E 259 0.00 15.33 -42.81
C GLY E 259 -0.36 16.73 -43.23
N ALA E 260 -1.19 16.86 -44.28
CA ALA E 260 -1.67 18.17 -44.70
C ALA E 260 -2.59 18.79 -43.66
N LEU E 261 -3.49 17.99 -43.09
CA LEU E 261 -4.39 18.49 -42.05
C LEU E 261 -3.67 18.77 -40.74
N ALA E 262 -2.46 18.25 -40.55
CA ALA E 262 -1.68 18.65 -39.39
C ALA E 262 -1.13 20.06 -39.57
N GLY E 263 -0.93 20.50 -40.82
CA GLY E 263 -0.36 21.82 -41.05
C GLY E 263 -1.32 22.96 -40.77
N ILE E 264 -2.60 22.79 -41.12
CA ILE E 264 -3.54 23.91 -41.12
C ILE E 264 -4.19 24.15 -39.75
N SER E 265 -3.80 23.40 -38.72
CA SER E 265 -4.36 23.55 -37.38
C SER E 265 -3.22 23.79 -36.39
N PRO E 266 -2.76 25.02 -36.24
CA PRO E 266 -1.68 25.31 -35.28
C PRO E 266 -2.22 25.68 -33.91
N MET E 267 -1.32 25.62 -32.93
CA MET E 267 -1.62 26.03 -31.55
C MET E 267 -1.14 27.47 -31.40
N PHE E 268 -2.08 28.41 -31.50
CA PHE E 268 -1.72 29.82 -31.61
C PHE E 268 -1.18 30.35 -30.29
N GLN E 269 -0.14 31.17 -30.39
CA GLN E 269 0.62 31.71 -29.27
C GLN E 269 0.57 33.25 -29.29
N PRO E 270 0.73 33.89 -28.13
CA PRO E 270 0.76 35.36 -28.11
C PRO E 270 1.99 35.92 -28.81
N CYS E 271 1.90 37.19 -29.15
CA CYS E 271 2.93 37.87 -29.94
C CYS E 271 3.85 38.66 -29.03
N VAL E 272 5.16 38.39 -29.12
CA VAL E 272 6.16 39.16 -28.38
C VAL E 272 6.51 40.47 -29.07
N VAL E 273 5.88 40.74 -30.21
CA VAL E 273 6.02 41.99 -30.95
C VAL E 273 4.61 42.52 -31.13
N PRO E 274 4.42 43.82 -31.29
CA PRO E 274 3.11 44.33 -31.73
C PRO E 274 2.64 43.60 -32.98
N PRO E 275 1.36 43.23 -33.04
CA PRO E 275 0.91 42.34 -34.11
C PRO E 275 0.84 43.05 -35.44
N LYS E 276 0.77 42.24 -36.50
CA LYS E 276 0.68 42.80 -37.84
C LYS E 276 -0.67 43.48 -38.02
N PRO E 277 -0.70 44.74 -38.42
CA PRO E 277 -1.99 45.44 -38.59
C PRO E 277 -2.79 44.86 -39.73
N TRP E 278 -4.11 44.93 -39.58
CA TRP E 278 -5.03 44.43 -40.60
C TRP E 278 -5.23 45.52 -41.64
N THR E 279 -4.69 45.31 -42.84
CA THR E 279 -4.99 46.16 -43.99
C THR E 279 -5.88 45.46 -45.00
N GLY E 280 -6.14 44.17 -44.83
CA GLY E 280 -6.96 43.43 -45.76
C GLY E 280 -7.76 42.33 -45.09
N ILE E 281 -8.38 41.47 -45.90
CA ILE E 281 -9.24 40.42 -45.37
C ILE E 281 -8.41 39.31 -44.73
N THR E 282 -7.23 39.04 -45.28
CA THR E 282 -6.36 37.99 -44.76
C THR E 282 -4.97 38.57 -44.51
N GLY E 283 -4.14 37.76 -43.86
CA GLY E 283 -2.73 38.08 -43.68
C GLY E 283 -2.39 38.91 -42.46
N GLY E 284 -3.38 39.39 -41.72
CA GLY E 284 -3.13 40.20 -40.55
C GLY E 284 -2.82 39.38 -39.31
N GLY E 285 -2.49 40.08 -38.24
CA GLY E 285 -2.25 39.42 -36.97
C GLY E 285 -0.82 38.95 -36.84
N TYR E 286 -0.58 37.67 -37.11
CA TYR E 286 0.76 37.14 -37.12
C TYR E 286 1.51 37.65 -38.35
N TRP E 287 2.76 38.06 -38.14
CA TRP E 287 3.50 38.78 -39.17
C TRP E 287 3.90 37.87 -40.32
N ALA E 288 4.20 36.62 -40.05
CA ALA E 288 4.78 35.75 -41.07
C ALA E 288 3.70 35.18 -41.98
N ASN E 289 4.11 34.81 -43.19
CA ASN E 289 3.27 34.06 -44.11
C ASN E 289 3.14 32.63 -43.59
N GLY E 290 1.93 32.20 -43.28
CA GLY E 290 1.71 30.86 -42.79
C GLY E 290 0.96 29.99 -43.76
N ARG E 291 0.99 28.67 -43.55
CA ARG E 291 0.14 27.76 -44.31
C ARG E 291 -1.33 28.07 -44.04
N ARG E 292 -1.68 28.34 -42.79
CA ARG E 292 -3.02 28.80 -42.46
C ARG E 292 -2.99 30.30 -42.26
N PRO E 293 -3.55 31.09 -43.17
CA PRO E 293 -3.56 32.54 -42.98
C PRO E 293 -4.74 32.97 -42.11
N LEU E 294 -4.50 33.97 -41.28
CA LEU E 294 -5.56 34.50 -40.43
C LEU E 294 -6.59 35.24 -41.27
N ALA E 295 -7.85 35.01 -40.97
CA ALA E 295 -8.95 35.72 -41.62
C ALA E 295 -9.43 36.84 -40.71
N LEU E 296 -9.77 37.98 -41.32
CA LEU E 296 -10.31 39.09 -40.54
C LEU E 296 -11.65 38.72 -39.94
N VAL E 297 -12.45 37.94 -40.65
CA VAL E 297 -13.73 37.45 -40.16
C VAL E 297 -13.71 35.92 -40.24
N ARG E 298 -13.97 35.27 -39.11
CA ARG E 298 -14.07 33.81 -39.07
C ARG E 298 -15.37 33.38 -39.74
N THR E 299 -15.26 32.78 -40.92
CA THR E 299 -16.41 32.41 -41.73
C THR E 299 -16.46 30.90 -41.90
N HIS E 300 -17.67 30.36 -41.94
CA HIS E 300 -17.88 28.95 -42.21
C HIS E 300 -17.69 28.60 -43.69
N SER E 301 -17.68 29.60 -44.57
CA SER E 301 -17.52 29.37 -46.00
C SER E 301 -16.51 30.35 -46.57
N LYS E 302 -15.85 29.94 -47.65
CA LYS E 302 -14.92 30.83 -48.34
C LYS E 302 -15.66 31.95 -49.07
N LYS E 303 -16.89 31.70 -49.50
CA LYS E 303 -17.68 32.72 -50.17
C LYS E 303 -18.04 33.85 -49.22
N ALA E 304 -18.42 33.52 -47.98
CA ALA E 304 -18.79 34.55 -47.00
C ALA E 304 -17.60 35.42 -46.62
N LEU E 305 -16.40 34.84 -46.57
CA LEU E 305 -15.20 35.64 -46.36
C LEU E 305 -14.92 36.53 -47.55
N MET E 306 -15.21 36.04 -48.77
CA MET E 306 -14.96 36.81 -49.97
C MET E 306 -15.91 37.98 -50.12
N ARG E 307 -17.06 37.97 -49.42
CA ARG E 307 -17.97 39.11 -49.46
C ARG E 307 -17.34 40.34 -48.84
N TYR E 308 -16.42 40.15 -47.89
CA TYR E 308 -15.84 41.27 -47.14
C TYR E 308 -14.72 41.97 -47.90
N GLU E 309 -14.22 41.38 -48.99
CA GLU E 309 -13.02 41.91 -49.67
C GLU E 309 -13.27 43.31 -50.23
N ASP E 310 -14.43 43.53 -50.84
CA ASP E 310 -14.72 44.82 -51.46
C ASP E 310 -15.26 45.86 -50.48
N VAL E 311 -15.63 45.45 -49.26
CA VAL E 311 -16.30 46.37 -48.34
C VAL E 311 -15.30 47.36 -47.77
N TYR E 312 -15.69 48.64 -47.75
CA TYR E 312 -14.88 49.72 -47.20
C TYR E 312 -15.44 50.09 -45.84
N MET E 313 -14.76 49.67 -44.77
CA MET E 313 -15.17 49.95 -43.40
C MET E 313 -13.97 50.51 -42.64
N PRO E 314 -13.72 51.82 -42.75
CA PRO E 314 -12.54 52.39 -42.07
C PRO E 314 -12.63 52.35 -40.56
N GLU E 315 -13.82 52.55 -39.98
CA GLU E 315 -13.94 52.56 -38.53
C GLU E 315 -13.84 51.16 -37.95
N VAL E 316 -14.18 50.13 -38.73
CA VAL E 316 -14.02 48.76 -38.27
C VAL E 316 -12.54 48.40 -38.20
N TYR E 317 -11.77 48.76 -39.23
CA TYR E 317 -10.36 48.38 -39.30
C TYR E 317 -9.53 49.10 -38.25
N LYS E 318 -9.87 50.34 -37.94
CA LYS E 318 -9.12 51.09 -36.94
C LYS E 318 -9.28 50.48 -35.55
N ALA E 319 -10.49 49.97 -35.24
CA ALA E 319 -10.76 49.46 -33.90
C ALA E 319 -9.97 48.20 -33.59
N ILE E 320 -9.89 47.27 -34.55
CA ILE E 320 -9.17 46.02 -34.30
C ILE E 320 -7.67 46.27 -34.21
N ASN E 321 -7.15 47.17 -35.05
CA ASN E 321 -5.73 47.49 -35.02
C ASN E 321 -5.32 48.15 -33.70
N ILE E 322 -6.19 48.98 -33.13
CA ILE E 322 -5.93 49.55 -31.81
C ILE E 322 -5.91 48.45 -30.75
N ALA E 323 -6.89 47.55 -30.80
CA ALA E 323 -6.99 46.47 -29.81
C ALA E 323 -5.81 45.52 -29.90
N GLN E 324 -5.27 45.31 -31.10
CA GLN E 324 -4.04 44.54 -31.24
C GLN E 324 -2.86 45.26 -30.62
N ASN E 325 -2.83 46.59 -30.73
CA ASN E 325 -1.70 47.40 -30.29
C ASN E 325 -1.57 47.49 -28.78
N THR E 326 -2.57 47.05 -28.02
CA THR E 326 -2.48 47.12 -26.56
C THR E 326 -1.47 46.12 -26.05
N ALA E 327 -0.54 46.60 -25.21
CA ALA E 327 0.59 45.80 -24.74
C ALA E 327 0.26 45.18 -23.39
N TRP E 328 0.48 43.87 -23.27
CA TRP E 328 0.20 43.13 -22.06
C TRP E 328 1.47 42.49 -21.51
N LYS E 329 1.54 42.40 -20.18
CA LYS E 329 2.62 41.70 -19.52
C LYS E 329 2.03 40.72 -18.52
N ILE E 330 2.85 39.76 -18.09
CA ILE E 330 2.39 38.77 -17.13
C ILE E 330 2.40 39.39 -15.73
N ASN E 331 1.30 39.24 -15.01
CA ASN E 331 1.26 39.63 -13.61
C ASN E 331 2.07 38.63 -12.80
N LYS E 332 3.35 38.96 -12.56
CA LYS E 332 4.27 38.01 -11.92
C LYS E 332 3.87 37.71 -10.49
N LYS E 333 3.25 38.68 -9.79
CA LYS E 333 2.83 38.45 -8.42
C LYS E 333 1.71 37.43 -8.34
N VAL E 334 0.73 37.51 -9.25
CA VAL E 334 -0.33 36.52 -9.30
C VAL E 334 0.21 35.16 -9.75
N LEU E 335 1.21 35.16 -10.64
CA LEU E 335 1.77 33.92 -11.14
C LEU E 335 2.47 33.13 -10.03
N ALA E 336 3.15 33.84 -9.12
CA ALA E 336 3.85 33.17 -8.03
C ALA E 336 2.88 32.42 -7.12
N VAL E 337 1.72 33.02 -6.85
CA VAL E 337 0.70 32.35 -6.04
C VAL E 337 0.11 31.17 -6.80
N ALA E 338 -0.10 31.33 -8.11
CA ALA E 338 -0.75 30.28 -8.90
C ALA E 338 0.15 29.06 -9.06
N ASN E 339 1.47 29.26 -9.16
CA ASN E 339 2.38 28.13 -9.36
C ASN E 339 2.37 27.18 -8.17
N VAL E 340 2.39 27.72 -6.95
CA VAL E 340 2.46 26.86 -5.77
C VAL E 340 1.10 26.26 -5.45
N ILE E 341 0.03 27.03 -5.61
CA ILE E 341 -1.30 26.57 -5.20
C ILE E 341 -1.80 25.45 -6.11
N THR E 342 -1.59 25.58 -7.42
CA THR E 342 -1.99 24.52 -8.33
C THR E 342 -1.20 23.22 -8.12
N LYS E 343 0.00 23.32 -7.54
CA LYS E 343 0.74 22.12 -7.17
C LYS E 343 0.06 21.35 -6.05
N TRP E 344 -0.78 22.01 -5.25
CA TRP E 344 -1.41 21.40 -4.08
C TRP E 344 -2.87 21.06 -4.29
N LYS E 345 -3.61 21.86 -5.05
CA LYS E 345 -5.02 21.63 -5.30
C LYS E 345 -5.23 21.42 -6.79
N HIS E 346 -6.17 20.53 -7.14
CA HIS E 346 -6.54 20.33 -8.54
C HIS E 346 -7.11 21.61 -9.13
N CYS E 347 -8.10 22.20 -8.46
CA CYS E 347 -8.51 23.55 -8.75
C CYS E 347 -8.13 24.45 -7.59
N PRO E 348 -7.45 25.57 -7.85
CA PRO E 348 -6.95 26.43 -6.76
C PRO E 348 -8.03 26.93 -5.82
N VAL E 349 -9.24 27.19 -6.31
CA VAL E 349 -10.26 27.91 -5.56
C VAL E 349 -11.43 27.01 -5.15
N GLU E 350 -11.49 25.77 -5.64
CA GLU E 350 -12.72 24.98 -5.58
C GLU E 350 -13.11 24.62 -4.15
N ASP E 351 -12.18 24.06 -3.38
CA ASP E 351 -12.49 23.53 -2.04
C ASP E 351 -11.59 24.21 -1.01
N ILE E 352 -12.04 25.35 -0.50
CA ILE E 352 -11.34 26.11 0.53
C ILE E 352 -12.09 25.91 1.84
N PRO E 353 -11.46 25.35 2.87
CA PRO E 353 -12.14 25.25 4.17
C PRO E 353 -12.44 26.63 4.75
N ALA E 354 -13.62 26.74 5.36
CA ALA E 354 -14.07 27.99 5.94
C ALA E 354 -14.83 27.71 7.23
N ILE E 355 -14.88 28.71 8.10
CA ILE E 355 -15.54 28.56 9.39
C ILE E 355 -17.00 29.03 9.29
N ALA E 376 -33.22 11.00 -6.10
CA ALA E 376 -32.46 10.86 -4.86
C ALA E 376 -31.02 10.44 -5.15
N TRP E 377 -30.76 9.14 -5.10
CA TRP E 377 -29.40 8.63 -5.35
C TRP E 377 -29.04 8.72 -6.82
N LYS E 378 -30.02 8.54 -7.71
CA LYS E 378 -29.76 8.54 -9.14
C LYS E 378 -29.27 9.90 -9.63
N ARG E 379 -29.85 10.98 -9.10
CA ARG E 379 -29.46 12.32 -9.51
C ARG E 379 -28.02 12.63 -9.11
N ALA E 380 -27.62 12.23 -7.91
CA ALA E 380 -26.24 12.45 -7.46
C ALA E 380 -25.26 11.66 -8.30
N ALA E 381 -25.64 10.45 -8.71
CA ALA E 381 -24.74 9.58 -9.47
C ALA E 381 -24.38 10.19 -10.83
N ALA E 382 -25.37 10.79 -11.50
CA ALA E 382 -25.08 11.46 -12.76
C ALA E 382 -24.22 12.71 -12.56
N ALA E 383 -24.37 13.37 -11.41
CA ALA E 383 -23.60 14.57 -11.14
C ALA E 383 -22.17 14.25 -10.70
N VAL E 384 -21.98 13.21 -9.88
CA VAL E 384 -20.64 12.91 -9.38
C VAL E 384 -19.75 12.39 -10.50
N TYR E 385 -20.32 11.67 -11.48
CA TYR E 385 -19.56 11.25 -12.64
C TYR E 385 -19.17 12.46 -13.49
N ARG E 386 -20.13 13.36 -13.74
CA ARG E 386 -19.86 14.52 -14.58
C ARG E 386 -18.89 15.49 -13.90
N LYS E 387 -18.98 15.63 -12.58
CA LYS E 387 -18.10 16.53 -11.85
C LYS E 387 -16.65 16.08 -11.92
N ASP E 388 -16.40 14.77 -11.80
CA ASP E 388 -15.04 14.25 -11.87
C ASP E 388 -14.46 14.41 -13.27
N LYS E 389 -15.29 14.20 -14.30
CA LYS E 389 -14.86 14.51 -15.66
C LYS E 389 -14.70 16.01 -15.86
N ALA E 390 -15.55 16.81 -15.21
CA ALA E 390 -15.42 18.27 -15.28
C ALA E 390 -14.13 18.74 -14.64
N ARG E 391 -13.80 18.21 -13.45
CA ARG E 391 -12.57 18.59 -12.78
C ARG E 391 -11.35 18.16 -13.57
N LYS E 392 -11.41 16.97 -14.18
CA LYS E 392 -10.28 16.49 -14.99
C LYS E 392 -10.08 17.38 -16.21
N SER E 393 -11.16 17.70 -16.92
CA SER E 393 -11.04 18.46 -18.17
C SER E 393 -10.59 19.90 -17.91
N ARG E 394 -11.04 20.49 -16.79
CA ARG E 394 -10.61 21.83 -16.43
C ARG E 394 -9.12 21.92 -16.12
N ARG E 395 -8.50 20.79 -15.74
CA ARG E 395 -7.11 20.81 -15.31
C ARG E 395 -6.16 21.04 -16.49
N ILE E 396 -6.38 20.36 -17.62
CA ILE E 396 -5.48 20.52 -18.76
C ILE E 396 -5.56 21.92 -19.33
N SER E 397 -6.77 22.51 -19.31
CA SER E 397 -6.91 23.92 -19.67
C SER E 397 -6.15 24.81 -18.69
N LEU E 398 -6.19 24.47 -17.40
CA LEU E 398 -5.47 25.25 -16.40
C LEU E 398 -3.95 25.08 -16.55
N GLU E 399 -3.49 23.83 -16.71
CA GLU E 399 -2.06 23.58 -16.82
C GLU E 399 -1.48 24.16 -18.11
N PHE E 400 -2.27 24.21 -19.18
CA PHE E 400 -1.82 24.87 -20.40
C PHE E 400 -1.70 26.38 -20.19
N MET E 401 -2.69 26.99 -19.53
CA MET E 401 -2.66 28.43 -19.27
C MET E 401 -1.50 28.80 -18.35
N LEU E 402 -1.25 27.99 -17.31
CA LEU E 402 -0.15 28.25 -16.40
C LEU E 402 1.19 28.13 -17.10
N GLU E 403 1.33 27.15 -18.00
CA GLU E 403 2.55 27.02 -18.78
C GLU E 403 2.73 28.21 -19.71
N GLN E 404 1.64 28.71 -20.30
CA GLN E 404 1.71 29.89 -21.14
C GLN E 404 2.16 31.11 -20.34
N ALA E 405 1.62 31.29 -19.13
CA ALA E 405 2.01 32.42 -18.29
C ALA E 405 3.46 32.31 -17.84
N ASN E 406 3.89 31.08 -17.51
CA ASN E 406 5.28 30.88 -17.10
C ASN E 406 6.25 31.07 -18.27
N LYS E 407 5.79 30.83 -19.50
CA LYS E 407 6.67 30.94 -20.65
C LYS E 407 6.94 32.39 -21.04
N PHE E 408 5.93 33.27 -20.90
CA PHE E 408 6.05 34.66 -21.26
C PHE E 408 6.23 35.58 -20.05
N ALA E 409 6.60 35.02 -18.90
CA ALA E 409 6.64 35.79 -17.66
C ALA E 409 7.71 36.87 -17.69
N ASN E 410 8.87 36.57 -18.24
CA ASN E 410 9.99 37.51 -18.23
C ASN E 410 9.94 38.52 -19.39
N HIS E 411 9.04 38.33 -20.35
CA HIS E 411 8.91 39.28 -21.44
C HIS E 411 8.34 40.59 -20.94
N LYS E 412 8.86 41.69 -21.49
CA LYS E 412 8.47 43.02 -21.01
C LYS E 412 7.07 43.38 -21.47
N ALA E 413 6.68 42.96 -22.67
CA ALA E 413 5.33 43.14 -23.14
C ALA E 413 5.04 42.07 -24.18
N ILE E 414 3.83 41.55 -24.16
CA ILE E 414 3.35 40.67 -25.22
C ILE E 414 2.09 41.28 -25.80
N TRP E 415 1.76 40.86 -27.01
CA TRP E 415 0.60 41.36 -27.73
C TRP E 415 -0.23 40.19 -28.20
N PHE E 416 -1.50 40.46 -28.50
CA PHE E 416 -2.39 39.44 -28.99
C PHE E 416 -2.99 39.87 -30.32
N PRO E 417 -2.94 39.04 -31.35
CA PRO E 417 -3.71 39.32 -32.56
C PRO E 417 -5.18 39.06 -32.32
N TYR E 418 -6.02 39.95 -32.84
CA TYR E 418 -7.46 39.86 -32.61
C TYR E 418 -8.17 39.49 -33.90
N ASN E 419 -9.39 38.98 -33.77
CA ASN E 419 -10.15 38.47 -34.88
C ASN E 419 -11.62 38.77 -34.65
N MET E 420 -12.43 38.46 -35.65
CA MET E 420 -13.86 38.77 -35.62
C MET E 420 -14.67 37.56 -36.02
N ASP E 421 -15.74 37.29 -35.28
CA ASP E 421 -16.69 36.26 -35.72
C ASP E 421 -17.50 36.79 -36.89
N TRP E 422 -18.42 35.96 -37.40
CA TRP E 422 -19.19 36.39 -38.56
C TRP E 422 -20.20 37.49 -38.22
N ARG E 423 -20.50 37.71 -36.94
CA ARG E 423 -21.44 38.75 -36.55
C ARG E 423 -20.80 40.08 -36.19
N GLY E 424 -19.51 40.08 -35.85
CA GLY E 424 -18.81 41.32 -35.55
C GLY E 424 -18.17 41.40 -34.18
N ARG E 425 -18.35 40.41 -33.31
CA ARG E 425 -17.69 40.43 -32.00
C ARG E 425 -16.20 40.15 -32.18
N VAL E 426 -15.40 40.74 -31.28
CA VAL E 426 -13.95 40.76 -31.41
C VAL E 426 -13.35 39.72 -30.47
N TYR E 427 -12.54 38.82 -31.03
CA TYR E 427 -11.94 37.72 -30.31
C TYR E 427 -10.43 37.72 -30.53
N ALA E 428 -9.67 37.46 -29.47
CA ALA E 428 -8.23 37.31 -29.60
C ALA E 428 -7.90 35.92 -30.12
N VAL E 429 -6.98 35.86 -31.08
CA VAL E 429 -6.74 34.62 -31.84
C VAL E 429 -6.06 33.57 -30.97
N SER E 430 -5.09 33.98 -30.15
CA SER E 430 -4.28 33.03 -29.39
C SER E 430 -5.11 32.33 -28.33
N MET E 431 -4.72 31.07 -28.03
CA MET E 431 -5.43 30.29 -27.02
C MET E 431 -5.32 30.91 -25.64
N PHE E 432 -4.13 31.42 -25.29
CA PHE E 432 -3.93 32.17 -24.06
C PHE E 432 -4.20 33.63 -24.37
N ASN E 433 -5.35 34.13 -23.93
CA ASN E 433 -5.83 35.45 -24.28
C ASN E 433 -6.46 36.10 -23.06
N PRO E 434 -6.58 37.44 -23.06
CA PRO E 434 -7.25 38.11 -21.93
C PRO E 434 -8.73 37.81 -21.79
N GLN E 435 -9.35 37.13 -22.76
CA GLN E 435 -10.74 36.75 -22.69
C GLN E 435 -10.95 35.39 -22.02
N GLY E 436 -9.99 34.93 -21.21
CA GLY E 436 -10.07 33.64 -20.56
C GLY E 436 -10.85 33.69 -19.26
N ASN E 437 -10.64 32.65 -18.44
CA ASN E 437 -11.32 32.55 -17.15
C ASN E 437 -10.64 33.46 -16.14
N ASP E 438 -11.05 33.35 -14.87
CA ASP E 438 -10.58 34.27 -13.84
C ASP E 438 -9.09 34.11 -13.57
N MET E 439 -8.58 32.88 -13.58
CA MET E 439 -7.14 32.69 -13.43
C MET E 439 -6.36 33.27 -14.60
N THR E 440 -6.86 33.06 -15.83
CA THR E 440 -6.17 33.59 -17.01
C THR E 440 -6.17 35.11 -17.01
N LYS E 441 -7.30 35.72 -16.66
CA LYS E 441 -7.36 37.17 -16.55
C LYS E 441 -6.52 37.69 -15.38
N GLY E 442 -6.40 36.90 -14.32
CA GLY E 442 -5.58 37.32 -13.19
C GLY E 442 -4.10 37.36 -13.53
N LEU E 443 -3.63 36.40 -14.33
CA LEU E 443 -2.21 36.35 -14.69
C LEU E 443 -1.81 37.43 -15.69
N LEU E 444 -2.78 38.06 -16.35
CA LEU E 444 -2.50 39.04 -17.39
C LEU E 444 -2.76 40.46 -16.88
N THR E 445 -1.90 41.39 -17.29
CA THR E 445 -2.07 42.80 -16.98
C THR E 445 -1.45 43.61 -18.11
N LEU E 446 -1.89 44.86 -18.22
CA LEU E 446 -1.39 45.74 -19.27
C LEU E 446 0.02 46.21 -18.94
N ALA E 447 0.77 46.55 -19.98
CA ALA E 447 2.21 46.80 -19.84
C ALA E 447 2.53 48.26 -19.52
N LYS E 448 1.85 49.20 -20.16
CA LYS E 448 2.16 50.62 -20.00
C LYS E 448 1.18 51.22 -18.99
N GLY E 449 1.70 51.65 -17.85
CA GLY E 449 0.88 52.27 -16.83
C GLY E 449 1.10 53.75 -16.70
N LYS E 450 0.20 54.43 -16.01
CA LYS E 450 0.26 55.86 -15.74
C LYS E 450 0.04 56.07 -14.25
N PRO E 451 0.52 57.18 -13.68
CA PRO E 451 0.29 57.46 -12.26
C PRO E 451 -1.20 57.48 -11.92
N ILE E 452 -1.55 56.78 -10.84
CA ILE E 452 -2.95 56.39 -10.63
C ILE E 452 -3.80 57.60 -10.27
N GLY E 453 -3.26 58.54 -9.48
CA GLY E 453 -4.01 59.72 -9.11
C GLY E 453 -5.16 59.42 -8.17
N LYS E 454 -5.89 60.48 -7.83
CA LYS E 454 -7.07 60.34 -6.98
C LYS E 454 -8.18 59.59 -7.68
N GLU E 455 -8.44 59.93 -8.96
CA GLU E 455 -9.55 59.34 -9.69
C GLU E 455 -9.30 57.87 -10.00
N GLY E 456 -8.08 57.52 -10.39
CA GLY E 456 -7.76 56.13 -10.65
C GLY E 456 -7.81 55.27 -9.40
N TYR E 457 -7.38 55.82 -8.27
CA TYR E 457 -7.50 55.12 -6.99
C TYR E 457 -8.96 54.91 -6.61
N TYR E 458 -9.83 55.86 -6.96
CA TYR E 458 -11.26 55.66 -6.76
C TYR E 458 -11.78 54.49 -7.59
N TRP E 459 -11.38 54.43 -8.87
CA TRP E 459 -11.86 53.37 -9.75
C TRP E 459 -11.18 52.04 -9.48
N LEU E 460 -9.96 52.05 -8.95
CA LEU E 460 -9.30 50.81 -8.55
C LEU E 460 -10.07 50.13 -7.42
N LYS E 461 -10.56 50.92 -6.46
CA LYS E 461 -11.36 50.36 -5.37
C LYS E 461 -12.70 49.83 -5.87
N ILE E 462 -13.29 50.48 -6.88
CA ILE E 462 -14.53 49.98 -7.47
C ILE E 462 -14.30 48.63 -8.16
N HIS E 463 -13.17 48.50 -8.87
CA HIS E 463 -12.84 47.24 -9.51
C HIS E 463 -12.60 46.13 -8.47
N GLY E 464 -12.03 46.50 -7.32
CA GLY E 464 -11.83 45.52 -6.27
C GLY E 464 -13.15 45.03 -5.67
N ALA E 465 -14.10 45.94 -5.46
CA ALA E 465 -15.41 45.53 -4.98
C ALA E 465 -16.17 44.73 -6.03
N ASN E 466 -15.95 45.05 -7.32
CA ASN E 466 -16.57 44.29 -8.39
C ASN E 466 -16.06 42.84 -8.40
N CYS E 467 -14.76 42.66 -8.19
CA CYS E 467 -14.19 41.31 -8.17
C CYS E 467 -14.67 40.52 -6.96
N ALA E 468 -15.00 41.21 -5.86
CA ALA E 468 -15.48 40.53 -4.66
C ALA E 468 -16.94 40.14 -4.74
N GLY E 469 -17.68 40.69 -5.69
CA GLY E 469 -19.10 40.42 -5.81
C GLY E 469 -20.00 41.48 -5.20
N VAL E 470 -19.54 42.71 -5.08
CA VAL E 470 -20.29 43.79 -4.43
C VAL E 470 -20.79 44.73 -5.53
N ASP E 471 -21.06 44.16 -6.70
CA ASP E 471 -21.43 44.93 -7.88
C ASP E 471 -22.87 45.45 -7.84
N LYS E 472 -23.72 44.92 -6.97
CA LYS E 472 -25.13 45.29 -6.93
C LYS E 472 -25.43 46.42 -5.94
N VAL E 473 -24.42 47.21 -5.58
CA VAL E 473 -24.55 48.20 -4.51
C VAL E 473 -24.03 49.53 -5.07
N PRO E 474 -24.52 50.68 -4.59
CA PRO E 474 -24.02 51.96 -5.11
C PRO E 474 -22.54 52.19 -4.80
N PHE E 475 -21.96 53.11 -5.57
CA PHE E 475 -20.52 53.32 -5.55
C PHE E 475 -19.91 53.67 -4.18
N PRO E 476 -20.50 54.55 -3.35
CA PRO E 476 -19.91 54.75 -2.01
C PRO E 476 -19.88 53.49 -1.16
N GLU E 477 -20.86 52.59 -1.31
CA GLU E 477 -20.81 51.33 -0.57
C GLU E 477 -19.73 50.40 -1.12
N ARG E 478 -19.40 50.52 -2.40
CA ARG E 478 -18.27 49.77 -2.94
C ARG E 478 -16.95 50.26 -2.34
N ILE E 479 -16.80 51.58 -2.23
CA ILE E 479 -15.60 52.14 -1.58
C ILE E 479 -15.59 51.79 -0.10
N LYS E 480 -16.75 51.85 0.55
CA LYS E 480 -16.83 51.56 1.99
C LYS E 480 -16.49 50.11 2.27
N PHE E 481 -16.87 49.20 1.38
CA PHE E 481 -16.53 47.79 1.55
C PHE E 481 -15.01 47.58 1.49
N ILE E 482 -14.34 48.30 0.59
CA ILE E 482 -12.89 48.17 0.47
C ILE E 482 -12.19 48.70 1.71
N GLU E 483 -12.63 49.86 2.21
CA GLU E 483 -11.98 50.47 3.37
C GLU E 483 -12.23 49.68 4.65
N GLU E 484 -13.42 49.08 4.80
CA GLU E 484 -13.69 48.27 5.98
C GLU E 484 -12.89 46.98 5.99
N ASN E 485 -12.53 46.47 4.82
CA ASN E 485 -11.71 45.28 4.70
C ASN E 485 -10.27 45.62 4.32
N HIS E 486 -9.81 46.82 4.64
CA HIS E 486 -8.49 47.29 4.21
C HIS E 486 -7.37 46.42 4.79
N GLU E 487 -7.47 46.08 6.08
CA GLU E 487 -6.43 45.25 6.69
C GLU E 487 -6.42 43.84 6.12
N ASN E 488 -7.59 43.32 5.72
CA ASN E 488 -7.64 42.04 5.05
C ASN E 488 -6.99 42.10 3.67
N ILE E 489 -7.22 43.20 2.94
CA ILE E 489 -6.61 43.36 1.62
C ILE E 489 -5.10 43.41 1.72
N MET E 490 -4.58 44.18 2.68
CA MET E 490 -3.13 44.28 2.85
C MET E 490 -2.53 42.98 3.38
N ALA E 491 -3.29 42.24 4.19
CA ALA E 491 -2.82 40.92 4.63
C ALA E 491 -2.72 39.96 3.45
N CYS E 492 -3.69 40.02 2.54
CA CYS E 492 -3.65 39.16 1.35
C CYS E 492 -2.50 39.52 0.44
N ALA E 493 -2.23 40.82 0.25
CA ALA E 493 -1.13 41.24 -0.61
C ALA E 493 0.22 40.90 0.00
N LYS E 494 0.34 41.01 1.33
CA LYS E 494 1.64 40.78 1.98
C LYS E 494 1.98 39.29 2.01
N SER E 495 1.00 38.44 2.25
CA SER E 495 1.22 36.99 2.33
C SER E 495 0.03 36.27 1.71
N PRO E 496 0.04 36.12 0.38
CA PRO E 496 -1.12 35.48 -0.28
C PRO E 496 -1.31 34.01 0.07
N LEU E 497 -0.23 33.29 0.37
CA LEU E 497 -0.37 31.90 0.78
C LEU E 497 -0.84 31.74 2.21
N GLU E 498 -0.69 32.77 3.05
CA GLU E 498 -1.04 32.67 4.45
C GLU E 498 -2.45 33.17 4.76
N ASN E 499 -3.07 33.92 3.85
CA ASN E 499 -4.44 34.40 4.03
C ASN E 499 -5.28 34.00 2.83
N THR E 500 -6.38 33.31 3.09
CA THR E 500 -7.24 32.75 2.06
C THR E 500 -8.44 33.63 1.74
N TRP E 501 -8.49 34.85 2.28
CA TRP E 501 -9.66 35.70 2.10
C TRP E 501 -9.87 36.10 0.65
N TRP E 502 -8.78 36.34 -0.08
CA TRP E 502 -8.89 36.67 -1.49
C TRP E 502 -9.44 35.51 -2.30
N ALA E 503 -9.19 34.28 -1.87
CA ALA E 503 -9.69 33.12 -2.59
C ALA E 503 -11.19 32.95 -2.40
N GLU E 504 -11.75 33.46 -1.31
CA GLU E 504 -13.17 33.30 -1.05
C GLU E 504 -14.04 34.22 -1.90
N GLN E 505 -13.46 35.18 -2.62
CA GLN E 505 -14.23 36.16 -3.36
C GLN E 505 -14.67 35.60 -4.71
N ASP E 506 -15.57 36.34 -5.37
CA ASP E 506 -16.23 35.85 -6.58
C ASP E 506 -15.27 35.72 -7.75
N SER E 507 -14.34 36.67 -7.90
CA SER E 507 -13.32 36.65 -8.94
C SER E 507 -11.97 36.66 -8.24
N PRO E 508 -11.52 35.49 -7.72
CA PRO E 508 -10.42 35.47 -6.75
C PRO E 508 -9.07 35.94 -7.27
N PHE E 509 -8.65 35.44 -8.44
CA PHE E 509 -7.33 35.81 -8.95
C PHE E 509 -7.31 37.25 -9.43
N CYS E 510 -8.42 37.72 -10.01
CA CYS E 510 -8.53 39.14 -10.34
C CYS E 510 -8.56 40.00 -9.08
N PHE E 511 -9.22 39.51 -8.03
CA PHE E 511 -9.23 40.23 -6.75
C PHE E 511 -7.84 40.26 -6.12
N LEU E 512 -7.09 39.16 -6.23
CA LEU E 512 -5.73 39.13 -5.72
C LEU E 512 -4.84 40.10 -6.48
N ALA E 513 -5.05 40.22 -7.79
CA ALA E 513 -4.33 41.21 -8.58
C ALA E 513 -4.66 42.63 -8.14
N PHE E 514 -5.92 42.87 -7.77
CA PHE E 514 -6.31 44.17 -7.21
C PHE E 514 -5.63 44.42 -5.87
N CYS E 515 -5.47 43.36 -5.06
CA CYS E 515 -4.88 43.52 -3.73
C CYS E 515 -3.44 43.99 -3.79
N PHE E 516 -2.67 43.49 -4.76
CA PHE E 516 -1.29 43.93 -4.92
C PHE E 516 -1.20 45.40 -5.31
N GLU E 517 -2.08 45.84 -6.22
CA GLU E 517 -2.05 47.23 -6.65
C GLU E 517 -2.57 48.17 -5.57
N TYR E 518 -3.56 47.72 -4.79
CA TYR E 518 -4.03 48.50 -3.65
C TYR E 518 -2.93 48.66 -2.61
N ALA E 519 -2.11 47.62 -2.44
CA ALA E 519 -0.94 47.74 -1.57
C ALA E 519 0.07 48.73 -2.13
N GLY E 520 0.21 48.77 -3.46
CA GLY E 520 1.15 49.71 -4.07
C GLY E 520 0.74 51.16 -3.86
N VAL E 521 -0.55 51.44 -3.95
CA VAL E 521 -1.04 52.79 -3.67
C VAL E 521 -0.83 53.14 -2.20
N GLN E 522 -1.00 52.15 -1.32
CA GLN E 522 -0.80 52.41 0.11
C GLN E 522 0.66 52.67 0.44
N HIS E 523 1.57 51.97 -0.24
CA HIS E 523 2.99 52.13 0.05
C HIS E 523 3.60 53.33 -0.67
N HIS E 524 3.12 53.68 -1.86
CA HIS E 524 3.75 54.69 -2.68
C HIS E 524 2.87 55.91 -2.96
N GLY E 525 1.63 55.94 -2.47
CA GLY E 525 0.79 57.10 -2.67
C GLY E 525 0.12 57.14 -4.03
N LEU E 526 -0.54 58.26 -4.29
CA LEU E 526 -1.26 58.45 -5.55
C LEU E 526 -0.33 58.63 -6.74
N SER E 527 0.95 58.95 -6.50
CA SER E 527 1.92 59.05 -7.58
C SER E 527 2.32 57.70 -8.14
N TYR E 528 1.98 56.60 -7.46
CA TYR E 528 2.33 55.27 -7.92
C TYR E 528 1.61 54.95 -9.22
N ASN E 529 2.35 54.46 -10.21
CA ASN E 529 1.75 54.15 -11.49
C ASN E 529 1.13 52.76 -11.45
N CYS E 530 -0.06 52.63 -12.02
CA CYS E 530 -0.80 51.39 -12.04
C CYS E 530 -1.16 51.04 -13.47
N SER E 531 -1.00 49.76 -13.82
CA SER E 531 -1.27 49.27 -15.17
C SER E 531 -2.32 48.17 -15.18
N LEU E 532 -3.06 48.02 -14.08
CA LEU E 532 -4.05 46.95 -13.94
C LEU E 532 -5.30 47.27 -14.76
N PRO E 533 -5.84 46.29 -15.49
CA PRO E 533 -7.06 46.55 -16.26
C PRO E 533 -8.28 46.66 -15.35
N LEU E 534 -9.01 47.75 -15.47
CA LEU E 534 -10.21 48.02 -14.68
C LEU E 534 -11.42 47.81 -15.60
N ALA E 535 -12.01 46.62 -15.54
CA ALA E 535 -13.03 46.21 -16.50
C ALA E 535 -14.41 46.69 -16.06
N PHE E 536 -15.10 47.38 -16.97
CA PHE E 536 -16.46 47.89 -16.74
C PHE E 536 -17.39 47.10 -17.65
N ASP E 537 -18.38 46.42 -17.06
CA ASP E 537 -19.23 45.49 -17.79
C ASP E 537 -20.68 45.95 -17.78
N GLY E 538 -21.26 46.08 -18.98
CA GLY E 538 -22.68 46.40 -19.07
C GLY E 538 -23.55 45.30 -18.49
N SER E 539 -24.68 45.73 -17.90
CA SER E 539 -25.52 44.84 -17.10
C SER E 539 -26.13 43.70 -17.90
N CYS E 540 -27.01 44.02 -18.85
CA CYS E 540 -27.61 43.04 -19.75
C CYS E 540 -27.68 43.70 -21.12
N SER E 541 -26.61 43.53 -21.91
CA SER E 541 -26.39 44.36 -23.09
C SER E 541 -27.46 44.16 -24.15
N GLY E 542 -27.90 42.92 -24.36
CA GLY E 542 -28.93 42.66 -25.36
C GLY E 542 -30.23 43.37 -25.02
N ILE E 543 -30.64 43.30 -23.76
CA ILE E 543 -31.79 44.08 -23.30
C ILE E 543 -31.46 45.56 -23.28
N GLN E 544 -30.21 45.91 -22.94
CA GLN E 544 -29.78 47.30 -22.97
C GLN E 544 -29.89 47.89 -24.37
N HIS E 545 -29.38 47.15 -25.37
CA HIS E 545 -29.42 47.64 -26.74
C HIS E 545 -30.84 47.67 -27.28
N PHE E 546 -31.63 46.62 -27.00
CA PHE E 546 -33.00 46.54 -27.50
C PHE E 546 -33.85 47.67 -26.94
N SER E 547 -33.67 47.99 -25.67
CA SER E 547 -34.38 49.13 -25.08
C SER E 547 -33.89 50.45 -25.66
N ALA E 548 -32.64 50.50 -26.13
CA ALA E 548 -32.10 51.73 -26.70
C ALA E 548 -32.65 52.00 -28.10
N MET E 549 -32.89 50.95 -28.90
CA MET E 549 -33.48 51.14 -30.22
C MET E 549 -34.90 51.67 -30.12
N LEU E 550 -35.70 51.11 -29.23
CA LEU E 550 -37.12 51.44 -29.13
C LEU E 550 -37.43 52.42 -28.01
N ARG E 551 -36.41 52.93 -27.32
CA ARG E 551 -36.55 53.97 -26.29
C ARG E 551 -37.45 53.52 -25.14
N ASP E 552 -37.26 52.29 -24.69
CA ASP E 552 -38.08 51.72 -23.62
C ASP E 552 -37.61 52.24 -22.28
N GLU E 553 -38.44 53.07 -21.63
CA GLU E 553 -38.11 53.60 -20.32
C GLU E 553 -38.13 52.51 -19.26
N VAL E 554 -39.20 51.72 -19.22
CA VAL E 554 -39.35 50.69 -18.18
C VAL E 554 -38.30 49.61 -18.35
N GLY E 555 -38.07 49.17 -19.59
CA GLY E 555 -37.00 48.22 -19.84
C GLY E 555 -35.63 48.80 -19.59
N GLY E 556 -35.40 50.03 -20.04
CA GLY E 556 -34.09 50.66 -19.87
C GLY E 556 -33.76 50.94 -18.42
N ARG E 557 -34.75 51.35 -17.63
CA ARG E 557 -34.54 51.57 -16.20
C ARG E 557 -34.21 50.28 -15.49
N ALA E 558 -34.69 49.14 -15.99
CA ALA E 558 -34.36 47.86 -15.39
C ALA E 558 -32.93 47.41 -15.72
N VAL E 559 -32.28 48.04 -16.70
CA VAL E 559 -30.90 47.69 -17.02
C VAL E 559 -30.02 48.93 -16.84
N ASN E 560 -30.43 49.82 -15.94
CA ASN E 560 -29.61 50.95 -15.47
C ASN E 560 -29.26 51.93 -16.57
N LEU E 561 -30.10 52.03 -17.60
CA LEU E 561 -29.87 53.05 -18.64
C LEU E 561 -30.24 54.42 -18.12
N LEU E 562 -31.31 54.50 -17.38
CA LEU E 562 -31.75 55.74 -16.77
C LEU E 562 -31.05 55.88 -15.41
N PRO E 563 -30.50 57.05 -15.07
CA PRO E 563 -29.77 57.18 -13.80
C PRO E 563 -30.67 56.96 -12.60
N SER E 564 -30.12 56.26 -11.62
CA SER E 564 -30.81 56.00 -10.36
C SER E 564 -29.77 55.95 -9.26
N GLU E 565 -30.22 56.15 -8.02
CA GLU E 565 -29.32 56.05 -6.89
C GLU E 565 -29.00 54.61 -6.53
N THR E 566 -29.82 53.65 -6.95
CA THR E 566 -29.67 52.25 -6.60
C THR E 566 -29.40 51.41 -7.84
N VAL E 567 -28.50 50.42 -7.69
CA VAL E 567 -28.19 49.50 -8.77
C VAL E 567 -29.41 48.63 -9.06
N GLN E 568 -29.71 48.45 -10.35
CA GLN E 568 -30.95 47.80 -10.75
C GLN E 568 -30.73 46.33 -11.08
N ASP E 569 -31.63 45.50 -10.58
CA ASP E 569 -31.60 44.05 -10.75
C ASP E 569 -32.85 43.67 -11.54
N ILE E 570 -32.67 43.40 -12.84
CA ILE E 570 -33.77 42.96 -13.68
C ILE E 570 -34.31 41.62 -13.20
N TYR E 571 -33.43 40.77 -12.65
CA TYR E 571 -33.89 39.51 -12.06
C TYR E 571 -34.81 39.75 -10.87
N GLY E 572 -34.46 40.71 -10.01
CA GLY E 572 -35.32 41.03 -8.89
C GLY E 572 -36.64 41.67 -9.32
N ILE E 573 -36.59 42.51 -10.36
CA ILE E 573 -37.81 43.14 -10.86
C ILE E 573 -38.78 42.10 -11.40
N VAL E 574 -38.27 41.14 -12.18
CA VAL E 574 -39.12 40.05 -12.67
C VAL E 574 -39.63 39.20 -11.52
N ALA E 575 -38.75 38.86 -10.57
CA ALA E 575 -39.14 38.01 -9.45
C ALA E 575 -40.19 38.67 -8.57
N LYS E 576 -40.10 39.99 -8.39
CA LYS E 576 -41.15 40.72 -7.68
C LYS E 576 -42.47 40.66 -8.45
N LYS E 577 -42.39 40.70 -9.79
CA LYS E 577 -43.61 40.73 -10.60
C LYS E 577 -44.32 39.38 -10.59
N VAL E 578 -43.57 38.28 -10.55
CA VAL E 578 -44.24 36.97 -10.47
C VAL E 578 -44.88 36.78 -9.10
N ASN E 579 -44.36 37.45 -8.06
CA ASN E 579 -44.96 37.35 -6.74
C ASN E 579 -46.31 38.03 -6.70
N GLU E 580 -46.49 39.09 -7.49
CA GLU E 580 -47.80 39.72 -7.62
C GLU E 580 -48.81 38.77 -8.27
N ILE E 581 -48.35 38.01 -9.28
CA ILE E 581 -49.22 37.02 -9.90
C ILE E 581 -49.47 35.86 -8.94
N LEU E 582 -48.43 35.46 -8.20
CA LEU E 582 -48.57 34.36 -7.23
C LEU E 582 -49.58 34.69 -6.14
N GLN E 583 -49.53 35.94 -5.64
CA GLN E 583 -50.49 36.36 -4.63
C GLN E 583 -51.91 36.38 -5.19
N ALA E 584 -52.07 36.85 -6.42
CA ALA E 584 -53.40 36.96 -7.02
C ALA E 584 -54.00 35.59 -7.31
N ASP E 585 -53.18 34.64 -7.78
CA ASP E 585 -53.69 33.31 -8.10
C ASP E 585 -54.08 32.55 -6.84
N ALA E 586 -53.34 32.73 -5.74
CA ALA E 586 -53.68 32.06 -4.50
C ALA E 586 -54.98 32.58 -3.89
N ILE E 587 -55.42 33.78 -4.27
CA ILE E 587 -56.65 34.34 -3.75
C ILE E 587 -57.80 33.95 -4.67
N ASN E 588 -57.69 34.31 -5.95
CA ASN E 588 -58.65 33.93 -6.98
C ASN E 588 -57.90 33.11 -8.02
N GLY E 589 -58.09 31.79 -7.99
CA GLY E 589 -57.41 30.92 -8.93
C GLY E 589 -58.26 29.73 -9.28
N THR E 590 -57.82 29.02 -10.32
CA THR E 590 -58.53 27.82 -10.76
C THR E 590 -58.43 26.73 -9.70
N ASP E 591 -59.53 26.00 -9.51
CA ASP E 591 -59.56 24.92 -8.54
C ASP E 591 -58.97 23.65 -9.16
N ASN E 592 -58.62 22.71 -8.28
CA ASN E 592 -58.02 21.45 -8.72
C ASN E 592 -59.08 20.53 -9.30
N GLU E 593 -58.80 19.97 -10.47
CA GLU E 593 -59.74 19.12 -11.19
C GLU E 593 -59.10 17.75 -11.39
N VAL E 594 -59.87 16.69 -11.11
CA VAL E 594 -59.42 15.32 -11.29
C VAL E 594 -59.73 14.89 -12.72
N VAL E 595 -58.78 14.21 -13.35
CA VAL E 595 -58.92 13.75 -14.72
C VAL E 595 -58.51 12.28 -14.79
N THR E 596 -59.33 11.46 -15.45
CA THR E 596 -59.00 10.06 -15.66
C THR E 596 -57.98 9.92 -16.77
N VAL E 597 -56.90 9.18 -16.52
CA VAL E 597 -55.80 9.02 -17.47
C VAL E 597 -55.53 7.54 -17.65
N THR E 598 -55.39 7.11 -18.91
CA THR E 598 -55.09 5.73 -19.25
C THR E 598 -53.73 5.66 -19.93
N ASP E 599 -52.89 4.74 -19.46
CA ASP E 599 -51.67 4.41 -20.20
C ASP E 599 -52.07 3.74 -21.51
N GLU E 600 -51.33 4.04 -22.57
CA GLU E 600 -51.59 3.41 -23.85
C GLU E 600 -51.10 1.96 -23.87
N ASN E 601 -50.01 1.67 -23.17
CA ASN E 601 -49.41 0.34 -23.20
C ASN E 601 -50.14 -0.62 -22.27
N THR E 602 -50.17 -0.31 -20.98
CA THR E 602 -50.86 -1.17 -20.02
C THR E 602 -52.36 -1.12 -20.17
N GLY E 603 -52.91 0.05 -20.51
CA GLY E 603 -54.35 0.20 -20.59
C GLY E 603 -55.05 0.22 -19.25
N GLU E 604 -54.46 0.86 -18.25
CA GLU E 604 -55.00 0.90 -16.90
C GLU E 604 -55.63 2.25 -16.61
N ILE E 605 -56.87 2.22 -16.10
CA ILE E 605 -57.55 3.43 -15.66
C ILE E 605 -56.82 3.99 -14.44
N SER E 606 -56.48 5.28 -14.49
CA SER E 606 -55.84 5.95 -13.39
C SER E 606 -56.49 7.32 -13.19
N GLU E 607 -56.45 7.82 -11.96
CA GLU E 607 -57.02 9.11 -11.61
C GLU E 607 -55.88 10.05 -11.22
N LYS E 608 -55.57 10.99 -12.11
CA LYS E 608 -54.60 12.04 -11.85
C LYS E 608 -55.32 13.36 -11.63
N VAL E 609 -54.72 14.24 -10.84
CA VAL E 609 -55.29 15.56 -10.59
C VAL E 609 -54.37 16.59 -11.23
N LYS E 610 -54.95 17.46 -12.07
CA LYS E 610 -54.23 18.60 -12.59
C LYS E 610 -54.41 19.75 -11.60
N LEU E 611 -53.30 20.26 -11.08
CA LEU E 611 -53.36 21.27 -10.04
C LEU E 611 -53.83 22.60 -10.63
N GLY E 612 -54.80 23.21 -9.97
CA GLY E 612 -55.23 24.53 -10.37
C GLY E 612 -54.20 25.58 -10.03
N THR E 613 -54.44 26.79 -10.55
CA THR E 613 -53.51 27.89 -10.32
C THR E 613 -53.46 28.30 -8.85
N LYS E 614 -54.59 28.20 -8.14
CA LYS E 614 -54.60 28.53 -6.72
C LYS E 614 -53.73 27.58 -5.91
N ALA E 615 -53.79 26.28 -6.22
CA ALA E 615 -52.93 25.33 -5.52
C ALA E 615 -51.47 25.48 -5.95
N LEU E 616 -51.24 25.69 -7.24
CA LEU E 616 -49.87 25.83 -7.75
C LEU E 616 -49.19 27.07 -7.19
N ALA E 617 -49.93 28.19 -7.08
CA ALA E 617 -49.36 29.40 -6.50
C ALA E 617 -49.06 29.23 -5.02
N GLY E 618 -49.87 28.44 -4.31
CA GLY E 618 -49.61 28.19 -2.90
C GLY E 618 -48.30 27.48 -2.65
N GLN E 619 -47.91 26.58 -3.55
CA GLN E 619 -46.62 25.90 -3.43
C GLN E 619 -45.46 26.88 -3.58
N TRP E 620 -45.51 27.71 -4.62
CA TRP E 620 -44.40 28.62 -4.89
C TRP E 620 -44.31 29.73 -3.85
N LEU E 621 -45.44 30.15 -3.29
CA LEU E 621 -45.41 31.12 -2.19
C LEU E 621 -44.77 30.52 -0.94
N ALA E 622 -44.98 29.23 -0.70
CA ALA E 622 -44.30 28.55 0.41
C ALA E 622 -42.80 28.46 0.16
N TYR E 623 -42.39 28.30 -1.11
CA TYR E 623 -40.97 28.26 -1.43
C TYR E 623 -40.31 29.61 -1.23
N GLY E 624 -40.97 30.68 -1.65
CA GLY E 624 -40.37 31.99 -1.61
C GLY E 624 -39.61 32.20 -2.90
N VAL E 625 -40.03 33.16 -3.71
CA VAL E 625 -39.45 33.35 -5.03
C VAL E 625 -38.47 34.50 -4.96
N THR E 626 -37.21 34.21 -5.26
CA THR E 626 -36.14 35.18 -5.25
C THR E 626 -35.66 35.40 -6.68
N ARG E 627 -34.58 36.17 -6.82
CA ARG E 627 -34.01 36.43 -8.14
C ARG E 627 -33.46 35.15 -8.77
N SER E 628 -33.07 34.16 -7.96
CA SER E 628 -32.47 32.93 -8.48
C SER E 628 -33.47 32.11 -9.29
N VAL E 629 -34.76 32.23 -8.98
CA VAL E 629 -35.78 31.52 -9.76
C VAL E 629 -35.85 32.09 -11.18
N THR E 630 -35.80 33.42 -11.31
CA THR E 630 -35.95 34.10 -12.58
C THR E 630 -34.62 34.42 -13.25
N LYS E 631 -33.49 34.08 -12.63
CA LYS E 631 -32.19 34.59 -13.06
C LYS E 631 -31.83 34.08 -14.46
N ARG E 632 -31.72 32.76 -14.61
CA ARG E 632 -31.26 32.17 -15.86
C ARG E 632 -32.24 32.43 -17.01
N SER E 633 -33.54 32.56 -16.71
CA SER E 633 -34.51 32.84 -17.75
C SER E 633 -34.29 34.21 -18.38
N VAL E 634 -33.95 35.21 -17.57
CA VAL E 634 -33.75 36.56 -18.09
C VAL E 634 -32.47 36.64 -18.94
N MET E 635 -31.41 35.92 -18.53
CA MET E 635 -30.19 35.87 -19.33
C MET E 635 -30.45 35.26 -20.70
N THR E 636 -31.11 34.10 -20.72
CA THR E 636 -31.32 33.37 -21.97
C THR E 636 -32.36 34.01 -22.87
N LEU E 637 -33.04 35.07 -22.40
CA LEU E 637 -34.04 35.74 -23.22
C LEU E 637 -33.45 36.33 -24.48
N ALA E 638 -32.27 36.96 -24.38
CA ALA E 638 -31.61 37.51 -25.56
C ALA E 638 -31.09 36.44 -26.50
N TYR E 639 -30.98 35.20 -26.03
CA TYR E 639 -30.54 34.09 -26.88
C TYR E 639 -31.71 33.38 -27.54
N GLY E 640 -32.94 33.85 -27.32
CA GLY E 640 -34.11 33.30 -27.96
C GLY E 640 -34.99 32.43 -27.06
N SER E 641 -34.62 32.24 -25.81
CA SER E 641 -35.42 31.42 -24.91
C SER E 641 -36.76 32.09 -24.62
N LYS E 642 -37.78 31.26 -24.49
CA LYS E 642 -39.16 31.73 -24.32
C LYS E 642 -39.82 30.84 -23.29
N GLU E 643 -41.15 30.85 -23.26
CA GLU E 643 -41.90 30.24 -22.17
C GLU E 643 -41.67 28.73 -22.08
N PHE E 644 -41.48 28.04 -23.21
CA PHE E 644 -41.15 26.63 -23.13
C PHE E 644 -39.78 26.41 -22.49
N GLY E 645 -38.75 27.11 -23.01
CA GLY E 645 -37.40 26.90 -22.54
C GLY E 645 -37.19 27.28 -21.10
N PHE E 646 -38.05 28.16 -20.56
CA PHE E 646 -38.00 28.48 -19.14
C PHE E 646 -38.39 27.30 -18.28
N ARG E 647 -39.29 26.44 -18.77
CA ARG E 647 -39.85 25.35 -17.97
C ARG E 647 -38.78 24.35 -17.56
N GLN E 648 -37.86 24.03 -18.48
CA GLN E 648 -36.75 23.15 -18.15
C GLN E 648 -35.82 23.79 -17.13
N GLN E 649 -35.63 25.10 -17.22
CA GLN E 649 -34.71 25.80 -16.30
C GLN E 649 -35.24 25.79 -14.87
N VAL E 650 -36.52 26.12 -14.69
CA VAL E 650 -37.10 26.15 -13.34
C VAL E 650 -37.08 24.76 -12.72
N LEU E 651 -37.31 23.74 -13.53
CA LEU E 651 -37.17 22.36 -13.05
C LEU E 651 -35.74 22.05 -12.66
N GLU E 652 -34.77 22.49 -13.48
CA GLU E 652 -33.39 22.11 -13.25
C GLU E 652 -32.69 22.98 -12.22
N ASP E 653 -32.94 24.29 -12.23
CA ASP E 653 -32.22 25.17 -11.31
C ASP E 653 -32.87 25.23 -9.93
N THR E 654 -34.19 25.10 -9.85
CA THR E 654 -34.91 25.38 -8.62
C THR E 654 -35.64 24.18 -8.06
N ILE E 655 -36.46 23.51 -8.86
CA ILE E 655 -37.39 22.51 -8.33
C ILE E 655 -36.65 21.24 -7.94
N GLN E 656 -35.92 20.65 -8.90
CA GLN E 656 -35.17 19.43 -8.61
C GLN E 656 -34.08 19.58 -7.55
N PRO E 657 -33.27 20.65 -7.50
CA PRO E 657 -32.33 20.78 -6.37
C PRO E 657 -33.01 20.87 -5.01
N ALA E 658 -34.20 21.48 -4.93
CA ALA E 658 -34.93 21.53 -3.66
C ALA E 658 -35.40 20.14 -3.24
N ILE E 659 -35.84 19.32 -4.20
CA ILE E 659 -36.31 17.96 -3.89
C ILE E 659 -35.19 17.14 -3.26
N ASP E 660 -33.98 17.21 -3.86
CA ASP E 660 -32.84 16.47 -3.33
C ASP E 660 -32.35 17.06 -2.01
N SER E 661 -32.53 18.37 -1.81
CA SER E 661 -32.10 19.03 -0.59
C SER E 661 -33.11 18.89 0.55
N GLY E 662 -34.18 18.13 0.35
CA GLY E 662 -35.19 17.96 1.36
C GLY E 662 -36.33 18.95 1.31
N LYS E 663 -36.18 20.05 0.57
CA LYS E 663 -37.25 21.01 0.38
C LYS E 663 -38.15 20.51 -0.74
N GLY E 664 -39.05 21.37 -1.21
CA GLY E 664 -39.94 20.93 -2.26
C GLY E 664 -41.03 19.99 -1.81
N LEU E 665 -41.33 19.98 -0.51
CA LEU E 665 -42.49 19.24 -0.02
C LEU E 665 -43.79 19.81 -0.60
N MET E 666 -43.78 21.10 -0.97
CA MET E 666 -44.89 21.67 -1.70
C MET E 666 -44.89 21.26 -3.16
N PHE E 667 -43.73 20.94 -3.74
CA PHE E 667 -43.63 20.53 -5.14
C PHE E 667 -44.02 19.06 -5.27
N THR E 668 -45.32 18.81 -5.08
CA THR E 668 -45.85 17.45 -5.25
C THR E 668 -45.75 17.01 -6.70
N GLN E 669 -46.10 17.90 -7.63
CA GLN E 669 -45.94 17.64 -9.06
C GLN E 669 -44.89 18.60 -9.61
N PRO E 670 -43.67 18.14 -9.89
CA PRO E 670 -42.63 19.08 -10.34
C PRO E 670 -42.90 19.68 -11.71
N ASN E 671 -43.39 18.89 -12.66
CA ASN E 671 -43.62 19.39 -14.01
C ASN E 671 -44.80 20.36 -14.04
N GLN E 672 -45.82 20.13 -13.21
CA GLN E 672 -46.92 21.08 -13.11
C GLN E 672 -46.44 22.41 -12.52
N ALA E 673 -45.56 22.34 -11.51
CA ALA E 673 -45.00 23.56 -10.95
C ALA E 673 -44.05 24.24 -11.92
N ALA E 674 -43.30 23.44 -12.69
CA ALA E 674 -42.36 24.01 -13.67
C ALA E 674 -43.10 24.73 -14.79
N GLY E 675 -44.19 24.14 -15.29
CA GLY E 675 -44.96 24.78 -16.33
C GLY E 675 -45.65 26.06 -15.86
N TYR E 676 -46.12 26.06 -14.61
CA TYR E 676 -46.82 27.22 -14.08
C TYR E 676 -45.88 28.40 -13.91
N MET E 677 -44.68 28.17 -13.37
CA MET E 677 -43.73 29.26 -13.18
C MET E 677 -43.19 29.78 -14.51
N ALA E 678 -43.05 28.90 -15.50
CA ALA E 678 -42.57 29.32 -16.82
C ALA E 678 -43.53 30.31 -17.47
N LYS E 679 -44.84 30.09 -17.30
CA LYS E 679 -45.81 31.09 -17.74
C LYS E 679 -45.67 32.38 -16.96
N LEU E 680 -45.40 32.28 -15.66
CA LEU E 680 -45.31 33.46 -14.81
C LEU E 680 -44.07 34.29 -15.12
N ILE E 681 -42.94 33.62 -15.39
CA ILE E 681 -41.72 34.34 -15.74
C ILE E 681 -41.87 35.04 -17.09
N TRP E 682 -42.50 34.37 -18.06
CA TRP E 682 -42.69 34.99 -19.38
C TRP E 682 -43.60 36.20 -19.31
N GLU E 683 -44.70 36.10 -18.54
CA GLU E 683 -45.61 37.24 -18.41
C GLU E 683 -44.92 38.43 -17.75
N SER E 684 -44.12 38.16 -16.72
CA SER E 684 -43.42 39.25 -16.02
C SER E 684 -42.30 39.83 -16.88
N VAL E 685 -41.63 39.01 -17.68
CA VAL E 685 -40.59 39.53 -18.56
C VAL E 685 -41.19 40.40 -19.67
N SER E 686 -42.30 39.94 -20.26
CA SER E 686 -42.91 40.66 -21.37
C SER E 686 -43.50 42.00 -20.96
N VAL E 687 -43.76 42.21 -19.67
CA VAL E 687 -44.21 43.52 -19.20
C VAL E 687 -43.08 44.35 -18.60
N THR E 688 -41.98 43.71 -18.20
CA THR E 688 -40.82 44.47 -17.71
C THR E 688 -40.05 45.09 -18.87
N VAL E 689 -39.75 44.29 -19.89
CA VAL E 689 -38.95 44.75 -21.03
C VAL E 689 -39.80 44.51 -22.27
N VAL E 690 -40.60 45.51 -22.64
CA VAL E 690 -41.49 45.31 -23.79
C VAL E 690 -40.70 45.49 -25.09
N ALA E 691 -39.68 46.34 -25.11
CA ALA E 691 -38.93 46.54 -26.36
C ALA E 691 -38.11 45.31 -26.72
N ALA E 692 -37.63 44.57 -25.72
CA ALA E 692 -36.88 43.35 -26.00
C ALA E 692 -37.76 42.32 -26.69
N VAL E 693 -38.92 42.02 -26.12
CA VAL E 693 -39.77 40.95 -26.67
C VAL E 693 -40.40 41.36 -27.99
N GLU E 694 -40.76 42.64 -28.15
CA GLU E 694 -41.38 43.09 -29.40
C GLU E 694 -40.38 43.13 -30.54
N ALA E 695 -39.12 43.48 -30.26
CA ALA E 695 -38.10 43.46 -31.31
C ALA E 695 -37.84 42.03 -31.78
N MET E 696 -37.57 41.12 -30.83
CA MET E 696 -37.21 39.75 -31.20
C MET E 696 -38.34 39.05 -31.93
N ASN E 697 -39.60 39.42 -31.67
CA ASN E 697 -40.70 38.92 -32.48
C ASN E 697 -40.69 39.54 -33.87
N TRP E 698 -40.33 40.83 -33.98
CA TRP E 698 -40.26 41.48 -35.28
C TRP E 698 -39.10 40.95 -36.10
N LEU E 699 -37.93 40.77 -35.49
CA LEU E 699 -36.78 40.22 -36.19
C LEU E 699 -37.01 38.77 -36.60
N LYS E 700 -37.67 37.98 -35.73
CA LYS E 700 -37.98 36.59 -36.06
C LYS E 700 -38.98 36.50 -37.21
N SER E 701 -40.01 37.35 -37.19
CA SER E 701 -41.02 37.32 -38.24
C SER E 701 -40.44 37.71 -39.60
N ALA E 702 -39.47 38.63 -39.61
CA ALA E 702 -38.80 38.99 -40.85
C ALA E 702 -38.09 37.77 -41.44
N ALA E 703 -37.11 37.23 -40.70
CA ALA E 703 -36.22 36.19 -41.21
C ALA E 703 -36.97 34.95 -41.67
N LYS E 704 -38.17 34.73 -41.12
CA LYS E 704 -39.06 33.67 -41.61
C LYS E 704 -39.45 33.92 -43.06
N LEU E 705 -39.90 35.14 -43.36
CA LEU E 705 -40.41 35.42 -44.71
C LEU E 705 -39.29 35.51 -45.73
N LEU E 706 -38.10 35.95 -45.33
CA LEU E 706 -36.95 35.90 -46.23
C LEU E 706 -36.53 34.46 -46.51
N ALA E 707 -36.52 33.60 -45.49
CA ALA E 707 -36.12 32.20 -45.67
C ALA E 707 -37.24 31.33 -46.22
N ALA E 708 -38.45 31.85 -46.34
CA ALA E 708 -39.56 31.07 -46.88
C ALA E 708 -39.39 30.87 -48.37
N GLU E 709 -39.76 29.68 -48.84
CA GLU E 709 -39.74 29.35 -50.27
C GLU E 709 -41.16 29.57 -50.79
N VAL E 710 -41.40 30.73 -51.38
CA VAL E 710 -42.73 31.03 -51.93
C VAL E 710 -42.88 30.25 -53.23
N LYS E 711 -43.91 29.40 -53.29
CA LYS E 711 -44.18 28.58 -54.45
C LYS E 711 -45.63 28.75 -54.88
N ASP E 712 -45.86 28.74 -56.19
CA ASP E 712 -47.22 28.67 -56.70
C ASP E 712 -47.77 27.28 -56.37
N LYS E 713 -49.04 27.26 -55.97
CA LYS E 713 -49.64 26.01 -55.50
C LYS E 713 -49.82 25.02 -56.63
N LYS E 714 -50.37 25.47 -57.76
CA LYS E 714 -50.70 24.55 -58.84
C LYS E 714 -49.45 24.14 -59.62
N THR E 715 -48.61 25.10 -60.01
CA THR E 715 -47.44 24.76 -60.81
C THR E 715 -46.33 24.14 -59.97
N GLY E 716 -46.14 24.61 -58.74
CA GLY E 716 -44.99 24.22 -57.97
C GLY E 716 -43.74 25.00 -58.25
N GLU E 717 -43.78 25.96 -59.18
CA GLU E 717 -42.64 26.82 -59.45
C GLU E 717 -42.35 27.71 -58.25
N ILE E 718 -41.07 28.04 -58.07
CA ILE E 718 -40.65 28.87 -56.95
C ILE E 718 -40.70 30.33 -57.41
N LEU E 719 -41.73 31.05 -56.97
CA LEU E 719 -41.83 32.47 -57.29
C LEU E 719 -40.83 33.29 -56.49
N ARG E 720 -40.42 32.79 -55.33
CA ARG E 720 -39.38 33.45 -54.54
C ARG E 720 -38.56 32.40 -53.83
N LYS E 721 -37.26 32.34 -54.15
CA LYS E 721 -36.35 31.45 -53.46
C LYS E 721 -36.10 31.94 -52.04
N ARG E 722 -35.56 31.04 -51.21
CA ARG E 722 -35.17 31.41 -49.86
C ARG E 722 -34.06 32.46 -49.91
N CYS E 723 -34.21 33.51 -49.10
CA CYS E 723 -33.29 34.64 -49.11
C CYS E 723 -32.58 34.75 -47.77
N ALA E 724 -31.27 34.97 -47.83
CA ALA E 724 -30.49 35.21 -46.62
C ALA E 724 -30.78 36.59 -46.06
N VAL E 725 -30.40 36.79 -44.81
CA VAL E 725 -30.67 38.03 -44.09
C VAL E 725 -29.35 38.76 -43.88
N HIS E 726 -29.28 39.99 -44.37
CA HIS E 726 -28.05 40.79 -44.32
C HIS E 726 -28.36 42.19 -43.80
N TRP E 727 -27.44 42.72 -42.99
CA TRP E 727 -27.56 44.09 -42.51
C TRP E 727 -26.18 44.67 -42.27
N VAL E 728 -26.15 45.98 -42.03
CA VAL E 728 -24.92 46.72 -41.79
C VAL E 728 -25.03 47.39 -40.42
N THR E 729 -24.01 47.19 -39.59
CA THR E 729 -23.93 47.83 -38.28
C THR E 729 -23.66 49.32 -38.45
N PRO E 730 -23.97 50.14 -37.43
CA PRO E 730 -23.73 51.59 -37.56
C PRO E 730 -22.28 51.98 -37.76
N ASP E 731 -21.32 51.16 -37.33
CA ASP E 731 -19.92 51.46 -37.53
C ASP E 731 -19.36 50.90 -38.84
N GLY E 732 -20.22 50.31 -39.68
CA GLY E 732 -19.87 49.97 -41.04
C GLY E 732 -19.68 48.50 -41.33
N PHE E 733 -19.72 47.63 -40.34
CA PHE E 733 -19.46 46.22 -40.55
C PHE E 733 -20.71 45.54 -41.11
N PRO E 734 -20.64 44.92 -42.28
CA PRO E 734 -21.77 44.14 -42.80
C PRO E 734 -21.71 42.71 -42.29
N VAL E 735 -22.81 42.01 -42.47
CA VAL E 735 -22.98 40.68 -41.89
C VAL E 735 -24.06 39.94 -42.68
N TRP E 736 -23.80 38.66 -42.96
CA TRP E 736 -24.71 37.81 -43.72
C TRP E 736 -25.03 36.58 -42.87
N GLN E 737 -26.31 36.41 -42.56
CA GLN E 737 -26.79 35.22 -41.87
C GLN E 737 -27.30 34.23 -42.92
N GLU E 738 -26.49 33.22 -43.22
CA GLU E 738 -26.84 32.18 -44.19
C GLU E 738 -26.61 30.82 -43.51
N TYR E 739 -27.62 30.38 -42.75
CA TYR E 739 -27.59 29.05 -42.15
C TYR E 739 -28.03 28.04 -43.20
N LYS E 740 -27.19 27.05 -43.48
CA LYS E 740 -27.47 26.06 -44.51
C LYS E 740 -27.63 24.68 -43.90
N LYS E 741 -28.44 23.84 -44.55
CA LYS E 741 -28.64 22.46 -44.12
C LYS E 741 -28.36 21.52 -45.29
N PRO E 742 -27.74 20.38 -45.04
CA PRO E 742 -27.54 19.39 -46.10
C PRO E 742 -28.84 18.69 -46.46
N ILE E 743 -28.87 18.19 -47.71
CA ILE E 743 -30.05 17.49 -48.19
C ILE E 743 -30.14 16.09 -47.58
N GLN E 744 -29.03 15.36 -47.57
CA GLN E 744 -29.02 13.96 -47.15
C GLN E 744 -27.99 13.76 -46.06
N THR E 745 -28.40 13.05 -45.00
CA THR E 745 -27.49 12.66 -43.92
C THR E 745 -27.74 11.20 -43.56
N ARG E 746 -26.70 10.53 -43.09
CA ARG E 746 -26.76 9.13 -42.69
C ARG E 746 -26.36 9.02 -41.22
N LEU E 747 -27.25 8.45 -40.41
CA LEU E 747 -27.00 8.29 -38.97
C LEU E 747 -27.35 6.87 -38.57
N ASN E 748 -26.47 6.24 -37.80
CA ASN E 748 -26.76 5.00 -37.12
C ASN E 748 -26.64 5.23 -35.62
N LEU E 749 -27.50 4.57 -34.84
CA LEU E 749 -27.39 4.71 -33.40
C LEU E 749 -26.18 3.99 -32.82
N MET E 750 -25.63 3.00 -33.52
CA MET E 750 -24.45 2.31 -33.01
C MET E 750 -23.17 2.93 -33.55
N PHE E 751 -22.98 2.89 -34.87
CA PHE E 751 -21.79 3.48 -35.48
C PHE E 751 -22.03 4.96 -35.74
N LEU E 752 -20.96 5.74 -35.70
CA LEU E 752 -21.07 7.19 -35.79
C LEU E 752 -21.63 7.60 -37.14
N GLY E 753 -22.47 8.64 -37.12
CA GLY E 753 -23.09 9.11 -38.34
C GLY E 753 -22.07 9.75 -39.28
N GLN E 754 -22.26 9.51 -40.57
CA GLN E 754 -21.33 10.01 -41.58
C GLN E 754 -22.06 10.83 -42.64
N ASP E 766 -26.87 18.83 -51.84
CA ASP E 766 -26.38 20.20 -51.90
C ASP E 766 -26.71 20.92 -50.59
N SER E 767 -26.59 22.25 -50.60
CA SER E 767 -26.82 23.07 -49.42
C SER E 767 -28.03 23.98 -49.68
N GLU E 768 -29.21 23.52 -49.28
CA GLU E 768 -30.35 24.39 -49.12
C GLU E 768 -30.20 25.11 -47.78
N ILE E 769 -30.57 26.38 -47.74
CA ILE E 769 -30.42 27.14 -46.49
C ILE E 769 -31.36 26.55 -45.44
N ASP E 770 -30.84 26.42 -44.22
CA ASP E 770 -31.66 25.96 -43.11
C ASP E 770 -32.68 27.03 -42.79
N ALA E 771 -33.96 26.72 -43.02
CA ALA E 771 -35.02 27.62 -42.61
C ALA E 771 -34.94 27.88 -41.12
N HIS E 772 -35.09 26.81 -40.31
CA HIS E 772 -35.33 26.92 -38.88
C HIS E 772 -34.22 27.67 -38.14
N LYS E 773 -32.97 27.53 -38.58
CA LYS E 773 -31.88 28.20 -37.89
C LYS E 773 -31.85 29.70 -38.17
N GLN E 774 -32.53 30.17 -39.21
CA GLN E 774 -32.50 31.59 -39.53
C GLN E 774 -33.29 32.42 -38.53
N GLU E 775 -34.51 31.97 -38.17
CA GLU E 775 -35.29 32.77 -37.24
C GLU E 775 -34.89 32.54 -35.79
N SER E 776 -34.29 31.39 -35.48
CA SER E 776 -33.79 31.18 -34.12
C SER E 776 -32.61 32.08 -33.82
N GLY E 777 -31.78 32.36 -34.82
CA GLY E 777 -30.57 33.13 -34.60
C GLY E 777 -30.64 34.60 -34.96
N ILE E 778 -31.70 35.04 -35.65
CA ILE E 778 -31.71 36.40 -36.20
C ILE E 778 -31.70 37.45 -35.09
N ALA E 779 -32.48 37.25 -34.05
CA ALA E 779 -32.53 38.23 -32.97
C ALA E 779 -31.30 38.17 -32.06
N PRO E 780 -30.76 36.99 -31.69
CA PRO E 780 -29.46 37.02 -30.99
C PRO E 780 -28.31 37.58 -31.82
N ASN E 781 -28.23 37.22 -33.11
CA ASN E 781 -27.09 37.66 -33.90
C ASN E 781 -27.18 39.14 -34.24
N PHE E 782 -28.40 39.69 -34.36
CA PHE E 782 -28.55 41.11 -34.63
C PHE E 782 -28.11 41.96 -33.45
N VAL E 783 -28.55 41.59 -32.24
CA VAL E 783 -28.20 42.40 -31.07
C VAL E 783 -26.73 42.20 -30.71
N HIS E 784 -26.14 41.05 -31.02
CA HIS E 784 -24.73 40.84 -30.75
C HIS E 784 -23.85 41.55 -31.77
N SER E 785 -24.35 41.75 -32.99
CA SER E 785 -23.67 42.62 -33.93
C SER E 785 -23.73 44.07 -33.47
N GLN E 786 -24.75 44.44 -32.70
CA GLN E 786 -24.89 45.80 -32.22
C GLN E 786 -23.88 46.10 -31.11
N ASP E 787 -23.64 45.14 -30.21
CA ASP E 787 -22.65 45.39 -29.15
C ASP E 787 -21.24 45.44 -29.71
N GLY E 788 -20.95 44.62 -30.73
CA GLY E 788 -19.66 44.69 -31.38
C GLY E 788 -19.43 46.03 -32.07
N SER E 789 -20.48 46.59 -32.64
CA SER E 789 -20.40 47.95 -33.18
C SER E 789 -20.19 48.96 -32.05
N HIS E 790 -20.85 48.75 -30.91
CA HIS E 790 -20.65 49.63 -29.76
C HIS E 790 -19.23 49.49 -29.21
N LEU E 791 -18.70 48.26 -29.20
CA LEU E 791 -17.33 48.05 -28.74
C LEU E 791 -16.33 48.74 -29.67
N ARG E 792 -16.51 48.56 -30.98
CA ARG E 792 -15.58 49.14 -31.95
C ARG E 792 -15.61 50.65 -31.91
N LYS E 793 -16.81 51.22 -31.81
CA LYS E 793 -16.94 52.68 -31.73
C LYS E 793 -16.33 53.20 -30.43
N THR E 794 -16.50 52.45 -29.34
CA THR E 794 -15.90 52.84 -28.06
C THR E 794 -14.38 52.87 -28.14
N VAL E 795 -13.79 51.86 -28.77
CA VAL E 795 -12.33 51.79 -28.92
C VAL E 795 -11.83 52.98 -29.74
N VAL E 796 -12.53 53.30 -30.83
CA VAL E 796 -12.14 54.45 -31.64
C VAL E 796 -12.35 55.76 -30.89
N TRP E 797 -13.51 55.91 -30.23
CA TRP E 797 -13.82 57.14 -29.51
C TRP E 797 -12.87 57.35 -28.33
N ALA E 798 -12.59 56.31 -27.56
CA ALA E 798 -11.73 56.44 -26.40
C ALA E 798 -10.27 56.66 -26.79
N HIS E 799 -9.86 56.24 -27.98
CA HIS E 799 -8.49 56.43 -28.44
C HIS E 799 -8.27 57.77 -29.11
N GLU E 800 -9.32 58.41 -29.63
CA GLU E 800 -9.18 59.65 -30.38
C GLU E 800 -9.55 60.88 -29.57
N LYS E 801 -10.72 60.89 -28.93
CA LYS E 801 -11.06 61.99 -28.03
C LYS E 801 -10.16 61.99 -26.80
N TYR E 802 -9.94 60.82 -26.22
CA TYR E 802 -9.09 60.66 -25.05
C TYR E 802 -7.83 59.90 -25.45
N GLY E 803 -6.85 59.91 -24.56
CA GLY E 803 -5.54 59.38 -24.93
C GLY E 803 -5.33 57.93 -24.59
N ILE E 804 -6.42 57.14 -24.58
CA ILE E 804 -6.34 55.75 -24.13
C ILE E 804 -5.68 54.90 -25.21
N GLU E 805 -4.63 54.17 -24.81
CA GLU E 805 -3.85 53.34 -25.72
C GLU E 805 -3.93 51.86 -25.40
N SER E 806 -4.36 51.48 -24.20
CA SER E 806 -4.45 50.08 -23.79
C SER E 806 -5.91 49.76 -23.48
N PHE E 807 -6.40 48.67 -24.07
CA PHE E 807 -7.80 48.28 -23.95
C PHE E 807 -7.88 46.82 -23.53
N ALA E 808 -8.71 46.54 -22.53
CA ALA E 808 -9.08 45.18 -22.15
C ALA E 808 -10.50 44.95 -22.65
N LEU E 809 -10.63 44.08 -23.66
CA LEU E 809 -11.86 43.98 -24.43
C LEU E 809 -12.50 42.60 -24.27
N ILE E 810 -13.55 42.54 -23.47
CA ILE E 810 -14.56 41.51 -23.57
C ILE E 810 -15.70 42.12 -24.35
N HIS E 811 -16.53 41.28 -24.97
CA HIS E 811 -17.67 41.77 -25.73
C HIS E 811 -18.64 42.59 -24.86
N ASP E 812 -18.63 42.35 -23.55
CA ASP E 812 -19.40 43.15 -22.62
C ASP E 812 -18.57 44.04 -21.72
N SER E 813 -17.28 43.75 -21.54
CA SER E 813 -16.42 44.48 -20.61
C SER E 813 -15.42 45.35 -21.36
N PHE E 814 -15.23 46.57 -20.88
CA PHE E 814 -14.21 47.47 -21.39
C PHE E 814 -13.29 47.84 -20.24
N GLY E 815 -12.00 47.57 -20.40
CA GLY E 815 -11.03 47.82 -19.35
C GLY E 815 -9.86 48.62 -19.86
N THR E 816 -9.23 49.36 -18.95
CA THR E 816 -8.10 50.20 -19.29
C THR E 816 -7.30 50.50 -18.02
N ILE E 817 -6.32 51.38 -18.14
CA ILE E 817 -5.47 51.83 -17.04
C ILE E 817 -6.32 52.61 -16.04
N PRO E 818 -6.07 52.51 -14.73
CA PRO E 818 -6.87 53.29 -13.76
C PRO E 818 -6.84 54.80 -14.00
N ALA E 819 -5.71 55.35 -14.44
CA ALA E 819 -5.66 56.77 -14.78
C ALA E 819 -6.56 57.10 -15.96
N ASP E 820 -6.81 56.12 -16.84
CA ASP E 820 -7.69 56.30 -17.99
C ASP E 820 -9.08 55.71 -17.76
N ALA E 821 -9.38 55.23 -16.55
CA ALA E 821 -10.64 54.54 -16.32
C ALA E 821 -11.83 55.48 -16.38
N ALA E 822 -11.66 56.73 -15.93
CA ALA E 822 -12.77 57.68 -15.94
C ALA E 822 -13.16 58.08 -17.34
N ASN E 823 -12.19 58.16 -18.26
CA ASN E 823 -12.50 58.55 -19.63
C ASN E 823 -13.20 57.42 -20.40
N LEU E 824 -12.76 56.18 -20.18
CA LEU E 824 -13.45 55.04 -20.80
C LEU E 824 -14.87 54.90 -20.26
N PHE E 825 -15.06 55.19 -18.98
CA PHE E 825 -16.39 55.30 -18.39
C PHE E 825 -17.24 56.32 -19.15
N LYS E 826 -16.64 57.45 -19.51
CA LYS E 826 -17.34 58.44 -20.32
C LYS E 826 -17.47 58.00 -21.77
N ALA E 827 -16.48 57.27 -22.29
CA ALA E 827 -16.46 56.93 -23.71
C ALA E 827 -17.53 55.91 -24.07
N VAL E 828 -17.76 54.92 -23.20
CA VAL E 828 -18.77 53.89 -23.50
C VAL E 828 -20.17 54.51 -23.53
N ARG E 829 -20.43 55.53 -22.71
CA ARG E 829 -21.74 56.16 -22.72
C ARG E 829 -21.90 57.10 -23.91
N GLU E 830 -20.82 57.77 -24.33
CA GLU E 830 -20.89 58.68 -25.45
C GLU E 830 -21.16 57.94 -26.76
N THR E 831 -20.60 56.74 -26.92
CA THR E 831 -20.79 56.00 -28.16
C THR E 831 -22.21 55.45 -28.26
N MET E 832 -22.73 54.90 -27.17
CA MET E 832 -24.08 54.33 -27.20
C MET E 832 -25.13 55.40 -27.45
N VAL E 833 -24.96 56.57 -26.83
CA VAL E 833 -25.90 57.67 -27.06
C VAL E 833 -25.78 58.19 -28.49
N ASP E 834 -24.55 58.34 -28.99
CA ASP E 834 -24.35 58.86 -30.34
C ASP E 834 -24.88 57.90 -31.40
N THR E 835 -24.75 56.59 -31.17
CA THR E 835 -25.13 55.61 -32.17
C THR E 835 -26.64 55.58 -32.38
N TYR E 836 -27.39 55.29 -31.31
CA TYR E 836 -28.83 55.09 -31.46
C TYR E 836 -29.58 56.39 -31.68
N GLU E 837 -29.00 57.53 -31.33
CA GLU E 837 -29.61 58.80 -31.70
C GLU E 837 -29.41 59.10 -33.18
N SER E 838 -28.26 58.68 -33.73
CA SER E 838 -27.98 58.92 -35.15
C SER E 838 -28.78 57.99 -36.05
N CYS E 839 -28.90 56.72 -35.68
CA CYS E 839 -29.45 55.71 -36.59
C CYS E 839 -30.54 54.90 -35.91
N ASP E 840 -31.60 54.62 -36.68
CA ASP E 840 -32.59 53.60 -36.33
C ASP E 840 -32.11 52.31 -36.98
N VAL E 841 -31.55 51.40 -36.17
CA VAL E 841 -31.01 50.17 -36.72
C VAL E 841 -32.11 49.26 -37.25
N LEU E 842 -33.30 49.31 -36.63
CA LEU E 842 -34.40 48.48 -37.11
C LEU E 842 -34.97 49.01 -38.42
N ALA E 843 -35.09 50.33 -38.55
CA ALA E 843 -35.57 50.89 -39.81
C ALA E 843 -34.55 50.70 -40.93
N ASP E 844 -33.26 50.83 -40.60
CA ASP E 844 -32.22 50.50 -41.57
C ASP E 844 -32.23 49.01 -41.91
N PHE E 845 -32.55 48.17 -40.92
CA PHE E 845 -32.75 46.75 -41.18
C PHE E 845 -33.89 46.51 -42.14
N TYR E 846 -35.00 47.24 -41.95
CA TYR E 846 -36.18 47.06 -42.79
C TYR E 846 -35.91 47.43 -44.24
N ASP E 847 -35.13 48.50 -44.46
CA ASP E 847 -34.77 48.89 -45.81
C ASP E 847 -33.88 47.87 -46.51
N GLN E 848 -33.18 47.02 -45.74
CA GLN E 848 -32.32 46.01 -46.34
C GLN E 848 -33.10 44.84 -46.93
N PHE E 849 -34.21 44.44 -46.29
CA PHE E 849 -34.95 43.27 -46.75
C PHE E 849 -36.30 43.59 -47.37
N ALA E 850 -36.69 44.87 -47.47
CA ALA E 850 -38.02 45.22 -47.96
C ALA E 850 -38.19 44.83 -49.41
N ASP E 851 -37.16 44.99 -50.23
CA ASP E 851 -37.25 44.66 -51.64
C ASP E 851 -37.31 43.15 -51.87
N GLN E 852 -36.71 42.37 -50.97
CA GLN E 852 -36.69 40.92 -51.10
C GLN E 852 -38.00 40.25 -50.71
N LEU E 853 -39.00 41.03 -50.29
CA LEU E 853 -40.28 40.48 -49.89
C LEU E 853 -41.19 40.27 -51.10
N HIS E 854 -41.94 39.18 -51.08
CA HIS E 854 -42.90 38.86 -52.11
C HIS E 854 -44.18 39.65 -51.88
N GLU E 855 -44.97 39.83 -52.95
CA GLU E 855 -46.10 40.75 -52.91
C GLU E 855 -47.14 40.36 -51.87
N SER E 856 -47.43 39.06 -51.72
CA SER E 856 -48.28 38.66 -50.61
C SER E 856 -47.53 38.72 -49.29
N GLN E 857 -46.21 38.55 -49.30
CA GLN E 857 -45.44 38.60 -48.06
C GLN E 857 -45.38 40.01 -47.47
N LEU E 858 -45.80 41.04 -48.21
CA LEU E 858 -45.74 42.41 -47.70
C LEU E 858 -46.69 42.63 -46.53
N ASP E 859 -47.98 42.28 -46.69
CA ASP E 859 -48.93 42.54 -45.62
C ASP E 859 -48.90 41.46 -44.55
N LYS E 860 -47.99 40.48 -44.66
CA LYS E 860 -47.78 39.51 -43.60
C LYS E 860 -46.74 39.96 -42.59
N MET E 861 -45.89 40.92 -42.96
CA MET E 861 -44.88 41.44 -42.04
C MET E 861 -45.54 42.33 -41.00
N PRO E 862 -45.20 42.18 -39.72
CA PRO E 862 -45.71 43.10 -38.70
C PRO E 862 -45.10 44.48 -38.84
N ALA E 863 -45.79 45.47 -38.28
CA ALA E 863 -45.27 46.84 -38.32
C ALA E 863 -44.05 46.97 -37.41
N LEU E 864 -43.26 48.00 -37.69
CA LEU E 864 -42.14 48.34 -36.82
C LEU E 864 -42.66 48.70 -35.42
N PRO E 865 -42.04 48.20 -34.36
CA PRO E 865 -42.51 48.53 -33.01
C PRO E 865 -42.42 50.03 -32.72
N ALA E 866 -43.40 50.51 -31.96
CA ALA E 866 -43.48 51.93 -31.65
C ALA E 866 -42.35 52.34 -30.71
N LYS E 867 -41.81 53.53 -30.94
CA LYS E 867 -40.73 54.05 -30.13
C LYS E 867 -41.27 54.56 -28.80
N GLY E 868 -40.48 54.37 -27.75
CA GLY E 868 -40.89 54.71 -26.40
C GLY E 868 -40.50 56.12 -25.99
N ASN E 869 -40.52 56.35 -24.68
CA ASN E 869 -40.41 57.68 -24.10
C ASN E 869 -39.04 57.98 -23.52
N LEU E 870 -38.05 57.13 -23.77
CA LEU E 870 -36.76 57.26 -23.09
C LEU E 870 -35.88 58.32 -23.75
N ASN E 871 -35.12 59.02 -22.92
CA ASN E 871 -34.12 59.96 -23.38
C ASN E 871 -32.76 59.27 -23.40
N LEU E 872 -32.09 59.32 -24.55
CA LEU E 872 -30.79 58.68 -24.68
C LEU E 872 -29.73 59.39 -23.85
N ARG E 873 -29.80 60.73 -23.75
CA ARG E 873 -28.78 61.51 -23.05
C ARG E 873 -28.70 61.16 -21.56
N ASP E 874 -29.76 60.59 -20.99
CA ASP E 874 -29.72 60.18 -19.60
C ASP E 874 -28.78 58.99 -19.38
N ILE E 875 -28.45 58.23 -20.43
CA ILE E 875 -27.46 57.17 -20.31
C ILE E 875 -26.09 57.74 -19.97
N LEU E 876 -25.82 58.98 -20.42
CA LEU E 876 -24.54 59.63 -20.13
C LEU E 876 -24.37 59.88 -18.62
N GLU E 877 -25.46 60.01 -17.88
CA GLU E 877 -25.40 60.34 -16.46
C GLU E 877 -25.82 59.18 -15.57
N SER E 878 -25.87 57.96 -16.10
CA SER E 878 -26.19 56.78 -15.31
C SER E 878 -24.90 56.06 -14.96
N ASP E 879 -24.63 55.93 -13.66
CA ASP E 879 -23.38 55.30 -13.21
C ASP E 879 -23.38 53.80 -13.46
N PHE E 880 -24.53 53.15 -13.29
CA PHE E 880 -24.58 51.70 -13.18
C PHE E 880 -24.73 50.99 -14.52
N ALA E 881 -24.85 51.72 -15.62
CA ALA E 881 -24.93 51.08 -16.93
C ALA E 881 -23.60 50.41 -17.29
N PHE E 882 -22.48 51.08 -16.98
CA PHE E 882 -21.10 50.61 -17.15
C PHE E 882 -20.69 50.46 -18.62
N ALA E 883 -21.63 50.61 -19.53
CA ALA E 883 -21.45 50.37 -20.96
C ALA E 883 -22.72 50.74 -21.70
N THR I 3 -22.56 16.68 75.79
CA THR I 3 -22.01 15.81 76.81
C THR I 3 -22.79 14.51 76.92
N ILE I 4 -24.12 14.63 76.93
CA ILE I 4 -24.98 13.47 77.09
C ILE I 4 -24.95 12.61 75.83
N ASN I 5 -24.79 11.31 76.00
CA ASN I 5 -24.79 10.38 74.88
C ASN I 5 -26.18 10.32 74.25
N ILE I 6 -26.22 10.02 72.96
CA ILE I 6 -27.46 9.95 72.20
C ILE I 6 -27.82 8.48 72.01
N ALA I 7 -29.05 8.13 72.38
CA ALA I 7 -29.51 6.75 72.23
C ALA I 7 -29.58 6.38 70.76
N LYS I 8 -29.15 5.17 70.44
CA LYS I 8 -29.01 4.74 69.06
C LYS I 8 -30.30 4.04 68.62
N ASN I 9 -30.93 4.57 67.58
CA ASN I 9 -31.94 3.86 66.82
C ASN I 9 -31.32 2.97 65.74
N ASP I 10 -30.02 2.70 65.85
CA ASP I 10 -29.34 1.72 65.01
C ASP I 10 -29.91 0.32 65.21
N PHE I 11 -30.56 0.06 66.33
CA PHE I 11 -31.08 -1.26 66.61
C PHE I 11 -32.39 -1.53 65.88
N SER I 12 -33.01 -0.51 65.31
CA SER I 12 -34.14 -0.75 64.41
C SER I 12 -33.66 -1.14 63.01
N ASP I 13 -32.48 -0.68 62.59
CA ASP I 13 -32.01 -1.03 61.25
C ASP I 13 -31.47 -2.44 61.17
N ILE I 14 -31.10 -3.05 62.31
CA ILE I 14 -30.46 -4.36 62.26
C ILE I 14 -31.44 -5.43 61.83
N GLU I 15 -32.74 -5.24 62.09
CA GLU I 15 -33.71 -6.29 61.92
C GLU I 15 -33.86 -6.69 60.47
N LEU I 16 -34.06 -7.99 60.24
CA LEU I 16 -34.08 -8.54 58.89
C LEU I 16 -35.32 -8.09 58.14
N ALA I 17 -35.17 -7.86 56.84
CA ALA I 17 -36.30 -7.53 56.00
C ALA I 17 -37.28 -8.69 55.95
N ALA I 18 -38.55 -8.37 55.64
CA ALA I 18 -39.63 -9.34 55.80
C ALA I 18 -39.47 -10.53 54.87
N ILE I 19 -39.07 -10.28 53.62
CA ILE I 19 -38.96 -11.33 52.60
C ILE I 19 -37.88 -12.36 52.95
N PRO I 20 -36.65 -12.01 53.36
CA PRO I 20 -35.75 -13.05 53.86
C PRO I 20 -36.08 -13.53 55.27
N PHE I 21 -36.86 -12.76 56.04
CA PHE I 21 -37.36 -13.24 57.32
C PHE I 21 -38.33 -14.39 57.13
N ASN I 22 -39.18 -14.30 56.09
CA ASN I 22 -40.12 -15.37 55.80
C ASN I 22 -39.40 -16.65 55.38
N THR I 23 -38.32 -16.52 54.60
CA THR I 23 -37.51 -17.67 54.24
C THR I 23 -36.82 -18.27 55.47
N LEU I 24 -36.37 -17.41 56.39
CA LEU I 24 -35.83 -17.88 57.66
C LEU I 24 -36.92 -18.53 58.50
N ALA I 25 -38.14 -17.98 58.47
CA ALA I 25 -39.25 -18.53 59.23
C ALA I 25 -39.71 -19.87 58.68
N ASP I 26 -39.63 -20.07 57.37
CA ASP I 26 -40.07 -21.34 56.79
C ASP I 26 -39.12 -22.47 57.13
N HIS I 27 -37.81 -22.18 57.22
CA HIS I 27 -36.84 -23.22 57.49
C HIS I 27 -36.82 -23.62 58.96
N TYR I 28 -36.97 -22.66 59.87
CA TYR I 28 -36.74 -22.91 61.28
C TYR I 28 -37.90 -22.53 62.19
N GLY I 29 -39.04 -22.09 61.66
CA GLY I 29 -40.13 -21.65 62.49
C GLY I 29 -40.06 -20.18 62.78
N GLU I 30 -41.19 -19.47 62.67
CA GLU I 30 -41.19 -18.03 62.89
C GLU I 30 -41.01 -17.67 64.36
N ARG I 31 -41.22 -18.62 65.28
CA ARG I 31 -40.90 -18.39 66.68
C ARG I 31 -39.39 -18.22 66.87
N LEU I 32 -38.62 -19.25 66.48
CA LEU I 32 -37.17 -19.18 66.58
C LEU I 32 -36.57 -18.12 65.67
N ALA I 33 -37.27 -17.77 64.59
CA ALA I 33 -36.84 -16.67 63.74
C ALA I 33 -36.91 -15.34 64.51
N ARG I 34 -38.07 -15.04 65.10
CA ARG I 34 -38.25 -13.76 65.78
C ARG I 34 -37.38 -13.67 67.04
N GLU I 35 -37.21 -14.77 67.75
CA GLU I 35 -36.34 -14.78 68.92
C GLU I 35 -34.89 -14.51 68.53
N GLN I 36 -34.43 -15.09 67.41
CA GLN I 36 -33.07 -14.89 66.94
C GLN I 36 -32.80 -13.42 66.62
N LEU I 37 -33.72 -12.78 65.90
CA LEU I 37 -33.59 -11.35 65.63
C LEU I 37 -33.70 -10.53 66.90
N ALA I 38 -34.52 -10.97 67.86
CA ALA I 38 -34.60 -10.30 69.15
C ALA I 38 -33.30 -10.43 69.93
N LEU I 39 -32.65 -11.60 69.84
CA LEU I 39 -31.36 -11.79 70.50
C LEU I 39 -30.29 -10.88 69.91
N GLU I 40 -30.29 -10.74 68.58
CA GLU I 40 -29.33 -9.86 67.92
C GLU I 40 -29.61 -8.39 68.26
N HIS I 41 -30.87 -8.00 68.31
CA HIS I 41 -31.25 -6.67 68.76
C HIS I 41 -30.81 -6.46 70.21
N GLU I 42 -31.00 -7.45 71.06
CA GLU I 42 -30.55 -7.39 72.44
C GLU I 42 -29.04 -7.34 72.53
N SER I 43 -28.35 -8.06 71.65
CA SER I 43 -26.90 -8.10 71.66
C SER I 43 -26.30 -6.72 71.37
N TYR I 44 -26.88 -6.00 70.42
CA TYR I 44 -26.44 -4.63 70.15
C TYR I 44 -26.82 -3.70 71.29
N GLU I 45 -27.98 -3.94 71.92
CA GLU I 45 -28.45 -3.08 73.01
C GLU I 45 -27.55 -3.19 74.23
N MET I 46 -27.16 -4.41 74.60
CA MET I 46 -26.29 -4.60 75.76
C MET I 46 -24.91 -4.01 75.52
N GLY I 47 -24.44 -3.99 74.27
CA GLY I 47 -23.19 -3.34 73.96
C GLY I 47 -23.25 -1.83 74.13
N GLU I 48 -24.39 -1.22 73.76
CA GLU I 48 -24.57 0.21 73.99
C GLU I 48 -24.57 0.54 75.48
N ALA I 49 -25.20 -0.31 76.29
CA ALA I 49 -25.21 -0.12 77.73
C ALA I 49 -23.80 -0.23 78.31
N ARG I 50 -23.00 -1.17 77.80
CA ARG I 50 -21.63 -1.33 78.27
C ARG I 50 -20.78 -0.11 77.94
N PHE I 51 -20.96 0.46 76.75
CA PHE I 51 -20.23 1.67 76.39
C PHE I 51 -20.66 2.86 77.23
N ARG I 52 -21.97 2.99 77.48
CA ARG I 52 -22.50 4.13 78.21
C ARG I 52 -22.02 4.15 79.66
N LYS I 53 -21.94 2.97 80.29
CA LYS I 53 -21.39 2.90 81.65
C LYS I 53 -19.92 3.27 81.67
N MET I 54 -19.14 2.75 80.71
CA MET I 54 -17.71 3.04 80.66
C MET I 54 -17.45 4.52 80.37
N PHE I 55 -18.25 5.12 79.50
CA PHE I 55 -18.13 6.56 79.26
C PHE I 55 -18.44 7.35 80.53
N GLU I 56 -19.45 6.92 81.29
CA GLU I 56 -19.84 7.65 82.49
C GLU I 56 -18.74 7.59 83.55
N ARG I 57 -18.08 6.44 83.70
CA ARG I 57 -16.99 6.33 84.65
C ARG I 57 -15.83 7.24 84.28
N GLN I 58 -15.48 7.30 82.99
CA GLN I 58 -14.42 8.19 82.54
C GLN I 58 -14.82 9.66 82.67
N LEU I 59 -16.12 9.95 82.60
CA LEU I 59 -16.58 11.31 82.86
C LEU I 59 -16.32 11.73 84.30
N LYS I 60 -16.59 10.83 85.26
CA LYS I 60 -16.37 11.15 86.66
C LYS I 60 -14.89 11.27 86.99
N ALA I 61 -14.07 10.37 86.44
CA ALA I 61 -12.65 10.33 86.75
C ALA I 61 -11.83 11.29 85.88
N GLY I 62 -12.45 11.96 84.91
CA GLY I 62 -11.68 12.79 84.02
C GLY I 62 -10.88 12.03 82.99
N GLU I 63 -11.22 10.76 82.74
CA GLU I 63 -10.57 9.94 81.73
C GLU I 63 -11.23 10.07 80.36
N VAL I 64 -11.88 11.21 80.09
CA VAL I 64 -12.65 11.37 78.86
C VAL I 64 -11.74 11.42 77.65
N ALA I 65 -10.56 12.05 77.78
CA ALA I 65 -9.61 12.07 76.68
C ALA I 65 -8.98 10.71 76.44
N ASP I 66 -9.03 9.81 77.42
CA ASP I 66 -8.60 8.44 77.20
C ASP I 66 -9.62 7.64 76.39
N ASN I 67 -10.88 8.05 76.41
CA ASN I 67 -11.91 7.38 75.63
C ASN I 67 -11.67 7.57 74.13
N ALA I 68 -12.08 6.58 73.34
CA ALA I 68 -11.86 6.60 71.90
C ALA I 68 -12.69 7.68 71.20
N ALA I 69 -13.79 8.11 71.79
CA ALA I 69 -14.64 9.13 71.15
C ALA I 69 -14.01 10.51 71.20
N ALA I 70 -13.06 10.75 72.11
CA ALA I 70 -12.35 12.02 72.17
C ALA I 70 -11.11 12.05 71.30
N LYS I 71 -10.59 10.87 70.93
CA LYS I 71 -9.38 10.78 70.10
C LYS I 71 -9.46 11.49 68.74
N PRO I 72 -10.51 11.35 67.92
CA PRO I 72 -10.47 12.05 66.61
C PRO I 72 -10.44 13.56 66.75
N LEU I 73 -11.06 14.10 67.81
CA LEU I 73 -11.00 15.53 68.07
C LEU I 73 -9.58 15.97 68.42
N ILE I 74 -8.89 15.20 69.27
CA ILE I 74 -7.51 15.55 69.63
C ILE I 74 -6.59 15.44 68.43
N THR I 75 -6.87 14.47 67.55
CA THR I 75 -6.01 14.26 66.38
C THR I 75 -6.08 15.45 65.41
N THR I 76 -7.25 16.09 65.28
CA THR I 76 -7.36 17.14 64.28
C THR I 76 -6.86 18.50 64.78
N LEU I 77 -6.91 18.77 66.09
CA LEU I 77 -6.46 20.07 66.58
C LEU I 77 -5.11 20.05 67.29
N LEU I 78 -4.51 18.89 67.51
CA LEU I 78 -3.12 18.85 67.95
C LEU I 78 -2.15 19.49 66.96
N PRO I 79 -2.14 19.17 65.65
CA PRO I 79 -1.08 19.71 64.77
C PRO I 79 -1.06 21.22 64.63
N LYS I 80 -2.23 21.88 64.70
CA LYS I 80 -2.24 23.33 64.71
C LYS I 80 -1.77 23.89 66.05
N MET I 81 -2.02 23.17 67.15
CA MET I 81 -1.63 23.65 68.46
C MET I 81 -0.13 23.51 68.67
N ILE I 82 0.48 22.41 68.18
CA ILE I 82 1.93 22.28 68.34
C ILE I 82 2.63 23.34 67.50
N ALA I 83 2.10 23.65 66.31
CA ALA I 83 2.65 24.73 65.50
C ALA I 83 2.65 26.03 66.28
N ARG I 84 1.53 26.34 66.93
CA ARG I 84 1.36 27.61 67.62
C ARG I 84 2.38 27.78 68.75
N ILE I 85 2.70 26.71 69.48
CA ILE I 85 3.70 26.87 70.53
C ILE I 85 5.09 27.07 69.93
N ASN I 86 5.43 26.41 68.80
CA ASN I 86 6.70 26.75 68.17
C ASN I 86 6.66 28.14 67.53
N ASP I 87 5.48 28.58 67.07
CA ASP I 87 5.34 29.95 66.57
C ASP I 87 5.66 30.97 67.64
N TRP I 88 5.14 30.76 68.85
CA TRP I 88 5.47 31.66 69.95
C TRP I 88 6.90 31.46 70.42
N PHE I 89 7.45 30.24 70.27
CA PHE I 89 8.84 29.99 70.67
C PHE I 89 9.80 30.85 69.88
N GLU I 90 9.64 30.90 68.56
CA GLU I 90 10.53 31.71 67.74
C GLU I 90 10.20 33.20 67.86
N GLU I 91 8.93 33.54 68.11
CA GLU I 91 8.54 34.95 68.15
C GLU I 91 9.14 35.67 69.35
N VAL I 92 9.15 35.01 70.52
CA VAL I 92 9.77 35.62 71.69
C VAL I 92 11.29 35.45 71.64
N LYS I 93 11.79 34.35 71.05
CA LYS I 93 13.22 34.25 70.79
C LYS I 93 13.69 35.34 69.82
N ALA I 94 12.83 35.72 68.87
CA ALA I 94 13.13 36.89 68.03
C ALA I 94 12.86 38.20 68.76
N LYS I 95 12.04 38.18 69.82
CA LYS I 95 11.85 39.38 70.62
C LYS I 95 13.07 39.61 71.50
N ARG I 96 13.62 40.83 71.45
CA ARG I 96 14.81 41.08 72.22
C ARG I 96 14.44 41.46 73.65
N GLY I 97 15.45 41.55 74.50
CA GLY I 97 15.22 41.84 75.91
C GLY I 97 15.02 40.57 76.71
N LYS I 98 14.50 40.76 77.92
CA LYS I 98 14.33 39.64 78.84
C LYS I 98 13.14 38.81 78.41
N ARG I 99 13.33 37.49 78.34
CA ARG I 99 12.24 36.60 78.01
C ARG I 99 11.19 36.63 79.11
N PRO I 100 9.91 36.47 78.76
CA PRO I 100 8.88 36.36 79.79
C PRO I 100 9.08 35.11 80.63
N THR I 101 8.41 35.10 81.78
CA THR I 101 8.40 33.89 82.61
C THR I 101 7.85 32.71 81.83
N ALA I 102 6.90 32.96 80.92
CA ALA I 102 6.24 31.93 80.13
C ALA I 102 7.20 31.09 79.31
N PHE I 103 8.38 31.62 78.97
CA PHE I 103 9.27 30.94 78.02
C PHE I 103 10.00 29.77 78.66
N GLN I 104 10.58 29.96 79.84
CA GLN I 104 11.55 29.00 80.35
C GLN I 104 10.93 27.72 80.86
N PHE I 105 9.63 27.68 81.15
CA PHE I 105 8.99 26.40 81.47
C PHE I 105 9.03 25.47 80.27
N LEU I 106 8.62 25.97 79.10
CA LEU I 106 8.36 25.14 77.95
C LEU I 106 9.63 24.78 77.18
N GLN I 107 10.78 25.31 77.59
CA GLN I 107 12.07 24.82 77.10
C GLN I 107 12.53 23.58 77.87
N GLU I 108 12.00 23.36 79.07
CA GLU I 108 12.40 22.20 79.86
C GLU I 108 11.87 20.91 79.27
N ILE I 109 10.65 20.94 78.72
CA ILE I 109 9.98 19.77 78.19
C ILE I 109 9.59 20.02 76.74
N LYS I 110 9.35 18.93 76.01
CA LYS I 110 9.25 18.96 74.56
C LYS I 110 7.95 19.64 74.12
N PRO I 111 7.97 20.35 72.97
CA PRO I 111 6.76 21.08 72.54
C PRO I 111 5.54 20.21 72.31
N GLU I 112 5.70 19.05 71.67
CA GLU I 112 4.55 18.19 71.44
C GLU I 112 3.91 17.68 72.72
N ALA I 113 4.66 17.69 73.83
CA ALA I 113 4.07 17.34 75.11
C ALA I 113 3.13 18.44 75.61
N VAL I 114 3.63 19.69 75.70
CA VAL I 114 2.87 20.78 76.32
C VAL I 114 1.53 20.98 75.62
N ALA I 115 1.47 20.69 74.32
CA ALA I 115 0.18 20.63 73.64
C ALA I 115 -0.72 19.59 74.28
N TYR I 116 -0.27 18.33 74.36
CA TYR I 116 -1.14 17.25 74.82
C TYR I 116 -1.50 17.38 76.29
N ILE I 117 -0.55 17.82 77.13
CA ILE I 117 -0.83 17.93 78.57
C ILE I 117 -1.90 18.98 78.83
N THR I 118 -1.93 20.04 78.02
CA THR I 118 -2.99 21.05 78.15
C THR I 118 -4.36 20.44 77.85
N ILE I 119 -4.54 19.94 76.62
CA ILE I 119 -5.87 19.53 76.15
C ILE I 119 -6.46 18.41 77.00
N LYS I 120 -5.62 17.45 77.43
CA LYS I 120 -6.12 16.37 78.28
C LYS I 120 -6.57 16.89 79.63
N THR I 121 -5.84 17.85 80.20
CA THR I 121 -6.15 18.33 81.55
C THR I 121 -7.45 19.13 81.57
N THR I 122 -7.60 20.11 80.65
CA THR I 122 -8.78 20.98 80.68
C THR I 122 -10.06 20.21 80.43
N LEU I 123 -10.03 19.22 79.53
CA LEU I 123 -11.19 18.39 79.27
C LEU I 123 -11.61 17.62 80.53
N ALA I 124 -10.62 17.17 81.31
CA ALA I 124 -10.91 16.44 82.55
C ALA I 124 -11.57 17.35 83.58
N CYS I 125 -11.02 18.55 83.78
CA CYS I 125 -11.61 19.47 84.75
C CYS I 125 -13.00 19.92 84.33
N LEU I 126 -13.22 20.09 83.02
CA LEU I 126 -14.50 20.54 82.52
C LEU I 126 -15.59 19.50 82.73
N THR I 127 -15.24 18.21 82.64
CA THR I 127 -16.20 17.12 82.72
C THR I 127 -16.32 16.51 84.12
N SER I 128 -15.21 16.36 84.84
CA SER I 128 -15.25 15.67 86.13
C SER I 128 -15.84 16.55 87.22
N ALA I 129 -15.29 17.76 87.40
CA ALA I 129 -15.74 18.65 88.46
C ALA I 129 -16.88 19.56 88.03
N ASP I 130 -17.11 19.71 86.72
CA ASP I 130 -18.08 20.66 86.15
C ASP I 130 -17.81 22.08 86.63
N ASN I 131 -16.53 22.42 86.79
CA ASN I 131 -16.09 23.73 87.24
C ASN I 131 -15.27 24.37 86.12
N THR I 132 -15.74 25.51 85.62
CA THR I 132 -15.14 26.18 84.47
C THR I 132 -14.18 27.29 84.88
N THR I 133 -13.88 27.43 86.17
CA THR I 133 -13.01 28.50 86.63
C THR I 133 -11.60 28.33 86.10
N VAL I 134 -10.96 29.45 85.74
CA VAL I 134 -9.66 29.42 85.10
C VAL I 134 -8.57 28.98 86.08
N GLN I 135 -8.64 29.46 87.33
CA GLN I 135 -7.51 29.33 88.25
C GLN I 135 -7.27 27.87 88.67
N ALA I 136 -8.34 27.09 88.81
CA ALA I 136 -8.16 25.67 89.12
C ALA I 136 -7.75 24.87 87.89
N VAL I 137 -8.21 25.29 86.71
CA VAL I 137 -7.84 24.60 85.48
C VAL I 137 -6.40 24.95 85.08
N ALA I 138 -6.09 26.25 84.99
CA ALA I 138 -4.80 26.68 84.48
C ALA I 138 -3.65 26.21 85.35
N SER I 139 -3.87 26.12 86.67
CA SER I 139 -2.85 25.54 87.52
C SER I 139 -2.74 24.03 87.37
N ALA I 140 -3.81 23.37 86.93
CA ALA I 140 -3.74 21.92 86.71
C ALA I 140 -2.85 21.57 85.53
N ILE I 141 -2.80 22.42 84.50
CA ILE I 141 -1.76 22.29 83.48
C ILE I 141 -0.39 22.49 84.11
N GLY I 142 -0.27 23.51 84.97
CA GLY I 142 1.03 23.87 85.51
C GLY I 142 1.61 22.83 86.44
N ARG I 143 0.76 22.21 87.27
CA ARG I 143 1.24 21.12 88.12
C ARG I 143 1.67 19.93 87.27
N ALA I 144 0.86 19.56 86.28
CA ALA I 144 1.11 18.36 85.49
C ALA I 144 2.35 18.49 84.62
N ILE I 145 2.58 19.67 84.05
CA ILE I 145 3.78 19.88 83.24
C ILE I 145 5.03 19.83 84.11
N GLU I 146 4.96 20.35 85.34
CA GLU I 146 6.09 20.27 86.24
C GLU I 146 6.37 18.84 86.67
N ASP I 147 5.33 18.03 86.86
CA ASP I 147 5.53 16.61 87.12
C ASP I 147 6.19 15.93 85.93
N GLU I 148 5.79 16.29 84.72
CA GLU I 148 6.45 15.78 83.52
C GLU I 148 7.86 16.35 83.39
N ALA I 149 8.14 17.51 83.97
CA ALA I 149 9.48 18.07 83.91
C ALA I 149 10.44 17.31 84.81
N ARG I 150 10.04 17.03 86.05
CA ARG I 150 10.99 16.51 87.03
C ARG I 150 11.01 15.00 87.07
N PHE I 151 9.85 14.34 86.96
CA PHE I 151 9.87 12.91 86.84
C PHE I 151 10.25 12.48 85.45
N GLY I 152 10.02 13.36 84.47
CA GLY I 152 10.53 13.11 83.13
C GLY I 152 12.04 12.97 83.10
N ARG I 153 12.76 13.90 83.72
CA ARG I 153 14.21 13.99 83.53
C ARG I 153 14.96 12.73 83.95
N ILE I 154 14.31 11.86 84.74
CA ILE I 154 14.80 10.50 84.91
C ILE I 154 14.78 9.75 83.58
N ARG I 155 13.69 9.90 82.79
CA ARG I 155 13.65 9.24 81.48
C ARG I 155 14.21 10.08 80.33
N ASP I 156 14.40 11.40 80.47
CA ASP I 156 14.98 12.15 79.34
C ASP I 156 16.51 12.20 79.33
N LEU I 157 17.17 12.50 80.46
CA LEU I 157 18.63 12.60 80.43
C LEU I 157 19.44 11.72 81.40
N GLU I 158 19.07 11.61 82.68
CA GLU I 158 20.04 11.18 83.67
C GLU I 158 20.24 9.66 83.75
N ALA I 159 19.16 8.88 83.64
CA ALA I 159 19.25 7.42 83.79
C ALA I 159 18.43 6.71 82.70
N LYS I 160 19.12 6.35 81.57
CA LYS I 160 18.48 5.67 80.42
C LYS I 160 18.35 4.18 80.64
N HIS I 161 19.49 3.49 80.85
CA HIS I 161 19.48 2.06 81.20
C HIS I 161 18.66 1.79 82.46
N PHE I 162 18.69 2.71 83.43
CA PHE I 162 17.96 2.44 84.66
C PHE I 162 16.50 2.86 84.59
N LYS I 163 16.11 3.73 83.66
CA LYS I 163 14.68 3.92 83.42
C LYS I 163 14.06 2.64 82.91
N LYS I 164 14.77 1.93 82.02
CA LYS I 164 14.32 0.62 81.55
C LYS I 164 14.20 -0.39 82.68
N ASN I 165 14.94 -0.20 83.78
CA ASN I 165 14.75 -1.04 84.96
C ASN I 165 13.46 -0.67 85.69
N VAL I 166 13.15 0.61 85.79
CA VAL I 166 11.99 1.08 86.55
C VAL I 166 10.74 1.29 85.69
N GLU I 167 10.87 1.21 84.36
CA GLU I 167 9.70 1.47 83.50
C GLU I 167 8.66 0.37 83.63
N GLU I 168 9.10 -0.90 83.69
CA GLU I 168 8.13 -1.99 83.78
C GLU I 168 7.42 -2.01 85.12
N GLN I 169 8.07 -1.56 86.19
CA GLN I 169 7.37 -1.38 87.45
C GLN I 169 6.39 -0.22 87.37
N LEU I 170 6.73 0.83 86.62
CA LEU I 170 5.81 1.96 86.44
C LEU I 170 4.53 1.53 85.75
N ASN I 171 4.65 0.67 84.74
CA ASN I 171 3.49 0.22 83.98
C ASN I 171 2.52 -0.61 84.83
N LYS I 172 3.00 -1.19 85.93
CA LYS I 172 2.11 -1.93 86.82
C LYS I 172 1.23 -1.03 87.67
N ARG I 173 1.61 0.24 87.83
CA ARG I 173 0.85 1.16 88.66
C ARG I 173 -0.30 1.79 87.86
N VAL I 174 -1.44 1.98 88.53
CA VAL I 174 -2.64 2.49 87.87
C VAL I 174 -3.24 3.61 88.73
N GLY I 175 -3.76 4.64 88.07
CA GLY I 175 -4.25 5.82 88.75
C GLY I 175 -3.12 6.78 89.04
N HIS I 176 -3.28 8.06 88.66
CA HIS I 176 -2.17 9.01 88.57
C HIS I 176 -1.41 9.19 89.89
N VAL I 177 -2.08 8.96 91.02
CA VAL I 177 -1.40 9.02 92.30
C VAL I 177 -0.42 7.84 92.47
N TYR I 178 -0.78 6.67 91.94
CA TYR I 178 0.06 5.49 92.14
C TYR I 178 1.31 5.53 91.27
N LYS I 179 1.21 6.00 90.02
CA LYS I 179 2.41 6.21 89.24
C LYS I 179 3.25 7.35 89.82
N LYS I 180 2.61 8.30 90.49
CA LYS I 180 3.36 9.35 91.17
C LYS I 180 4.18 8.78 92.32
N ALA I 181 3.54 7.99 93.19
CA ALA I 181 4.18 7.56 94.44
C ALA I 181 5.39 6.67 94.20
N PHE I 182 5.39 5.88 93.13
CA PHE I 182 6.56 5.08 92.81
C PHE I 182 7.70 5.92 92.26
N MET I 183 7.41 7.14 91.80
CA MET I 183 8.35 7.90 90.98
C MET I 183 9.35 8.70 91.81
N GLN I 184 8.91 9.44 92.84
CA GLN I 184 9.89 10.13 93.66
C GLN I 184 10.41 9.28 94.82
N VAL I 185 9.82 8.11 95.05
CA VAL I 185 10.55 7.07 95.78
C VAL I 185 11.75 6.62 94.96
N VAL I 186 11.55 6.44 93.65
CA VAL I 186 12.65 6.17 92.73
C VAL I 186 13.58 7.37 92.64
N GLU I 187 13.02 8.59 92.54
CA GLU I 187 13.86 9.79 92.43
C GLU I 187 14.70 10.02 93.67
N ALA I 188 14.15 9.74 94.86
CA ALA I 188 14.94 9.78 96.08
C ALA I 188 16.04 8.72 96.05
N ASP I 189 15.78 7.57 95.43
CA ASP I 189 16.82 6.59 95.21
C ASP I 189 17.89 7.15 94.27
N MET I 190 17.47 7.87 93.21
CA MET I 190 18.42 8.43 92.25
C MET I 190 19.39 9.38 92.93
N LEU I 191 18.88 10.27 93.78
CA LEU I 191 19.73 11.20 94.49
C LEU I 191 20.59 10.48 95.52
N SER I 192 20.08 9.39 96.11
CA SER I 192 20.91 8.56 96.98
C SER I 192 22.01 7.87 96.20
N LYS I 193 21.71 7.36 95.01
CA LYS I 193 22.78 6.92 94.11
C LYS I 193 23.57 8.10 93.57
N GLY I 194 22.94 9.26 93.41
CA GLY I 194 23.62 10.42 92.90
C GLY I 194 23.80 10.48 91.40
N LEU I 195 22.95 9.76 90.65
CA LEU I 195 23.06 9.74 89.19
C LEU I 195 22.06 10.66 88.51
N LEU I 196 21.30 11.45 89.27
CA LEU I 196 20.46 12.51 88.71
C LEU I 196 21.15 13.86 88.75
N GLY I 197 22.45 13.88 89.00
CA GLY I 197 23.19 15.11 89.21
C GLY I 197 23.29 15.54 90.66
N GLY I 198 22.55 14.91 91.56
CA GLY I 198 22.48 15.35 92.93
C GLY I 198 21.65 16.60 93.13
N GLU I 199 21.01 17.09 92.08
CA GLU I 199 20.23 18.32 92.12
C GLU I 199 18.77 17.96 92.34
N ALA I 200 18.24 18.31 93.51
CA ALA I 200 16.81 18.22 93.73
C ALA I 200 16.09 19.17 92.78
N TRP I 201 14.90 18.76 92.36
CA TRP I 201 14.17 19.53 91.35
C TRP I 201 13.78 20.90 91.89
N SER I 202 13.94 21.91 91.05
CA SER I 202 13.50 23.26 91.38
C SER I 202 11.99 23.27 91.50
N SER I 203 11.48 23.32 92.73
CA SER I 203 10.05 23.37 92.95
C SER I 203 9.50 24.68 92.42
N TRP I 204 8.61 24.59 91.43
CA TRP I 204 8.04 25.76 90.81
C TRP I 204 7.24 26.57 91.82
N HIS I 205 7.30 27.89 91.70
CA HIS I 205 6.44 28.74 92.51
C HIS I 205 4.98 28.46 92.18
N LYS I 206 4.13 28.58 93.20
CA LYS I 206 2.72 28.24 93.02
C LYS I 206 2.08 29.18 92.00
N GLU I 207 2.36 30.47 92.11
CA GLU I 207 1.85 31.44 91.14
C GLU I 207 2.47 31.24 89.77
N ASP I 208 3.71 30.74 89.70
CA ASP I 208 4.33 30.43 88.42
C ASP I 208 3.67 29.23 87.75
N SER I 209 3.00 28.36 88.53
CA SER I 209 2.31 27.21 87.96
C SER I 209 1.00 27.60 87.30
N ILE I 210 0.38 28.72 87.66
CA ILE I 210 -0.74 29.17 86.85
C ILE I 210 -0.24 29.97 85.64
N HIS I 211 0.95 30.55 85.72
CA HIS I 211 1.49 31.35 84.62
C HIS I 211 1.77 30.49 83.39
N VAL I 212 2.28 29.27 83.58
CA VAL I 212 2.45 28.35 82.47
C VAL I 212 1.09 27.96 81.90
N GLY I 213 0.10 27.78 82.77
CA GLY I 213 -1.25 27.46 82.36
C GLY I 213 -1.88 28.53 81.50
N VAL I 214 -2.09 29.73 82.06
CA VAL I 214 -2.84 30.79 81.38
C VAL I 214 -2.20 31.19 80.05
N ARG I 215 -0.88 31.00 79.93
CA ARG I 215 -0.24 31.24 78.64
C ARG I 215 -0.55 30.14 77.65
N CYS I 216 -0.60 28.89 78.13
CA CYS I 216 -0.88 27.78 77.25
C CYS I 216 -2.37 27.66 76.90
N ILE I 217 -3.26 28.08 77.80
CA ILE I 217 -4.68 28.16 77.44
C ILE I 217 -4.91 29.27 76.42
N GLU I 218 -4.22 30.41 76.60
CA GLU I 218 -4.36 31.57 75.69
C GLU I 218 -4.10 31.17 74.25
N MET I 219 -3.17 30.24 74.05
CA MET I 219 -2.84 29.82 72.71
C MET I 219 -3.76 28.71 72.23
N LEU I 220 -4.29 27.91 73.15
CA LEU I 220 -5.28 26.90 72.77
C LEU I 220 -6.58 27.55 72.31
N ILE I 221 -7.02 28.60 72.99
CA ILE I 221 -8.30 29.22 72.66
C ILE I 221 -8.17 30.00 71.34
N GLU I 222 -6.97 30.44 71.00
CA GLU I 222 -6.73 31.05 69.70
C GLU I 222 -6.63 30.01 68.59
N SER I 223 -6.00 28.87 68.89
CA SER I 223 -5.68 27.90 67.84
C SER I 223 -6.92 27.24 67.27
N THR I 224 -7.89 26.89 68.12
CA THR I 224 -9.07 26.20 67.64
C THR I 224 -10.38 26.70 68.24
N GLY I 225 -10.35 27.57 69.25
CA GLY I 225 -11.57 27.97 69.91
C GLY I 225 -12.23 26.85 70.68
N MET I 226 -11.44 25.89 71.17
CA MET I 226 -11.99 24.73 71.86
C MET I 226 -12.65 25.12 73.18
N VAL I 227 -12.00 26.01 73.94
CA VAL I 227 -12.58 26.56 75.16
C VAL I 227 -12.95 28.01 74.89
N SER I 228 -14.13 28.40 75.34
CA SER I 228 -14.60 29.77 75.19
C SER I 228 -14.46 30.50 76.52
N LEU I 229 -13.75 31.63 76.50
CA LEU I 229 -13.64 32.45 77.70
C LEU I 229 -14.96 33.14 77.99
N HIS I 230 -15.29 33.24 79.27
CA HIS I 230 -16.56 33.84 79.68
C HIS I 230 -16.39 34.74 80.89
N LEU I 246 -15.69 25.53 77.33
CA LEU I 246 -15.72 24.49 76.30
C LEU I 246 -16.72 24.85 75.21
N ALA I 247 -16.28 24.77 73.96
CA ALA I 247 -17.17 25.04 72.83
C ALA I 247 -18.23 23.94 72.74
N PRO I 248 -19.51 24.30 72.60
CA PRO I 248 -20.56 23.27 72.51
C PRO I 248 -20.45 22.37 71.30
N GLU I 249 -19.91 22.88 70.18
CA GLU I 249 -19.76 22.05 68.97
C GLU I 249 -18.78 20.91 69.24
N TYR I 250 -17.62 21.22 69.82
CA TYR I 250 -16.61 20.19 70.04
C TYR I 250 -17.07 19.15 71.05
N ALA I 251 -17.86 19.57 72.04
CA ALA I 251 -18.50 18.61 72.93
C ALA I 251 -19.54 17.77 72.20
N GLU I 252 -20.24 18.37 71.21
CA GLU I 252 -21.20 17.61 70.43
C GLU I 252 -20.51 16.57 69.54
N ALA I 253 -19.32 16.91 69.04
CA ALA I 253 -18.60 16.01 68.13
C ALA I 253 -18.21 14.71 68.82
N ILE I 254 -17.79 14.79 70.09
CA ILE I 254 -17.51 13.58 70.85
C ILE I 254 -18.79 12.85 71.23
N ALA I 255 -19.94 13.53 71.20
CA ALA I 255 -21.20 12.90 71.57
C ALA I 255 -21.76 12.06 70.43
N THR I 256 -21.76 12.60 69.21
CA THR I 256 -22.17 11.79 68.05
C THR I 256 -21.21 10.64 67.83
N ARG I 257 -19.92 10.85 68.08
CA ARG I 257 -18.94 9.78 67.97
C ARG I 257 -19.19 8.69 69.00
N ALA I 258 -19.53 9.09 70.24
CA ALA I 258 -19.83 8.11 71.28
C ALA I 258 -21.08 7.31 70.95
N GLY I 259 -22.09 7.96 70.37
CA GLY I 259 -23.28 7.24 69.95
C GLY I 259 -23.00 6.25 68.84
N ALA I 260 -22.15 6.63 67.89
CA ALA I 260 -21.74 5.69 66.85
C ALA I 260 -20.91 4.55 67.42
N LEU I 261 -20.05 4.84 68.39
CA LEU I 261 -19.18 3.82 68.97
C LEU I 261 -19.97 2.80 69.79
N ALA I 262 -21.09 3.21 70.38
CA ALA I 262 -21.94 2.26 71.09
C ALA I 262 -22.61 1.29 70.13
N GLY I 263 -22.94 1.74 68.92
CA GLY I 263 -23.59 0.86 67.96
C GLY I 263 -22.68 -0.23 67.44
N ILE I 264 -21.41 0.09 67.18
CA ILE I 264 -20.51 -0.85 66.51
C ILE I 264 -19.87 -1.85 67.45
N SER I 265 -20.24 -1.85 68.73
CA SER I 265 -19.71 -2.80 69.70
C SER I 265 -20.87 -3.61 70.28
N PRO I 266 -21.26 -4.71 69.64
CA PRO I 266 -22.32 -5.55 70.18
C PRO I 266 -21.78 -6.63 71.12
N MET I 267 -22.66 -7.09 71.98
CA MET I 267 -22.35 -8.16 72.94
C MET I 267 -22.96 -9.45 72.41
N PHE I 268 -22.18 -10.16 71.60
CA PHE I 268 -22.70 -11.24 70.77
C PHE I 268 -23.20 -12.42 71.61
N GLN I 269 -24.28 -13.04 71.16
CA GLN I 269 -24.99 -14.10 71.85
C GLN I 269 -25.13 -15.30 70.93
N PRO I 270 -25.24 -16.51 71.49
CA PRO I 270 -25.40 -17.69 70.64
C PRO I 270 -26.73 -17.70 69.90
N CYS I 271 -26.75 -18.43 68.79
CA CYS I 271 -27.89 -18.45 67.90
C CYS I 271 -28.88 -19.55 68.30
N VAL I 272 -30.17 -19.21 68.27
CA VAL I 272 -31.21 -20.20 68.51
C VAL I 272 -31.65 -20.89 67.22
N VAL I 273 -31.30 -20.35 66.06
CA VAL I 273 -31.46 -21.02 64.77
C VAL I 273 -30.06 -21.42 64.31
N PRO I 274 -29.91 -22.31 63.34
CA PRO I 274 -28.59 -22.53 62.73
C PRO I 274 -28.07 -21.24 62.11
N PRO I 275 -26.76 -21.00 62.20
CA PRO I 275 -26.21 -19.72 61.75
C PRO I 275 -26.25 -19.59 60.23
N LYS I 276 -26.20 -18.34 59.78
CA LYS I 276 -26.23 -18.08 58.35
C LYS I 276 -24.93 -18.56 57.70
N PRO I 277 -25.01 -19.36 56.64
CA PRO I 277 -23.79 -19.84 55.98
C PRO I 277 -23.00 -18.70 55.35
N TRP I 278 -21.69 -18.85 55.32
CA TRP I 278 -20.80 -17.83 54.79
C TRP I 278 -20.74 -17.94 53.27
N THR I 279 -21.19 -16.89 52.58
CA THR I 279 -21.08 -16.80 51.14
C THR I 279 -20.09 -15.75 50.67
N GLY I 280 -19.62 -14.88 51.58
CA GLY I 280 -18.64 -13.87 51.25
C GLY I 280 -17.79 -13.52 52.44
N ILE I 281 -16.99 -12.44 52.32
CA ILE I 281 -16.14 -12.03 53.44
C ILE I 281 -16.98 -11.49 54.59
N THR I 282 -18.14 -10.91 54.30
CA THR I 282 -18.98 -10.31 55.31
C THR I 282 -20.40 -10.87 55.22
N GLY I 283 -21.15 -10.72 56.31
CA GLY I 283 -22.56 -11.01 56.32
C GLY I 283 -22.97 -12.38 56.80
N GLY I 284 -22.01 -13.27 57.09
CA GLY I 284 -22.32 -14.61 57.54
C GLY I 284 -22.55 -14.68 59.04
N GLY I 285 -22.88 -15.89 59.50
CA GLY I 285 -23.06 -16.10 60.92
C GLY I 285 -24.45 -15.71 61.36
N TYR I 286 -24.56 -14.51 61.93
CA TYR I 286 -25.85 -13.95 62.27
C TYR I 286 -26.62 -13.55 61.02
N TRP I 287 -27.95 -13.62 61.11
CA TRP I 287 -28.81 -13.38 59.97
C TRP I 287 -29.16 -11.92 59.75
N ALA I 288 -29.10 -11.10 60.78
CA ALA I 288 -29.57 -9.72 60.70
C ALA I 288 -28.63 -8.86 59.84
N ASN I 289 -29.21 -7.84 59.21
CA ASN I 289 -28.44 -6.86 58.45
C ASN I 289 -27.97 -5.76 59.39
N GLY I 290 -27.02 -6.13 60.25
CA GLY I 290 -26.54 -5.22 61.27
C GLY I 290 -25.67 -4.12 60.70
N ARG I 291 -25.51 -3.06 61.51
CA ARG I 291 -24.55 -2.02 61.18
C ARG I 291 -23.13 -2.57 61.15
N ARG I 292 -22.80 -3.42 62.12
CA ARG I 292 -21.57 -4.21 62.08
C ARG I 292 -21.91 -5.55 61.45
N PRO I 293 -21.38 -5.87 60.27
CA PRO I 293 -21.93 -6.97 59.47
C PRO I 293 -21.59 -8.38 59.95
N LEU I 294 -20.39 -8.54 60.55
CA LEU I 294 -19.62 -9.76 60.85
C LEU I 294 -18.67 -10.04 59.69
N ALA I 295 -17.42 -10.39 59.99
CA ALA I 295 -16.39 -10.58 58.98
C ALA I 295 -15.83 -12.00 59.04
N LEU I 296 -15.51 -12.55 57.86
CA LEU I 296 -14.91 -13.88 57.79
C LEU I 296 -13.55 -13.90 58.48
N VAL I 297 -12.72 -12.89 58.21
CA VAL I 297 -11.37 -12.82 58.74
C VAL I 297 -11.29 -11.59 59.63
N ARG I 298 -10.96 -11.81 60.91
CA ARG I 298 -10.78 -10.70 61.85
C ARG I 298 -9.48 -10.00 61.54
N THR I 299 -9.56 -8.87 60.84
CA THR I 299 -8.41 -8.11 60.41
C THR I 299 -8.30 -6.81 61.19
N HIS I 300 -7.08 -6.29 61.26
CA HIS I 300 -6.86 -5.02 61.95
C HIS I 300 -7.35 -3.84 61.12
N SER I 301 -7.42 -3.99 59.80
CA SER I 301 -7.86 -2.94 58.91
C SER I 301 -8.89 -3.49 57.93
N LYS I 302 -9.71 -2.58 57.39
CA LYS I 302 -10.67 -2.95 56.35
C LYS I 302 -9.95 -3.40 55.08
N LYS I 303 -8.78 -2.83 54.80
CA LYS I 303 -8.03 -3.18 53.59
C LYS I 303 -7.56 -4.63 53.63
N ALA I 304 -7.14 -5.11 54.81
CA ALA I 304 -6.70 -6.49 54.93
C ALA I 304 -7.85 -7.47 54.72
N LEU I 305 -9.05 -7.11 55.19
CA LEU I 305 -10.23 -7.95 54.96
C LEU I 305 -10.64 -7.92 53.49
N MET I 306 -10.44 -6.79 52.82
CA MET I 306 -10.81 -6.66 51.41
C MET I 306 -9.96 -7.55 50.50
N ARG I 307 -8.81 -8.03 50.97
CA ARG I 307 -7.98 -8.92 50.17
C ARG I 307 -8.67 -10.24 49.89
N TYR I 308 -9.53 -10.70 50.80
CA TYR I 308 -10.09 -12.04 50.74
C TYR I 308 -11.33 -12.15 49.86
N GLU I 309 -11.88 -11.04 49.39
CA GLU I 309 -13.11 -11.10 48.59
C GLU I 309 -12.87 -11.75 47.24
N ASP I 310 -11.74 -11.46 46.61
CA ASP I 310 -11.42 -12.03 45.31
C ASP I 310 -10.80 -13.42 45.41
N VAL I 311 -10.42 -13.85 46.60
CA VAL I 311 -9.76 -15.15 46.75
C VAL I 311 -10.78 -16.27 46.59
N TYR I 312 -10.48 -17.22 45.69
CA TYR I 312 -11.30 -18.41 45.52
C TYR I 312 -10.80 -19.47 46.49
N MET I 313 -11.55 -19.68 47.56
CA MET I 313 -11.15 -20.59 48.65
C MET I 313 -12.27 -21.57 49.01
N PRO I 314 -12.69 -22.40 48.04
CA PRO I 314 -13.87 -23.25 48.29
C PRO I 314 -13.69 -24.27 49.40
N GLU I 315 -12.45 -24.72 49.62
CA GLU I 315 -12.20 -25.74 50.64
C GLU I 315 -12.36 -25.17 52.04
N VAL I 316 -11.93 -23.93 52.27
CA VAL I 316 -12.08 -23.38 53.62
C VAL I 316 -13.54 -23.06 53.89
N TYR I 317 -14.27 -22.59 52.86
CA TYR I 317 -15.57 -21.95 53.07
C TYR I 317 -16.60 -22.94 53.60
N LYS I 318 -16.52 -24.19 53.15
CA LYS I 318 -17.39 -25.22 53.69
C LYS I 318 -17.10 -25.46 55.16
N ALA I 319 -15.81 -25.44 55.54
CA ALA I 319 -15.40 -25.87 56.88
C ALA I 319 -15.98 -25.00 57.98
N ILE I 320 -16.04 -23.67 57.77
CA ILE I 320 -16.68 -22.81 58.76
C ILE I 320 -18.18 -23.12 58.83
N ASN I 321 -18.80 -23.40 57.69
CA ASN I 321 -20.23 -23.69 57.68
C ASN I 321 -20.56 -25.03 58.34
N ILE I 322 -19.67 -26.02 58.21
CA ILE I 322 -19.90 -27.30 58.88
C ILE I 322 -19.79 -27.12 60.40
N ALA I 323 -18.80 -26.34 60.84
CA ALA I 323 -18.63 -26.07 62.27
C ALA I 323 -19.79 -25.24 62.83
N GLN I 324 -20.28 -24.28 62.03
CA GLN I 324 -21.45 -23.50 62.45
C GLN I 324 -22.69 -24.38 62.60
N ASN I 325 -22.81 -25.39 61.74
CA ASN I 325 -23.98 -26.27 61.74
C ASN I 325 -24.02 -27.21 62.95
N THR I 326 -22.95 -27.27 63.74
CA THR I 326 -22.94 -28.12 64.93
C THR I 326 -23.94 -27.58 65.95
N ALA I 327 -24.93 -28.41 66.29
CA ALA I 327 -25.98 -28.02 67.23
C ALA I 327 -25.58 -28.39 68.65
N TRP I 328 -25.61 -27.41 69.54
CA TRP I 328 -25.25 -27.59 70.93
C TRP I 328 -26.49 -27.48 71.81
N LYS I 329 -26.44 -28.13 72.97
CA LYS I 329 -27.44 -27.96 74.00
C LYS I 329 -26.73 -27.81 75.33
N ILE I 330 -27.40 -27.16 76.27
CA ILE I 330 -26.78 -26.83 77.55
C ILE I 330 -27.06 -27.96 78.54
N ASN I 331 -26.01 -28.46 79.18
CA ASN I 331 -26.10 -29.56 80.12
C ASN I 331 -26.79 -29.05 81.39
N LYS I 332 -28.08 -29.35 81.53
CA LYS I 332 -28.83 -28.93 82.70
C LYS I 332 -28.31 -29.58 83.98
N LYS I 333 -27.79 -30.81 83.87
CA LYS I 333 -27.28 -31.51 85.04
C LYS I 333 -26.05 -30.81 85.63
N VAL I 334 -25.12 -30.38 84.78
CA VAL I 334 -23.97 -29.63 85.25
C VAL I 334 -24.39 -28.24 85.71
N LEU I 335 -25.36 -27.63 85.02
CA LEU I 335 -25.78 -26.27 85.33
C LEU I 335 -26.41 -26.17 86.71
N ALA I 336 -27.25 -27.15 87.07
CA ALA I 336 -27.86 -27.14 88.39
C ALA I 336 -26.82 -27.27 89.50
N VAL I 337 -25.79 -28.09 89.25
CA VAL I 337 -24.67 -28.18 90.20
C VAL I 337 -23.91 -26.86 90.25
N ALA I 338 -23.60 -26.29 89.09
CA ALA I 338 -22.89 -25.02 89.04
C ALA I 338 -23.70 -23.86 89.58
N ASN I 339 -25.04 -23.96 89.56
CA ASN I 339 -25.88 -22.89 90.06
C ASN I 339 -25.73 -22.71 91.57
N VAL I 340 -25.79 -23.81 92.32
CA VAL I 340 -25.78 -23.70 93.78
C VAL I 340 -24.39 -23.34 94.30
N ILE I 341 -23.33 -23.92 93.70
CA ILE I 341 -22.00 -23.76 94.26
C ILE I 341 -21.47 -22.35 94.01
N THR I 342 -21.83 -21.72 92.89
CA THR I 342 -21.38 -20.37 92.59
C THR I 342 -21.96 -19.36 93.56
N LYS I 343 -23.11 -19.65 94.16
CA LYS I 343 -23.67 -18.78 95.18
C LYS I 343 -22.98 -18.94 96.53
N TRP I 344 -22.18 -19.99 96.71
CA TRP I 344 -21.48 -20.24 97.96
C TRP I 344 -20.00 -19.91 97.93
N LYS I 345 -19.38 -19.98 96.75
CA LYS I 345 -17.96 -19.66 96.60
C LYS I 345 -17.77 -18.67 95.46
N HIS I 346 -16.66 -17.93 95.51
CA HIS I 346 -16.35 -17.01 94.42
C HIS I 346 -15.99 -17.77 93.15
N CYS I 347 -15.22 -18.84 93.27
CA CYS I 347 -15.03 -19.82 92.21
C CYS I 347 -15.35 -21.19 92.80
N PRO I 348 -16.12 -22.03 92.10
CA PRO I 348 -16.57 -23.31 92.68
C PRO I 348 -15.45 -24.24 93.14
N VAL I 349 -14.30 -24.24 92.47
CA VAL I 349 -13.27 -25.25 92.71
C VAL I 349 -12.01 -24.66 93.33
N GLU I 350 -12.06 -23.41 93.80
CA GLU I 350 -10.82 -22.72 94.18
C GLU I 350 -10.23 -23.27 95.48
N ASP I 351 -11.06 -23.52 96.49
CA ASP I 351 -10.58 -23.90 97.82
C ASP I 351 -11.49 -25.01 98.35
N ILE I 352 -10.98 -26.24 98.33
CA ILE I 352 -11.71 -27.41 98.78
C ILE I 352 -11.06 -27.93 100.05
N PRO I 353 -11.81 -28.13 101.14
CA PRO I 353 -11.27 -28.73 102.37
C PRO I 353 -10.83 -30.18 102.15
N THR I 375 12.17 -8.35 101.63
CA THR I 375 12.10 -8.01 100.21
C THR I 375 11.45 -9.14 99.42
N ALA I 376 11.89 -10.37 99.69
CA ALA I 376 11.25 -11.54 99.07
C ALA I 376 9.82 -11.71 99.56
N TRP I 377 9.55 -11.37 100.83
CA TRP I 377 8.19 -11.40 101.33
C TRP I 377 7.34 -10.30 100.69
N LYS I 378 7.95 -9.16 100.36
CA LYS I 378 7.22 -8.06 99.72
C LYS I 378 6.76 -8.47 98.32
N ARG I 379 7.58 -9.23 97.61
CA ARG I 379 7.18 -9.73 96.29
C ARG I 379 6.01 -10.70 96.39
N ALA I 380 6.00 -11.54 97.42
CA ALA I 380 4.88 -12.45 97.64
C ALA I 380 3.62 -11.69 98.06
N ALA I 381 3.78 -10.59 98.80
CA ALA I 381 2.63 -9.79 99.20
C ALA I 381 1.98 -9.10 98.01
N ALA I 382 2.77 -8.76 96.99
CA ALA I 382 2.20 -8.17 95.78
C ALA I 382 1.33 -9.17 95.02
N ALA I 383 1.70 -10.45 95.05
CA ALA I 383 0.90 -11.48 94.40
C ALA I 383 -0.45 -11.68 95.10
N VAL I 384 -0.51 -11.38 96.40
CA VAL I 384 -1.79 -11.46 97.12
C VAL I 384 -2.75 -10.39 96.59
N TYR I 385 -2.25 -9.17 96.36
CA TYR I 385 -3.06 -8.11 95.77
C TYR I 385 -3.55 -8.51 94.37
N ARG I 386 -2.68 -9.12 93.58
CA ARG I 386 -3.05 -9.55 92.23
C ARG I 386 -4.09 -10.65 92.27
N LYS I 387 -3.97 -11.59 93.22
CA LYS I 387 -4.90 -12.72 93.29
C LYS I 387 -6.30 -12.26 93.67
N ASP I 388 -6.42 -11.31 94.59
CA ASP I 388 -7.74 -10.82 94.98
C ASP I 388 -8.41 -10.04 93.86
N LYS I 389 -7.63 -9.24 93.12
CA LYS I 389 -8.16 -8.56 91.95
C LYS I 389 -8.55 -9.56 90.87
N ALA I 390 -7.76 -10.62 90.71
CA ALA I 390 -8.07 -11.66 89.73
C ALA I 390 -9.37 -12.36 90.06
N ARG I 391 -9.61 -12.65 91.36
CA ARG I 391 -10.85 -13.29 91.77
C ARG I 391 -12.06 -12.43 91.46
N LYS I 392 -11.90 -11.10 91.51
CA LYS I 392 -13.00 -10.21 91.14
C LYS I 392 -13.32 -10.32 89.66
N SER I 393 -12.29 -10.29 88.81
CA SER I 393 -12.51 -10.34 87.36
C SER I 393 -13.05 -11.71 86.93
N ARG I 394 -12.55 -12.79 87.54
CA ARG I 394 -13.06 -14.12 87.24
C ARG I 394 -14.52 -14.26 87.60
N ARG I 395 -14.98 -13.57 88.65
CA ARG I 395 -16.37 -13.65 89.07
C ARG I 395 -17.31 -13.04 88.04
N ILE I 396 -16.92 -11.90 87.45
CA ILE I 396 -17.77 -11.22 86.48
C ILE I 396 -17.95 -12.08 85.24
N SER I 397 -16.86 -12.70 84.77
CA SER I 397 -16.95 -13.63 83.65
C SER I 397 -17.77 -14.86 84.03
N LEU I 398 -17.58 -15.37 85.25
CA LEU I 398 -18.34 -16.52 85.72
C LEU I 398 -19.82 -16.22 85.83
N GLU I 399 -20.17 -15.04 86.33
CA GLU I 399 -21.57 -14.66 86.47
C GLU I 399 -22.22 -14.51 85.10
N PHE I 400 -21.52 -13.93 84.13
CA PHE I 400 -22.08 -13.78 82.80
C PHE I 400 -22.17 -15.13 82.08
N MET I 401 -21.17 -15.98 82.26
CA MET I 401 -21.21 -17.32 81.67
C MET I 401 -22.35 -18.14 82.25
N LEU I 402 -22.60 -17.98 83.56
CA LEU I 402 -23.75 -18.63 84.18
C LEU I 402 -25.06 -18.05 83.67
N GLU I 403 -25.11 -16.72 83.46
CA GLU I 403 -26.34 -16.07 83.02
C GLU I 403 -26.75 -16.51 81.63
N GLN I 404 -25.77 -16.62 80.72
CA GLN I 404 -26.06 -17.17 79.39
C GLN I 404 -26.44 -18.64 79.48
N ALA I 405 -25.80 -19.38 80.39
CA ALA I 405 -26.09 -20.80 80.56
C ALA I 405 -27.52 -21.01 81.03
N ASN I 406 -28.00 -20.18 81.95
CA ASN I 406 -29.39 -20.28 82.39
C ASN I 406 -30.36 -19.73 81.36
N LYS I 407 -29.90 -18.81 80.52
CA LYS I 407 -30.80 -18.19 79.53
C LYS I 407 -31.21 -19.17 78.45
N PHE I 408 -30.26 -19.97 77.95
CA PHE I 408 -30.53 -20.91 76.87
C PHE I 408 -30.64 -22.36 77.34
N ALA I 409 -30.82 -22.56 78.65
CA ALA I 409 -30.95 -23.92 79.17
C ALA I 409 -32.23 -24.59 78.71
N ASN I 410 -33.31 -23.82 78.54
CA ASN I 410 -34.58 -24.39 78.13
C ASN I 410 -34.65 -24.70 76.64
N HIS I 411 -33.76 -24.13 75.84
CA HIS I 411 -33.79 -24.34 74.40
C HIS I 411 -33.26 -25.72 74.05
N LYS I 412 -33.93 -26.38 73.10
CA LYS I 412 -33.54 -27.72 72.70
C LYS I 412 -32.19 -27.74 72.02
N ALA I 413 -31.88 -26.71 71.22
CA ALA I 413 -30.59 -26.61 70.57
C ALA I 413 -30.21 -25.14 70.43
N ILE I 414 -28.90 -24.89 70.49
CA ILE I 414 -28.34 -23.57 70.23
C ILE I 414 -27.16 -23.74 69.27
N TRP I 415 -26.77 -22.63 68.64
CA TRP I 415 -25.74 -22.64 67.62
C TRP I 415 -24.79 -21.47 67.83
N PHE I 416 -23.60 -21.59 67.23
CA PHE I 416 -22.56 -20.58 67.35
C PHE I 416 -22.07 -20.18 65.97
N PRO I 417 -22.05 -18.89 65.65
CA PRO I 417 -21.34 -18.46 64.44
C PRO I 417 -19.84 -18.62 64.60
N TYR I 418 -19.16 -18.82 63.48
CA TYR I 418 -17.72 -19.01 63.49
C TYR I 418 -17.07 -18.12 62.43
N ASN I 419 -15.83 -17.71 62.71
CA ASN I 419 -14.99 -16.99 61.76
C ASN I 419 -13.54 -17.20 62.18
N MET I 420 -12.62 -16.57 61.46
CA MET I 420 -11.20 -16.82 61.67
C MET I 420 -10.43 -15.52 61.87
N ASP I 421 -9.23 -15.66 62.43
CA ASP I 421 -8.28 -14.55 62.51
C ASP I 421 -7.51 -14.47 61.20
N TRP I 422 -6.51 -13.58 61.15
CA TRP I 422 -5.73 -13.43 59.93
C TRP I 422 -4.84 -14.62 59.65
N ARG I 423 -4.52 -15.43 60.66
CA ARG I 423 -3.81 -16.69 60.43
C ARG I 423 -4.74 -17.82 60.02
N GLY I 424 -6.04 -17.67 60.20
CA GLY I 424 -7.00 -18.68 59.78
C GLY I 424 -7.45 -19.65 60.85
N ARG I 425 -6.99 -19.50 62.09
CA ARG I 425 -7.50 -20.31 63.19
C ARG I 425 -8.97 -19.98 63.42
N VAL I 426 -9.76 -20.99 63.77
CA VAL I 426 -11.21 -20.86 63.81
C VAL I 426 -11.65 -20.47 65.23
N TYR I 427 -12.42 -19.39 65.32
CA TYR I 427 -12.93 -18.88 66.59
C TYR I 427 -14.45 -18.76 66.53
N ALA I 428 -15.11 -19.11 67.63
CA ALA I 428 -16.54 -18.90 67.73
C ALA I 428 -16.84 -17.46 68.11
N VAL I 429 -17.84 -16.88 67.45
CA VAL I 429 -18.07 -15.43 67.53
C VAL I 429 -18.62 -15.04 68.89
N SER I 430 -19.56 -15.82 69.42
CA SER I 430 -20.26 -15.43 70.64
C SER I 430 -19.35 -15.40 71.86
N MET I 431 -19.65 -14.48 72.79
CA MET I 431 -18.86 -14.36 74.01
C MET I 431 -18.97 -15.61 74.85
N PHE I 432 -20.16 -16.19 74.94
CA PHE I 432 -20.35 -17.52 75.52
C PHE I 432 -20.21 -18.53 74.39
N ASN I 433 -19.11 -19.28 74.38
CA ASN I 433 -18.82 -20.19 73.28
C ASN I 433 -18.25 -21.51 73.80
N PRO I 434 -18.14 -22.57 72.97
CA PRO I 434 -17.55 -23.83 73.47
C PRO I 434 -16.03 -23.82 73.64
N GLN I 435 -15.39 -22.66 73.55
CA GLN I 435 -13.94 -22.56 73.70
C GLN I 435 -13.50 -21.87 74.99
N GLY I 436 -14.43 -21.52 75.88
CA GLY I 436 -14.11 -20.61 76.99
C GLY I 436 -13.26 -21.13 78.12
N ASN I 437 -13.80 -22.00 78.97
CA ASN I 437 -13.07 -22.52 80.13
C ASN I 437 -13.75 -23.81 80.59
N ASP I 438 -13.16 -24.44 81.61
CA ASP I 438 -13.61 -25.76 82.06
C ASP I 438 -15.07 -25.76 82.48
N MET I 439 -15.52 -24.69 83.14
CA MET I 439 -16.94 -24.59 83.48
C MET I 439 -17.80 -24.46 82.23
N THR I 440 -17.36 -23.68 81.25
CA THR I 440 -18.17 -23.47 80.04
C THR I 440 -18.24 -24.73 79.18
N LYS I 441 -17.10 -25.43 79.00
CA LYS I 441 -17.15 -26.69 78.28
C LYS I 441 -17.96 -27.73 79.04
N GLY I 442 -17.99 -27.65 80.38
CA GLY I 442 -18.89 -28.50 81.14
C GLY I 442 -20.35 -28.14 80.92
N LEU I 443 -20.65 -26.84 80.82
CA LEU I 443 -22.03 -26.40 80.63
C LEU I 443 -22.56 -26.68 79.24
N LEU I 444 -21.68 -26.92 78.27
CA LEU I 444 -22.08 -27.09 76.87
C LEU I 444 -21.83 -28.53 76.44
N THR I 445 -22.82 -29.11 75.76
CA THR I 445 -22.71 -30.44 75.18
C THR I 445 -23.43 -30.43 73.83
N LEU I 446 -23.22 -31.48 73.05
CA LEU I 446 -23.83 -31.54 71.73
C LEU I 446 -25.31 -31.87 71.84
N ALA I 447 -26.09 -31.39 70.86
CA ALA I 447 -27.50 -31.75 70.79
C ALA I 447 -27.67 -33.13 70.16
N LYS I 448 -26.85 -33.45 69.17
CA LYS I 448 -26.96 -34.72 68.46
C LYS I 448 -26.38 -35.86 69.30
N GLY I 449 -27.12 -36.94 69.41
CA GLY I 449 -26.67 -38.11 70.14
C GLY I 449 -26.87 -39.38 69.35
N LYS I 450 -25.96 -40.31 69.54
CA LYS I 450 -26.02 -41.64 68.96
C LYS I 450 -25.73 -42.66 70.05
N PRO I 451 -26.21 -43.90 69.88
CA PRO I 451 -25.85 -44.96 70.84
C PRO I 451 -24.35 -45.10 70.95
N ILE I 452 -23.88 -45.13 72.21
CA ILE I 452 -22.47 -44.89 72.49
C ILE I 452 -21.60 -46.05 72.01
N GLY I 453 -22.04 -47.29 72.25
CA GLY I 453 -21.34 -48.45 71.73
C GLY I 453 -20.07 -48.77 72.48
N LYS I 454 -19.42 -49.86 72.04
CA LYS I 454 -18.18 -50.30 72.68
C LYS I 454 -17.05 -49.30 72.48
N GLU I 455 -16.87 -48.84 71.24
CA GLU I 455 -15.81 -47.88 70.95
C GLU I 455 -16.06 -46.55 71.63
N GLY I 456 -17.31 -46.07 71.60
CA GLY I 456 -17.62 -44.79 72.22
C GLY I 456 -17.48 -44.82 73.74
N TYR I 457 -17.85 -45.93 74.36
CA TYR I 457 -17.61 -46.09 75.80
C TYR I 457 -16.12 -46.07 76.08
N TYR I 458 -15.33 -46.73 75.23
CA TYR I 458 -13.89 -46.74 75.38
C TYR I 458 -13.33 -45.31 75.32
N TRP I 459 -13.73 -44.56 74.30
CA TRP I 459 -13.27 -43.18 74.18
C TRP I 459 -13.87 -42.27 75.26
N LEU I 460 -15.01 -42.63 75.83
CA LEU I 460 -15.55 -41.85 76.93
C LEU I 460 -14.65 -41.93 78.15
N LYS I 461 -14.06 -43.09 78.42
CA LYS I 461 -13.19 -43.22 79.58
C LYS I 461 -11.86 -42.51 79.37
N ILE I 462 -11.34 -42.54 78.13
CA ILE I 462 -10.10 -41.81 77.83
C ILE I 462 -10.31 -40.32 78.02
N HIS I 463 -11.48 -39.81 77.61
CA HIS I 463 -11.82 -38.42 77.87
C HIS I 463 -11.93 -38.13 79.37
N GLY I 464 -12.47 -39.10 80.13
CA GLY I 464 -12.54 -38.92 81.56
C GLY I 464 -11.18 -38.89 82.23
N ALA I 465 -10.29 -39.79 81.83
CA ALA I 465 -8.95 -39.81 82.39
C ALA I 465 -8.12 -38.61 81.91
N ASN I 466 -8.34 -38.17 80.68
CA ASN I 466 -7.67 -36.96 80.19
C ASN I 466 -8.13 -35.73 80.98
N CYS I 467 -9.41 -35.68 81.33
CA CYS I 467 -9.90 -34.59 82.17
C CYS I 467 -9.32 -34.65 83.58
N ALA I 468 -8.97 -35.86 84.04
CA ALA I 468 -8.41 -36.05 85.37
C ALA I 468 -6.88 -35.92 85.40
N GLY I 469 -6.25 -35.66 84.25
CA GLY I 469 -4.81 -35.54 84.21
C GLY I 469 -4.05 -36.86 84.11
N VAL I 470 -4.67 -37.90 83.59
CA VAL I 470 -4.02 -39.19 83.41
C VAL I 470 -3.62 -39.33 81.95
N ASP I 471 -3.43 -38.20 81.28
CA ASP I 471 -3.05 -38.19 79.87
C ASP I 471 -1.59 -38.54 79.63
N LYS I 472 -0.75 -38.55 80.67
CA LYS I 472 0.67 -38.84 80.52
C LYS I 472 0.98 -40.33 80.53
N VAL I 473 -0.01 -41.18 80.81
CA VAL I 473 0.14 -42.63 80.83
C VAL I 473 -0.42 -43.13 79.51
N PRO I 474 -0.06 -44.34 79.02
CA PRO I 474 -0.70 -44.86 77.80
C PRO I 474 -2.17 -45.17 77.96
N PHE I 475 -2.78 -45.78 76.94
CA PHE I 475 -4.21 -46.07 77.00
C PHE I 475 -4.59 -47.05 78.12
N PRO I 476 -4.13 -48.33 78.12
CA PRO I 476 -4.78 -49.34 78.98
C PRO I 476 -4.74 -49.06 80.49
N GLU I 477 -3.99 -48.05 80.92
CA GLU I 477 -4.00 -47.59 82.30
C GLU I 477 -4.98 -46.44 82.52
N ARG I 478 -5.35 -45.72 81.46
CA ARG I 478 -6.45 -44.75 81.57
C ARG I 478 -7.79 -45.46 81.77
N ILE I 479 -8.03 -46.56 81.05
CA ILE I 479 -9.22 -47.37 81.31
C ILE I 479 -9.13 -48.01 82.70
N LYS I 480 -7.93 -48.40 83.13
CA LYS I 480 -7.76 -48.96 84.47
C LYS I 480 -8.04 -47.93 85.56
N PHE I 481 -7.65 -46.67 85.30
CA PHE I 481 -7.91 -45.60 86.27
C PHE I 481 -9.41 -45.39 86.47
N ILE I 482 -10.20 -45.52 85.39
CA ILE I 482 -11.64 -45.34 85.50
C ILE I 482 -12.26 -46.45 86.34
N GLU I 483 -11.78 -47.68 86.20
CA GLU I 483 -12.45 -48.77 86.89
C GLU I 483 -12.00 -48.93 88.33
N GLU I 484 -10.79 -48.47 88.68
CA GLU I 484 -10.39 -48.45 90.09
C GLU I 484 -11.25 -47.49 90.88
N ASN I 485 -11.50 -46.30 90.33
CA ASN I 485 -12.33 -45.28 90.97
C ASN I 485 -13.77 -45.31 90.47
N HIS I 486 -14.27 -46.48 90.06
CA HIS I 486 -15.56 -46.57 89.37
C HIS I 486 -16.69 -46.10 90.27
N GLU I 487 -16.69 -46.51 91.54
CA GLU I 487 -17.77 -46.10 92.43
C GLU I 487 -17.67 -44.61 92.79
N ASN I 488 -16.46 -44.05 92.75
CA ASN I 488 -16.32 -42.61 92.98
C ASN I 488 -16.95 -41.80 91.85
N ILE I 489 -16.90 -42.32 90.62
CA ILE I 489 -17.59 -41.67 89.51
C ILE I 489 -19.10 -41.76 89.69
N MET I 490 -19.60 -42.92 90.11
CA MET I 490 -21.05 -43.09 90.31
C MET I 490 -21.55 -42.24 91.46
N ALA I 491 -20.78 -42.18 92.56
CA ALA I 491 -21.18 -41.36 93.71
C ALA I 491 -21.20 -39.89 93.36
N CYS I 492 -20.21 -39.43 92.59
CA CYS I 492 -20.21 -38.05 92.13
C CYS I 492 -21.36 -37.78 91.17
N ALA I 493 -21.76 -38.77 90.37
CA ALA I 493 -22.87 -38.59 89.46
C ALA I 493 -24.22 -38.66 90.18
N LYS I 494 -24.32 -39.51 91.21
CA LYS I 494 -25.58 -39.65 91.94
C LYS I 494 -25.94 -38.37 92.68
N SER I 495 -24.97 -37.80 93.40
CA SER I 495 -25.18 -36.54 94.12
C SER I 495 -23.86 -35.78 94.10
N PRO I 496 -23.70 -34.84 93.17
CA PRO I 496 -22.41 -34.11 93.09
C PRO I 496 -22.13 -33.20 94.27
N LEU I 497 -23.14 -32.86 95.07
CA LEU I 497 -22.89 -31.98 96.21
C LEU I 497 -22.25 -32.72 97.38
N GLU I 498 -22.57 -34.01 97.57
CA GLU I 498 -22.02 -34.76 98.69
C GLU I 498 -20.60 -35.27 98.45
N ASN I 499 -20.15 -35.29 97.20
CA ASN I 499 -18.83 -35.81 96.87
C ASN I 499 -18.06 -34.75 96.09
N THR I 500 -16.89 -34.38 96.60
CA THR I 500 -16.04 -33.37 95.98
C THR I 500 -14.92 -33.97 95.15
N TRP I 501 -14.99 -35.26 94.84
CA TRP I 501 -13.92 -35.94 94.11
C TRP I 501 -13.75 -35.37 92.71
N TRP I 502 -14.86 -35.02 92.05
CA TRP I 502 -14.77 -34.44 90.71
C TRP I 502 -14.15 -33.06 90.74
N ALA I 503 -14.33 -32.30 91.84
CA ALA I 503 -13.76 -30.97 91.93
C ALA I 503 -12.25 -30.99 92.10
N GLU I 504 -11.69 -32.08 92.63
CA GLU I 504 -10.24 -32.17 92.84
C GLU I 504 -9.48 -32.44 91.55
N GLN I 505 -10.16 -32.77 90.45
CA GLN I 505 -9.46 -33.14 89.22
C GLN I 505 -8.98 -31.89 88.48
N ASP I 506 -8.24 -32.13 87.40
CA ASP I 506 -7.61 -31.03 86.66
C ASP I 506 -8.64 -30.22 85.89
N SER I 507 -9.67 -30.87 85.37
CA SER I 507 -10.77 -30.20 84.66
C SER I 507 -12.07 -30.65 85.31
N PRO I 508 -12.44 -30.02 86.44
CA PRO I 508 -13.56 -30.57 87.24
C PRO I 508 -14.90 -30.62 86.54
N PHE I 509 -15.34 -29.53 85.90
CA PHE I 509 -16.68 -29.49 85.33
C PHE I 509 -16.80 -30.37 84.10
N CYS I 510 -15.73 -30.51 83.31
CA CYS I 510 -15.76 -31.46 82.21
C CYS I 510 -15.74 -32.90 82.72
N PHE I 511 -14.91 -33.17 83.73
CA PHE I 511 -14.90 -34.49 84.37
C PHE I 511 -16.24 -34.78 85.02
N LEU I 512 -16.87 -33.76 85.61
CA LEU I 512 -18.19 -33.93 86.18
C LEU I 512 -19.20 -34.26 85.09
N ALA I 513 -19.14 -33.56 83.95
CA ALA I 513 -20.03 -33.88 82.83
C ALA I 513 -19.75 -35.27 82.28
N PHE I 514 -18.51 -35.75 82.38
CA PHE I 514 -18.21 -37.14 82.08
C PHE I 514 -18.85 -38.07 83.11
N CYS I 515 -18.94 -37.63 84.36
CA CYS I 515 -19.52 -38.47 85.42
C CYS I 515 -21.00 -38.72 85.19
N PHE I 516 -21.76 -37.71 84.76
CA PHE I 516 -23.17 -37.93 84.42
C PHE I 516 -23.31 -38.89 83.25
N GLU I 517 -22.45 -38.75 82.24
CA GLU I 517 -22.57 -39.61 81.07
C GLU I 517 -22.11 -41.03 81.38
N TYR I 518 -21.07 -41.17 82.21
CA TYR I 518 -20.59 -42.50 82.57
C TYR I 518 -21.63 -43.27 83.37
N ALA I 519 -22.33 -42.60 84.29
CA ALA I 519 -23.40 -43.26 85.03
C ALA I 519 -24.58 -43.58 84.12
N GLY I 520 -24.85 -42.72 83.14
CA GLY I 520 -25.97 -42.94 82.24
C GLY I 520 -25.84 -44.18 81.40
N VAL I 521 -24.62 -44.52 80.99
CA VAL I 521 -24.40 -45.77 80.26
C VAL I 521 -24.59 -46.96 81.18
N GLN I 522 -24.12 -46.86 82.42
CA GLN I 522 -24.28 -47.96 83.38
C GLN I 522 -25.75 -48.19 83.72
N HIS I 523 -26.56 -47.13 83.73
CA HIS I 523 -27.98 -47.28 84.06
C HIS I 523 -28.78 -47.83 82.89
N HIS I 524 -28.50 -47.36 81.67
CA HIS I 524 -29.35 -47.64 80.52
C HIS I 524 -28.70 -48.56 79.49
N GLY I 525 -27.53 -49.11 79.79
CA GLY I 525 -26.88 -50.00 78.84
C GLY I 525 -26.14 -49.24 77.75
N LEU I 526 -25.68 -50.01 76.76
CA LEU I 526 -24.87 -49.46 75.67
C LEU I 526 -25.69 -48.70 74.64
N SER I 527 -27.02 -48.86 74.63
CA SER I 527 -27.86 -48.16 73.68
C SER I 527 -28.08 -46.69 74.03
N TYR I 528 -27.66 -46.26 75.22
CA TYR I 528 -27.92 -44.91 75.72
C TYR I 528 -27.26 -43.86 74.84
N ASN I 529 -28.02 -42.83 74.49
CA ASN I 529 -27.51 -41.74 73.66
C ASN I 529 -26.54 -40.89 74.46
N CYS I 530 -25.30 -40.81 73.99
CA CYS I 530 -24.30 -39.93 74.59
C CYS I 530 -23.94 -38.84 73.61
N SER I 531 -23.98 -37.59 74.07
CA SER I 531 -23.72 -36.43 73.23
C SER I 531 -22.57 -35.59 73.77
N LEU I 532 -21.74 -36.16 74.63
CA LEU I 532 -20.65 -35.43 75.26
C LEU I 532 -19.50 -35.22 74.27
N PRO I 533 -18.92 -34.02 74.22
CA PRO I 533 -17.72 -33.81 73.38
C PRO I 533 -16.51 -34.48 74.01
N LEU I 534 -15.73 -35.17 73.19
CA LEU I 534 -14.52 -35.87 73.62
C LEU I 534 -13.34 -35.24 72.86
N ALA I 535 -12.56 -34.41 73.56
CA ALA I 535 -11.52 -33.61 72.93
C ALA I 535 -10.17 -34.32 72.98
N PHE I 536 -9.49 -34.37 71.84
CA PHE I 536 -8.17 -34.97 71.72
C PHE I 536 -7.17 -33.88 71.37
N ASP I 537 -6.12 -33.75 72.19
CA ASP I 537 -5.15 -32.67 72.03
C ASP I 537 -3.78 -33.22 71.63
N GLY I 538 -3.20 -32.65 70.58
CA GLY I 538 -1.81 -32.89 70.29
C GLY I 538 -0.91 -32.33 71.39
N SER I 539 0.22 -33.01 71.61
CA SER I 539 1.08 -32.67 72.74
C SER I 539 1.71 -31.30 72.59
N CYS I 540 2.30 -31.03 71.41
CA CYS I 540 2.86 -29.70 71.12
C CYS I 540 2.68 -29.47 69.62
N SER I 541 1.57 -28.84 69.27
CA SER I 541 1.15 -28.73 67.86
C SER I 541 2.17 -27.99 67.01
N GLY I 542 2.91 -27.05 67.61
CA GLY I 542 3.98 -26.39 66.87
C GLY I 542 5.05 -27.37 66.43
N ILE I 543 5.46 -28.26 67.31
CA ILE I 543 6.49 -29.24 66.97
C ILE I 543 5.91 -30.38 66.14
N GLN I 544 4.63 -30.71 66.32
CA GLN I 544 3.98 -31.72 65.50
C GLN I 544 4.03 -31.34 64.02
N HIS I 545 3.73 -30.08 63.72
CA HIS I 545 3.75 -29.63 62.33
C HIS I 545 5.17 -29.45 61.82
N PHE I 546 6.06 -28.86 62.63
CA PHE I 546 7.41 -28.57 62.18
C PHE I 546 8.20 -29.84 61.90
N SER I 547 8.01 -30.87 62.71
CA SER I 547 8.68 -32.14 62.47
C SER I 547 8.11 -32.88 61.27
N ALA I 548 6.85 -32.61 60.90
CA ALA I 548 6.24 -33.28 59.76
C ALA I 548 6.72 -32.69 58.43
N MET I 549 6.93 -31.37 58.38
CA MET I 549 7.36 -30.74 57.13
C MET I 549 8.76 -31.19 56.74
N LEU I 550 9.69 -31.18 57.69
CA LEU I 550 11.09 -31.48 57.43
C LEU I 550 11.43 -32.94 57.69
N ARG I 551 10.43 -33.76 58.01
CA ARG I 551 10.58 -35.20 58.21
C ARG I 551 11.59 -35.52 59.32
N ASP I 552 11.54 -34.73 60.40
CA ASP I 552 12.35 -35.03 61.57
C ASP I 552 11.83 -36.28 62.24
N GLU I 553 12.67 -37.31 62.33
CA GLU I 553 12.27 -38.51 63.06
C GLU I 553 12.31 -38.27 64.57
N VAL I 554 13.48 -37.83 65.09
CA VAL I 554 13.66 -37.73 66.54
C VAL I 554 12.75 -36.65 67.13
N GLY I 555 12.53 -35.55 66.40
CA GLY I 555 11.57 -34.56 66.85
C GLY I 555 10.14 -35.07 66.85
N GLY I 556 9.80 -35.94 65.90
CA GLY I 556 8.47 -36.52 65.87
C GLY I 556 8.20 -37.45 67.03
N ARG I 557 9.22 -38.20 67.47
CA ARG I 557 9.04 -39.10 68.61
C ARG I 557 8.76 -38.32 69.88
N ALA I 558 9.49 -37.21 70.10
CA ALA I 558 9.32 -36.41 71.31
C ALA I 558 7.93 -35.79 71.41
N VAL I 559 7.23 -35.63 70.29
CA VAL I 559 5.85 -35.19 70.27
C VAL I 559 4.92 -36.29 69.79
N ASN I 560 5.40 -37.54 69.81
CA ASN I 560 4.59 -38.74 69.63
C ASN I 560 3.98 -38.83 68.23
N LEU I 561 4.63 -38.23 67.23
CA LEU I 561 4.21 -38.42 65.85
C LEU I 561 4.43 -39.85 65.39
N LEU I 562 5.40 -40.54 65.98
CA LEU I 562 5.70 -41.93 65.70
C LEU I 562 5.04 -42.83 66.75
N PRO I 563 4.62 -44.03 66.35
CA PRO I 563 4.04 -44.96 67.33
C PRO I 563 5.09 -45.40 68.35
N SER I 564 4.70 -45.36 69.62
CA SER I 564 5.59 -45.74 70.70
C SER I 564 4.77 -46.41 71.79
N GLU I 565 5.46 -47.21 72.62
CA GLU I 565 4.78 -47.90 73.71
C GLU I 565 4.45 -46.95 74.85
N THR I 566 5.21 -45.86 75.00
CA THR I 566 5.07 -44.95 76.12
C THR I 566 4.87 -43.53 75.60
N VAL I 567 4.13 -42.75 76.40
CA VAL I 567 3.97 -41.32 76.10
C VAL I 567 5.32 -40.64 76.26
N GLN I 568 5.73 -39.89 75.25
CA GLN I 568 7.03 -39.22 75.26
C GLN I 568 6.85 -37.80 75.79
N ASP I 569 7.39 -37.56 76.99
CA ASP I 569 7.34 -36.25 77.62
C ASP I 569 8.54 -35.45 77.12
N ILE I 570 8.30 -34.52 76.20
CA ILE I 570 9.37 -33.74 75.58
C ILE I 570 10.12 -32.91 76.61
N TYR I 571 9.42 -32.43 77.64
CA TYR I 571 10.09 -31.80 78.77
C TYR I 571 11.04 -32.77 79.45
N GLY I 572 10.61 -34.03 79.61
CA GLY I 572 11.49 -35.04 80.18
C GLY I 572 12.66 -35.39 79.29
N ILE I 573 12.42 -35.46 77.97
CA ILE I 573 13.49 -35.78 77.03
C ILE I 573 14.57 -34.71 77.03
N VAL I 574 14.15 -33.43 76.98
CA VAL I 574 15.09 -32.32 76.95
C VAL I 574 15.86 -32.24 78.27
N ALA I 575 15.18 -32.48 79.40
CA ALA I 575 15.82 -32.38 80.70
C ALA I 575 16.90 -33.44 80.89
N LYS I 576 16.77 -34.59 80.23
CA LYS I 576 17.78 -35.63 80.40
C LYS I 576 19.08 -35.27 79.68
N LYS I 577 18.98 -34.62 78.53
CA LYS I 577 20.19 -34.16 77.85
C LYS I 577 20.84 -32.98 78.58
N VAL I 578 20.05 -32.20 79.32
CA VAL I 578 20.62 -31.18 80.19
C VAL I 578 21.43 -31.85 81.30
N ASN I 579 20.95 -32.98 81.80
CA ASN I 579 21.71 -33.74 82.80
C ASN I 579 23.02 -34.26 82.23
N GLU I 580 23.03 -34.63 80.94
CA GLU I 580 24.24 -35.18 80.33
C GLU I 580 25.35 -34.14 80.23
N ILE I 581 25.00 -32.91 79.83
CA ILE I 581 25.99 -31.84 79.84
C ILE I 581 26.37 -31.48 81.27
N LEU I 582 25.39 -31.47 82.18
CA LEU I 582 25.65 -31.16 83.58
C LEU I 582 26.60 -32.18 84.21
N GLN I 583 26.41 -33.45 83.91
CA GLN I 583 27.35 -34.46 84.39
C GLN I 583 28.69 -34.35 83.67
N ALA I 584 28.66 -34.02 82.37
CA ALA I 584 29.91 -33.83 81.63
C ALA I 584 30.65 -32.59 82.11
N ASP I 585 29.91 -31.53 82.46
CA ASP I 585 30.57 -30.34 82.99
C ASP I 585 31.11 -30.57 84.39
N ALA I 586 30.57 -31.54 85.13
CA ALA I 586 31.05 -31.81 86.47
C ALA I 586 32.40 -32.51 86.48
N ILE I 587 32.79 -33.15 85.37
CA ILE I 587 34.02 -33.93 85.38
C ILE I 587 35.22 -33.12 84.86
N ASN I 588 35.04 -32.25 83.87
CA ASN I 588 36.14 -31.41 83.40
C ASN I 588 35.86 -29.93 83.56
N GLY I 589 34.74 -29.44 83.01
CA GLY I 589 34.22 -28.09 83.17
C GLY I 589 35.17 -26.95 82.79
N THR I 590 34.89 -25.79 83.39
CA THR I 590 35.70 -24.59 83.23
C THR I 590 35.88 -23.94 84.59
N ASP I 591 37.07 -23.38 84.84
CA ASP I 591 37.39 -22.82 86.13
C ASP I 591 36.62 -21.53 86.40
N ASN I 592 36.70 -21.07 87.64
CA ASN I 592 36.09 -19.81 88.05
C ASN I 592 37.12 -18.71 87.97
N GLU I 593 36.79 -17.64 87.25
CA GLU I 593 37.70 -16.52 87.02
C GLU I 593 37.07 -15.23 87.50
N VAL I 594 37.85 -14.42 88.21
CA VAL I 594 37.39 -13.12 88.69
C VAL I 594 37.30 -12.13 87.54
N LYS I 608 33.66 -8.76 90.03
CA LYS I 608 33.17 -10.00 90.62
C LYS I 608 33.78 -11.22 89.93
N VAL I 609 33.31 -12.40 90.31
CA VAL I 609 33.84 -13.66 89.80
C VAL I 609 32.78 -14.31 88.92
N LYS I 610 33.15 -14.58 87.67
CA LYS I 610 32.28 -15.35 86.78
C LYS I 610 32.37 -16.82 87.18
N LEU I 611 31.24 -17.39 87.57
CA LEU I 611 31.26 -18.78 88.04
C LEU I 611 31.49 -19.72 86.86
N GLY I 612 32.44 -20.64 87.03
CA GLY I 612 32.82 -21.55 85.97
C GLY I 612 31.74 -22.57 85.71
N THR I 613 31.90 -23.28 84.59
CA THR I 613 30.88 -24.23 84.16
C THR I 613 30.77 -25.41 85.11
N LYS I 614 31.90 -25.91 85.63
CA LYS I 614 31.84 -27.03 86.56
C LYS I 614 31.23 -26.63 87.89
N ALA I 615 31.59 -25.45 88.40
CA ALA I 615 31.02 -24.96 89.65
C ALA I 615 29.54 -24.66 89.50
N LEU I 616 29.17 -24.02 88.37
CA LEU I 616 27.75 -23.79 88.09
C LEU I 616 27.02 -25.08 87.75
N ALA I 617 27.73 -26.12 87.32
CA ALA I 617 27.10 -27.42 87.13
C ALA I 617 26.73 -28.04 88.47
N GLY I 618 27.73 -28.33 89.32
CA GLY I 618 27.48 -28.96 90.61
C GLY I 618 26.57 -28.15 91.52
N GLN I 619 26.49 -26.85 91.28
CA GLN I 619 25.43 -26.02 91.84
C GLN I 619 24.06 -26.47 91.32
N TRP I 620 23.94 -26.67 90.01
CA TRP I 620 22.67 -27.09 89.42
C TRP I 620 22.38 -28.56 89.72
N LEU I 621 23.39 -29.43 89.71
CA LEU I 621 23.16 -30.84 90.04
C LEU I 621 22.71 -31.02 91.48
N ALA I 622 23.21 -30.19 92.40
CA ALA I 622 22.81 -30.30 93.80
C ALA I 622 21.32 -30.03 93.97
N TYR I 623 20.80 -29.00 93.29
CA TYR I 623 19.36 -28.79 93.26
C TYR I 623 18.66 -29.87 92.47
N GLY I 624 19.24 -30.26 91.34
CA GLY I 624 18.60 -31.22 90.45
C GLY I 624 17.64 -30.57 89.49
N VAL I 625 17.52 -31.15 88.31
CA VAL I 625 16.63 -30.65 87.28
C VAL I 625 15.55 -31.68 86.99
N THR I 626 14.41 -31.20 86.49
CA THR I 626 13.26 -32.05 86.25
C THR I 626 12.54 -31.55 85.00
N ARG I 627 11.50 -32.28 84.61
CA ARG I 627 10.71 -31.90 83.44
C ARG I 627 9.97 -30.59 83.66
N SER I 628 9.56 -30.31 84.90
CA SER I 628 8.86 -29.06 85.19
C SER I 628 9.77 -27.85 85.04
N VAL I 629 11.09 -28.04 85.22
CA VAL I 629 12.02 -26.93 85.09
C VAL I 629 12.13 -26.48 83.64
N THR I 630 12.31 -27.45 82.73
CA THR I 630 12.44 -27.16 81.30
C THR I 630 11.11 -27.16 80.58
N LYS I 631 9.99 -27.29 81.30
CA LYS I 631 8.68 -27.32 80.65
C LYS I 631 8.38 -26.00 79.96
N ARG I 632 8.60 -24.88 80.66
CA ARG I 632 8.27 -23.57 80.10
C ARG I 632 9.15 -23.19 78.93
N SER I 633 10.26 -23.90 78.70
CA SER I 633 11.16 -23.56 77.61
C SER I 633 10.62 -24.02 76.25
N VAL I 634 10.04 -25.22 76.19
CA VAL I 634 9.73 -25.80 74.88
C VAL I 634 8.32 -25.48 74.38
N MET I 635 7.38 -25.11 75.27
CA MET I 635 6.11 -24.65 74.73
C MET I 635 6.17 -23.19 74.30
N THR I 636 7.10 -22.42 74.85
CA THR I 636 7.40 -21.10 74.31
C THR I 636 8.27 -21.16 73.07
N LEU I 637 8.90 -22.32 72.81
CA LEU I 637 9.78 -22.46 71.66
C LEU I 637 9.03 -22.28 70.35
N ALA I 638 7.81 -22.84 70.26
CA ALA I 638 6.98 -22.64 69.07
C ALA I 638 6.53 -21.19 68.93
N TYR I 639 6.55 -20.41 70.00
CA TYR I 639 6.22 -19.00 69.97
C TYR I 639 7.44 -18.12 69.72
N GLY I 640 8.56 -18.71 69.32
CA GLY I 640 9.74 -17.95 68.95
C GLY I 640 10.70 -17.62 70.07
N SER I 641 10.70 -18.40 71.15
CA SER I 641 11.55 -18.10 72.29
C SER I 641 13.02 -18.35 71.94
N LYS I 642 13.82 -17.29 71.94
CA LYS I 642 15.25 -17.35 71.71
C LYS I 642 15.98 -17.19 73.03
N GLU I 643 17.32 -17.14 72.98
CA GLU I 643 18.09 -17.62 74.12
C GLU I 643 18.06 -16.68 75.32
N PHE I 644 17.81 -15.39 75.08
CA PHE I 644 17.51 -14.48 76.19
C PHE I 644 16.27 -14.94 76.94
N GLY I 645 15.30 -15.53 76.23
CA GLY I 645 14.02 -15.84 76.84
C GLY I 645 14.08 -16.93 77.89
N PHE I 646 14.89 -17.97 77.66
CA PHE I 646 14.97 -19.05 78.64
C PHE I 646 15.59 -18.58 79.95
N ARG I 647 16.56 -17.68 79.91
CA ARG I 647 17.24 -17.27 81.15
C ARG I 647 16.33 -16.47 82.08
N GLN I 648 15.28 -15.84 81.55
CA GLN I 648 14.34 -15.15 82.41
C GLN I 648 13.34 -16.10 83.04
N GLN I 649 12.85 -17.09 82.27
CA GLN I 649 11.78 -17.95 82.78
C GLN I 649 12.28 -18.98 83.79
N VAL I 650 13.50 -19.51 83.64
CA VAL I 650 14.02 -20.44 84.65
C VAL I 650 14.27 -19.74 85.98
N LEU I 651 14.41 -18.42 86.00
CA LEU I 651 14.41 -17.70 87.27
C LEU I 651 13.03 -17.72 87.90
N GLU I 652 12.03 -17.22 87.18
CA GLU I 652 10.69 -17.10 87.72
C GLU I 652 10.06 -18.46 88.02
N ASP I 653 10.43 -19.49 87.26
CA ASP I 653 9.81 -20.80 87.44
C ASP I 653 10.56 -21.69 88.43
N THR I 654 11.90 -21.63 88.45
CA THR I 654 12.69 -22.58 89.21
C THR I 654 13.50 -21.94 90.33
N ILE I 655 14.23 -20.87 90.04
CA ILE I 655 15.15 -20.31 91.04
C ILE I 655 14.40 -19.43 92.04
N GLN I 656 13.51 -18.56 91.55
CA GLN I 656 12.74 -17.68 92.43
C GLN I 656 11.88 -18.41 93.46
N PRO I 657 11.06 -19.42 93.14
CA PRO I 657 10.32 -20.09 94.21
C PRO I 657 11.19 -20.98 95.10
N ALA I 658 12.42 -21.28 94.68
CA ALA I 658 13.33 -22.02 95.55
C ALA I 658 13.78 -21.16 96.73
N ILE I 659 14.20 -19.92 96.46
CA ILE I 659 14.63 -19.03 97.53
C ILE I 659 13.45 -18.65 98.44
N ASP I 660 12.23 -18.64 97.90
CA ASP I 660 11.05 -18.41 98.72
C ASP I 660 10.77 -19.62 99.62
N SER I 661 10.97 -20.82 99.09
CA SER I 661 10.65 -22.04 99.80
C SER I 661 11.77 -22.53 100.72
N GLY I 662 12.86 -21.78 100.85
CA GLY I 662 13.95 -22.18 101.71
C GLY I 662 15.00 -23.05 101.06
N LYS I 663 14.86 -23.34 99.77
CA LYS I 663 15.91 -23.93 98.96
C LYS I 663 16.61 -22.79 98.23
N GLY I 664 17.40 -23.12 97.21
CA GLY I 664 18.07 -22.09 96.45
C GLY I 664 19.30 -21.51 97.09
N LEU I 665 19.73 -22.06 98.23
CA LEU I 665 20.93 -21.56 98.89
C LEU I 665 22.21 -21.96 98.17
N MET I 666 22.16 -23.01 97.34
CA MET I 666 23.30 -23.28 96.47
C MET I 666 23.34 -22.34 95.27
N PHE I 667 22.23 -21.71 94.92
CA PHE I 667 22.27 -20.67 93.89
C PHE I 667 22.94 -19.44 94.46
N THR I 668 24.28 -19.40 94.40
CA THR I 668 25.03 -18.24 94.87
C THR I 668 24.71 -17.01 94.05
N GLN I 669 24.59 -17.17 92.73
CA GLN I 669 24.20 -16.09 91.84
C GLN I 669 23.09 -16.59 90.93
N PRO I 670 21.91 -15.96 90.92
CA PRO I 670 20.84 -16.42 90.04
C PRO I 670 21.07 -16.11 88.58
N ASN I 671 21.72 -14.98 88.26
CA ASN I 671 21.87 -14.56 86.88
C ASN I 671 22.88 -15.40 86.12
N GLN I 672 23.93 -15.88 86.79
CA GLN I 672 24.84 -16.81 86.13
C GLN I 672 24.18 -18.17 85.97
N ALA I 673 23.38 -18.59 86.95
CA ALA I 673 22.59 -19.80 86.80
C ALA I 673 21.48 -19.64 85.77
N ALA I 674 21.13 -18.40 85.41
CA ALA I 674 20.17 -18.14 84.35
C ALA I 674 20.74 -18.54 83.00
N GLY I 675 21.81 -17.86 82.60
CA GLY I 675 22.36 -18.08 81.27
C GLY I 675 22.90 -19.48 81.11
N TYR I 676 23.64 -19.97 82.11
CA TYR I 676 24.23 -21.31 82.02
C TYR I 676 23.16 -22.38 81.92
N MET I 677 22.03 -22.19 82.61
CA MET I 677 20.91 -23.08 82.34
C MET I 677 20.36 -22.83 80.95
N ALA I 678 20.12 -21.56 80.59
CA ALA I 678 19.60 -21.22 79.26
C ALA I 678 20.57 -21.60 78.16
N LYS I 679 21.88 -21.69 78.48
CA LYS I 679 22.80 -22.42 77.61
C LYS I 679 22.28 -23.83 77.35
N LEU I 680 21.83 -24.52 78.40
CA LEU I 680 21.70 -25.98 78.35
C LEU I 680 20.38 -26.44 77.72
N ILE I 681 19.27 -25.71 77.95
CA ILE I 681 18.04 -26.11 77.27
C ILE I 681 18.14 -25.84 75.78
N TRP I 682 18.72 -24.69 75.39
CA TRP I 682 18.80 -24.33 73.98
C TRP I 682 19.64 -25.31 73.18
N GLU I 683 20.77 -25.75 73.76
CA GLU I 683 21.54 -26.80 73.13
C GLU I 683 20.80 -28.14 73.17
N SER I 684 19.95 -28.35 74.18
CA SER I 684 19.21 -29.60 74.30
C SER I 684 18.07 -29.68 73.28
N VAL I 685 17.32 -28.58 73.10
CA VAL I 685 16.22 -28.61 72.15
C VAL I 685 16.74 -28.65 70.73
N SER I 686 17.94 -28.10 70.49
CA SER I 686 18.51 -28.13 69.15
C SER I 686 18.87 -29.55 68.72
N VAL I 687 19.14 -30.44 69.69
CA VAL I 687 19.36 -31.85 69.39
C VAL I 687 18.13 -32.70 69.69
N THR I 688 17.11 -32.14 70.35
CA THR I 688 15.84 -32.83 70.54
C THR I 688 14.93 -32.62 69.34
N VAL I 689 14.78 -31.38 68.90
CA VAL I 689 13.93 -31.04 67.75
C VAL I 689 14.79 -30.23 66.78
N VAL I 690 15.48 -30.93 65.88
CA VAL I 690 16.41 -30.27 64.97
C VAL I 690 15.64 -29.50 63.89
N ALA I 691 14.52 -30.05 63.42
CA ALA I 691 13.76 -29.40 62.37
C ALA I 691 13.10 -28.12 62.85
N ALA I 692 12.58 -28.11 64.09
CA ALA I 692 11.85 -26.95 64.59
C ALA I 692 12.76 -25.74 64.72
N VAL I 693 14.00 -25.94 65.17
CA VAL I 693 14.95 -24.84 65.27
C VAL I 693 15.42 -24.41 63.89
N GLU I 694 15.78 -25.38 63.04
CA GLU I 694 16.33 -25.07 61.72
C GLU I 694 15.30 -24.41 60.82
N ALA I 695 14.05 -24.88 60.85
CA ALA I 695 13.00 -24.23 60.06
C ALA I 695 12.79 -22.80 60.53
N MET I 696 12.59 -22.61 61.83
CA MET I 696 12.26 -21.29 62.39
C MET I 696 13.33 -20.27 62.06
N ASN I 697 14.59 -20.69 62.05
CA ASN I 697 15.67 -19.80 61.60
C ASN I 697 15.54 -19.48 60.12
N TRP I 698 15.16 -20.46 59.29
CA TRP I 698 15.06 -20.24 57.85
C TRP I 698 13.94 -19.24 57.52
N LEU I 699 12.75 -19.45 58.09
CA LEU I 699 11.67 -18.50 57.81
C LEU I 699 11.98 -17.12 58.38
N LYS I 700 12.61 -17.08 59.56
CA LYS I 700 12.90 -15.79 60.19
C LYS I 700 13.98 -15.03 59.43
N SER I 701 14.96 -15.75 58.88
CA SER I 701 15.95 -15.12 58.03
C SER I 701 15.30 -14.53 56.78
N ALA I 702 14.29 -15.23 56.24
CA ALA I 702 13.58 -14.74 55.07
C ALA I 702 12.81 -13.46 55.38
N ALA I 703 12.07 -13.45 56.51
CA ALA I 703 11.24 -12.30 56.85
C ALA I 703 12.10 -11.08 57.19
N LYS I 704 13.34 -11.31 57.64
CA LYS I 704 14.27 -10.21 57.85
C LYS I 704 14.59 -9.50 56.54
N LEU I 705 14.80 -10.26 55.47
CA LEU I 705 15.21 -9.68 54.19
C LEU I 705 14.08 -8.87 53.56
N LEU I 706 12.86 -9.40 53.59
CA LEU I 706 11.73 -8.67 53.03
C LEU I 706 11.39 -7.43 53.85
N ALA I 707 11.55 -7.49 55.16
CA ALA I 707 11.27 -6.36 56.04
C ALA I 707 12.33 -5.28 55.97
N ALA I 708 13.48 -5.54 55.36
CA ALA I 708 14.60 -4.61 55.39
C ALA I 708 14.59 -3.70 54.17
N GLU I 709 14.72 -2.40 54.42
CA GLU I 709 14.96 -1.46 53.33
C GLU I 709 16.32 -1.73 52.72
N VAL I 710 16.37 -1.82 51.39
CA VAL I 710 17.58 -2.19 50.68
C VAL I 710 18.11 -0.95 49.97
N LYS I 711 19.20 -0.40 50.50
CA LYS I 711 19.90 0.70 49.86
C LYS I 711 21.38 0.37 49.80
N ASP I 712 21.96 0.44 48.61
CA ASP I 712 23.41 0.46 48.51
C ASP I 712 23.92 1.73 49.15
N LYS I 713 25.04 1.63 49.87
CA LYS I 713 25.52 2.75 50.67
C LYS I 713 25.92 3.93 49.80
N LYS I 714 26.52 3.67 48.64
CA LYS I 714 26.84 4.75 47.71
C LYS I 714 25.58 5.37 47.13
N THR I 715 24.59 4.55 46.78
CA THR I 715 23.37 5.07 46.16
C THR I 715 22.51 5.83 47.17
N GLY I 716 22.24 5.22 48.33
CA GLY I 716 21.34 5.82 49.28
C GLY I 716 19.89 5.84 48.87
N GLU I 717 19.52 5.07 47.85
CA GLU I 717 18.17 5.02 47.34
C GLU I 717 17.55 3.66 47.63
N ILE I 718 16.23 3.63 47.71
CA ILE I 718 15.52 2.40 48.04
C ILE I 718 15.39 1.52 46.80
N LEU I 719 16.36 0.61 46.61
CA LEU I 719 16.26 -0.37 45.54
C LEU I 719 15.10 -1.33 45.78
N ARG I 720 14.92 -1.76 47.02
CA ARG I 720 13.80 -2.61 47.40
C ARG I 720 13.13 -1.99 48.63
N LYS I 721 11.80 -1.84 48.56
CA LYS I 721 11.05 -1.24 49.65
C LYS I 721 10.87 -2.25 50.79
N ARG I 722 10.43 -1.73 51.93
CA ARG I 722 10.07 -2.58 53.06
C ARG I 722 8.82 -3.40 52.69
N CYS I 723 8.97 -4.72 52.65
CA CYS I 723 7.95 -5.59 52.10
C CYS I 723 7.42 -6.54 53.17
N ALA I 724 6.12 -6.81 53.10
CA ALA I 724 5.48 -7.77 53.98
C ALA I 724 5.71 -9.19 53.47
N VAL I 725 5.25 -10.16 54.26
CA VAL I 725 5.33 -11.56 53.88
C VAL I 725 3.93 -12.05 53.57
N HIS I 726 3.84 -13.07 52.72
CA HIS I 726 2.57 -13.64 52.32
C HIS I 726 2.76 -15.12 52.04
N TRP I 727 1.80 -15.93 52.47
CA TRP I 727 1.81 -17.36 52.17
C TRP I 727 0.39 -17.86 52.11
N VAL I 728 0.23 -19.02 51.48
CA VAL I 728 -1.08 -19.65 51.27
C VAL I 728 -1.06 -21.01 51.96
N THR I 729 -2.04 -21.25 52.83
CA THR I 729 -2.17 -22.52 53.51
C THR I 729 -2.55 -23.61 52.52
N PRO I 730 -2.28 -24.89 52.85
CA PRO I 730 -2.57 -25.97 51.89
C PRO I 730 -4.02 -26.07 51.47
N ASP I 731 -4.97 -25.63 52.29
CA ASP I 731 -6.38 -25.74 51.97
C ASP I 731 -6.94 -24.47 51.32
N GLY I 732 -6.09 -23.49 51.02
CA GLY I 732 -6.46 -22.35 50.20
C GLY I 732 -6.51 -21.01 50.91
N PHE I 733 -6.27 -20.96 52.21
CA PHE I 733 -6.33 -19.69 52.94
C PHE I 733 -5.03 -18.92 52.73
N PRO I 734 -5.08 -17.67 52.25
CA PRO I 734 -3.87 -16.85 52.22
C PRO I 734 -3.72 -16.02 53.48
N VAL I 735 -2.49 -15.90 53.94
CA VAL I 735 -2.16 -15.10 55.12
C VAL I 735 -1.26 -13.96 54.68
N TRP I 736 -1.63 -12.74 55.05
CA TRP I 736 -0.80 -11.56 54.86
C TRP I 736 -0.38 -11.04 56.23
N GLN I 737 0.93 -10.97 56.45
CA GLN I 737 1.46 -10.44 57.69
C GLN I 737 2.14 -9.11 57.41
N GLU I 738 1.47 -8.02 57.79
CA GLU I 738 2.03 -6.67 57.70
C GLU I 738 1.96 -6.05 59.09
N TYR I 739 2.96 -6.34 59.91
CA TYR I 739 3.09 -5.69 61.20
C TYR I 739 3.55 -4.26 60.98
N LYS I 740 2.77 -3.30 61.48
CA LYS I 740 3.03 -1.89 61.23
C LYS I 740 3.38 -1.17 62.52
N LYS I 741 4.21 -0.14 62.39
CA LYS I 741 4.66 0.68 63.50
C LYS I 741 4.54 2.16 63.15
N PRO I 742 4.04 2.98 64.06
CA PRO I 742 3.93 4.42 63.77
C PRO I 742 5.30 5.08 63.65
N ILE I 743 5.35 6.12 62.82
CA ILE I 743 6.62 6.79 62.56
C ILE I 743 7.07 7.59 63.77
N GLN I 744 6.15 8.31 64.42
CA GLN I 744 6.46 9.13 65.58
C GLN I 744 5.66 8.63 66.77
N THR I 745 6.31 8.62 67.94
CA THR I 745 5.71 8.10 69.17
C THR I 745 5.62 9.20 70.21
N ARG I 746 4.54 9.14 71.01
CA ARG I 746 4.34 10.05 72.12
C ARG I 746 4.11 9.23 73.38
N LEU I 747 4.82 9.58 74.45
CA LEU I 747 4.68 8.89 75.73
C LEU I 747 4.80 9.90 76.85
N ASN I 748 3.83 9.88 77.77
CA ASN I 748 3.86 10.69 78.98
C ASN I 748 3.99 9.76 80.19
N LEU I 749 4.74 10.18 81.20
CA LEU I 749 4.86 9.38 82.41
C LEU I 749 3.59 9.39 83.27
N MET I 750 2.99 10.57 83.44
CA MET I 750 1.80 10.68 84.27
C MET I 750 0.50 10.53 83.47
N PHE I 751 0.59 10.55 82.14
CA PHE I 751 -0.60 10.58 81.30
C PHE I 751 -0.43 9.63 80.12
N LEU I 752 -1.54 9.42 79.42
CA LEU I 752 -1.59 8.45 78.33
C LEU I 752 -0.79 8.93 77.13
N GLY I 753 -0.06 8.00 76.51
CA GLY I 753 0.60 8.31 75.26
C GLY I 753 -0.39 8.41 74.11
N GLN I 754 -0.09 9.30 73.18
CA GLN I 754 -1.00 9.55 72.06
C GLN I 754 -0.34 9.20 70.73
N ASP I 766 2.91 7.58 56.94
CA ASP I 766 2.37 7.62 58.29
C ASP I 766 2.61 6.32 59.03
N SER I 767 2.68 5.21 58.28
CA SER I 767 2.89 3.90 58.86
C SER I 767 3.79 3.08 57.97
N GLU I 768 4.99 2.75 58.47
CA GLU I 768 5.85 1.76 57.84
C GLU I 768 5.68 0.43 58.54
N ILE I 769 6.25 -0.62 57.95
CA ILE I 769 6.14 -1.94 58.54
C ILE I 769 7.14 -2.07 59.69
N ASP I 770 6.74 -2.77 60.75
CA ASP I 770 7.60 -3.01 61.89
C ASP I 770 8.48 -4.22 61.58
N ALA I 771 9.78 -3.96 61.38
CA ALA I 771 10.69 -5.03 60.96
C ALA I 771 10.81 -6.12 62.02
N HIS I 772 11.08 -5.73 63.28
CA HIS I 772 11.32 -6.71 64.33
C HIS I 772 10.08 -7.54 64.62
N LYS I 773 8.90 -6.94 64.55
CA LYS I 773 7.67 -7.70 64.72
C LYS I 773 7.46 -8.68 63.57
N GLN I 774 7.89 -8.32 62.36
CA GLN I 774 7.75 -9.24 61.21
C GLN I 774 8.61 -10.49 61.41
N GLU I 775 9.86 -10.31 61.83
CA GLU I 775 10.75 -11.46 62.01
C GLU I 775 10.34 -12.29 63.22
N SER I 776 9.96 -11.64 64.31
CA SER I 776 9.52 -12.36 65.50
C SER I 776 8.16 -13.02 65.31
N GLY I 777 7.38 -12.58 64.32
CA GLY I 777 6.01 -13.00 64.21
C GLY I 777 5.72 -14.16 63.26
N ILE I 778 6.51 -14.27 62.18
CA ILE I 778 6.16 -15.20 61.10
C ILE I 778 6.19 -16.65 61.57
N ALA I 779 7.19 -17.02 62.37
CA ALA I 779 7.43 -18.40 62.75
C ALA I 779 6.31 -18.96 63.64
N PRO I 780 5.81 -18.25 64.66
CA PRO I 780 4.59 -18.75 65.31
C PRO I 780 3.37 -18.65 64.40
N ASN I 781 3.29 -17.62 63.57
CA ASN I 781 2.10 -17.43 62.74
C ASN I 781 2.02 -18.44 61.61
N PHE I 782 3.17 -18.91 61.10
CA PHE I 782 3.16 -19.86 60.00
C PHE I 782 2.59 -21.21 60.45
N VAL I 783 3.10 -21.75 61.56
CA VAL I 783 2.64 -23.04 62.06
C VAL I 783 1.19 -22.93 62.54
N HIS I 784 0.81 -21.78 63.12
CA HIS I 784 -0.57 -21.59 63.56
C HIS I 784 -1.53 -21.60 62.38
N SER I 785 -1.09 -21.06 61.24
CA SER I 785 -1.89 -21.18 60.02
C SER I 785 -1.94 -22.63 59.53
N GLN I 786 -0.86 -23.38 59.73
CA GLN I 786 -0.84 -24.78 59.30
C GLN I 786 -1.80 -25.63 60.12
N ASP I 787 -1.85 -25.41 61.45
CA ASP I 787 -2.81 -26.19 62.24
C ASP I 787 -4.23 -25.76 61.95
N GLY I 788 -4.45 -24.48 61.64
CA GLY I 788 -5.76 -24.05 61.18
C GLY I 788 -6.13 -24.65 59.85
N SER I 789 -5.15 -24.78 58.95
CA SER I 789 -5.37 -25.50 57.70
C SER I 789 -5.67 -26.96 57.97
N HIS I 790 -4.93 -27.58 58.88
CA HIS I 790 -5.19 -28.95 59.29
C HIS I 790 -6.56 -29.08 59.96
N LEU I 791 -6.91 -28.08 60.76
CA LEU I 791 -8.20 -28.09 61.46
C LEU I 791 -9.37 -28.04 60.48
N ARG I 792 -9.30 -27.09 59.53
CA ARG I 792 -10.37 -26.97 58.53
C ARG I 792 -10.46 -28.21 57.66
N LYS I 793 -9.30 -28.77 57.28
CA LYS I 793 -9.29 -29.99 56.48
C LYS I 793 -9.88 -31.17 57.24
N THR I 794 -9.67 -31.22 58.56
CA THR I 794 -10.18 -32.35 59.34
C THR I 794 -11.70 -32.34 59.42
N VAL I 795 -12.30 -31.15 59.49
CA VAL I 795 -13.76 -31.04 59.59
C VAL I 795 -14.42 -31.54 58.31
N VAL I 796 -13.92 -31.10 57.15
CA VAL I 796 -14.52 -31.51 55.88
C VAL I 796 -14.22 -32.98 55.58
N TRP I 797 -13.01 -33.45 55.96
CA TRP I 797 -12.67 -34.86 55.78
C TRP I 797 -13.56 -35.76 56.62
N ALA I 798 -13.84 -35.35 57.87
CA ALA I 798 -14.69 -36.15 58.74
C ALA I 798 -16.16 -36.07 58.35
N HIS I 799 -16.61 -34.94 57.80
CA HIS I 799 -18.00 -34.81 57.40
C HIS I 799 -18.30 -35.54 56.09
N GLU I 800 -17.32 -35.66 55.20
CA GLU I 800 -17.55 -36.28 53.91
C GLU I 800 -17.29 -37.78 53.92
N LYS I 801 -16.13 -38.20 54.42
CA LYS I 801 -15.80 -39.62 54.43
C LYS I 801 -16.57 -40.37 55.51
N TYR I 802 -16.99 -39.69 56.56
CA TYR I 802 -17.74 -40.30 57.64
C TYR I 802 -18.99 -39.46 57.91
N GLY I 803 -19.90 -40.01 58.71
CA GLY I 803 -21.18 -39.37 58.93
C GLY I 803 -21.17 -38.29 60.00
N ILE I 804 -19.98 -37.82 60.36
CA ILE I 804 -19.84 -36.89 61.47
C ILE I 804 -20.38 -35.52 61.08
N GLU I 805 -21.27 -34.99 61.92
CA GLU I 805 -21.84 -33.66 61.72
C GLU I 805 -21.69 -32.75 62.93
N SER I 806 -21.47 -33.29 64.12
CA SER I 806 -21.28 -32.49 65.33
C SER I 806 -19.79 -32.40 65.63
N PHE I 807 -19.29 -31.18 65.72
CA PHE I 807 -17.86 -30.92 65.83
C PHE I 807 -17.59 -29.95 66.97
N ALA I 808 -16.68 -30.32 67.88
CA ALA I 808 -16.26 -29.46 68.99
C ALA I 808 -14.86 -28.97 68.67
N LEU I 809 -14.72 -27.66 68.45
CA LEU I 809 -13.50 -27.11 67.85
C LEU I 809 -12.72 -26.27 68.84
N ILE I 810 -11.48 -26.69 69.11
CA ILE I 810 -10.45 -25.88 69.72
C ILE I 810 -9.25 -25.97 68.77
N HIS I 811 -8.35 -24.98 68.86
CA HIS I 811 -7.25 -24.89 67.91
C HIS I 811 -6.31 -26.09 68.00
N ASP I 812 -6.22 -26.71 69.18
CA ASP I 812 -5.45 -27.93 69.33
C ASP I 812 -6.30 -29.17 69.57
N SER I 813 -7.58 -29.01 69.91
CA SER I 813 -8.44 -30.11 70.31
C SER I 813 -9.51 -30.36 69.27
N PHE I 814 -9.66 -31.61 68.88
CA PHE I 814 -10.71 -32.04 67.95
C PHE I 814 -11.68 -32.94 68.71
N GLY I 815 -12.96 -32.59 68.68
CA GLY I 815 -13.93 -33.27 69.52
C GLY I 815 -15.23 -33.52 68.78
N THR I 816 -15.90 -34.60 69.16
CA THR I 816 -17.19 -34.98 68.64
C THR I 816 -17.89 -35.88 69.67
N ILE I 817 -19.04 -36.41 69.29
CA ILE I 817 -19.81 -37.33 70.14
C ILE I 817 -19.05 -38.65 70.22
N PRO I 818 -19.25 -39.47 71.26
CA PRO I 818 -18.43 -40.69 71.41
C PRO I 818 -18.54 -41.69 70.28
N ALA I 819 -19.70 -41.79 69.62
CA ALA I 819 -19.86 -42.78 68.57
C ALA I 819 -19.03 -42.45 67.33
N ASP I 820 -18.73 -41.17 67.13
CA ASP I 820 -17.94 -40.72 65.99
C ASP I 820 -16.48 -40.43 66.34
N ALA I 821 -16.06 -40.73 67.57
CA ALA I 821 -14.72 -40.35 68.02
C ALA I 821 -13.64 -41.15 67.30
N ALA I 822 -13.88 -42.44 67.06
CA ALA I 822 -12.89 -43.28 66.37
C ALA I 822 -12.72 -42.85 64.91
N ASN I 823 -13.79 -42.37 64.28
CA ASN I 823 -13.67 -41.85 62.92
C ASN I 823 -12.91 -40.54 62.92
N LEU I 824 -13.15 -39.67 63.91
CA LEU I 824 -12.33 -38.48 64.07
C LEU I 824 -10.91 -38.83 64.51
N PHE I 825 -10.74 -39.95 65.20
CA PHE I 825 -9.40 -40.41 65.56
C PHE I 825 -8.59 -40.75 64.32
N LYS I 826 -9.24 -41.27 63.29
CA LYS I 826 -8.53 -41.56 62.04
C LYS I 826 -8.46 -40.36 61.11
N ALA I 827 -9.49 -39.51 61.10
CA ALA I 827 -9.54 -38.40 60.14
C ALA I 827 -8.47 -37.35 60.42
N VAL I 828 -8.10 -37.16 61.69
CA VAL I 828 -7.14 -36.10 62.01
C VAL I 828 -5.74 -36.46 61.53
N ARG I 829 -5.36 -37.75 61.52
CA ARG I 829 -4.07 -38.11 60.94
C ARG I 829 -4.12 -38.12 59.42
N GLU I 830 -5.22 -38.60 58.84
CA GLU I 830 -5.29 -38.72 57.38
C GLU I 830 -5.17 -37.37 56.71
N THR I 831 -5.75 -36.34 57.31
CA THR I 831 -5.59 -34.98 56.79
C THR I 831 -4.15 -34.51 56.87
N MET I 832 -3.49 -34.72 58.02
CA MET I 832 -2.14 -34.20 58.20
C MET I 832 -1.13 -34.90 57.30
N VAL I 833 -1.24 -36.22 57.16
CA VAL I 833 -0.28 -36.93 56.31
C VAL I 833 -0.58 -36.69 54.83
N ASP I 834 -1.85 -36.49 54.47
CA ASP I 834 -2.16 -36.17 53.08
C ASP I 834 -1.71 -34.75 52.74
N THR I 835 -1.79 -33.84 53.72
CA THR I 835 -1.35 -32.46 53.49
C THR I 835 0.15 -32.40 53.23
N TYR I 836 0.96 -32.97 54.12
CA TYR I 836 2.40 -32.79 54.04
C TYR I 836 3.06 -33.71 53.02
N GLU I 837 2.43 -34.83 52.67
CA GLU I 837 2.96 -35.64 51.57
C GLU I 837 2.67 -34.99 50.22
N SER I 838 1.52 -34.31 50.09
CA SER I 838 1.16 -33.72 48.81
C SER I 838 1.97 -32.47 48.51
N CYS I 839 2.16 -31.60 49.50
CA CYS I 839 2.83 -30.34 49.28
C CYS I 839 3.83 -30.05 50.38
N ASP I 840 5.00 -29.54 49.98
CA ASP I 840 6.00 -29.01 50.91
C ASP I 840 5.67 -27.54 51.13
N VAL I 841 5.18 -27.21 52.33
CA VAL I 841 4.74 -25.85 52.61
C VAL I 841 5.92 -24.88 52.64
N LEU I 842 7.10 -25.37 53.03
CA LEU I 842 8.27 -24.49 53.11
C LEU I 842 8.74 -24.09 51.72
N ALA I 843 8.73 -25.02 50.77
CA ALA I 843 9.14 -24.72 49.41
C ALA I 843 8.15 -23.78 48.72
N ASP I 844 6.86 -23.92 49.01
CA ASP I 844 5.86 -23.03 48.44
C ASP I 844 6.00 -21.62 48.99
N PHE I 845 6.38 -21.51 50.28
CA PHE I 845 6.59 -20.18 50.87
C PHE I 845 7.77 -19.47 50.20
N TYR I 846 8.83 -20.21 49.85
CA TYR I 846 9.96 -19.61 49.16
C TYR I 846 9.54 -19.08 47.79
N ASP I 847 8.61 -19.77 47.12
CA ASP I 847 8.12 -19.29 45.83
C ASP I 847 7.37 -17.97 45.98
N GLN I 848 6.80 -17.71 47.17
CA GLN I 848 6.02 -16.50 47.35
C GLN I 848 6.87 -15.25 47.53
N PHE I 849 8.04 -15.36 48.17
CA PHE I 849 8.89 -14.19 48.39
C PHE I 849 10.13 -14.18 47.50
N ALA I 850 10.26 -15.14 46.57
CA ALA I 850 11.44 -15.16 45.70
C ALA I 850 11.47 -13.95 44.77
N ASP I 851 10.31 -13.52 44.29
CA ASP I 851 10.27 -12.36 43.40
C ASP I 851 10.59 -11.06 44.14
N GLN I 852 10.20 -10.96 45.41
CA GLN I 852 10.40 -9.74 46.18
C GLN I 852 11.84 -9.57 46.66
N LEU I 853 12.63 -10.63 46.63
CA LEU I 853 14.00 -10.55 47.12
C LEU I 853 14.87 -9.74 46.16
N HIS I 854 15.62 -8.80 46.71
CA HIS I 854 16.56 -8.02 45.91
C HIS I 854 17.74 -8.90 45.49
N GLU I 855 18.38 -8.50 44.38
CA GLU I 855 19.47 -9.30 43.81
C GLU I 855 20.64 -9.42 44.78
N SER I 856 20.96 -8.33 45.48
CA SER I 856 22.01 -8.38 46.50
C SER I 856 21.62 -9.32 47.64
N GLN I 857 20.33 -9.45 47.93
CA GLN I 857 19.87 -10.27 49.04
C GLN I 857 19.85 -11.77 48.74
N LEU I 858 19.94 -12.17 47.46
CA LEU I 858 19.90 -13.59 47.14
C LEU I 858 21.13 -14.33 47.65
N ASP I 859 22.29 -13.68 47.64
CA ASP I 859 23.49 -14.30 48.18
C ASP I 859 23.41 -14.47 49.70
N LYS I 860 22.61 -13.64 50.37
CA LYS I 860 22.48 -13.68 51.82
C LYS I 860 21.44 -14.67 52.30
N MET I 861 20.48 -15.04 51.45
CA MET I 861 19.38 -15.89 51.89
C MET I 861 19.86 -17.31 52.14
N PRO I 862 19.53 -17.90 53.29
CA PRO I 862 19.92 -19.29 53.54
C PRO I 862 19.17 -20.27 52.65
N ALA I 863 19.80 -21.40 52.40
CA ALA I 863 19.16 -22.47 51.65
C ALA I 863 18.10 -23.17 52.49
N LEU I 864 17.20 -23.86 51.82
CA LEU I 864 16.10 -24.55 52.49
C LEU I 864 16.64 -25.66 53.37
N PRO I 865 16.14 -25.80 54.61
CA PRO I 865 16.63 -26.85 55.49
C PRO I 865 16.31 -28.23 54.95
N ALA I 866 17.23 -29.17 55.21
CA ALA I 866 17.14 -30.49 54.61
C ALA I 866 15.97 -31.30 55.19
N LYS I 867 15.35 -32.10 54.34
CA LYS I 867 14.37 -33.06 54.81
C LYS I 867 15.06 -34.18 55.59
N GLY I 868 14.29 -34.82 56.46
CA GLY I 868 14.80 -35.87 57.30
C GLY I 868 14.36 -37.25 56.88
N ASN I 869 14.40 -38.18 57.83
CA ASN I 869 14.19 -39.59 57.58
C ASN I 869 12.81 -40.09 58.00
N LEU I 870 11.93 -39.19 58.41
CA LEU I 870 10.63 -39.61 58.93
C LEU I 870 9.71 -40.12 57.81
N ASN I 871 9.06 -41.23 58.09
CA ASN I 871 7.93 -41.68 57.28
C ASN I 871 6.66 -41.06 57.84
N LEU I 872 5.90 -40.38 56.97
CA LEU I 872 4.65 -39.78 57.39
C LEU I 872 3.57 -40.83 57.64
N ARG I 873 3.75 -42.04 57.11
CA ARG I 873 2.81 -43.11 57.35
C ARG I 873 2.84 -43.60 58.80
N ASP I 874 3.89 -43.29 59.55
CA ASP I 874 3.93 -43.62 60.97
C ASP I 874 2.93 -42.81 61.78
N ILE I 875 2.50 -41.65 61.27
CA ILE I 875 1.56 -40.81 62.00
C ILE I 875 0.20 -41.51 62.11
N LEU I 876 -0.23 -42.19 61.04
CA LEU I 876 -1.43 -43.02 61.13
C LEU I 876 -1.28 -44.12 62.18
N GLU I 877 -0.08 -44.67 62.30
CA GLU I 877 0.16 -45.74 63.26
C GLU I 877 0.23 -45.22 64.68
N SER I 878 0.63 -43.96 64.87
CA SER I 878 0.77 -43.40 66.20
C SER I 878 -0.59 -43.06 66.79
N ASP I 879 -0.84 -43.56 68.00
CA ASP I 879 -2.06 -43.25 68.73
C ASP I 879 -1.88 -42.09 69.70
N PHE I 880 -0.66 -41.81 70.12
CA PHE I 880 -0.37 -40.79 71.11
C PHE I 880 -0.30 -39.38 70.51
N ALA I 881 -0.27 -39.25 69.19
CA ALA I 881 -0.18 -37.93 68.58
C ALA I 881 -1.45 -37.12 68.82
N PHE I 882 -2.61 -37.78 68.83
CA PHE I 882 -3.93 -37.19 69.00
C PHE I 882 -4.25 -36.13 67.94
N ALA I 883 -3.49 -36.12 66.85
CA ALA I 883 -3.55 -35.08 65.83
C ALA I 883 -2.74 -35.53 64.61
N THR M 3 55.38 -45.26 -70.85
CA THR M 3 54.71 -46.50 -70.51
C THR M 3 53.50 -46.12 -69.64
N ILE M 4 52.60 -45.31 -70.19
CA ILE M 4 51.44 -44.83 -69.44
C ILE M 4 50.40 -45.96 -69.42
N ASN M 5 49.81 -46.18 -68.24
CA ASN M 5 48.89 -47.29 -68.01
C ASN M 5 47.45 -46.84 -68.17
N ILE M 6 46.64 -47.69 -68.78
CA ILE M 6 45.22 -47.41 -69.00
C ILE M 6 44.47 -47.61 -67.68
N ALA M 7 43.45 -46.79 -67.46
CA ALA M 7 42.60 -46.88 -66.28
C ALA M 7 41.23 -47.48 -66.60
N LYS M 8 41.15 -48.32 -67.63
CA LYS M 8 39.85 -48.80 -68.12
C LYS M 8 39.18 -49.73 -67.13
N ASN M 9 39.96 -50.57 -66.43
CA ASN M 9 39.40 -51.49 -65.45
C ASN M 9 38.74 -50.75 -64.29
N ASP M 10 39.38 -49.69 -63.80
CA ASP M 10 38.70 -48.84 -62.81
C ASP M 10 37.47 -48.20 -63.42
N PHE M 11 37.59 -47.71 -64.67
CA PHE M 11 36.49 -47.04 -65.35
C PHE M 11 35.28 -47.96 -65.50
N SER M 12 35.52 -49.26 -65.69
CA SER M 12 34.42 -50.22 -65.77
C SER M 12 33.78 -50.46 -64.41
N ASP M 13 34.54 -50.29 -63.33
CA ASP M 13 34.03 -50.57 -61.99
C ASP M 13 32.95 -49.57 -61.58
N ILE M 14 33.09 -48.31 -61.99
CA ILE M 14 32.07 -47.28 -61.71
C ILE M 14 30.72 -47.67 -62.26
N GLU M 15 30.66 -48.12 -63.51
CA GLU M 15 29.39 -48.60 -64.06
C GLU M 15 28.92 -49.84 -63.33
N LEU M 16 29.86 -50.74 -63.00
CA LEU M 16 29.53 -52.05 -62.47
C LEU M 16 28.88 -51.98 -61.09
N ALA M 17 29.11 -50.91 -60.34
CA ALA M 17 28.57 -50.80 -58.98
C ALA M 17 27.05 -50.84 -58.98
N ALA M 18 26.49 -51.66 -58.10
CA ALA M 18 25.06 -51.98 -58.15
C ALA M 18 24.18 -50.97 -57.46
N ILE M 19 24.70 -50.26 -56.45
CA ILE M 19 23.88 -49.26 -55.74
C ILE M 19 23.43 -48.12 -56.63
N PRO M 20 24.25 -47.52 -57.52
CA PRO M 20 23.66 -46.53 -58.45
C PRO M 20 22.70 -47.13 -59.45
N PHE M 21 22.92 -48.38 -59.89
CA PHE M 21 22.01 -49.03 -60.83
C PHE M 21 20.64 -49.26 -60.21
N ASN M 22 20.60 -49.74 -58.97
CA ASN M 22 19.33 -50.17 -58.39
C ASN M 22 18.41 -48.99 -58.09
N THR M 23 18.95 -47.88 -57.57
CA THR M 23 18.10 -46.72 -57.29
C THR M 23 17.63 -46.06 -58.58
N LEU M 24 18.47 -46.07 -59.61
CA LEU M 24 18.10 -45.47 -60.88
C LEU M 24 17.07 -46.32 -61.62
N ALA M 25 17.11 -47.63 -61.44
CA ALA M 25 16.20 -48.53 -62.16
C ALA M 25 14.76 -48.37 -61.70
N ASP M 26 14.54 -48.25 -60.39
CA ASP M 26 13.17 -48.12 -59.90
C ASP M 26 12.58 -46.75 -60.22
N HIS M 27 13.41 -45.71 -60.20
CA HIS M 27 12.91 -44.34 -60.39
C HIS M 27 12.58 -44.04 -61.84
N TYR M 28 13.45 -44.46 -62.78
CA TYR M 28 13.34 -44.01 -64.17
C TYR M 28 13.32 -45.18 -65.16
N GLY M 29 13.05 -46.39 -64.70
CA GLY M 29 13.17 -47.55 -65.56
C GLY M 29 14.60 -48.04 -65.66
N GLU M 30 14.73 -49.27 -66.15
CA GLU M 30 16.05 -49.91 -66.20
C GLU M 30 16.91 -49.38 -67.36
N ARG M 31 16.29 -49.13 -68.51
CA ARG M 31 17.05 -48.88 -69.74
C ARG M 31 17.76 -47.52 -69.68
N LEU M 32 17.07 -46.48 -69.22
CA LEU M 32 17.69 -45.16 -69.12
C LEU M 32 18.79 -45.14 -68.06
N ALA M 33 18.69 -46.02 -67.06
CA ALA M 33 19.70 -46.08 -66.01
C ALA M 33 21.04 -46.55 -66.57
N ARG M 34 21.03 -47.63 -67.35
CA ARG M 34 22.27 -48.16 -67.91
C ARG M 34 22.88 -47.20 -68.94
N GLU M 35 22.03 -46.46 -69.65
CA GLU M 35 22.54 -45.46 -70.60
C GLU M 35 23.28 -44.34 -69.89
N GLN M 36 22.73 -43.85 -68.78
CA GLN M 36 23.38 -42.78 -68.03
C GLN M 36 24.70 -43.24 -67.42
N LEU M 37 24.72 -44.46 -66.88
CA LEU M 37 25.95 -45.00 -66.31
C LEU M 37 27.01 -45.21 -67.38
N ALA M 38 26.59 -45.69 -68.56
CA ALA M 38 27.53 -45.85 -69.66
C ALA M 38 28.01 -44.50 -70.21
N LEU M 39 27.13 -43.49 -70.19
CA LEU M 39 27.54 -42.15 -70.60
C LEU M 39 28.60 -41.59 -69.67
N GLU M 40 28.42 -41.78 -68.35
CA GLU M 40 29.44 -41.35 -67.40
C GLU M 40 30.73 -42.14 -67.56
N HIS M 41 30.62 -43.45 -67.81
CA HIS M 41 31.81 -44.27 -68.05
C HIS M 41 32.52 -43.86 -69.33
N GLU M 42 31.75 -43.55 -70.38
CA GLU M 42 32.36 -43.05 -71.61
C GLU M 42 33.04 -41.71 -71.38
N SER M 43 32.41 -40.83 -70.59
CA SER M 43 32.90 -39.48 -70.38
C SER M 43 34.30 -39.47 -69.75
N TYR M 44 34.59 -40.44 -68.89
CA TYR M 44 35.92 -40.53 -68.32
C TYR M 44 36.95 -40.98 -69.36
N GLU M 45 36.55 -41.83 -70.30
CA GLU M 45 37.45 -42.21 -71.40
C GLU M 45 37.70 -41.03 -72.34
N MET M 46 36.67 -40.23 -72.62
CA MET M 46 36.88 -39.02 -73.42
C MET M 46 37.88 -38.10 -72.75
N GLY M 47 37.77 -37.95 -71.43
CA GLY M 47 38.79 -37.23 -70.69
C GLY M 47 40.12 -37.97 -70.65
N GLU M 48 40.08 -39.30 -70.53
CA GLU M 48 41.32 -40.07 -70.50
C GLU M 48 42.08 -39.97 -71.82
N ALA M 49 41.37 -40.11 -72.95
CA ALA M 49 42.02 -40.05 -74.25
C ALA M 49 42.59 -38.65 -74.53
N ARG M 50 41.96 -37.60 -74.01
CA ARG M 50 42.47 -36.25 -74.18
C ARG M 50 43.81 -36.08 -73.49
N PHE M 51 43.97 -36.67 -72.30
CA PHE M 51 45.24 -36.59 -71.57
C PHE M 51 46.36 -37.30 -72.33
N ARG M 52 46.09 -38.51 -72.84
CA ARG M 52 47.12 -39.28 -73.53
C ARG M 52 47.59 -38.58 -74.80
N LYS M 53 46.65 -37.97 -75.53
CA LYS M 53 47.00 -37.22 -76.73
C LYS M 53 47.85 -36.00 -76.37
N MET M 54 47.44 -35.25 -75.35
CA MET M 54 48.19 -34.06 -74.95
C MET M 54 49.56 -34.43 -74.39
N PHE M 55 49.64 -35.49 -73.59
CA PHE M 55 50.92 -35.92 -73.03
C PHE M 55 51.88 -36.38 -74.13
N GLU M 56 51.38 -37.15 -75.12
CA GLU M 56 52.26 -37.63 -76.17
C GLU M 56 52.80 -36.47 -77.01
N ARG M 57 51.93 -35.50 -77.33
CA ARG M 57 52.41 -34.29 -77.99
C ARG M 57 53.38 -33.53 -77.08
N GLN M 58 53.09 -33.49 -75.78
CA GLN M 58 54.01 -32.89 -74.82
C GLN M 58 55.32 -33.67 -74.73
N LEU M 59 55.24 -35.00 -74.78
CA LEU M 59 56.46 -35.81 -74.77
C LEU M 59 57.30 -35.58 -76.03
N LYS M 60 56.66 -35.52 -77.19
CA LYS M 60 57.41 -35.31 -78.43
C LYS M 60 57.97 -33.90 -78.52
N ALA M 61 57.25 -32.91 -77.98
CA ALA M 61 57.75 -31.55 -77.99
C ALA M 61 58.89 -31.35 -76.99
N GLY M 62 59.02 -32.22 -76.00
CA GLY M 62 59.99 -32.04 -74.94
C GLY M 62 59.49 -31.20 -73.78
N GLU M 63 58.21 -30.84 -73.77
CA GLU M 63 57.64 -30.03 -72.71
C GLU M 63 57.25 -30.85 -71.48
N VAL M 64 57.55 -32.16 -71.47
CA VAL M 64 57.13 -33.14 -70.45
C VAL M 64 57.33 -32.64 -69.02
N ALA M 65 58.36 -31.80 -68.81
CA ALA M 65 58.52 -31.15 -67.51
C ALA M 65 57.38 -30.19 -67.20
N ASP M 66 56.81 -29.51 -68.21
CA ASP M 66 55.64 -28.66 -67.98
C ASP M 66 54.40 -29.47 -67.63
N ASN M 67 54.35 -30.74 -67.99
CA ASN M 67 53.23 -31.60 -67.64
C ASN M 67 53.21 -31.82 -66.13
N ALA M 68 51.99 -31.95 -65.58
CA ALA M 68 51.81 -32.01 -64.13
C ALA M 68 52.30 -33.32 -63.52
N ALA M 69 52.40 -34.40 -64.30
CA ALA M 69 52.82 -35.68 -63.72
C ALA M 69 54.30 -35.67 -63.36
N ALA M 70 55.13 -34.99 -64.15
CA ALA M 70 56.56 -34.92 -63.85
C ALA M 70 56.89 -33.98 -62.70
N LYS M 71 55.96 -33.11 -62.31
CA LYS M 71 56.22 -32.09 -61.29
C LYS M 71 56.54 -32.65 -59.90
N PRO M 72 55.77 -33.57 -59.30
CA PRO M 72 56.13 -34.03 -57.96
C PRO M 72 57.34 -34.93 -57.95
N LEU M 73 57.69 -35.55 -59.08
CA LEU M 73 58.98 -36.21 -59.17
C LEU M 73 60.09 -35.17 -59.17
N ILE M 74 59.95 -34.14 -60.01
CA ILE M 74 60.98 -33.13 -60.20
C ILE M 74 61.19 -32.32 -58.92
N THR M 75 60.10 -32.01 -58.21
CA THR M 75 60.19 -31.17 -57.01
C THR M 75 60.89 -31.87 -55.85
N THR M 76 61.03 -33.21 -55.90
CA THR M 76 61.86 -33.90 -54.92
C THR M 76 63.30 -34.03 -55.37
N LEU M 77 63.54 -34.08 -56.69
CA LEU M 77 64.91 -34.23 -57.18
C LEU M 77 65.67 -32.91 -57.19
N LEU M 78 64.96 -31.80 -57.31
CA LEU M 78 65.62 -30.49 -57.34
C LEU M 78 66.40 -30.17 -56.07
N PRO M 79 65.84 -30.26 -54.84
CA PRO M 79 66.60 -29.76 -53.68
C PRO M 79 67.88 -30.52 -53.36
N LYS M 80 67.92 -31.84 -53.59
CA LYS M 80 69.16 -32.59 -53.40
C LYS M 80 70.21 -32.18 -54.43
N MET M 81 69.76 -31.74 -55.61
CA MET M 81 70.69 -31.14 -56.57
C MET M 81 71.20 -29.79 -56.09
N ILE M 82 70.34 -28.99 -55.43
CA ILE M 82 70.79 -27.72 -54.87
C ILE M 82 71.78 -27.95 -53.73
N ALA M 83 71.64 -29.06 -53.01
CA ALA M 83 72.68 -29.38 -52.04
C ALA M 83 73.98 -29.76 -52.71
N ARG M 84 73.91 -30.33 -53.92
CA ARG M 84 75.11 -30.78 -54.61
C ARG M 84 75.88 -29.65 -55.28
N ILE M 85 75.21 -28.54 -55.64
CA ILE M 85 75.91 -27.48 -56.33
C ILE M 85 76.87 -26.75 -55.38
N ASN M 86 76.44 -26.48 -54.15
CA ASN M 86 77.21 -25.60 -53.28
C ASN M 86 78.24 -26.37 -52.45
N ASP M 87 78.15 -27.70 -52.42
CA ASP M 87 79.29 -28.48 -51.99
C ASP M 87 80.40 -28.41 -53.02
N TRP M 88 80.05 -28.48 -54.30
CA TRP M 88 81.05 -28.31 -55.35
C TRP M 88 81.40 -26.85 -55.57
N PHE M 89 80.43 -25.93 -55.43
CA PHE M 89 80.73 -24.50 -55.59
C PHE M 89 81.74 -24.05 -54.55
N GLU M 90 81.58 -24.49 -53.29
CA GLU M 90 82.55 -24.19 -52.25
C GLU M 90 83.87 -24.92 -52.45
N GLU M 91 83.85 -26.05 -53.17
CA GLU M 91 85.03 -26.91 -53.22
C GLU M 91 86.16 -26.29 -54.04
N VAL M 92 85.85 -25.72 -55.21
CA VAL M 92 86.93 -25.16 -56.02
C VAL M 92 87.40 -23.83 -55.42
N LYS M 93 86.55 -23.12 -54.68
CA LYS M 93 87.04 -22.01 -53.88
C LYS M 93 87.97 -22.51 -52.77
N ALA M 94 87.62 -23.64 -52.15
CA ALA M 94 88.50 -24.25 -51.15
C ALA M 94 89.77 -24.79 -51.79
N LYS M 95 89.65 -25.40 -52.97
CA LYS M 95 90.82 -25.86 -53.69
C LYS M 95 91.67 -24.69 -54.17
N ARG M 96 92.98 -24.83 -54.08
CA ARG M 96 93.90 -23.78 -54.46
C ARG M 96 94.58 -24.15 -55.78
N GLY M 97 94.49 -23.26 -56.75
CA GLY M 97 95.03 -23.50 -58.07
C GLY M 97 94.17 -22.81 -59.11
N LYS M 98 94.40 -23.18 -60.37
CA LYS M 98 93.59 -22.66 -61.46
C LYS M 98 92.18 -23.21 -61.37
N ARG M 99 91.19 -22.34 -61.50
CA ARG M 99 89.80 -22.73 -61.35
C ARG M 99 89.37 -23.64 -62.50
N PRO M 100 88.47 -24.59 -62.23
CA PRO M 100 87.93 -25.41 -63.31
C PRO M 100 87.11 -24.59 -64.29
N THR M 101 87.04 -25.08 -65.53
CA THR M 101 86.44 -24.31 -66.62
C THR M 101 84.94 -24.13 -66.44
N ALA M 102 84.27 -25.09 -65.79
CA ALA M 102 82.82 -24.99 -65.63
C ALA M 102 82.42 -24.01 -64.53
N PHE M 103 83.31 -23.75 -63.56
CA PHE M 103 82.96 -22.88 -62.43
C PHE M 103 82.67 -21.46 -62.90
N GLN M 104 83.49 -20.94 -63.81
CA GLN M 104 83.40 -19.53 -64.18
C GLN M 104 82.08 -19.21 -64.89
N PHE M 105 81.59 -20.13 -65.71
CA PHE M 105 80.29 -19.95 -66.34
C PHE M 105 79.13 -20.36 -65.44
N LEU M 106 79.40 -21.00 -64.30
CA LEU M 106 78.33 -21.44 -63.41
C LEU M 106 77.98 -20.41 -62.34
N GLN M 107 78.89 -19.50 -62.02
CA GLN M 107 78.72 -18.70 -60.81
C GLN M 107 77.89 -17.44 -61.01
N GLU M 108 77.83 -16.89 -62.23
CA GLU M 108 77.13 -15.62 -62.42
C GLU M 108 75.63 -15.78 -62.22
N ILE M 109 75.03 -16.77 -62.86
CA ILE M 109 73.59 -16.98 -62.68
C ILE M 109 73.36 -17.77 -61.39
N LYS M 110 72.14 -17.67 -60.89
CA LYS M 110 71.75 -18.31 -59.66
C LYS M 110 72.01 -19.81 -59.67
N PRO M 111 72.67 -20.33 -58.66
CA PRO M 111 72.92 -21.79 -58.62
C PRO M 111 71.65 -22.67 -58.50
N GLU M 112 70.52 -22.15 -58.01
CA GLU M 112 69.30 -22.93 -58.12
C GLU M 112 68.69 -22.86 -59.52
N ALA M 113 69.00 -21.80 -60.27
CA ALA M 113 68.60 -21.71 -61.66
C ALA M 113 69.37 -22.71 -62.51
N VAL M 114 70.65 -22.92 -62.20
CA VAL M 114 71.48 -23.88 -62.95
C VAL M 114 70.89 -25.28 -62.89
N ALA M 115 70.38 -25.66 -61.72
CA ALA M 115 69.92 -27.03 -61.51
C ALA M 115 68.64 -27.32 -62.28
N TYR M 116 67.70 -26.37 -62.30
CA TYR M 116 66.40 -26.62 -62.93
C TYR M 116 66.51 -26.72 -64.45
N ILE M 117 67.44 -25.99 -65.06
CA ILE M 117 67.62 -26.09 -66.51
C ILE M 117 68.15 -27.46 -66.90
N THR M 118 69.00 -28.07 -66.06
CA THR M 118 69.62 -29.33 -66.44
C THR M 118 68.63 -30.50 -66.39
N ILE M 119 67.75 -30.54 -65.39
CA ILE M 119 66.80 -31.64 -65.31
C ILE M 119 65.77 -31.55 -66.43
N LYS M 120 65.30 -30.34 -66.74
CA LYS M 120 64.31 -30.17 -67.79
C LYS M 120 64.89 -30.50 -69.17
N THR M 121 66.14 -30.08 -69.42
CA THR M 121 66.77 -30.38 -70.70
C THR M 121 67.04 -31.87 -70.87
N THR M 122 67.52 -32.53 -69.81
CA THR M 122 67.78 -33.97 -69.89
C THR M 122 66.48 -34.76 -70.05
N LEU M 123 65.42 -34.34 -69.36
CA LEU M 123 64.14 -35.02 -69.51
C LEU M 123 63.53 -34.78 -70.89
N ALA M 124 63.71 -33.58 -71.43
CA ALA M 124 63.22 -33.27 -72.77
C ALA M 124 63.99 -34.06 -73.82
N CYS M 125 65.32 -34.09 -73.71
CA CYS M 125 66.14 -34.68 -74.77
C CYS M 125 66.07 -36.20 -74.78
N LEU M 126 65.83 -36.82 -73.62
CA LEU M 126 65.77 -38.28 -73.57
C LEU M 126 64.51 -38.80 -74.24
N THR M 127 63.40 -38.10 -74.09
CA THR M 127 62.11 -38.59 -74.59
C THR M 127 61.79 -38.13 -76.00
N SER M 128 62.34 -36.99 -76.43
CA SER M 128 61.94 -36.38 -77.69
C SER M 128 62.96 -36.56 -78.82
N ALA M 129 64.25 -36.47 -78.51
CA ALA M 129 65.26 -36.36 -79.56
C ALA M 129 65.43 -37.67 -80.32
N ASP M 130 65.37 -38.80 -79.62
CA ASP M 130 65.71 -40.21 -79.94
C ASP M 130 67.22 -40.44 -79.97
N ASN M 131 68.03 -39.40 -79.79
CA ASN M 131 69.47 -39.55 -79.63
C ASN M 131 69.81 -39.42 -78.15
N THR M 132 70.32 -40.49 -77.55
CA THR M 132 70.57 -40.55 -76.12
C THR M 132 72.04 -40.31 -75.76
N THR M 133 72.84 -39.80 -76.70
CA THR M 133 74.26 -39.59 -76.44
C THR M 133 74.48 -38.42 -75.47
N VAL M 134 75.52 -38.54 -74.63
CA VAL M 134 75.79 -37.52 -73.62
C VAL M 134 76.27 -36.23 -74.25
N GLN M 135 77.09 -36.33 -75.29
CA GLN M 135 77.71 -35.16 -75.90
C GLN M 135 76.67 -34.26 -76.57
N ALA M 136 75.62 -34.85 -77.14
CA ALA M 136 74.55 -34.05 -77.72
C ALA M 136 73.72 -33.36 -76.66
N VAL M 137 73.45 -34.05 -75.54
CA VAL M 137 72.64 -33.46 -74.47
C VAL M 137 73.42 -32.36 -73.75
N ALA M 138 74.72 -32.57 -73.54
CA ALA M 138 75.54 -31.59 -72.82
C ALA M 138 75.67 -30.28 -73.58
N SER M 139 75.72 -30.34 -74.92
CA SER M 139 75.71 -29.12 -75.71
C SER M 139 74.38 -28.39 -75.56
N ALA M 140 73.28 -29.13 -75.45
CA ALA M 140 71.98 -28.52 -75.22
C ALA M 140 71.87 -27.93 -73.82
N ILE M 141 72.51 -28.56 -72.83
CA ILE M 141 72.48 -28.02 -71.47
C ILE M 141 73.31 -26.74 -71.39
N GLY M 142 74.52 -26.77 -71.96
CA GLY M 142 75.41 -25.62 -71.84
C GLY M 142 74.92 -24.41 -72.60
N ARG M 143 74.31 -24.63 -73.78
CA ARG M 143 73.69 -23.53 -74.50
C ARG M 143 72.50 -22.96 -73.74
N ALA M 144 71.81 -23.80 -72.97
CA ALA M 144 70.63 -23.34 -72.24
C ALA M 144 70.99 -22.60 -70.95
N ILE M 145 72.17 -22.86 -70.39
CA ILE M 145 72.65 -22.00 -69.31
C ILE M 145 73.20 -20.70 -69.89
N GLU M 146 73.73 -20.75 -71.12
CA GLU M 146 74.44 -19.61 -71.68
C GLU M 146 73.50 -18.44 -71.97
N ASP M 147 72.34 -18.72 -72.61
CA ASP M 147 71.38 -17.65 -72.80
C ASP M 147 70.72 -17.26 -71.49
N GLU M 148 70.52 -18.22 -70.58
CA GLU M 148 69.96 -17.91 -69.28
C GLU M 148 70.85 -16.96 -68.49
N ALA M 149 72.17 -17.10 -68.62
CA ALA M 149 73.11 -16.27 -67.89
C ALA M 149 73.04 -14.81 -68.34
N ARG M 150 72.88 -14.57 -69.65
CA ARG M 150 72.93 -13.19 -70.14
C ARG M 150 71.64 -12.44 -69.80
N PHE M 151 70.48 -13.06 -69.95
CA PHE M 151 69.24 -12.40 -69.55
C PHE M 151 68.99 -12.54 -68.06
N GLY M 152 69.57 -13.54 -67.40
CA GLY M 152 69.54 -13.56 -65.96
C GLY M 152 70.30 -12.39 -65.34
N ARG M 153 71.43 -12.03 -65.95
CA ARG M 153 72.30 -11.00 -65.39
C ARG M 153 71.57 -9.65 -65.31
N ILE M 154 70.74 -9.33 -66.29
CA ILE M 154 69.90 -8.16 -66.16
C ILE M 154 68.73 -8.42 -65.21
N ARG M 155 68.12 -9.62 -65.26
CA ARG M 155 66.98 -9.91 -64.37
C ARG M 155 67.36 -9.72 -62.91
N ASP M 156 68.60 -9.99 -62.57
CA ASP M 156 69.05 -9.98 -61.18
C ASP M 156 69.47 -8.59 -60.72
N LEU M 157 70.35 -7.92 -61.47
CA LEU M 157 71.03 -6.74 -60.97
C LEU M 157 70.90 -5.47 -61.81
N GLU M 158 70.31 -5.49 -63.01
CA GLU M 158 70.43 -4.32 -63.86
C GLU M 158 69.22 -4.12 -64.75
N ALA M 159 68.82 -2.84 -64.91
CA ALA M 159 67.85 -2.40 -65.93
C ALA M 159 66.51 -3.10 -65.77
N LYS M 160 65.93 -3.00 -64.57
CA LYS M 160 64.65 -3.64 -64.30
C LYS M 160 63.53 -3.02 -65.12
N HIS M 161 63.60 -1.70 -65.35
CA HIS M 161 62.49 -0.96 -65.94
C HIS M 161 62.23 -1.39 -67.38
N PHE M 162 63.28 -1.57 -68.17
CA PHE M 162 63.09 -2.07 -69.52
C PHE M 162 62.66 -3.53 -69.53
N LYS M 163 63.05 -4.29 -68.51
CA LYS M 163 62.56 -5.66 -68.39
C LYS M 163 61.07 -5.68 -68.10
N LYS M 164 60.56 -4.67 -67.40
CA LYS M 164 59.12 -4.54 -67.21
C LYS M 164 58.39 -4.38 -68.54
N ASN M 165 59.03 -3.71 -69.50
CA ASN M 165 58.51 -3.74 -70.87
C ASN M 165 58.77 -5.09 -71.53
N VAL M 166 59.92 -5.70 -71.22
CA VAL M 166 60.28 -7.00 -71.80
C VAL M 166 59.37 -8.12 -71.30
N GLU M 167 58.95 -8.04 -70.03
CA GLU M 167 58.20 -9.14 -69.43
C GLU M 167 56.85 -9.37 -70.10
N GLU M 168 56.24 -8.31 -70.64
CA GLU M 168 54.95 -8.47 -71.31
C GLU M 168 55.10 -9.19 -72.65
N GLN M 169 56.10 -8.80 -73.45
CA GLN M 169 56.24 -9.40 -74.78
C GLN M 169 56.72 -10.84 -74.70
N LEU M 170 57.48 -11.20 -73.66
CA LEU M 170 57.89 -12.58 -73.47
C LEU M 170 56.70 -13.50 -73.33
N ASN M 171 55.67 -13.05 -72.60
CA ASN M 171 54.43 -13.80 -72.52
C ASN M 171 53.72 -13.87 -73.87
N LYS M 172 53.88 -12.84 -74.70
CA LYS M 172 53.35 -12.90 -76.06
C LYS M 172 54.15 -13.87 -76.94
N ARG M 173 55.45 -14.01 -76.67
CA ARG M 173 56.26 -14.96 -77.43
C ARG M 173 55.91 -16.39 -77.04
N VAL M 174 55.86 -17.27 -78.04
CA VAL M 174 55.57 -18.68 -77.85
C VAL M 174 56.75 -19.47 -78.39
N GLY M 175 57.47 -20.15 -77.51
CA GLY M 175 58.62 -20.92 -77.93
C GLY M 175 59.92 -20.15 -77.73
N HIS M 176 61.00 -20.91 -77.52
CA HIS M 176 62.28 -20.31 -77.14
C HIS M 176 62.86 -19.44 -78.26
N VAL M 177 62.71 -19.88 -79.51
CA VAL M 177 63.20 -19.10 -80.65
C VAL M 177 62.42 -17.80 -80.78
N TYR M 178 61.09 -17.86 -80.59
CA TYR M 178 60.27 -16.65 -80.66
C TYR M 178 60.63 -15.68 -79.56
N LYS M 179 60.95 -16.18 -78.36
CA LYS M 179 61.47 -15.32 -77.30
C LYS M 179 62.83 -14.75 -77.68
N LYS M 180 63.74 -15.62 -78.15
CA LYS M 180 65.10 -15.18 -78.46
C LYS M 180 65.16 -14.29 -79.69
N ALA M 181 64.18 -14.39 -80.59
CA ALA M 181 64.15 -13.49 -81.74
C ALA M 181 63.71 -12.08 -81.33
N PHE M 182 62.70 -11.99 -80.47
CA PHE M 182 62.30 -10.69 -79.94
C PHE M 182 63.41 -10.06 -79.11
N MET M 183 64.20 -10.88 -78.39
CA MET M 183 65.31 -10.33 -77.63
C MET M 183 66.44 -9.88 -78.54
N GLN M 184 66.64 -10.57 -79.66
CA GLN M 184 67.63 -10.13 -80.64
C GLN M 184 67.22 -8.80 -81.26
N VAL M 185 65.93 -8.60 -81.50
CA VAL M 185 65.41 -7.32 -81.95
C VAL M 185 65.52 -6.28 -80.83
N HIS M 205 82.87 -20.26 -74.98
CA HIS M 205 83.33 -21.09 -76.08
C HIS M 205 82.37 -22.25 -76.30
N LYS M 206 82.25 -22.67 -77.57
CA LYS M 206 81.31 -23.75 -77.90
C LYS M 206 81.81 -25.08 -77.37
N GLU M 207 83.12 -25.31 -77.41
CA GLU M 207 83.70 -26.44 -76.70
C GLU M 207 83.46 -26.29 -75.20
N ASP M 208 83.65 -25.08 -74.66
CA ASP M 208 83.51 -24.86 -73.22
C ASP M 208 82.10 -25.13 -72.73
N SER M 209 81.09 -24.98 -73.60
CA SER M 209 79.73 -25.31 -73.23
C SER M 209 79.56 -26.82 -73.01
N ILE M 210 80.33 -27.65 -73.70
CA ILE M 210 80.16 -29.09 -73.52
C ILE M 210 80.82 -29.55 -72.22
N HIS M 211 81.92 -28.93 -71.76
CA HIS M 211 82.40 -29.28 -70.43
C HIS M 211 81.49 -28.71 -69.35
N VAL M 212 80.91 -27.54 -69.58
CA VAL M 212 79.89 -27.02 -68.67
C VAL M 212 78.68 -27.93 -68.66
N GLY M 213 78.27 -28.39 -69.84
CA GLY M 213 77.12 -29.30 -69.93
C GLY M 213 77.38 -30.64 -69.28
N VAL M 214 78.54 -31.24 -69.56
CA VAL M 214 78.84 -32.58 -69.04
C VAL M 214 78.94 -32.55 -67.52
N ARG M 215 79.65 -31.56 -66.97
CA ARG M 215 79.86 -31.46 -65.53
C ARG M 215 78.55 -31.38 -64.76
N CYS M 216 77.54 -30.72 -65.34
CA CYS M 216 76.21 -30.69 -64.71
C CYS M 216 75.58 -32.07 -64.66
N ILE M 217 75.76 -32.86 -65.72
CA ILE M 217 75.23 -34.23 -65.71
C ILE M 217 76.00 -35.11 -64.72
N GLU M 218 77.30 -34.87 -64.56
CA GLU M 218 78.08 -35.62 -63.57
C GLU M 218 77.58 -35.33 -62.15
N MET M 219 77.06 -34.12 -61.90
CA MET M 219 76.39 -33.85 -60.64
C MET M 219 74.98 -34.40 -60.60
N LEU M 220 74.40 -34.72 -61.76
CA LEU M 220 73.04 -35.26 -61.79
C LEU M 220 72.99 -36.70 -61.30
N ILE M 221 74.04 -37.48 -61.55
CA ILE M 221 73.97 -38.92 -61.28
C ILE M 221 74.02 -39.21 -59.78
N GLU M 222 74.87 -38.49 -59.03
CA GLU M 222 74.89 -38.71 -57.59
C GLU M 222 73.71 -38.06 -56.90
N SER M 223 73.24 -36.92 -57.42
CA SER M 223 72.09 -36.26 -56.83
C SER M 223 70.84 -37.13 -56.94
N THR M 224 70.58 -37.64 -58.13
CA THR M 224 69.43 -38.51 -58.34
C THR M 224 69.81 -39.68 -59.24
N GLY M 225 69.20 -40.83 -58.96
CA GLY M 225 69.47 -42.05 -59.70
C GLY M 225 68.71 -42.21 -60.99
N MET M 226 68.03 -41.15 -61.46
CA MET M 226 67.27 -41.27 -62.71
C MET M 226 68.19 -41.49 -63.90
N VAL M 227 69.31 -40.79 -63.98
CA VAL M 227 70.19 -40.88 -65.13
C VAL M 227 71.10 -42.09 -64.98
N SER M 228 70.98 -43.04 -65.90
CA SER M 228 71.80 -44.23 -65.92
C SER M 228 72.63 -44.24 -67.20
N LEU M 229 73.77 -44.93 -67.15
CA LEU M 229 74.79 -44.82 -68.19
C LEU M 229 75.10 -46.21 -68.73
N HIS M 230 74.79 -46.43 -70.01
CA HIS M 230 75.13 -47.66 -70.72
C HIS M 230 75.42 -47.30 -72.16
N ARG M 231 76.49 -47.86 -72.73
CA ARG M 231 76.91 -47.54 -74.09
C ARG M 231 76.91 -48.77 -74.96
N GLN M 232 76.34 -48.63 -76.15
CA GLN M 232 76.33 -49.67 -77.17
C GLN M 232 77.65 -49.64 -77.94
N ASN M 233 78.05 -50.82 -78.44
CA ASN M 233 79.25 -50.99 -79.29
C ASN M 233 80.51 -50.50 -78.57
N ALA M 234 80.56 -50.77 -77.26
CA ALA M 234 81.65 -50.34 -76.40
C ALA M 234 82.97 -50.98 -76.78
N GLY M 235 84.06 -50.25 -76.56
CA GLY M 235 85.39 -50.77 -76.78
C GLY M 235 86.32 -49.88 -77.59
N VAL M 236 85.80 -49.24 -78.63
CA VAL M 236 86.61 -48.45 -79.56
C VAL M 236 86.31 -46.97 -79.31
N VAL M 237 87.35 -46.21 -78.98
CA VAL M 237 87.18 -44.82 -78.57
C VAL M 237 86.59 -43.96 -79.68
N GLY M 238 86.96 -44.24 -80.94
CA GLY M 238 86.48 -43.44 -82.04
C GLY M 238 85.04 -43.70 -82.43
N GLN M 239 84.49 -44.85 -82.04
CA GLN M 239 83.15 -45.24 -82.46
C GLN M 239 82.17 -45.48 -81.32
N ASP M 240 82.62 -45.63 -80.07
CA ASP M 240 81.75 -45.90 -78.94
C ASP M 240 81.33 -44.59 -78.27
N SER M 241 80.02 -44.42 -78.09
CA SER M 241 79.44 -43.23 -77.50
C SER M 241 78.57 -43.60 -76.31
N GLU M 242 78.79 -42.91 -75.18
CA GLU M 242 78.01 -43.15 -73.98
C GLU M 242 76.57 -42.65 -74.17
N THR M 243 75.60 -43.41 -73.65
CA THR M 243 74.18 -43.11 -73.83
C THR M 243 73.47 -43.06 -72.48
N ILE M 244 72.68 -42.00 -72.25
CA ILE M 244 71.92 -41.89 -71.00
C ILE M 244 70.68 -42.77 -71.09
N GLU M 245 70.38 -43.46 -69.99
CA GLU M 245 69.11 -44.15 -69.80
C GLU M 245 68.42 -43.56 -68.58
N LEU M 246 67.13 -43.25 -68.71
CA LEU M 246 66.35 -42.87 -67.54
C LEU M 246 65.99 -44.13 -66.75
N ALA M 247 66.11 -44.03 -65.43
CA ALA M 247 65.94 -45.20 -64.56
C ALA M 247 64.49 -45.65 -64.57
N PRO M 248 64.23 -46.97 -64.60
CA PRO M 248 62.86 -47.47 -64.78
C PRO M 248 61.87 -47.04 -63.70
N GLU M 249 62.34 -46.93 -62.44
CA GLU M 249 61.44 -46.54 -61.36
C GLU M 249 60.93 -45.11 -61.52
N TYR M 250 61.72 -44.24 -62.18
CA TYR M 250 61.28 -42.88 -62.46
C TYR M 250 60.29 -42.86 -63.62
N ALA M 251 60.49 -43.72 -64.62
CA ALA M 251 59.55 -43.82 -65.74
C ALA M 251 58.18 -44.28 -65.27
N GLU M 252 58.14 -45.25 -64.36
CA GLU M 252 56.87 -45.70 -63.80
C GLU M 252 56.20 -44.59 -63.01
N ALA M 253 56.97 -43.83 -62.21
CA ALA M 253 56.39 -42.87 -61.27
C ALA M 253 55.63 -41.76 -61.99
N ILE M 254 56.16 -41.26 -63.10
CA ILE M 254 55.40 -40.30 -63.91
C ILE M 254 54.25 -41.00 -64.62
N ALA M 255 54.41 -42.29 -64.94
CA ALA M 255 53.40 -42.98 -65.74
C ALA M 255 52.16 -43.33 -64.91
N THR M 256 52.36 -43.80 -63.66
CA THR M 256 51.21 -44.05 -62.80
C THR M 256 50.48 -42.76 -62.48
N ARG M 257 51.22 -41.67 -62.27
CA ARG M 257 50.58 -40.39 -62.00
C ARG M 257 49.81 -39.88 -63.21
N ALA M 258 50.39 -39.98 -64.40
CA ALA M 258 49.71 -39.55 -65.62
C ALA M 258 48.46 -40.40 -65.87
N GLY M 259 48.55 -41.70 -65.62
CA GLY M 259 47.35 -42.54 -65.67
C GLY M 259 46.34 -42.17 -64.60
N ALA M 260 46.83 -41.84 -63.40
CA ALA M 260 45.93 -41.36 -62.36
C ALA M 260 45.35 -39.99 -62.72
N LEU M 261 46.20 -39.07 -63.20
CA LEU M 261 45.73 -37.75 -63.58
C LEU M 261 44.76 -37.79 -64.75
N ALA M 262 44.87 -38.81 -65.60
CA ALA M 262 43.90 -38.99 -66.68
C ALA M 262 42.52 -39.34 -66.14
N GLY M 263 42.47 -40.05 -65.01
CA GLY M 263 41.18 -40.37 -64.40
C GLY M 263 40.48 -39.16 -63.82
N ILE M 264 41.22 -38.24 -63.21
CA ILE M 264 40.62 -37.11 -62.50
C ILE M 264 40.02 -36.06 -63.43
N SER M 265 40.29 -36.12 -64.73
CA SER M 265 39.83 -35.09 -65.67
C SER M 265 38.90 -35.71 -66.71
N PRO M 266 37.60 -35.77 -66.43
CA PRO M 266 36.64 -36.23 -67.44
C PRO M 266 35.97 -35.10 -68.21
N MET M 267 35.22 -35.44 -69.26
CA MET M 267 34.42 -34.47 -70.02
C MET M 267 32.95 -34.64 -69.63
N PHE M 268 32.43 -33.67 -68.90
CA PHE M 268 31.06 -33.77 -68.40
C PHE M 268 30.06 -33.64 -69.53
N GLN M 269 29.11 -34.57 -69.57
CA GLN M 269 28.11 -34.69 -70.61
C GLN M 269 26.71 -34.51 -70.00
N PRO M 270 25.72 -34.10 -70.80
CA PRO M 270 24.35 -33.95 -70.26
C PRO M 270 23.73 -35.27 -69.82
N CYS M 271 22.55 -35.19 -69.20
CA CYS M 271 21.93 -36.32 -68.54
C CYS M 271 20.66 -36.73 -69.26
N VAL M 272 20.54 -38.01 -69.59
CA VAL M 272 19.30 -38.51 -70.19
C VAL M 272 18.24 -38.82 -69.14
N VAL M 273 18.64 -38.92 -67.87
CA VAL M 273 17.71 -39.06 -66.76
C VAL M 273 17.76 -37.73 -66.00
N PRO M 274 16.77 -37.39 -65.18
CA PRO M 274 16.90 -36.21 -64.32
C PRO M 274 18.08 -36.39 -63.36
N PRO M 275 18.79 -35.31 -63.04
CA PRO M 275 19.99 -35.46 -62.21
C PRO M 275 19.64 -35.72 -60.75
N LYS M 276 20.63 -36.24 -60.03
CA LYS M 276 20.45 -36.52 -58.60
C LYS M 276 20.32 -35.20 -57.85
N PRO M 277 19.30 -35.05 -56.99
CA PRO M 277 19.20 -33.85 -56.16
C PRO M 277 20.37 -33.75 -55.21
N TRP M 278 20.90 -32.52 -55.06
CA TRP M 278 21.98 -32.28 -54.12
C TRP M 278 21.44 -32.33 -52.71
N THR M 279 21.93 -33.28 -51.91
CA THR M 279 21.60 -33.37 -50.50
C THR M 279 22.78 -33.10 -49.60
N GLY M 280 24.00 -33.08 -50.14
CA GLY M 280 25.19 -32.73 -49.39
C GLY M 280 26.12 -31.88 -50.24
N ILE M 281 27.36 -31.72 -49.80
CA ILE M 281 28.32 -30.89 -50.53
C ILE M 281 29.04 -31.67 -51.63
N THR M 282 28.98 -33.00 -51.62
CA THR M 282 29.47 -33.83 -52.70
C THR M 282 28.40 -34.85 -53.07
N GLY M 283 28.61 -35.51 -54.21
CA GLY M 283 27.80 -36.64 -54.61
C GLY M 283 26.60 -36.32 -55.48
N GLY M 284 26.20 -35.05 -55.56
CA GLY M 284 25.04 -34.70 -56.33
C GLY M 284 25.31 -34.64 -57.83
N GLY M 285 24.22 -34.49 -58.59
CA GLY M 285 24.34 -34.40 -60.04
C GLY M 285 24.35 -35.75 -60.71
N TYR M 286 25.54 -36.24 -61.05
CA TYR M 286 25.68 -37.56 -61.64
C TYR M 286 25.45 -38.64 -60.58
N TRP M 287 24.71 -39.68 -60.96
CA TRP M 287 24.25 -40.67 -60.00
C TRP M 287 25.36 -41.63 -59.59
N ALA M 288 26.20 -42.05 -60.53
CA ALA M 288 27.24 -43.02 -60.23
C ALA M 288 28.36 -42.38 -59.43
N ASN M 289 29.04 -43.20 -58.63
CA ASN M 289 30.26 -42.79 -57.97
C ASN M 289 31.32 -42.46 -59.02
N GLY M 290 32.34 -41.71 -58.61
CA GLY M 290 33.33 -41.22 -59.55
C GLY M 290 34.73 -41.26 -58.99
N ARG M 291 35.70 -41.38 -59.89
CA ARG M 291 37.10 -41.13 -59.52
C ARG M 291 37.26 -39.67 -59.09
N ARG M 292 36.67 -38.75 -59.84
CA ARG M 292 36.51 -37.38 -59.39
C ARG M 292 35.07 -37.17 -58.97
N PRO M 293 34.80 -36.76 -57.74
CA PRO M 293 33.42 -36.42 -57.35
C PRO M 293 33.07 -35.00 -57.76
N LEU M 294 31.77 -34.75 -57.82
CA LEU M 294 31.26 -33.43 -58.11
C LEU M 294 31.06 -32.66 -56.80
N ALA M 295 31.49 -31.41 -56.80
CA ALA M 295 31.37 -30.55 -55.62
C ALA M 295 30.21 -29.58 -55.81
N LEU M 296 29.47 -29.36 -54.73
CA LEU M 296 28.39 -28.38 -54.76
C LEU M 296 28.93 -26.96 -54.95
N VAL M 297 30.14 -26.69 -54.45
CA VAL M 297 30.78 -25.40 -54.63
C VAL M 297 32.17 -25.66 -55.22
N ARG M 298 32.49 -24.96 -56.31
CA ARG M 298 33.82 -25.06 -56.93
C ARG M 298 34.78 -24.20 -56.13
N THR M 299 35.63 -24.86 -55.33
CA THR M 299 36.62 -24.17 -54.52
C THR M 299 38.03 -24.50 -54.99
N HIS M 300 38.92 -23.51 -54.91
CA HIS M 300 40.32 -23.75 -55.25
C HIS M 300 41.01 -24.65 -54.23
N SER M 301 40.53 -24.65 -52.99
CA SER M 301 41.09 -25.49 -51.94
C SER M 301 40.04 -26.46 -51.42
N LYS M 302 40.49 -27.63 -50.98
CA LYS M 302 39.58 -28.60 -50.38
C LYS M 302 39.03 -28.09 -49.05
N LYS M 303 39.81 -27.29 -48.33
CA LYS M 303 39.37 -26.76 -47.04
C LYS M 303 38.18 -25.82 -47.19
N ALA M 304 38.18 -24.98 -48.24
CA ALA M 304 37.06 -24.08 -48.47
C ALA M 304 35.78 -24.84 -48.81
N LEU M 305 35.91 -25.99 -49.49
CA LEU M 305 34.75 -26.85 -49.71
C LEU M 305 34.23 -27.43 -48.40
N MET M 306 35.15 -27.78 -47.49
CA MET M 306 34.76 -28.43 -46.24
C MET M 306 34.01 -27.50 -45.30
N ARG M 307 34.07 -26.19 -45.51
CA ARG M 307 33.32 -25.27 -44.68
C ARG M 307 31.82 -25.41 -44.88
N TYR M 308 31.40 -25.78 -46.09
CA TYR M 308 29.99 -25.86 -46.44
C TYR M 308 29.31 -27.13 -45.93
N GLU M 309 30.09 -28.12 -45.45
CA GLU M 309 29.49 -29.37 -45.03
C GLU M 309 28.65 -29.21 -43.76
N ASP M 310 28.96 -28.21 -42.93
CA ASP M 310 28.17 -27.93 -41.74
C ASP M 310 27.11 -26.87 -41.98
N VAL M 311 27.16 -26.17 -43.10
CA VAL M 311 26.26 -25.05 -43.35
C VAL M 311 24.88 -25.58 -43.73
N TYR M 312 23.86 -25.12 -43.02
CA TYR M 312 22.47 -25.45 -43.32
C TYR M 312 21.90 -24.34 -44.19
N MET M 313 21.69 -24.64 -45.48
CA MET M 313 21.26 -23.66 -46.47
C MET M 313 20.06 -24.23 -47.22
N PRO M 314 18.88 -24.26 -46.57
CA PRO M 314 17.72 -24.94 -47.19
C PRO M 314 17.25 -24.30 -48.50
N GLU M 315 17.31 -22.98 -48.62
CA GLU M 315 16.85 -22.31 -49.82
C GLU M 315 17.83 -22.46 -50.98
N VAL M 316 19.12 -22.60 -50.68
CA VAL M 316 20.12 -22.79 -51.72
C VAL M 316 19.98 -24.16 -52.37
N TYR M 317 19.80 -25.21 -51.54
CA TYR M 317 19.74 -26.57 -52.04
C TYR M 317 18.52 -26.78 -52.94
N LYS M 318 17.38 -26.21 -52.57
CA LYS M 318 16.18 -26.33 -53.38
C LYS M 318 16.36 -25.65 -54.74
N ALA M 319 17.05 -24.51 -54.76
CA ALA M 319 17.25 -23.77 -56.01
C ALA M 319 18.11 -24.55 -56.99
N ILE M 320 19.14 -25.24 -56.50
CA ILE M 320 20.02 -26.01 -57.37
C ILE M 320 19.27 -27.21 -57.95
N ASN M 321 18.52 -27.93 -57.10
CA ASN M 321 17.75 -29.08 -57.57
C ASN M 321 16.66 -28.68 -58.54
N ILE M 322 16.10 -27.48 -58.37
CA ILE M 322 15.10 -26.95 -59.30
C ILE M 322 15.72 -26.75 -60.68
N ALA M 323 16.93 -26.18 -60.71
CA ALA M 323 17.62 -25.95 -61.98
C ALA M 323 17.96 -27.26 -62.67
N GLN M 324 18.40 -28.26 -61.91
CA GLN M 324 18.72 -29.56 -62.48
C GLN M 324 17.47 -30.27 -62.99
N ASN M 325 16.36 -30.12 -62.28
CA ASN M 325 15.11 -30.78 -62.66
C ASN M 325 14.51 -30.21 -63.94
N THR M 326 15.02 -29.09 -64.44
CA THR M 326 14.51 -28.51 -65.67
C THR M 326 14.89 -29.40 -66.86
N ALA M 327 13.88 -29.79 -67.63
CA ALA M 327 14.07 -30.72 -68.74
C ALA M 327 14.31 -29.96 -70.04
N TRP M 328 15.35 -30.36 -70.76
CA TRP M 328 15.74 -29.73 -72.01
C TRP M 328 15.61 -30.72 -73.16
N LYS M 329 15.36 -30.20 -74.36
CA LYS M 329 15.41 -30.99 -75.58
C LYS M 329 16.14 -30.20 -76.65
N ILE M 330 16.66 -30.92 -77.64
CA ILE M 330 17.51 -30.31 -78.65
C ILE M 330 16.64 -29.97 -79.86
N ASN M 331 16.63 -28.69 -80.22
CA ASN M 331 15.82 -28.20 -81.34
C ASN M 331 16.40 -28.75 -82.63
N LYS M 332 15.73 -29.76 -83.20
CA LYS M 332 16.22 -30.41 -84.41
C LYS M 332 16.19 -29.48 -85.60
N LYS M 333 15.28 -28.50 -85.60
CA LYS M 333 15.13 -27.61 -86.75
C LYS M 333 16.35 -26.73 -86.95
N VAL M 334 16.88 -26.16 -85.86
CA VAL M 334 18.10 -25.37 -85.99
C VAL M 334 19.34 -26.25 -86.09
N LEU M 335 19.28 -27.49 -85.58
CA LEU M 335 20.39 -28.42 -85.77
C LEU M 335 20.51 -28.85 -87.22
N ALA M 336 19.37 -29.09 -87.88
CA ALA M 336 19.38 -29.42 -89.30
C ALA M 336 19.91 -28.26 -90.13
N VAL M 337 19.56 -27.02 -89.74
CA VAL M 337 20.11 -25.85 -90.41
C VAL M 337 21.61 -25.75 -90.16
N ALA M 338 22.03 -25.94 -88.90
CA ALA M 338 23.43 -25.75 -88.54
C ALA M 338 24.33 -26.79 -89.21
N ASN M 339 23.83 -28.02 -89.43
CA ASN M 339 24.67 -29.10 -89.91
C ASN M 339 25.23 -28.85 -91.31
N VAL M 340 24.55 -28.04 -92.12
CA VAL M 340 25.04 -27.79 -93.48
C VAL M 340 25.93 -26.54 -93.53
N ILE M 341 25.53 -25.44 -92.86
CA ILE M 341 26.31 -24.20 -92.99
C ILE M 341 27.65 -24.32 -92.28
N THR M 342 27.75 -25.14 -91.22
CA THR M 342 29.05 -25.38 -90.62
C THR M 342 29.98 -26.16 -91.55
N LYS M 343 29.42 -27.01 -92.40
CA LYS M 343 30.24 -27.73 -93.37
C LYS M 343 30.70 -26.85 -94.52
N TRP M 344 30.10 -25.68 -94.71
CA TRP M 344 30.47 -24.79 -95.80
C TRP M 344 31.34 -23.62 -95.35
N LYS M 345 31.13 -23.09 -94.14
CA LYS M 345 31.90 -21.97 -93.64
C LYS M 345 32.49 -22.32 -92.28
N HIS M 346 33.62 -21.70 -91.97
CA HIS M 346 34.30 -21.96 -90.70
C HIS M 346 33.46 -21.51 -89.52
N CYS M 347 32.98 -20.27 -89.55
CA CYS M 347 31.96 -19.79 -88.64
C CYS M 347 30.74 -19.41 -89.47
N PRO M 348 29.59 -20.06 -89.24
CA PRO M 348 28.48 -19.95 -90.21
C PRO M 348 27.93 -18.56 -90.44
N VAL M 349 27.94 -17.69 -89.43
CA VAL M 349 27.32 -16.38 -89.54
C VAL M 349 28.34 -15.26 -89.65
N GLU M 350 29.63 -15.60 -89.77
CA GLU M 350 30.67 -14.58 -89.72
C GLU M 350 30.76 -13.78 -91.02
N ASP M 351 30.60 -14.44 -92.18
CA ASP M 351 30.74 -13.78 -93.48
C ASP M 351 29.53 -14.10 -94.34
N ILE M 352 28.51 -13.25 -94.29
CA ILE M 352 27.30 -13.37 -95.10
C ILE M 352 27.34 -12.29 -96.16
N PRO M 353 27.29 -12.64 -97.45
CA PRO M 353 27.17 -11.60 -98.49
C PRO M 353 25.86 -10.84 -98.34
N ALA M 354 25.95 -9.51 -98.41
CA ALA M 354 24.80 -8.65 -98.25
C ALA M 354 25.11 -7.29 -98.88
N ILE M 355 24.09 -6.46 -98.96
CA ILE M 355 24.23 -5.12 -99.53
C ILE M 355 25.03 -4.22 -98.60
N GLU M 372 56.06 6.44 -86.11
CA GLU M 372 55.03 5.71 -85.37
C GLU M 372 54.11 4.97 -86.32
N ALA M 373 54.01 5.46 -87.55
CA ALA M 373 53.16 4.82 -88.56
C ALA M 373 53.69 3.47 -89.00
N LEU M 374 54.99 3.21 -88.82
CA LEU M 374 55.52 1.90 -89.17
C LEU M 374 55.02 0.83 -88.21
N THR M 375 54.93 1.14 -86.91
CA THR M 375 54.34 0.20 -85.97
C THR M 375 52.84 0.03 -86.22
N ALA M 376 52.20 1.03 -86.84
CA ALA M 376 50.76 0.98 -87.06
C ALA M 376 50.35 -0.18 -87.94
N TRP M 377 51.12 -0.45 -89.00
CA TRP M 377 50.85 -1.62 -89.81
C TRP M 377 51.32 -2.91 -89.12
N LYS M 378 52.21 -2.81 -88.12
CA LYS M 378 52.70 -4.01 -87.47
C LYS M 378 51.70 -4.55 -86.45
N ARG M 379 51.01 -3.67 -85.72
CA ARG M 379 49.94 -4.15 -84.85
C ARG M 379 48.71 -4.55 -85.64
N ALA M 380 48.51 -3.96 -86.82
CA ALA M 380 47.50 -4.47 -87.75
C ALA M 380 47.88 -5.86 -88.24
N ALA M 381 49.19 -6.08 -88.49
CA ALA M 381 49.65 -7.41 -88.86
C ALA M 381 49.60 -8.37 -87.68
N ALA M 382 49.66 -7.84 -86.45
CA ALA M 382 49.48 -8.69 -85.28
C ALA M 382 48.02 -9.05 -85.05
N ALA M 383 47.10 -8.21 -85.51
CA ALA M 383 45.68 -8.47 -85.30
C ALA M 383 45.20 -9.68 -86.10
N VAL M 384 45.67 -9.82 -87.35
CA VAL M 384 45.24 -10.93 -88.20
C VAL M 384 45.82 -12.24 -87.70
N TYR M 385 47.07 -12.22 -87.22
CA TYR M 385 47.67 -13.44 -86.65
C TYR M 385 46.91 -13.88 -85.40
N ARG M 386 46.53 -12.92 -84.55
CA ARG M 386 45.63 -13.24 -83.45
C ARG M 386 44.28 -13.74 -83.96
N LYS M 387 43.75 -13.08 -85.00
CA LYS M 387 42.49 -13.51 -85.59
C LYS M 387 42.61 -14.87 -86.25
N ASP M 388 43.78 -15.21 -86.77
CA ASP M 388 44.02 -16.57 -87.25
C ASP M 388 43.94 -17.56 -86.10
N LYS M 389 44.55 -17.23 -84.96
CA LYS M 389 44.42 -18.07 -83.77
C LYS M 389 43.01 -18.03 -83.19
N ALA M 390 42.23 -17.01 -83.51
CA ALA M 390 40.83 -16.97 -83.10
C ALA M 390 40.01 -18.02 -83.84
N ARG M 391 40.16 -18.08 -85.17
CA ARG M 391 39.28 -18.90 -85.99
C ARG M 391 39.42 -20.39 -85.70
N LYS M 392 40.65 -20.86 -85.46
CA LYS M 392 40.84 -22.26 -85.08
C LYS M 392 40.26 -22.53 -83.69
N SER M 393 40.37 -21.56 -82.78
CA SER M 393 39.88 -21.74 -81.42
C SER M 393 38.35 -21.79 -81.38
N ARG M 394 37.69 -20.97 -82.19
CA ARG M 394 36.23 -21.03 -82.26
C ARG M 394 35.76 -22.30 -82.97
N ARG M 395 36.52 -22.75 -83.97
CA ARG M 395 36.09 -23.90 -84.77
C ARG M 395 36.09 -25.18 -83.96
N ILE M 396 37.12 -25.39 -83.11
CA ILE M 396 37.18 -26.62 -82.34
C ILE M 396 36.08 -26.67 -81.29
N SER M 397 35.73 -25.53 -80.71
CA SER M 397 34.58 -25.48 -79.81
C SER M 397 33.28 -25.66 -80.57
N LEU M 398 33.20 -25.10 -81.78
CA LEU M 398 31.99 -25.18 -82.60
C LEU M 398 31.67 -26.63 -82.95
N GLU M 399 32.68 -27.40 -83.35
CA GLU M 399 32.45 -28.78 -83.76
C GLU M 399 32.07 -29.65 -82.57
N PHE M 400 32.64 -29.38 -81.39
CA PHE M 400 32.34 -30.20 -80.22
C PHE M 400 30.89 -30.03 -79.78
N MET M 401 30.37 -28.81 -79.78
CA MET M 401 28.97 -28.60 -79.41
C MET M 401 28.04 -29.22 -80.44
N LEU M 402 28.42 -29.18 -81.71
CA LEU M 402 27.62 -29.81 -82.75
C LEU M 402 27.57 -31.32 -82.59
N GLU M 403 28.69 -31.93 -82.19
CA GLU M 403 28.72 -33.38 -81.98
C GLU M 403 27.82 -33.80 -80.85
N GLN M 404 27.83 -33.05 -79.74
CA GLN M 404 26.94 -33.36 -78.62
C GLN M 404 25.48 -33.12 -78.99
N ALA M 405 25.20 -32.04 -79.72
CA ALA M 405 23.84 -31.76 -80.17
C ALA M 405 23.35 -32.85 -81.12
N ASN M 406 24.23 -33.32 -82.01
CA ASN M 406 23.85 -34.41 -82.92
C ASN M 406 23.70 -35.72 -82.17
N LYS M 407 24.55 -35.95 -81.14
CA LYS M 407 24.52 -37.21 -80.41
C LYS M 407 23.22 -37.39 -79.65
N PHE M 408 22.75 -36.34 -78.97
CA PHE M 408 21.57 -36.45 -78.12
C PHE M 408 20.28 -36.08 -78.82
N ALA M 409 20.32 -35.72 -80.12
CA ALA M 409 19.16 -35.18 -80.81
C ALA M 409 18.00 -36.16 -80.87
N ASN M 410 18.29 -37.47 -80.80
CA ASN M 410 17.22 -38.47 -80.76
C ASN M 410 16.58 -38.58 -79.38
N HIS M 411 17.23 -38.06 -78.33
CA HIS M 411 16.70 -38.21 -76.98
C HIS M 411 15.48 -37.33 -76.77
N LYS M 412 14.53 -37.86 -76.00
CA LYS M 412 13.26 -37.18 -75.79
C LYS M 412 13.39 -36.01 -74.81
N ALA M 413 14.29 -36.13 -73.84
CA ALA M 413 14.61 -35.05 -72.94
C ALA M 413 16.03 -35.24 -72.43
N ILE M 414 16.74 -34.14 -72.23
CA ILE M 414 18.07 -34.18 -71.63
C ILE M 414 18.09 -33.21 -70.46
N TRP M 415 18.91 -33.54 -69.47
CA TRP M 415 18.99 -32.78 -68.24
C TRP M 415 20.44 -32.36 -67.99
N PHE M 416 20.60 -31.31 -67.20
CA PHE M 416 21.92 -30.78 -66.92
C PHE M 416 22.14 -30.70 -65.41
N PRO M 417 23.28 -31.18 -64.91
CA PRO M 417 23.64 -30.91 -63.51
C PRO M 417 24.10 -29.48 -63.34
N TYR M 418 23.86 -28.94 -62.14
CA TYR M 418 24.22 -27.56 -61.83
C TYR M 418 24.98 -27.52 -60.50
N ASN M 419 26.04 -26.72 -60.47
CA ASN M 419 26.77 -26.44 -59.24
C ASN M 419 27.14 -24.96 -59.23
N MET M 420 27.87 -24.53 -58.19
CA MET M 420 28.13 -23.12 -57.97
C MET M 420 29.63 -22.88 -57.81
N ASP M 421 30.05 -21.67 -58.15
CA ASP M 421 31.42 -21.24 -57.85
C ASP M 421 31.50 -20.80 -56.40
N TRP M 422 32.68 -20.31 -55.99
CA TRP M 422 32.89 -19.96 -54.59
C TRP M 422 32.09 -18.73 -54.16
N ARG M 423 31.62 -17.91 -55.10
CA ARG M 423 30.80 -16.76 -54.75
C ARG M 423 29.30 -17.02 -54.81
N GLY M 424 28.89 -18.11 -55.46
CA GLY M 424 27.49 -18.50 -55.48
C GLY M 424 26.77 -18.38 -56.80
N ARG M 425 27.43 -17.96 -57.86
CA ARG M 425 26.81 -17.98 -59.19
C ARG M 425 26.64 -19.42 -59.64
N VAL M 426 25.54 -19.69 -60.36
CA VAL M 426 25.14 -21.05 -60.70
C VAL M 426 25.60 -21.35 -62.12
N TYR M 427 26.39 -22.42 -62.25
CA TYR M 427 26.93 -22.86 -63.53
C TYR M 427 26.51 -24.29 -63.80
N ALA M 428 26.11 -24.56 -65.04
CA ALA M 428 25.83 -25.93 -65.45
C ALA M 428 27.14 -26.68 -65.65
N VAL M 429 27.18 -27.92 -65.13
CA VAL M 429 28.45 -28.64 -65.06
C VAL M 429 28.88 -29.22 -66.40
N SER M 430 27.96 -29.46 -67.32
CA SER M 430 28.30 -30.04 -68.61
C SER M 430 28.98 -29.02 -69.52
N MET M 431 29.85 -29.53 -70.41
CA MET M 431 30.48 -28.69 -71.41
C MET M 431 29.45 -28.10 -72.37
N PHE M 432 28.59 -28.96 -72.91
CA PHE M 432 27.47 -28.54 -73.73
C PHE M 432 26.32 -28.18 -72.80
N ASN M 433 26.12 -26.90 -72.57
CA ASN M 433 25.16 -26.41 -71.59
C ASN M 433 24.41 -25.23 -72.19
N PRO M 434 23.24 -24.89 -71.61
CA PRO M 434 22.52 -23.70 -72.08
C PRO M 434 23.19 -22.36 -71.77
N GLN M 435 24.39 -22.37 -71.18
CA GLN M 435 25.13 -21.15 -70.90
C GLN M 435 26.20 -20.85 -71.94
N GLY M 436 26.21 -21.58 -73.06
CA GLY M 436 27.23 -21.43 -74.08
C GLY M 436 27.04 -20.19 -74.94
N ASN M 437 27.45 -20.29 -76.19
CA ASN M 437 27.32 -19.17 -77.11
C ASN M 437 25.91 -19.18 -77.73
N ASP M 438 25.68 -18.28 -78.69
CA ASP M 438 24.36 -18.13 -79.30
C ASP M 438 23.94 -19.39 -80.03
N MET M 439 24.87 -20.00 -80.79
CA MET M 439 24.56 -21.25 -81.48
C MET M 439 24.28 -22.37 -80.48
N THR M 440 25.04 -22.41 -79.39
CA THR M 440 24.78 -23.39 -78.34
C THR M 440 23.42 -23.17 -77.70
N LYS M 441 23.04 -21.91 -77.49
CA LYS M 441 21.71 -21.61 -76.96
C LYS M 441 20.62 -22.03 -77.94
N GLY M 442 20.84 -21.79 -79.23
CA GLY M 442 19.80 -22.04 -80.22
C GLY M 442 19.45 -23.51 -80.36
N LEU M 443 20.46 -24.38 -80.30
CA LEU M 443 20.23 -25.82 -80.43
C LEU M 443 19.37 -26.36 -79.28
N LEU M 444 19.51 -25.79 -78.10
CA LEU M 444 18.81 -26.29 -76.92
C LEU M 444 17.52 -25.51 -76.70
N THR M 445 16.45 -26.23 -76.42
CA THR M 445 15.19 -25.64 -75.99
C THR M 445 14.66 -26.47 -74.82
N LEU M 446 13.69 -25.93 -74.10
CA LEU M 446 13.14 -26.68 -72.98
C LEU M 446 12.32 -27.86 -73.52
N ALA M 447 12.15 -28.88 -72.67
CA ALA M 447 11.42 -30.06 -73.10
C ALA M 447 9.93 -29.96 -72.80
N LYS M 448 9.58 -29.47 -71.61
CA LYS M 448 8.18 -29.28 -71.26
C LYS M 448 7.57 -28.14 -72.06
N GLY M 449 6.32 -28.29 -72.43
CA GLY M 449 5.64 -27.27 -73.20
C GLY M 449 4.17 -27.10 -72.84
N LYS M 450 3.72 -25.85 -72.78
CA LYS M 450 2.34 -25.52 -72.49
C LYS M 450 1.78 -24.66 -73.61
N PRO M 451 0.46 -24.70 -73.85
CA PRO M 451 -0.14 -23.84 -74.88
C PRO M 451 0.15 -22.36 -74.62
N ILE M 452 0.48 -21.65 -75.68
CA ILE M 452 1.20 -20.38 -75.54
C ILE M 452 0.29 -19.28 -74.99
N GLY M 453 -0.99 -19.28 -75.37
CA GLY M 453 -1.88 -18.19 -75.00
C GLY M 453 -1.50 -16.87 -75.67
N LYS M 454 -2.32 -15.86 -75.40
CA LYS M 454 -2.05 -14.54 -75.97
C LYS M 454 -0.84 -13.89 -75.29
N GLU M 455 -0.76 -13.99 -73.95
CA GLU M 455 0.33 -13.35 -73.23
C GLU M 455 1.66 -14.04 -73.49
N GLY M 456 1.66 -15.37 -73.65
CA GLY M 456 2.88 -16.06 -74.02
C GLY M 456 3.32 -15.75 -75.43
N TYR M 457 2.36 -15.67 -76.36
CA TYR M 457 2.67 -15.23 -77.71
C TYR M 457 3.04 -13.75 -77.77
N TYR M 458 2.60 -12.97 -76.78
CA TYR M 458 3.10 -11.61 -76.64
C TYR M 458 4.58 -11.60 -76.27
N TRP M 459 4.96 -12.41 -75.28
CA TRP M 459 6.34 -12.43 -74.81
C TRP M 459 7.28 -13.10 -75.81
N LEU M 460 6.76 -13.96 -76.69
CA LEU M 460 7.58 -14.57 -77.73
C LEU M 460 8.09 -13.52 -78.71
N LYS M 461 7.27 -12.50 -78.99
CA LYS M 461 7.71 -11.41 -79.87
C LYS M 461 8.83 -10.60 -79.24
N ILE M 462 8.75 -10.36 -77.92
CA ILE M 462 9.77 -9.56 -77.24
C ILE M 462 11.12 -10.26 -77.29
N HIS M 463 11.13 -11.57 -77.07
CA HIS M 463 12.36 -12.35 -77.14
C HIS M 463 12.95 -12.33 -78.55
N GLY M 464 12.09 -12.38 -79.57
CA GLY M 464 12.58 -12.24 -80.93
C GLY M 464 13.17 -10.87 -81.19
N ALA M 465 12.57 -9.84 -80.62
CA ALA M 465 13.16 -8.50 -80.68
C ALA M 465 14.45 -8.41 -79.87
N ASN M 466 14.53 -9.17 -78.77
CA ASN M 466 15.75 -9.22 -77.99
C ASN M 466 16.89 -9.85 -78.78
N CYS M 467 16.60 -10.92 -79.51
CA CYS M 467 17.62 -11.57 -80.33
C CYS M 467 18.03 -10.70 -81.52
N ALA M 468 17.11 -9.88 -82.02
CA ALA M 468 17.39 -9.06 -83.19
C ALA M 468 18.12 -7.76 -82.88
N GLY M 469 18.21 -7.36 -81.62
CA GLY M 469 18.81 -6.09 -81.26
C GLY M 469 17.82 -4.97 -81.03
N VAL M 470 16.52 -5.27 -80.92
CA VAL M 470 15.50 -4.25 -80.69
C VAL M 470 15.20 -4.14 -79.18
N ASP M 471 16.02 -4.78 -78.34
CA ASP M 471 15.91 -4.73 -76.90
C ASP M 471 16.13 -3.33 -76.32
N LYS M 472 16.65 -2.39 -77.10
CA LYS M 472 16.99 -1.05 -76.60
C LYS M 472 15.83 -0.06 -76.77
N VAL M 473 14.67 -0.52 -77.22
CA VAL M 473 13.54 0.32 -77.55
C VAL M 473 12.38 -0.09 -76.64
N PRO M 474 11.42 0.79 -76.40
CA PRO M 474 10.25 0.41 -75.58
C PRO M 474 9.43 -0.73 -76.16
N PHE M 475 8.65 -1.34 -75.26
CA PHE M 475 7.86 -2.55 -75.55
C PHE M 475 6.93 -2.46 -76.75
N PRO M 476 6.08 -1.43 -76.92
CA PRO M 476 5.20 -1.44 -78.10
C PRO M 476 5.93 -1.27 -79.43
N GLU M 477 7.16 -0.72 -79.42
CA GLU M 477 7.94 -0.64 -80.64
C GLU M 477 8.56 -1.99 -80.99
N ARG M 478 8.87 -2.82 -79.98
CA ARG M 478 9.35 -4.18 -80.26
C ARG M 478 8.26 -5.01 -80.91
N ILE M 479 7.01 -4.82 -80.50
CA ILE M 479 5.88 -5.49 -81.15
C ILE M 479 5.78 -5.07 -82.61
N LYS M 480 5.98 -3.79 -82.88
CA LYS M 480 5.90 -3.28 -84.24
C LYS M 480 6.99 -3.86 -85.14
N PHE M 481 8.19 -4.07 -84.58
CA PHE M 481 9.30 -4.59 -85.37
C PHE M 481 9.03 -6.01 -85.86
N ILE M 482 8.44 -6.86 -85.01
CA ILE M 482 8.18 -8.24 -85.40
C ILE M 482 7.12 -8.28 -86.51
N GLU M 483 6.12 -7.42 -86.43
CA GLU M 483 5.00 -7.50 -87.37
C GLU M 483 5.27 -6.81 -88.71
N GLU M 484 6.12 -5.78 -88.73
CA GLU M 484 6.55 -5.22 -90.01
C GLU M 484 7.36 -6.24 -90.80
N ASN M 485 8.20 -7.00 -90.11
CA ASN M 485 9.07 -8.00 -90.73
C ASN M 485 8.44 -9.39 -90.75
N HIS M 486 7.11 -9.49 -90.69
CA HIS M 486 6.44 -10.77 -90.50
C HIS M 486 6.70 -11.73 -91.65
N GLU M 487 6.70 -11.21 -92.89
CA GLU M 487 6.99 -12.07 -94.04
C GLU M 487 8.43 -12.54 -94.04
N ASN M 488 9.34 -11.77 -93.43
CA ASN M 488 10.73 -12.20 -93.32
C ASN M 488 10.89 -13.34 -92.32
N ILE M 489 10.10 -13.32 -91.24
CA ILE M 489 10.19 -14.39 -90.24
C ILE M 489 9.69 -15.71 -90.80
N MET M 490 8.56 -15.68 -91.54
CA MET M 490 8.00 -16.92 -92.07
C MET M 490 8.84 -17.48 -93.21
N ALA M 491 9.47 -16.62 -94.00
CA ALA M 491 10.35 -17.09 -95.07
C ALA M 491 11.57 -17.79 -94.50
N CYS M 492 12.12 -17.27 -93.40
CA CYS M 492 13.26 -17.92 -92.76
C CYS M 492 12.84 -19.24 -92.13
N ALA M 493 11.61 -19.32 -91.60
CA ALA M 493 11.13 -20.58 -91.05
C ALA M 493 10.86 -21.61 -92.14
N LYS M 494 10.37 -21.15 -93.30
CA LYS M 494 10.01 -22.08 -94.37
C LYS M 494 11.24 -22.64 -95.06
N SER M 495 12.13 -21.75 -95.53
CA SER M 495 13.36 -22.16 -96.22
C SER M 495 14.52 -21.41 -95.59
N PRO M 496 15.06 -21.94 -94.48
CA PRO M 496 16.16 -21.24 -93.79
C PRO M 496 17.43 -21.12 -94.61
N LEU M 497 17.69 -22.07 -95.50
CA LEU M 497 18.88 -22.00 -96.34
C LEU M 497 18.72 -20.97 -97.44
N GLU M 498 17.48 -20.68 -97.86
CA GLU M 498 17.22 -19.77 -98.95
C GLU M 498 16.99 -18.33 -98.50
N ASN M 499 17.09 -18.06 -97.20
CA ASN M 499 16.95 -16.70 -96.68
C ASN M 499 18.00 -16.49 -95.59
N THR M 500 18.87 -15.51 -95.80
CA THR M 500 19.96 -15.21 -94.87
C THR M 500 19.62 -14.07 -93.92
N TRP M 501 18.34 -13.72 -93.79
CA TRP M 501 17.96 -12.58 -92.96
C TRP M 501 18.13 -12.90 -91.47
N TRP M 502 17.84 -14.14 -91.07
CA TRP M 502 18.00 -14.50 -89.67
C TRP M 502 19.46 -14.52 -89.25
N ALA M 503 20.37 -14.83 -90.19
CA ALA M 503 21.80 -14.83 -89.88
C ALA M 503 22.33 -13.42 -89.63
N GLU M 504 21.66 -12.41 -90.20
CA GLU M 504 22.13 -11.03 -90.05
C GLU M 504 21.89 -10.47 -88.66
N GLN M 505 20.94 -11.03 -87.92
CA GLN M 505 20.58 -10.49 -86.61
C GLN M 505 21.71 -10.76 -85.61
N ASP M 506 21.61 -10.07 -84.46
CA ASP M 506 22.71 -10.08 -83.48
C ASP M 506 22.86 -11.44 -82.80
N SER M 507 21.77 -12.17 -82.60
CA SER M 507 21.80 -13.52 -82.05
C SER M 507 21.08 -14.42 -83.06
N PRO M 508 21.75 -14.79 -84.15
CA PRO M 508 21.04 -15.44 -85.27
C PRO M 508 20.42 -16.79 -84.94
N PHE M 509 21.15 -17.69 -84.27
CA PHE M 509 20.63 -19.02 -84.03
C PHE M 509 19.51 -19.02 -82.99
N CYS M 510 19.54 -18.08 -82.05
CA CYS M 510 18.38 -17.88 -81.18
C CYS M 510 17.24 -17.22 -81.93
N PHE M 511 17.56 -16.31 -82.85
CA PHE M 511 16.53 -15.68 -83.67
C PHE M 511 15.90 -16.68 -84.63
N LEU M 512 16.71 -17.58 -85.19
CA LEU M 512 16.17 -18.61 -86.08
C LEU M 512 15.25 -19.56 -85.32
N ALA M 513 15.62 -19.92 -84.09
CA ALA M 513 14.73 -20.72 -83.26
C ALA M 513 13.45 -19.97 -82.92
N PHE M 514 13.55 -18.65 -82.76
CA PHE M 514 12.35 -17.82 -82.59
C PHE M 514 11.50 -17.84 -83.85
N CYS M 515 12.14 -17.85 -85.03
CA CYS M 515 11.40 -17.90 -86.29
C CYS M 515 10.60 -19.19 -86.41
N PHE M 516 11.18 -20.32 -85.98
CA PHE M 516 10.48 -21.59 -86.04
C PHE M 516 9.29 -21.61 -85.08
N GLU M 517 9.46 -21.03 -83.88
CA GLU M 517 8.37 -21.00 -82.91
C GLU M 517 7.32 -19.95 -83.23
N TYR M 518 7.67 -18.90 -83.99
CA TYR M 518 6.65 -18.02 -84.55
C TYR M 518 5.74 -18.79 -85.49
N ALA M 519 6.34 -19.50 -86.46
CA ALA M 519 5.57 -20.15 -87.50
C ALA M 519 4.71 -21.28 -86.95
N GLY M 520 5.13 -21.88 -85.84
CA GLY M 520 4.28 -22.86 -85.18
C GLY M 520 3.01 -22.26 -84.62
N VAL M 521 3.09 -21.01 -84.13
CA VAL M 521 1.91 -20.33 -83.62
C VAL M 521 0.94 -20.02 -84.76
N GLN M 522 1.46 -19.48 -85.87
CA GLN M 522 0.58 -19.09 -86.97
C GLN M 522 0.06 -20.28 -87.77
N HIS M 523 0.69 -21.45 -87.64
CA HIS M 523 0.20 -22.64 -88.33
C HIS M 523 -0.83 -23.42 -87.51
N HIS M 524 -0.77 -23.33 -86.18
CA HIS M 524 -1.65 -24.11 -85.32
C HIS M 524 -2.48 -23.27 -84.36
N GLY M 525 -2.27 -21.95 -84.31
CA GLY M 525 -3.04 -21.12 -83.40
C GLY M 525 -2.34 -20.89 -82.08
N LEU M 526 -3.06 -20.22 -81.18
CA LEU M 526 -2.56 -20.00 -79.82
C LEU M 526 -2.53 -21.27 -78.99
N SER M 527 -3.21 -22.33 -79.43
CA SER M 527 -3.20 -23.60 -78.72
C SER M 527 -1.91 -24.38 -78.89
N TYR M 528 -1.08 -24.01 -79.86
CA TYR M 528 0.18 -24.70 -80.11
C TYR M 528 1.13 -24.45 -78.94
N ASN M 529 1.66 -25.52 -78.37
CA ASN M 529 2.55 -25.38 -77.24
C ASN M 529 3.96 -25.03 -77.70
N CYS M 530 4.59 -24.10 -77.00
CA CYS M 530 5.93 -23.65 -77.32
C CYS M 530 6.83 -23.97 -76.14
N SER M 531 7.94 -24.65 -76.41
CA SER M 531 8.89 -25.03 -75.39
C SER M 531 10.16 -24.18 -75.45
N LEU M 532 10.13 -23.07 -76.17
CA LEU M 532 11.32 -22.24 -76.29
C LEU M 532 11.58 -21.49 -74.99
N PRO M 533 12.84 -21.35 -74.60
CA PRO M 533 13.17 -20.45 -73.48
C PRO M 533 13.03 -18.99 -73.88
N LEU M 534 12.65 -18.15 -72.90
CA LEU M 534 12.41 -16.72 -73.11
C LEU M 534 13.17 -15.93 -72.05
N ALA M 535 14.26 -15.31 -72.46
CA ALA M 535 15.20 -14.71 -71.54
C ALA M 535 14.83 -13.27 -71.22
N PHE M 536 15.01 -12.90 -69.94
CA PHE M 536 14.82 -11.53 -69.46
C PHE M 536 16.10 -11.14 -68.74
N ASP M 537 16.75 -10.07 -69.22
CA ASP M 537 18.11 -9.74 -68.80
C ASP M 537 18.16 -8.33 -68.23
N GLY M 538 18.71 -8.21 -67.02
CA GLY M 538 18.87 -6.90 -66.41
C GLY M 538 19.85 -6.03 -67.17
N SER M 539 19.62 -4.71 -67.09
CA SER M 539 20.43 -3.77 -67.86
C SER M 539 21.87 -3.75 -67.37
N CYS M 540 22.08 -3.58 -66.07
CA CYS M 540 23.40 -3.69 -65.46
C CYS M 540 23.17 -4.17 -64.02
N SER M 541 23.32 -5.48 -63.81
CA SER M 541 22.90 -6.09 -62.55
C SER M 541 23.76 -5.60 -61.39
N GLY M 542 25.05 -5.35 -61.61
CA GLY M 542 25.89 -4.83 -60.56
C GLY M 542 25.48 -3.44 -60.12
N ILE M 543 25.23 -2.55 -61.09
CA ILE M 543 24.75 -1.21 -60.76
C ILE M 543 23.32 -1.27 -60.24
N GLN M 544 22.53 -2.24 -60.72
CA GLN M 544 21.18 -2.43 -60.19
C GLN M 544 21.22 -2.82 -58.72
N HIS M 545 22.15 -3.71 -58.35
CA HIS M 545 22.25 -4.14 -56.96
C HIS M 545 22.84 -3.04 -56.07
N PHE M 546 23.85 -2.34 -56.58
CA PHE M 546 24.48 -1.27 -55.80
C PHE M 546 23.52 -0.11 -55.56
N SER M 547 22.66 0.19 -56.53
CA SER M 547 21.63 1.20 -56.32
C SER M 547 20.52 0.68 -55.39
N ALA M 548 20.33 -0.63 -55.34
CA ALA M 548 19.23 -1.22 -54.56
C ALA M 548 19.53 -1.26 -53.07
N MET M 549 20.80 -1.41 -52.69
CA MET M 549 21.12 -1.42 -51.26
C MET M 549 21.05 -0.02 -50.66
N LEU M 550 21.58 0.97 -51.37
CA LEU M 550 21.72 2.33 -50.88
C LEU M 550 20.61 3.26 -51.34
N ARG M 551 19.62 2.74 -52.09
CA ARG M 551 18.40 3.47 -52.44
C ARG M 551 18.68 4.68 -53.33
N ASP M 552 19.66 4.54 -54.21
CA ASP M 552 20.09 5.66 -55.05
C ASP M 552 19.09 5.86 -56.18
N GLU M 553 18.32 6.94 -56.10
CA GLU M 553 17.30 7.22 -57.11
C GLU M 553 17.94 7.57 -58.45
N VAL M 554 19.06 8.30 -58.43
CA VAL M 554 19.72 8.68 -59.68
C VAL M 554 20.30 7.45 -60.37
N GLY M 555 20.93 6.56 -59.60
CA GLY M 555 21.42 5.32 -60.17
C GLY M 555 20.30 4.40 -60.60
N GLY M 556 19.22 4.34 -59.82
CA GLY M 556 18.09 3.48 -60.16
C GLY M 556 17.39 3.87 -61.44
N ARG M 557 17.33 5.17 -61.74
CA ARG M 557 16.84 5.61 -63.04
C ARG M 557 17.73 5.11 -64.17
N ALA M 558 19.04 5.15 -63.97
CA ALA M 558 20.00 4.88 -65.05
C ALA M 558 19.95 3.43 -65.50
N VAL M 559 19.75 2.49 -64.57
CA VAL M 559 19.69 1.08 -64.90
C VAL M 559 18.24 0.59 -65.02
N ASN M 560 17.30 1.50 -65.26
CA ASN M 560 15.89 1.22 -65.50
C ASN M 560 15.22 0.51 -64.32
N LEU M 561 15.76 0.69 -63.11
CA LEU M 561 15.12 0.11 -61.93
C LEU M 561 13.78 0.79 -61.68
N LEU M 562 13.70 2.12 -61.88
CA LEU M 562 12.51 2.95 -61.72
C LEU M 562 11.68 2.92 -63.01
N PRO M 563 10.35 3.03 -62.87
CA PRO M 563 9.50 3.01 -64.06
C PRO M 563 9.65 4.28 -64.90
N SER M 564 9.76 4.09 -66.21
CA SER M 564 9.95 5.20 -67.12
C SER M 564 9.31 4.86 -68.45
N GLU M 565 9.00 5.90 -69.23
CA GLU M 565 8.39 5.70 -70.54
C GLU M 565 9.40 5.25 -71.58
N THR M 566 10.66 5.65 -71.44
CA THR M 566 11.70 5.36 -72.42
C THR M 566 12.78 4.48 -71.78
N VAL M 567 13.59 3.86 -72.66
CA VAL M 567 14.72 3.07 -72.20
C VAL M 567 15.82 4.01 -71.72
N GLN M 568 16.30 3.77 -70.50
CA GLN M 568 17.38 4.58 -69.93
C GLN M 568 18.71 3.91 -70.27
N ASP M 569 19.45 4.52 -71.18
CA ASP M 569 20.76 4.02 -71.59
C ASP M 569 21.82 4.69 -70.74
N ILE M 570 22.46 3.92 -69.86
CA ILE M 570 23.40 4.49 -68.89
C ILE M 570 24.59 5.11 -69.59
N TYR M 571 25.08 4.48 -70.67
CA TYR M 571 26.21 5.04 -71.41
C TYR M 571 25.86 6.35 -72.08
N GLY M 572 24.58 6.55 -72.43
CA GLY M 572 24.14 7.86 -72.87
C GLY M 572 23.95 8.85 -71.75
N ILE M 573 23.62 8.37 -70.55
CA ILE M 573 23.42 9.27 -69.42
C ILE M 573 24.75 9.85 -68.94
N VAL M 574 25.79 9.01 -68.85
CA VAL M 574 27.11 9.52 -68.48
C VAL M 574 27.63 10.46 -69.57
N ALA M 575 27.44 10.08 -70.84
CA ALA M 575 27.95 10.88 -71.96
C ALA M 575 27.29 12.25 -72.03
N LYS M 576 26.02 12.35 -71.62
CA LYS M 576 25.39 13.66 -71.50
C LYS M 576 26.09 14.51 -70.44
N LYS M 577 26.57 13.88 -69.37
CA LYS M 577 27.32 14.65 -68.38
C LYS M 577 28.75 14.95 -68.83
N VAL M 578 29.30 14.13 -69.73
CA VAL M 578 30.59 14.48 -70.32
C VAL M 578 30.45 15.68 -71.24
N ASN M 579 29.33 15.77 -71.97
CA ASN M 579 29.16 16.81 -72.99
C ASN M 579 29.18 18.20 -72.37
N GLU M 580 28.51 18.39 -71.23
CA GLU M 580 28.47 19.70 -70.61
C GLU M 580 29.80 20.06 -69.98
N ILE M 581 30.48 19.09 -69.36
CA ILE M 581 31.79 19.35 -68.77
C ILE M 581 32.82 19.61 -69.87
N LEU M 582 32.74 18.87 -70.99
CA LEU M 582 33.61 19.13 -72.12
C LEU M 582 33.35 20.52 -72.71
N GLN M 583 32.09 20.92 -72.79
CA GLN M 583 31.77 22.28 -73.23
C GLN M 583 32.29 23.30 -72.23
N ALA M 584 31.89 23.19 -70.96
CA ALA M 584 32.27 24.15 -69.93
C ALA M 584 33.76 24.15 -69.62
N ASP M 585 34.54 23.26 -70.22
CA ASP M 585 35.99 23.31 -70.12
C ASP M 585 36.63 24.09 -71.26
N ALA M 586 35.95 24.18 -72.42
CA ALA M 586 36.51 24.91 -73.54
C ALA M 586 36.55 26.42 -73.30
N ILE M 587 35.60 26.96 -72.54
CA ILE M 587 35.62 28.39 -72.27
C ILE M 587 36.65 28.72 -71.19
N ASN M 588 36.78 27.87 -70.17
CA ASN M 588 37.82 28.05 -69.15
C ASN M 588 38.43 26.70 -68.84
N GLY M 589 39.69 26.51 -69.25
CA GLY M 589 40.48 25.38 -68.85
C GLY M 589 41.86 25.84 -68.42
N THR M 590 42.70 24.86 -68.07
CA THR M 590 44.06 25.20 -67.73
C THR M 590 44.82 25.63 -68.99
N ASP M 591 45.83 26.47 -68.79
CA ASP M 591 46.64 26.93 -69.91
C ASP M 591 47.61 25.83 -70.33
N ASN M 592 47.91 25.80 -71.63
CA ASN M 592 48.94 24.90 -72.11
C ASN M 592 50.31 25.39 -71.67
N GLU M 593 51.11 24.50 -71.09
CA GLU M 593 52.43 24.83 -70.60
C GLU M 593 53.45 23.91 -71.25
N VAL M 594 54.52 24.50 -71.79
CA VAL M 594 55.56 23.70 -72.42
C VAL M 594 56.35 22.97 -71.35
N VAL M 595 56.64 21.69 -71.61
CA VAL M 595 57.38 20.87 -70.66
C VAL M 595 58.55 20.19 -71.37
N LEU M 611 49.35 19.81 -72.81
CA LEU M 611 48.26 20.51 -73.47
C LEU M 611 47.24 21.02 -72.46
N GLY M 612 46.82 22.27 -72.63
CA GLY M 612 45.73 22.79 -71.82
C GLY M 612 44.43 22.06 -72.12
N THR M 613 43.60 21.92 -71.07
CA THR M 613 42.38 21.13 -71.22
C THR M 613 41.41 21.74 -72.23
N LYS M 614 41.38 23.07 -72.32
CA LYS M 614 40.49 23.71 -73.30
C LYS M 614 40.87 23.34 -74.72
N ALA M 615 42.17 23.15 -74.99
CA ALA M 615 42.58 22.60 -76.28
C ALA M 615 42.28 21.11 -76.35
N LEU M 616 42.53 20.38 -75.26
CA LEU M 616 42.19 18.96 -75.21
C LEU M 616 40.69 18.74 -75.27
N ALA M 617 39.90 19.70 -74.78
CA ALA M 617 38.45 19.62 -74.93
C ALA M 617 38.04 19.68 -76.40
N GLY M 618 38.30 20.82 -77.07
CA GLY M 618 37.89 21.03 -78.45
C GLY M 618 38.43 20.00 -79.40
N GLN M 619 39.46 19.28 -78.96
CA GLN M 619 39.86 18.03 -79.58
C GLN M 619 38.72 17.03 -79.56
N TRP M 620 38.13 16.81 -78.38
CA TRP M 620 37.11 15.78 -78.20
C TRP M 620 35.76 16.20 -78.78
N LEU M 621 35.43 17.49 -78.73
CA LEU M 621 34.21 17.95 -79.38
C LEU M 621 34.29 17.79 -80.90
N ALA M 622 35.48 17.96 -81.47
CA ALA M 622 35.66 17.72 -82.90
C ALA M 622 35.48 16.25 -83.24
N TYR M 623 36.01 15.36 -82.39
CA TYR M 623 35.75 13.93 -82.55
C TYR M 623 34.29 13.61 -82.27
N GLY M 624 33.67 14.32 -81.33
CA GLY M 624 32.32 14.03 -80.90
C GLY M 624 32.29 13.08 -79.71
N VAL M 625 31.12 13.00 -79.07
CA VAL M 625 30.92 12.06 -77.98
C VAL M 625 29.68 11.24 -78.28
N THR M 626 29.82 9.92 -78.22
CA THR M 626 28.75 8.95 -78.42
C THR M 626 28.59 8.14 -77.13
N ARG M 627 27.80 7.08 -77.21
CA ARG M 627 27.74 6.11 -76.12
C ARG M 627 28.90 5.13 -76.16
N SER M 628 29.57 4.99 -77.30
CA SER M 628 30.61 3.98 -77.45
C SER M 628 31.91 4.37 -76.77
N VAL M 629 32.20 5.67 -76.65
CA VAL M 629 33.39 6.11 -75.93
C VAL M 629 33.29 5.75 -74.46
N THR M 630 32.05 5.70 -73.92
CA THR M 630 31.85 5.41 -72.52
C THR M 630 31.35 4.00 -72.23
N LYS M 631 30.97 3.24 -73.26
CA LYS M 631 30.24 1.97 -73.04
C LYS M 631 31.09 0.98 -72.26
N ARG M 632 32.28 0.66 -72.77
CA ARG M 632 33.14 -0.33 -72.12
C ARG M 632 33.63 0.17 -70.76
N SER M 633 33.73 1.49 -70.60
CA SER M 633 34.11 2.06 -69.32
C SER M 633 33.06 1.80 -68.24
N VAL M 634 31.77 1.97 -68.57
CA VAL M 634 30.73 1.79 -67.55
C VAL M 634 30.59 0.32 -67.15
N MET M 635 30.74 -0.60 -68.10
CA MET M 635 30.66 -2.02 -67.76
C MET M 635 31.76 -2.43 -66.79
N THR M 636 32.98 -1.94 -67.01
CA THR M 636 34.12 -2.31 -66.17
C THR M 636 34.05 -1.69 -64.77
N LEU M 637 33.15 -0.74 -64.53
CA LEU M 637 33.08 -0.08 -63.23
C LEU M 637 32.69 -1.05 -62.12
N ALA M 638 31.75 -1.96 -62.40
CA ALA M 638 31.35 -2.97 -61.43
C ALA M 638 32.44 -4.00 -61.17
N TYR M 639 33.49 -4.02 -61.98
CA TYR M 639 34.56 -5.01 -61.89
C TYR M 639 35.76 -4.51 -61.10
N GLY M 640 35.67 -3.31 -60.51
CA GLY M 640 36.77 -2.73 -59.78
C GLY M 640 37.58 -1.73 -60.56
N SER M 641 37.35 -1.59 -61.86
CA SER M 641 38.10 -0.65 -62.67
C SER M 641 37.76 0.78 -62.30
N LYS M 642 38.77 1.65 -62.34
CA LYS M 642 38.64 3.02 -61.90
C LYS M 642 39.09 3.96 -63.01
N GLU M 643 39.30 5.24 -62.68
CA GLU M 643 39.60 6.23 -63.69
C GLU M 643 40.92 5.94 -64.40
N PHE M 644 41.92 5.44 -63.67
CA PHE M 644 43.21 5.13 -64.28
C PHE M 644 43.07 4.09 -65.39
N GLY M 645 42.28 3.03 -65.13
CA GLY M 645 42.07 2.01 -66.13
C GLY M 645 41.25 2.47 -67.32
N PHE M 646 40.46 3.54 -67.14
CA PHE M 646 39.66 4.07 -68.23
C PHE M 646 40.53 4.66 -69.34
N ARG M 647 41.67 5.25 -68.98
CA ARG M 647 42.47 5.98 -69.96
C ARG M 647 43.14 5.04 -70.98
N GLN M 648 43.37 3.78 -70.63
CA GLN M 648 43.78 2.81 -71.65
C GLN M 648 42.59 2.41 -72.52
N GLN M 649 41.41 2.24 -71.92
CA GLN M 649 40.23 1.83 -72.66
C GLN M 649 39.83 2.88 -73.68
N VAL M 650 39.83 4.16 -73.29
CA VAL M 650 39.41 5.20 -74.22
C VAL M 650 40.44 5.40 -75.33
N LEU M 651 41.67 4.96 -75.13
CA LEU M 651 42.65 4.95 -76.21
C LEU M 651 42.38 3.77 -77.14
N GLU M 652 42.38 2.54 -76.58
CA GLU M 652 42.30 1.34 -77.40
C GLU M 652 40.93 1.11 -78.03
N ASP M 653 39.87 1.72 -77.50
CA ASP M 653 38.56 1.58 -78.12
C ASP M 653 38.28 2.68 -79.14
N THR M 654 38.65 3.92 -78.83
CA THR M 654 38.27 5.07 -79.64
C THR M 654 39.46 5.76 -80.30
N ILE M 655 40.45 6.18 -79.52
CA ILE M 655 41.56 6.96 -80.06
C ILE M 655 42.40 6.11 -81.01
N GLN M 656 42.75 4.90 -80.57
CA GLN M 656 43.62 4.05 -81.39
C GLN M 656 42.97 3.60 -82.70
N PRO M 657 41.71 3.13 -82.74
CA PRO M 657 41.08 2.88 -84.05
C PRO M 657 40.87 4.14 -84.88
N ALA M 658 40.82 5.32 -84.25
CA ALA M 658 40.66 6.55 -85.03
C ALA M 658 41.92 6.86 -85.83
N ILE M 659 43.08 6.76 -85.18
CA ILE M 659 44.35 7.15 -85.81
C ILE M 659 44.65 6.25 -87.00
N ASP M 660 44.38 4.94 -86.86
CA ASP M 660 44.57 4.01 -87.97
C ASP M 660 43.58 4.26 -89.09
N SER M 661 42.35 4.67 -88.76
CA SER M 661 41.31 4.86 -89.77
C SER M 661 41.37 6.21 -90.46
N GLY M 662 42.32 7.08 -90.10
CA GLY M 662 42.34 8.41 -90.66
C GLY M 662 41.32 9.35 -90.09
N LYS M 663 40.83 9.08 -88.88
CA LYS M 663 39.98 9.98 -88.13
C LYS M 663 40.71 10.34 -86.84
N GLY M 664 40.06 11.16 -86.01
CA GLY M 664 40.73 11.70 -84.85
C GLY M 664 41.97 12.49 -85.20
N LEU M 665 41.98 13.08 -86.41
CA LEU M 665 43.13 13.87 -86.86
C LEU M 665 43.45 15.01 -85.92
N MET M 666 42.44 15.49 -85.17
CA MET M 666 42.67 16.42 -84.08
C MET M 666 43.72 15.92 -83.10
N PHE M 667 43.67 14.64 -82.77
CA PHE M 667 44.57 14.07 -81.76
C PHE M 667 46.02 14.18 -82.21
N THR M 668 46.80 15.01 -81.50
CA THR M 668 48.24 15.12 -81.77
C THR M 668 49.09 14.22 -80.88
N GLN M 669 48.56 13.78 -79.75
CA GLN M 669 49.22 12.85 -78.86
C GLN M 669 48.09 12.07 -78.17
N PRO M 670 48.13 10.74 -78.23
CA PRO M 670 46.95 9.98 -77.77
C PRO M 670 46.81 9.93 -76.27
N ASN M 671 47.92 9.87 -75.52
CA ASN M 671 47.84 9.59 -74.09
C ASN M 671 47.29 10.77 -73.31
N GLN M 672 47.66 12.00 -73.69
CA GLN M 672 47.18 13.18 -72.96
C GLN M 672 45.68 13.36 -73.10
N ALA M 673 45.15 13.19 -74.31
CA ALA M 673 43.71 13.24 -74.49
C ALA M 673 43.02 12.05 -73.83
N ALA M 674 43.71 10.90 -73.77
CA ALA M 674 43.13 9.71 -73.13
C ALA M 674 42.99 9.91 -71.63
N GLY M 675 44.06 10.37 -70.97
CA GLY M 675 43.99 10.59 -69.53
C GLY M 675 43.05 11.70 -69.14
N TYR M 676 43.01 12.78 -69.94
CA TYR M 676 42.05 13.86 -69.71
C TYR M 676 40.63 13.36 -69.88
N MET M 677 40.41 12.46 -70.85
CA MET M 677 39.10 11.86 -71.04
C MET M 677 38.67 11.09 -69.79
N ALA M 678 39.57 10.27 -69.25
CA ALA M 678 39.22 9.38 -68.14
C ALA M 678 38.83 10.14 -66.89
N LYS M 679 39.39 11.34 -66.68
CA LYS M 679 38.93 12.20 -65.60
C LYS M 679 37.48 12.62 -65.82
N LEU M 680 37.11 12.95 -67.05
CA LEU M 680 35.74 13.34 -67.34
C LEU M 680 34.79 12.16 -67.25
N ILE M 681 35.27 10.94 -67.50
CA ILE M 681 34.41 9.77 -67.31
C ILE M 681 34.07 9.58 -65.84
N TRP M 682 35.09 9.61 -64.96
CA TRP M 682 34.87 9.34 -63.54
C TRP M 682 33.90 10.34 -62.93
N GLU M 683 34.13 11.64 -63.16
CA GLU M 683 33.27 12.68 -62.62
C GLU M 683 31.84 12.58 -63.13
N SER M 684 31.65 11.94 -64.29
CA SER M 684 30.31 11.78 -64.85
C SER M 684 29.64 10.48 -64.40
N VAL M 685 30.39 9.39 -64.21
CA VAL M 685 29.77 8.16 -63.70
C VAL M 685 29.39 8.26 -62.23
N SER M 686 29.87 9.26 -61.50
CA SER M 686 29.64 9.32 -60.07
C SER M 686 28.53 10.29 -59.68
N VAL M 687 28.18 11.24 -60.53
CA VAL M 687 26.89 11.92 -60.37
C VAL M 687 25.76 10.96 -60.72
N THR M 688 25.97 10.11 -61.73
CA THR M 688 24.91 9.24 -62.22
C THR M 688 24.63 8.07 -61.28
N VAL M 689 25.67 7.46 -60.70
CA VAL M 689 25.49 6.41 -59.69
C VAL M 689 26.48 6.66 -58.56
N VAL M 690 26.00 7.29 -57.49
CA VAL M 690 26.81 7.51 -56.29
C VAL M 690 26.96 6.21 -55.51
N ALA M 691 25.89 5.41 -55.47
CA ALA M 691 25.82 4.28 -54.54
C ALA M 691 26.83 3.19 -54.85
N ALA M 692 27.20 3.04 -56.12
CA ALA M 692 28.21 2.07 -56.47
C ALA M 692 29.54 2.46 -55.84
N VAL M 693 30.11 3.58 -56.29
CA VAL M 693 31.49 3.94 -55.96
C VAL M 693 31.70 4.09 -54.46
N GLU M 694 30.69 4.60 -53.75
CA GLU M 694 30.77 4.66 -52.30
C GLU M 694 30.77 3.27 -51.68
N ALA M 695 29.99 2.34 -52.23
CA ALA M 695 29.95 0.98 -51.70
C ALA M 695 31.20 0.18 -52.07
N MET M 696 31.68 0.33 -53.31
CA MET M 696 32.90 -0.38 -53.71
C MET M 696 34.10 0.13 -52.92
N ASN M 697 34.17 1.44 -52.66
CA ASN M 697 35.25 1.98 -51.84
C ASN M 697 35.13 1.51 -50.39
N TRP M 698 33.92 1.45 -49.86
CA TRP M 698 33.73 0.98 -48.49
C TRP M 698 34.07 -0.50 -48.36
N LEU M 699 33.67 -1.31 -49.34
CA LEU M 699 34.00 -2.73 -49.33
C LEU M 699 35.49 -2.96 -49.56
N LYS M 700 36.13 -2.13 -50.39
CA LYS M 700 37.56 -2.25 -50.64
C LYS M 700 38.37 -1.92 -49.39
N SER M 701 37.99 -0.84 -48.69
CA SER M 701 38.65 -0.52 -47.43
C SER M 701 38.34 -1.52 -46.34
N ALA M 702 37.22 -2.24 -46.45
CA ALA M 702 36.92 -3.30 -45.50
C ALA M 702 37.91 -4.45 -45.66
N ALA M 703 38.11 -4.92 -46.90
CA ALA M 703 39.06 -6.00 -47.14
C ALA M 703 40.51 -5.56 -46.95
N LYS M 704 40.79 -4.26 -47.05
CA LYS M 704 42.16 -3.78 -46.90
C LYS M 704 42.65 -3.96 -45.47
N LEU M 705 41.87 -3.50 -44.48
CA LEU M 705 42.28 -3.64 -43.10
C LEU M 705 42.28 -5.08 -42.64
N LEU M 706 41.35 -5.90 -43.16
CA LEU M 706 41.35 -7.32 -42.81
C LEU M 706 42.57 -8.03 -43.37
N ALA M 707 42.93 -7.73 -44.62
CA ALA M 707 44.13 -8.32 -45.20
C ALA M 707 45.41 -7.68 -44.68
N ALA M 708 45.31 -6.50 -44.09
CA ALA M 708 46.48 -5.86 -43.50
C ALA M 708 46.93 -6.63 -42.26
N GLU M 709 48.24 -6.89 -42.18
CA GLU M 709 48.83 -7.53 -41.02
C GLU M 709 49.27 -6.43 -40.07
N VAL M 710 48.63 -6.34 -38.91
CA VAL M 710 48.87 -5.25 -37.98
C VAL M 710 50.08 -5.60 -37.12
N LYS M 711 51.10 -4.74 -37.16
CA LYS M 711 52.37 -4.98 -36.50
C LYS M 711 52.82 -3.72 -35.78
N ASP M 712 53.56 -3.91 -34.70
CA ASP M 712 54.17 -2.80 -33.96
C ASP M 712 55.64 -2.73 -34.33
N LYS M 713 56.08 -1.56 -34.81
CA LYS M 713 57.46 -1.40 -35.25
C LYS M 713 58.44 -1.51 -34.10
N LYS M 714 58.10 -0.90 -32.94
CA LYS M 714 58.99 -0.97 -31.79
C LYS M 714 59.08 -2.38 -31.23
N THR M 715 57.95 -3.09 -31.16
CA THR M 715 57.97 -4.47 -30.68
C THR M 715 58.58 -5.42 -31.71
N GLY M 716 58.22 -5.25 -32.98
CA GLY M 716 58.70 -6.13 -34.02
C GLY M 716 57.92 -7.40 -34.22
N GLU M 717 56.77 -7.54 -33.57
CA GLU M 717 55.91 -8.70 -33.74
C GLU M 717 54.50 -8.24 -34.09
N ILE M 718 53.71 -9.17 -34.64
CA ILE M 718 52.37 -8.86 -35.09
C ILE M 718 51.43 -8.69 -33.91
N LEU M 719 50.39 -7.89 -34.10
CA LEU M 719 49.23 -7.88 -33.22
C LEU M 719 48.04 -8.59 -33.82
N ARG M 720 47.88 -8.50 -35.13
CA ARG M 720 46.80 -9.14 -35.86
C ARG M 720 47.36 -9.70 -37.16
N LYS M 721 46.96 -10.92 -37.50
CA LYS M 721 47.42 -11.53 -38.74
C LYS M 721 46.49 -11.12 -39.90
N ARG M 722 46.86 -11.53 -41.11
CA ARG M 722 46.04 -11.26 -42.28
C ARG M 722 44.76 -12.08 -42.20
N CYS M 723 43.62 -11.39 -42.15
CA CYS M 723 42.32 -12.02 -41.97
C CYS M 723 41.56 -12.02 -43.29
N ALA M 724 40.88 -13.12 -43.58
CA ALA M 724 40.07 -13.23 -44.78
C ALA M 724 38.75 -12.47 -44.59
N VAL M 725 37.96 -12.42 -45.66
CA VAL M 725 36.69 -11.69 -45.66
C VAL M 725 35.57 -12.70 -45.86
N HIS M 726 34.56 -12.64 -45.00
CA HIS M 726 33.46 -13.58 -45.00
C HIS M 726 32.14 -12.83 -44.95
N TRP M 727 31.16 -13.29 -45.73
CA TRP M 727 29.81 -12.76 -45.67
C TRP M 727 28.83 -13.84 -46.09
N VAL M 728 27.54 -13.56 -45.90
CA VAL M 728 26.47 -14.51 -46.15
C VAL M 728 25.42 -13.84 -47.03
N THR M 729 25.03 -14.53 -48.11
CA THR M 729 23.99 -14.03 -48.99
C THR M 729 22.62 -14.14 -48.30
N PRO M 730 21.64 -13.32 -48.73
CA PRO M 730 20.31 -13.39 -48.09
C PRO M 730 19.64 -14.76 -48.18
N ASP M 731 19.91 -15.54 -49.22
CA ASP M 731 19.39 -16.89 -49.32
C ASP M 731 20.04 -17.87 -48.34
N GLY M 732 21.15 -17.47 -47.70
CA GLY M 732 21.84 -18.31 -46.75
C GLY M 732 23.16 -18.88 -47.23
N PHE M 733 23.57 -18.58 -48.46
CA PHE M 733 24.83 -19.08 -48.97
C PHE M 733 25.99 -18.32 -48.32
N PRO M 734 26.92 -18.98 -47.66
CA PRO M 734 28.11 -18.29 -47.16
C PRO M 734 29.23 -18.29 -48.20
N VAL M 735 30.11 -17.32 -48.07
CA VAL M 735 31.22 -17.17 -49.02
C VAL M 735 32.42 -16.60 -48.29
N TRP M 736 33.57 -17.24 -48.46
CA TRP M 736 34.83 -16.79 -47.89
C TRP M 736 35.78 -16.40 -49.02
N GLN M 737 36.31 -15.19 -48.94
CA GLN M 737 37.26 -14.69 -49.92
C GLN M 737 38.65 -14.71 -49.30
N GLU M 738 39.48 -15.64 -49.74
CA GLU M 738 40.85 -15.78 -49.23
C GLU M 738 41.79 -16.00 -50.42
N TYR M 739 42.25 -14.91 -51.01
CA TYR M 739 43.27 -14.99 -52.05
C TYR M 739 44.62 -15.22 -51.40
N LYS M 740 45.39 -16.17 -51.93
CA LYS M 740 46.66 -16.55 -51.35
C LYS M 740 47.76 -16.47 -52.41
N LYS M 741 48.98 -16.14 -51.96
CA LYS M 741 50.17 -16.16 -52.81
C LYS M 741 51.26 -16.97 -52.11
N PRO M 742 51.94 -17.87 -52.83
CA PRO M 742 53.16 -18.48 -52.28
C PRO M 742 54.20 -17.42 -51.96
N ILE M 743 54.98 -17.67 -50.90
CA ILE M 743 55.88 -16.64 -50.36
C ILE M 743 57.00 -16.32 -51.35
N GLN M 744 57.60 -17.34 -51.97
CA GLN M 744 58.71 -17.10 -52.89
C GLN M 744 58.46 -17.79 -54.22
N THR M 745 58.91 -17.14 -55.30
CA THR M 745 58.81 -17.65 -56.65
C THR M 745 60.08 -17.30 -57.42
N ARG M 746 60.30 -18.01 -58.52
CA ARG M 746 61.42 -17.76 -59.40
C ARG M 746 60.94 -17.77 -60.85
N LEU M 747 61.58 -16.95 -61.69
CA LEU M 747 61.19 -16.81 -63.09
C LEU M 747 62.41 -16.87 -63.99
N ASN M 748 62.28 -17.60 -65.09
CA ASN M 748 63.32 -17.72 -66.10
C ASN M 748 62.72 -17.40 -67.46
N LEU M 749 63.54 -16.82 -68.34
CA LEU M 749 63.09 -16.46 -69.67
C LEU M 749 62.74 -17.70 -70.49
N MET M 750 63.60 -18.71 -70.44
CA MET M 750 63.39 -19.92 -71.25
C MET M 750 62.17 -20.70 -70.76
N PHE M 751 62.11 -20.99 -69.46
CA PHE M 751 61.05 -21.81 -68.88
C PHE M 751 60.46 -21.09 -67.68
N LEU M 752 59.14 -21.19 -67.53
CA LEU M 752 58.48 -20.61 -66.38
C LEU M 752 58.83 -21.38 -65.12
N GLY M 753 59.10 -20.66 -64.04
CA GLY M 753 59.53 -21.28 -62.79
C GLY M 753 58.48 -22.12 -62.10
N ASP M 766 52.27 -22.19 -45.22
CA ASP M 766 52.40 -22.50 -46.64
C ASP M 766 52.46 -21.23 -47.48
N SER M 767 51.29 -20.70 -47.82
CA SER M 767 51.18 -19.49 -48.62
C SER M 767 50.42 -18.44 -47.81
N GLU M 768 50.94 -17.21 -47.80
CA GLU M 768 50.30 -16.15 -47.04
C GLU M 768 49.12 -15.57 -47.83
N ILE M 769 48.31 -14.80 -47.13
CA ILE M 769 47.11 -14.21 -47.72
C ILE M 769 47.53 -12.98 -48.53
N ASP M 770 47.16 -12.95 -49.80
CA ASP M 770 47.47 -11.79 -50.62
C ASP M 770 46.66 -10.60 -50.13
N ALA M 771 47.33 -9.48 -49.92
CA ALA M 771 46.58 -8.24 -49.80
C ALA M 771 45.90 -7.97 -51.14
N HIS M 772 46.71 -7.66 -52.15
CA HIS M 772 46.27 -6.89 -53.32
C HIS M 772 45.09 -7.52 -54.05
N LYS M 773 44.97 -8.85 -54.03
CA LYS M 773 43.83 -9.48 -54.68
C LYS M 773 42.56 -9.40 -53.84
N GLN M 774 42.67 -9.27 -52.51
CA GLN M 774 41.49 -9.29 -51.66
C GLN M 774 40.61 -8.06 -51.83
N GLU M 775 41.23 -6.88 -52.05
CA GLU M 775 40.46 -5.65 -52.24
C GLU M 775 40.10 -5.40 -53.69
N SER M 776 40.89 -5.91 -54.63
CA SER M 776 40.51 -5.81 -56.05
C SER M 776 39.31 -6.68 -56.37
N GLY M 777 39.00 -7.66 -55.53
CA GLY M 777 37.91 -8.57 -55.80
C GLY M 777 36.73 -8.51 -54.84
N ILE M 778 36.84 -7.78 -53.72
CA ILE M 778 35.80 -7.84 -52.70
C ILE M 778 34.50 -7.26 -53.21
N ALA M 779 34.54 -6.06 -53.79
CA ALA M 779 33.36 -5.41 -54.34
C ALA M 779 32.76 -6.17 -55.53
N PRO M 780 33.55 -6.66 -56.52
CA PRO M 780 32.93 -7.49 -57.55
C PRO M 780 32.36 -8.80 -57.03
N ASN M 781 33.07 -9.51 -56.14
CA ASN M 781 32.55 -10.79 -55.64
C ASN M 781 31.35 -10.59 -54.74
N PHE M 782 31.30 -9.48 -53.98
CA PHE M 782 30.14 -9.21 -53.13
C PHE M 782 28.89 -8.96 -53.97
N VAL M 783 28.99 -8.07 -54.96
CA VAL M 783 27.84 -7.78 -55.81
C VAL M 783 27.49 -8.99 -56.69
N HIS M 784 28.44 -9.90 -56.90
CA HIS M 784 28.16 -11.09 -57.69
C HIS M 784 27.66 -12.25 -56.83
N SER M 785 27.92 -12.23 -55.53
CA SER M 785 27.22 -13.14 -54.63
C SER M 785 25.75 -12.75 -54.49
N GLN M 786 25.44 -11.47 -54.71
CA GLN M 786 24.06 -11.01 -54.53
C GLN M 786 23.16 -11.44 -55.68
N ASP M 787 23.64 -11.38 -56.93
CA ASP M 787 22.76 -11.81 -58.03
C ASP M 787 22.61 -13.32 -58.08
N GLY M 788 23.57 -14.06 -57.51
CA GLY M 788 23.35 -15.48 -57.29
C GLY M 788 22.25 -15.73 -56.27
N SER M 789 22.21 -14.90 -55.21
CA SER M 789 21.13 -14.97 -54.25
C SER M 789 19.79 -14.60 -54.86
N HIS M 790 19.79 -13.55 -55.69
CA HIS M 790 18.57 -13.18 -56.43
C HIS M 790 18.19 -14.29 -57.41
N LEU M 791 19.18 -14.91 -58.04
CA LEU M 791 18.92 -16.03 -58.93
C LEU M 791 18.30 -17.20 -58.19
N ARG M 792 18.89 -17.57 -57.04
CA ARG M 792 18.39 -18.70 -56.28
C ARG M 792 17.01 -18.41 -55.69
N LYS M 793 16.78 -17.17 -55.23
CA LYS M 793 15.49 -16.80 -54.67
C LYS M 793 14.39 -16.85 -55.72
N THR M 794 14.71 -16.48 -56.97
CA THR M 794 13.69 -16.41 -58.00
C THR M 794 13.20 -17.79 -58.42
N VAL M 795 14.10 -18.76 -58.55
CA VAL M 795 13.69 -20.07 -59.07
C VAL M 795 12.94 -20.86 -58.00
N VAL M 796 13.16 -20.58 -56.71
CA VAL M 796 12.32 -21.22 -55.71
C VAL M 796 11.00 -20.48 -55.57
N TRP M 797 11.01 -19.16 -55.79
CA TRP M 797 9.76 -18.41 -55.74
C TRP M 797 8.87 -18.72 -56.92
N ALA M 798 9.46 -18.88 -58.11
CA ALA M 798 8.67 -19.18 -59.30
C ALA M 798 8.13 -20.61 -59.29
N HIS M 799 8.77 -21.53 -58.58
CA HIS M 799 8.30 -22.90 -58.50
C HIS M 799 7.40 -23.14 -57.28
N GLU M 800 7.46 -22.29 -56.26
CA GLU M 800 6.56 -22.44 -55.12
C GLU M 800 5.29 -21.62 -55.29
N LYS M 801 5.42 -20.36 -55.69
CA LYS M 801 4.24 -19.53 -55.92
C LYS M 801 3.52 -19.94 -57.20
N TYR M 802 4.27 -20.23 -58.26
CA TYR M 802 3.71 -20.66 -59.54
C TYR M 802 4.15 -22.09 -59.82
N GLY M 803 3.64 -22.64 -60.92
CA GLY M 803 3.90 -24.03 -61.25
C GLY M 803 5.07 -24.24 -62.20
N ILE M 804 5.96 -23.26 -62.28
CA ILE M 804 7.04 -23.28 -63.27
C ILE M 804 8.09 -24.30 -62.84
N GLU M 805 8.36 -25.26 -63.72
CA GLU M 805 9.37 -26.29 -63.47
C GLU M 805 10.55 -26.22 -64.43
N SER M 806 10.48 -25.40 -65.47
CA SER M 806 11.53 -25.29 -66.47
C SER M 806 12.15 -23.91 -66.40
N PHE M 807 13.46 -23.85 -66.16
CA PHE M 807 14.18 -22.59 -66.01
C PHE M 807 15.44 -22.60 -66.86
N ALA M 808 15.63 -21.54 -67.64
CA ALA M 808 16.86 -21.31 -68.39
C ALA M 808 17.64 -20.22 -67.66
N LEU M 809 18.76 -20.60 -67.04
CA LEU M 809 19.44 -19.75 -66.06
C LEU M 809 20.78 -19.26 -66.60
N ILE M 810 20.86 -17.96 -66.83
CA ILE M 810 22.11 -17.23 -66.91
C ILE M 810 22.17 -16.34 -65.67
N HIS M 811 23.38 -15.97 -65.26
CA HIS M 811 23.59 -15.27 -63.99
C HIS M 811 22.81 -13.97 -63.90
N ASP M 812 22.57 -13.31 -65.02
CA ASP M 812 21.73 -12.12 -65.08
C ASP M 812 20.43 -12.33 -65.85
N SER M 813 20.32 -13.42 -66.61
CA SER M 813 19.19 -13.65 -67.49
C SER M 813 18.39 -14.86 -67.02
N PHE M 814 17.08 -14.67 -66.88
CA PHE M 814 16.17 -15.72 -66.41
C PHE M 814 15.21 -16.06 -67.53
N GLY M 815 15.20 -17.33 -67.94
CA GLY M 815 14.42 -17.77 -69.07
C GLY M 815 13.48 -18.91 -68.70
N THR M 816 12.37 -18.98 -69.43
CA THR M 816 11.34 -19.98 -69.14
C THR M 816 10.43 -20.15 -70.37
N ILE M 817 9.41 -20.99 -70.18
CA ILE M 817 8.35 -21.29 -71.15
C ILE M 817 7.58 -20.02 -71.48
N PRO M 818 7.13 -19.81 -72.73
CA PRO M 818 6.37 -18.59 -73.05
C PRO M 818 5.12 -18.40 -72.19
N ALA M 819 4.41 -19.49 -71.89
CA ALA M 819 3.18 -19.40 -71.12
C ALA M 819 3.44 -18.95 -69.69
N ASP M 820 4.61 -19.30 -69.14
CA ASP M 820 5.00 -18.90 -67.80
C ASP M 820 5.89 -17.66 -67.80
N ALA M 821 6.08 -17.01 -68.95
CA ALA M 821 6.99 -15.87 -69.03
C ALA M 821 6.46 -14.66 -68.26
N ALA M 822 5.14 -14.51 -68.18
CA ALA M 822 4.58 -13.40 -67.41
C ALA M 822 4.81 -13.58 -65.91
N ASN M 823 4.81 -14.83 -65.43
CA ASN M 823 4.99 -15.08 -64.00
C ASN M 823 6.44 -14.80 -63.58
N LEU M 824 7.41 -15.24 -64.38
CA LEU M 824 8.82 -14.97 -64.07
C LEU M 824 9.14 -13.48 -64.21
N PHE M 825 8.41 -12.78 -65.07
CA PHE M 825 8.49 -11.32 -65.12
C PHE M 825 8.14 -10.70 -63.78
N LYS M 826 7.06 -11.19 -63.16
CA LYS M 826 6.66 -10.72 -61.84
C LYS M 826 7.55 -11.29 -60.73
N ALA M 827 8.02 -12.53 -60.89
CA ALA M 827 8.74 -13.21 -59.82
C ALA M 827 10.09 -12.56 -59.55
N VAL M 828 10.78 -12.10 -60.59
CA VAL M 828 12.12 -11.56 -60.42
C VAL M 828 12.10 -10.17 -59.78
N ARG M 829 11.00 -9.43 -59.89
CA ARG M 829 10.89 -8.19 -59.12
C ARG M 829 10.59 -8.46 -57.66
N GLU M 830 9.69 -9.40 -57.39
CA GLU M 830 9.25 -9.66 -56.02
C GLU M 830 10.40 -10.22 -55.17
N THR M 831 11.25 -11.05 -55.77
CA THR M 831 12.43 -11.53 -55.06
C THR M 831 13.44 -10.41 -54.84
N MET M 832 13.60 -9.53 -55.84
CA MET M 832 14.50 -8.39 -55.70
C MET M 832 14.01 -7.42 -54.63
N VAL M 833 12.69 -7.18 -54.58
CA VAL M 833 12.15 -6.23 -53.62
C VAL M 833 12.05 -6.84 -52.21
N ASP M 834 11.91 -8.17 -52.11
CA ASP M 834 11.75 -8.77 -50.78
C ASP M 834 13.08 -8.87 -50.06
N THR M 835 14.17 -9.16 -50.78
CA THR M 835 15.46 -9.35 -50.14
C THR M 835 16.01 -8.04 -49.57
N TYR M 836 15.98 -6.97 -50.38
CA TYR M 836 16.60 -5.72 -49.94
C TYR M 836 15.73 -4.97 -48.94
N GLU M 837 14.41 -5.16 -48.98
CA GLU M 837 13.56 -4.56 -47.95
C GLU M 837 13.74 -5.28 -46.62
N SER M 838 13.91 -6.60 -46.65
CA SER M 838 14.02 -7.36 -45.41
C SER M 838 15.35 -7.12 -44.73
N CYS M 839 16.46 -7.12 -45.48
CA CYS M 839 17.78 -7.00 -44.89
C CYS M 839 18.64 -6.03 -45.69
N ASP M 840 19.45 -5.25 -44.97
CA ASP M 840 20.50 -4.44 -45.57
C ASP M 840 21.79 -5.26 -45.51
N VAL M 841 22.30 -5.66 -46.67
CA VAL M 841 23.43 -6.57 -46.70
C VAL M 841 24.76 -5.87 -46.38
N LEU M 842 24.83 -4.54 -46.51
CA LEU M 842 26.05 -3.84 -46.15
C LEU M 842 26.20 -3.73 -44.64
N ALA M 843 25.11 -3.44 -43.93
CA ALA M 843 25.16 -3.37 -42.47
C ALA M 843 25.39 -4.76 -41.88
N ASP M 844 24.82 -5.79 -42.50
CA ASP M 844 25.09 -7.17 -42.08
C ASP M 844 26.53 -7.54 -42.34
N PHE M 845 27.09 -7.05 -43.45
CA PHE M 845 28.50 -7.32 -43.78
C PHE M 845 29.44 -6.75 -42.73
N TYR M 846 29.06 -5.61 -42.13
CA TYR M 846 29.86 -5.02 -41.05
C TYR M 846 29.96 -5.99 -39.87
N ASP M 847 28.85 -6.63 -39.50
CA ASP M 847 28.80 -7.49 -38.33
C ASP M 847 29.68 -8.72 -38.45
N GLN M 848 30.03 -9.12 -39.68
CA GLN M 848 30.89 -10.29 -39.85
C GLN M 848 32.35 -9.98 -39.54
N PHE M 849 32.81 -8.77 -39.86
CA PHE M 849 34.20 -8.39 -39.64
C PHE M 849 34.38 -7.34 -38.55
N ALA M 850 33.30 -6.96 -37.86
CA ALA M 850 33.40 -5.93 -36.82
C ALA M 850 34.31 -6.37 -35.66
N ASP M 851 34.29 -7.66 -35.34
CA ASP M 851 35.19 -8.17 -34.30
C ASP M 851 36.59 -8.45 -34.82
N GLN M 852 36.76 -8.52 -36.14
CA GLN M 852 38.05 -8.91 -36.71
C GLN M 852 39.04 -7.75 -36.82
N LEU M 853 38.58 -6.50 -36.80
CA LEU M 853 39.48 -5.38 -36.99
C LEU M 853 40.07 -4.91 -35.65
N HIS M 854 41.28 -4.38 -35.73
CA HIS M 854 42.01 -3.90 -34.56
C HIS M 854 41.41 -2.58 -34.06
N GLU M 855 41.78 -2.22 -32.83
CA GLU M 855 41.31 -0.95 -32.25
C GLU M 855 41.81 0.25 -33.05
N SER M 856 43.06 0.20 -33.51
CA SER M 856 43.55 1.24 -34.40
C SER M 856 42.90 1.17 -35.78
N GLN M 857 42.38 0.01 -36.17
CA GLN M 857 41.80 -0.14 -37.50
C GLN M 857 40.40 0.47 -37.60
N LEU M 858 39.66 0.55 -36.48
CA LEU M 858 38.36 1.22 -36.54
C LEU M 858 38.49 2.73 -36.65
N ASP M 859 39.68 3.28 -36.40
CA ASP M 859 39.93 4.69 -36.69
C ASP M 859 39.94 4.95 -38.19
N LYS M 860 40.61 4.09 -38.96
CA LYS M 860 40.73 4.28 -40.41
C LYS M 860 39.44 3.95 -41.15
N MET M 861 38.63 3.03 -40.62
CA MET M 861 37.43 2.53 -41.27
C MET M 861 36.43 3.66 -41.51
N PRO M 862 36.07 3.94 -42.76
CA PRO M 862 35.04 4.96 -43.03
C PRO M 862 33.66 4.50 -42.57
N ALA M 863 32.78 5.48 -42.39
CA ALA M 863 31.43 5.18 -41.92
C ALA M 863 30.63 4.46 -43.01
N LEU M 864 29.49 3.91 -42.60
CA LEU M 864 28.59 3.26 -43.54
C LEU M 864 28.09 4.29 -44.55
N PRO M 865 28.07 3.97 -45.84
CA PRO M 865 27.59 4.94 -46.84
C PRO M 865 26.10 5.23 -46.65
N ALA M 866 25.74 6.46 -46.99
CA ALA M 866 24.38 6.95 -46.74
C ALA M 866 23.37 6.29 -47.67
N LYS M 867 22.14 6.17 -47.19
CA LYS M 867 21.05 5.69 -48.03
C LYS M 867 20.61 6.79 -48.99
N GLY M 868 19.71 6.43 -49.90
CA GLY M 868 19.13 7.38 -50.81
C GLY M 868 17.62 7.45 -50.73
N ASN M 869 16.99 8.16 -51.66
CA ASN M 869 15.55 8.44 -51.59
C ASN M 869 14.75 7.71 -52.68
N LEU M 870 15.27 6.61 -53.21
CA LEU M 870 14.52 5.78 -54.12
C LEU M 870 13.41 5.05 -53.36
N ASN M 871 12.49 4.42 -54.09
CA ASN M 871 11.48 3.58 -53.47
C ASN M 871 11.57 2.18 -54.05
N LEU M 872 11.58 1.17 -53.17
CA LEU M 872 11.70 -0.21 -53.63
C LEU M 872 10.46 -0.69 -54.36
N ARG M 873 9.29 -0.14 -54.03
CA ARG M 873 8.05 -0.60 -54.65
C ARG M 873 7.93 -0.13 -56.10
N ASP M 874 8.70 0.89 -56.50
CA ASP M 874 8.64 1.38 -57.87
C ASP M 874 9.16 0.34 -58.87
N ILE M 875 10.02 -0.57 -58.41
CA ILE M 875 10.69 -1.51 -59.31
C ILE M 875 9.69 -2.53 -59.85
N LEU M 876 8.71 -2.92 -59.03
CA LEU M 876 7.67 -3.85 -59.46
C LEU M 876 6.80 -3.29 -60.59
N GLU M 877 6.79 -1.96 -60.76
CA GLU M 877 6.09 -1.34 -61.87
C GLU M 877 6.96 -1.20 -63.13
N SER M 878 8.27 -1.15 -62.97
CA SER M 878 9.16 -0.92 -64.11
C SER M 878 9.25 -2.18 -64.96
N ASP M 879 8.95 -2.05 -66.25
CA ASP M 879 9.03 -3.16 -67.18
C ASP M 879 10.37 -3.23 -67.90
N PHE M 880 11.28 -2.28 -67.65
CA PHE M 880 12.55 -2.23 -68.35
C PHE M 880 13.70 -2.79 -67.56
N ALA M 881 13.51 -3.04 -66.26
CA ALA M 881 14.60 -3.58 -65.45
C ALA M 881 14.89 -5.03 -65.82
N PHE M 882 13.83 -5.79 -66.14
CA PHE M 882 13.87 -7.23 -66.46
C PHE M 882 14.35 -8.07 -65.27
N ALA M 883 14.60 -7.45 -64.13
CA ALA M 883 15.27 -8.09 -63.00
C ALA M 883 15.01 -7.30 -61.73
#